data_3JVA
#
_entry.id   3JVA
#
_cell.length_a   162.268
_cell.length_b   162.268
_cell.length_c   319.561
_cell.angle_alpha   90.00
_cell.angle_beta   90.00
_cell.angle_gamma   120.00
#
_symmetry.space_group_name_H-M   'H 3'
#
loop_
_entity.id
_entity.type
_entity.pdbx_description
1 polymer 'Dipeptide Epimerase'
2 non-polymer GLYCEROL
3 non-polymer 'MAGNESIUM ION'
4 non-polymer 'SULFATE ION'
5 water water
#
_entity_poly.entity_id   1
_entity_poly.type   'polypeptide(L)'
_entity_poly.pdbx_seq_one_letter_code
;MKIKQVHVRASKIKLKETFTIALGTIESADSAIVEIETEEGLVGYGEGGPGIFITGETLAGTLETIELFGQAIIGLNPFN
IEKIHEVMDKISAFAPAAKAAIDIACYDLMGQKAQLPLYQLLGGYDNQVITDITLGIDEPNVMAQKAVEKVKLGFDTLKI
KVGTGIEADIARVKAIREAVGFDIKLRLDANQAWTPKDAVKAIQALADYQIELVEQPVKRRDLEGLKYVTSQVNTTIMAD
ESCFDAQDALELVKKGTVDVINIKLMKCGGIHEALKINQICETAGIECMIGCMAEETTIGITAAAHLAAAQKNITRADLD
ATFGLETAPVTGGVSLEAKPLLELGEAAGLGISH
;
_entity_poly.pdbx_strand_id   A,B,C,D,E,F,G,H
#
loop_
_chem_comp.id
_chem_comp.type
_chem_comp.name
_chem_comp.formula
GOL non-polymer GLYCEROL 'C3 H8 O3'
MG non-polymer 'MAGNESIUM ION' 'Mg 2'
SO4 non-polymer 'SULFATE ION' 'O4 S -2'
#
# COMPACT_ATOMS: atom_id res chain seq x y z
N MET A 1 -12.70 33.57 -37.52
CA MET A 1 -12.89 32.41 -38.44
C MET A 1 -14.05 31.55 -37.95
N LYS A 2 -14.89 31.10 -38.86
CA LYS A 2 -16.04 30.28 -38.49
C LYS A 2 -16.26 29.11 -39.43
N ILE A 3 -16.61 27.96 -38.86
CA ILE A 3 -16.86 26.76 -39.65
C ILE A 3 -18.18 26.91 -40.41
N LYS A 4 -18.12 26.76 -41.72
CA LYS A 4 -19.30 26.87 -42.58
C LYS A 4 -19.91 25.50 -42.86
N GLN A 5 -19.06 24.54 -43.25
CA GLN A 5 -19.52 23.20 -43.56
C GLN A 5 -18.46 22.13 -43.28
N VAL A 6 -18.92 20.90 -43.09
CA VAL A 6 -18.05 19.76 -42.83
C VAL A 6 -18.34 18.66 -43.85
N HIS A 7 -17.32 18.31 -44.63
CA HIS A 7 -17.46 17.28 -45.66
C HIS A 7 -16.72 16.01 -45.23
N VAL A 8 -17.33 14.85 -45.43
CA VAL A 8 -16.68 13.60 -45.06
C VAL A 8 -16.89 12.54 -46.14
N ARG A 9 -15.83 11.81 -46.45
CA ARG A 9 -15.91 10.77 -47.46
C ARG A 9 -15.02 9.58 -47.10
N ALA A 10 -15.35 8.42 -47.66
CA ALA A 10 -14.60 7.21 -47.41
C ALA A 10 -13.45 7.05 -48.40
N SER A 11 -12.36 6.44 -47.91
CA SER A 11 -11.18 6.19 -48.73
C SER A 11 -10.75 4.74 -48.48
N LYS A 12 -10.55 4.00 -49.57
CA LYS A 12 -10.15 2.60 -49.48
C LYS A 12 -8.86 2.40 -50.29
N ILE A 13 -7.72 2.35 -49.61
CA ILE A 13 -6.45 2.16 -50.29
C ILE A 13 -5.79 0.83 -49.92
N LYS A 14 -5.66 -0.05 -50.91
CA LYS A 14 -5.05 -1.36 -50.69
C LYS A 14 -3.59 -1.21 -50.28
N LEU A 15 -3.11 -2.12 -49.43
CA LEU A 15 -1.72 -2.08 -49.00
C LEU A 15 -0.89 -2.90 -49.99
N LYS A 16 0.33 -2.45 -50.25
CA LYS A 16 1.22 -3.15 -51.18
C LYS A 16 1.39 -4.61 -50.80
N GLU A 17 1.29 -4.91 -49.51
CA GLU A 17 1.40 -6.27 -49.01
C GLU A 17 0.72 -6.36 -47.65
N THR A 18 0.05 -7.47 -47.39
CA THR A 18 -0.65 -7.66 -46.12
C THR A 18 0.31 -7.45 -44.95
N PHE A 19 -0.19 -6.79 -43.92
CA PHE A 19 0.61 -6.51 -42.73
C PHE A 19 0.15 -7.45 -41.62
N THR A 20 1.07 -8.25 -41.10
CA THR A 20 0.72 -9.20 -40.05
C THR A 20 1.30 -8.85 -38.68
N ILE A 21 0.41 -8.77 -37.69
CA ILE A 21 0.80 -8.49 -36.32
C ILE A 21 0.18 -9.61 -35.47
N ALA A 22 0.52 -9.65 -34.19
CA ALA A 22 0.00 -10.69 -33.30
C ALA A 22 -1.53 -10.68 -33.25
N LEU A 23 -2.12 -9.49 -33.32
CA LEU A 23 -3.58 -9.34 -33.25
C LEU A 23 -4.30 -9.77 -34.53
N GLY A 24 -3.60 -9.75 -35.66
CA GLY A 24 -4.22 -10.13 -36.91
C GLY A 24 -3.57 -9.46 -38.09
N THR A 25 -4.22 -9.51 -39.25
CA THR A 25 -3.67 -8.90 -40.45
C THR A 25 -4.44 -7.67 -40.94
N ILE A 26 -3.72 -6.77 -41.60
CA ILE A 26 -4.29 -5.55 -42.17
C ILE A 26 -3.97 -5.61 -43.66
N GLU A 27 -5.00 -5.52 -44.51
CA GLU A 27 -4.80 -5.60 -45.96
C GLU A 27 -5.08 -4.29 -46.69
N SER A 28 -5.74 -3.36 -46.03
CA SER A 28 -6.05 -2.08 -46.66
C SER A 28 -6.26 -0.96 -45.67
N ALA A 29 -5.91 0.26 -46.11
CA ALA A 29 -6.06 1.44 -45.28
C ALA A 29 -7.37 2.10 -45.66
N ASP A 30 -8.40 1.85 -44.87
CA ASP A 30 -9.71 2.45 -45.12
C ASP A 30 -9.91 3.52 -44.06
N SER A 31 -9.99 4.77 -44.52
CA SER A 31 -10.14 5.89 -43.60
C SER A 31 -11.20 6.89 -44.04
N ALA A 32 -11.66 7.68 -43.07
CA ALA A 32 -12.66 8.70 -43.34
C ALA A 32 -11.87 9.99 -43.52
N ILE A 33 -12.03 10.63 -44.67
CA ILE A 33 -11.34 11.88 -44.93
C ILE A 33 -12.31 13.04 -44.74
N VAL A 34 -11.93 13.96 -43.85
CA VAL A 34 -12.74 15.12 -43.53
C VAL A 34 -12.19 16.42 -44.06
N GLU A 35 -13.09 17.27 -44.55
CA GLU A 35 -12.72 18.59 -45.04
C GLU A 35 -13.62 19.59 -44.33
N ILE A 36 -13.03 20.45 -43.53
CA ILE A 36 -13.79 21.47 -42.82
C ILE A 36 -13.59 22.80 -43.53
N GLU A 37 -14.68 23.34 -44.07
CA GLU A 37 -14.64 24.61 -44.79
C GLU A 37 -15.14 25.74 -43.89
N THR A 38 -14.42 26.86 -43.91
CA THR A 38 -14.78 28.02 -43.11
C THR A 38 -15.52 29.01 -44.01
N GLU A 39 -16.18 29.98 -43.39
CA GLU A 39 -16.93 31.00 -44.13
C GLU A 39 -16.03 31.77 -45.10
N GLU A 40 -14.80 32.05 -44.68
CA GLU A 40 -13.86 32.81 -45.50
C GLU A 40 -13.26 32.03 -46.67
N GLY A 41 -13.48 30.72 -46.71
CA GLY A 41 -12.94 29.93 -47.82
C GLY A 41 -11.85 28.93 -47.51
N LEU A 42 -11.16 29.10 -46.38
CA LEU A 42 -10.09 28.18 -46.00
C LEU A 42 -10.67 26.80 -45.71
N VAL A 43 -9.95 25.76 -46.10
CA VAL A 43 -10.40 24.40 -45.87
C VAL A 43 -9.33 23.59 -45.17
N GLY A 44 -9.74 22.87 -44.13
CA GLY A 44 -8.81 22.06 -43.38
C GLY A 44 -9.05 20.58 -43.64
N TYR A 45 -7.96 19.81 -43.68
CA TYR A 45 -8.06 18.38 -43.93
C TYR A 45 -7.78 17.56 -42.69
N GLY A 46 -8.58 16.51 -42.50
CA GLY A 46 -8.41 15.63 -41.36
C GLY A 46 -8.68 14.21 -41.79
N GLU A 47 -8.29 13.26 -40.96
CA GLU A 47 -8.50 11.87 -41.29
C GLU A 47 -8.79 11.01 -40.05
N GLY A 48 -9.65 10.03 -40.24
CA GLY A 48 -10.00 9.10 -39.17
C GLY A 48 -9.68 7.73 -39.69
N GLY A 49 -8.57 7.14 -39.22
CA GLY A 49 -8.18 5.82 -39.69
C GLY A 49 -8.30 4.81 -38.57
N PRO A 50 -9.47 4.18 -38.42
CA PRO A 50 -9.74 3.19 -37.37
C PRO A 50 -9.07 1.82 -37.51
N GLY A 51 -8.62 1.29 -36.38
CA GLY A 51 -8.01 -0.02 -36.34
C GLY A 51 -8.92 -0.88 -35.47
N ILE A 52 -9.77 -1.67 -36.09
CA ILE A 52 -10.72 -2.50 -35.36
C ILE A 52 -10.06 -3.40 -34.31
N PHE A 53 -8.85 -3.86 -34.58
CA PHE A 53 -8.11 -4.72 -33.64
C PHE A 53 -7.64 -3.97 -32.40
N ILE A 54 -7.55 -2.65 -32.50
CA ILE A 54 -7.07 -1.83 -31.39
C ILE A 54 -8.17 -1.16 -30.58
N THR A 55 -9.03 -0.43 -31.27
CA THR A 55 -10.12 0.32 -30.63
C THR A 55 -11.51 -0.22 -30.92
N GLY A 56 -11.62 -1.11 -31.89
CA GLY A 56 -12.92 -1.66 -32.25
C GLY A 56 -13.65 -0.72 -33.20
N GLU A 57 -13.04 0.40 -33.54
CA GLU A 57 -13.68 1.34 -34.46
C GLU A 57 -13.72 0.80 -35.89
N THR A 58 -14.77 1.16 -36.61
CA THR A 58 -14.98 0.74 -37.99
C THR A 58 -15.14 1.98 -38.86
N LEU A 59 -15.01 1.82 -40.18
CA LEU A 59 -15.15 2.95 -41.07
C LEU A 59 -16.59 3.48 -41.03
N ALA A 60 -17.55 2.57 -41.02
CA ALA A 60 -18.96 2.97 -41.00
C ALA A 60 -19.32 3.73 -39.72
N GLY A 61 -18.85 3.24 -38.58
CA GLY A 61 -19.14 3.92 -37.33
C GLY A 61 -18.43 5.26 -37.26
N THR A 62 -17.22 5.30 -37.78
CA THR A 62 -16.45 6.53 -37.78
C THR A 62 -17.13 7.56 -38.67
N LEU A 63 -17.69 7.12 -39.80
CA LEU A 63 -18.37 8.06 -40.69
C LEU A 63 -19.62 8.63 -40.02
N GLU A 64 -20.42 7.77 -39.40
CA GLU A 64 -21.63 8.25 -38.75
C GLU A 64 -21.28 9.22 -37.63
N THR A 65 -20.25 8.92 -36.86
CA THR A 65 -19.86 9.79 -35.75
C THR A 65 -19.37 11.15 -36.24
N ILE A 66 -18.56 11.14 -37.30
CA ILE A 66 -18.05 12.39 -37.83
C ILE A 66 -19.21 13.26 -38.32
N GLU A 67 -20.24 12.64 -38.87
CA GLU A 67 -21.39 13.40 -39.36
C GLU A 67 -22.07 14.08 -38.18
N LEU A 68 -22.19 13.36 -37.07
CA LEU A 68 -22.82 13.90 -35.87
C LEU A 68 -22.01 15.08 -35.35
N PHE A 69 -20.69 14.93 -35.31
CA PHE A 69 -19.80 16.00 -34.86
C PHE A 69 -19.92 17.19 -35.81
N GLY A 70 -19.85 16.90 -37.10
CA GLY A 70 -19.92 17.93 -38.12
C GLY A 70 -21.09 18.89 -37.97
N GLN A 71 -22.29 18.33 -37.85
CA GLN A 71 -23.48 19.14 -37.71
C GLN A 71 -23.60 19.82 -36.36
N ALA A 72 -22.67 19.50 -35.45
CA ALA A 72 -22.70 20.11 -34.12
C ALA A 72 -21.68 21.25 -33.99
N ILE A 73 -20.70 21.29 -34.88
CA ILE A 73 -19.67 22.32 -34.80
C ILE A 73 -19.82 23.46 -35.81
N ILE A 74 -20.90 23.43 -36.59
CA ILE A 74 -21.12 24.50 -37.56
C ILE A 74 -21.19 25.81 -36.80
N GLY A 75 -20.49 26.83 -37.28
CA GLY A 75 -20.52 28.13 -36.62
C GLY A 75 -19.42 28.36 -35.58
N LEU A 76 -18.70 27.30 -35.21
CA LEU A 76 -17.64 27.44 -34.22
C LEU A 76 -16.32 27.89 -34.86
N ASN A 77 -15.45 28.48 -34.05
CA ASN A 77 -14.14 28.93 -34.52
C ASN A 77 -13.19 27.74 -34.42
N PRO A 78 -12.49 27.40 -35.52
CA PRO A 78 -11.54 26.27 -35.51
C PRO A 78 -10.49 26.42 -34.41
N PHE A 79 -10.20 27.65 -34.03
CA PHE A 79 -9.22 27.93 -32.97
C PHE A 79 -9.76 27.53 -31.61
N ASN A 80 -11.08 27.43 -31.50
CA ASN A 80 -11.70 27.04 -30.23
C ASN A 80 -11.64 25.52 -30.13
N ILE A 81 -10.41 24.99 -30.09
CA ILE A 81 -10.20 23.56 -30.03
C ILE A 81 -10.72 23.00 -28.70
N GLU A 82 -10.77 23.86 -27.69
CA GLU A 82 -11.28 23.46 -26.38
C GLU A 82 -12.77 23.13 -26.47
N LYS A 83 -13.55 24.02 -27.10
CA LYS A 83 -14.99 23.78 -27.22
C LYS A 83 -15.30 22.66 -28.21
N ILE A 84 -14.52 22.59 -29.28
CA ILE A 84 -14.73 21.55 -30.28
C ILE A 84 -14.60 20.17 -29.64
N HIS A 85 -13.61 19.97 -28.78
CA HIS A 85 -13.49 18.69 -28.14
C HIS A 85 -14.59 18.50 -27.10
N GLU A 86 -15.01 19.60 -26.47
CA GLU A 86 -16.06 19.53 -25.47
C GLU A 86 -17.33 19.02 -26.15
N VAL A 87 -17.65 19.61 -27.28
CA VAL A 87 -18.82 19.21 -28.06
C VAL A 87 -18.77 17.75 -28.48
N MET A 88 -17.62 17.31 -29.01
CA MET A 88 -17.49 15.93 -29.44
C MET A 88 -17.59 14.96 -28.28
N ASP A 89 -17.01 15.31 -27.13
CA ASP A 89 -17.06 14.41 -25.97
C ASP A 89 -18.47 14.29 -25.40
N LYS A 90 -19.28 15.33 -25.58
CA LYS A 90 -20.65 15.30 -25.10
C LYS A 90 -21.50 14.43 -26.02
N ILE A 91 -21.09 14.35 -27.28
CA ILE A 91 -21.79 13.55 -28.27
C ILE A 91 -21.47 12.06 -28.21
N SER A 92 -20.19 11.74 -28.07
CA SER A 92 -19.77 10.34 -28.02
C SER A 92 -18.78 10.04 -26.90
N ALA A 93 -19.05 8.96 -26.18
CA ALA A 93 -18.21 8.53 -25.07
C ALA A 93 -16.88 7.95 -25.54
N PHE A 94 -16.84 7.50 -26.79
CA PHE A 94 -15.61 6.90 -27.32
C PHE A 94 -15.62 6.78 -28.85
N ALA A 95 -14.74 7.55 -29.48
CA ALA A 95 -14.61 7.52 -30.94
C ALA A 95 -13.36 8.31 -31.30
N PRO A 96 -12.19 7.86 -30.85
CA PRO A 96 -10.95 8.58 -31.16
C PRO A 96 -10.66 8.83 -32.64
N ALA A 97 -11.03 7.89 -33.51
CA ALA A 97 -10.76 8.09 -34.94
C ALA A 97 -11.58 9.27 -35.46
N ALA A 98 -12.86 9.28 -35.09
CA ALA A 98 -13.77 10.35 -35.51
C ALA A 98 -13.34 11.69 -34.92
N LYS A 99 -12.95 11.68 -33.64
CA LYS A 99 -12.51 12.90 -32.99
C LYS A 99 -11.23 13.41 -33.61
N ALA A 100 -10.30 12.51 -33.90
CA ALA A 100 -9.04 12.91 -34.52
C ALA A 100 -9.28 13.56 -35.90
N ALA A 101 -10.24 13.03 -36.65
CA ALA A 101 -10.50 13.56 -37.98
C ALA A 101 -10.90 15.04 -37.91
N ILE A 102 -11.78 15.37 -36.99
CA ILE A 102 -12.23 16.75 -36.82
C ILE A 102 -11.09 17.60 -36.27
N ASP A 103 -10.43 17.08 -35.22
CA ASP A 103 -9.33 17.74 -34.57
C ASP A 103 -8.21 18.13 -35.55
N ILE A 104 -7.73 17.18 -36.34
CA ILE A 104 -6.66 17.44 -37.29
C ILE A 104 -7.05 18.53 -38.31
N ALA A 105 -8.29 18.49 -38.78
CA ALA A 105 -8.77 19.48 -39.73
C ALA A 105 -8.76 20.88 -39.11
N CYS A 106 -9.10 20.96 -37.82
CA CYS A 106 -9.09 22.24 -37.13
C CYS A 106 -7.67 22.78 -36.99
N TYR A 107 -6.70 21.91 -36.68
CA TYR A 107 -5.32 22.38 -36.57
C TYR A 107 -4.78 22.80 -37.93
N ASP A 108 -5.21 22.12 -38.98
CA ASP A 108 -4.77 22.45 -40.34
C ASP A 108 -5.30 23.87 -40.63
N LEU A 109 -6.55 24.13 -40.25
CA LEU A 109 -7.14 25.46 -40.46
C LEU A 109 -6.42 26.53 -39.63
N MET A 110 -6.03 26.19 -38.41
CA MET A 110 -5.32 27.14 -37.57
C MET A 110 -4.03 27.54 -38.25
N GLY A 111 -3.31 26.54 -38.79
CA GLY A 111 -2.08 26.81 -39.49
C GLY A 111 -2.30 27.68 -40.71
N GLN A 112 -3.30 27.34 -41.51
CA GLN A 112 -3.58 28.13 -42.71
C GLN A 112 -3.94 29.57 -42.39
N LYS A 113 -4.78 29.76 -41.38
CA LYS A 113 -5.19 31.11 -40.99
C LYS A 113 -4.01 31.91 -40.45
N ALA A 114 -3.14 31.25 -39.69
CA ALA A 114 -1.97 31.90 -39.11
C ALA A 114 -0.84 32.03 -40.14
N GLN A 115 -1.00 31.35 -41.27
CA GLN A 115 0.00 31.33 -42.33
C GLN A 115 1.33 30.81 -41.80
N LEU A 116 1.25 29.68 -41.10
CA LEU A 116 2.42 29.05 -40.52
C LEU A 116 2.30 27.53 -40.57
N PRO A 117 3.45 26.84 -40.72
CA PRO A 117 3.42 25.37 -40.77
C PRO A 117 2.90 24.91 -39.41
N LEU A 118 2.16 23.81 -39.37
CA LEU A 118 1.61 23.33 -38.12
C LEU A 118 2.67 23.11 -37.02
N TYR A 119 3.83 22.58 -37.39
CA TYR A 119 4.87 22.32 -36.38
C TYR A 119 5.30 23.58 -35.62
N GLN A 120 5.14 24.75 -36.23
CA GLN A 120 5.51 26.00 -35.57
C GLN A 120 4.49 26.32 -34.48
N LEU A 121 3.23 26.02 -34.74
CA LEU A 121 2.18 26.28 -33.78
C LEU A 121 2.14 25.28 -32.63
N LEU A 122 2.69 24.09 -32.86
CA LEU A 122 2.68 23.03 -31.85
C LEU A 122 3.90 22.90 -30.95
N GLY A 123 4.87 23.82 -31.06
CA GLY A 123 6.05 23.73 -30.21
C GLY A 123 7.31 24.20 -30.90
N GLY A 124 7.36 24.02 -32.22
CA GLY A 124 8.49 24.44 -33.04
C GLY A 124 9.88 23.92 -32.75
N TYR A 125 9.99 22.80 -32.07
CA TYR A 125 11.31 22.27 -31.73
C TYR A 125 12.13 21.86 -32.95
N ASP A 126 11.47 21.32 -33.97
CA ASP A 126 12.18 20.88 -35.18
C ASP A 126 11.20 20.94 -36.35
N ASN A 127 11.72 20.76 -37.58
CA ASN A 127 10.87 20.80 -38.76
C ASN A 127 10.95 19.52 -39.57
N GLN A 128 11.38 18.45 -38.92
CA GLN A 128 11.51 17.15 -39.56
C GLN A 128 11.53 16.08 -38.49
N VAL A 129 11.27 14.85 -38.88
CA VAL A 129 11.29 13.73 -37.95
C VAL A 129 11.90 12.51 -38.63
N ILE A 130 12.61 11.71 -37.87
CA ILE A 130 13.21 10.48 -38.41
C ILE A 130 12.36 9.32 -37.92
N THR A 131 11.88 8.50 -38.84
CA THR A 131 11.04 7.39 -38.46
C THR A 131 11.69 6.04 -38.71
N ASP A 132 11.19 5.03 -38.01
CA ASP A 132 11.67 3.67 -38.18
C ASP A 132 10.75 3.10 -39.25
N ILE A 133 10.87 1.79 -39.50
CA ILE A 133 9.99 1.12 -40.44
C ILE A 133 9.69 -0.21 -39.76
N THR A 134 8.44 -0.64 -39.81
CA THR A 134 8.05 -1.87 -39.16
C THR A 134 8.11 -3.08 -40.06
N LEU A 135 8.60 -4.19 -39.52
CA LEU A 135 8.70 -5.44 -40.25
C LEU A 135 7.60 -6.35 -39.69
N GLY A 136 6.68 -6.76 -40.55
CA GLY A 136 5.59 -7.62 -40.12
C GLY A 136 6.04 -9.02 -39.74
N ILE A 137 5.26 -9.68 -38.89
CA ILE A 137 5.58 -11.03 -38.45
C ILE A 137 5.74 -11.98 -39.63
N ASP A 138 6.83 -12.74 -39.63
CA ASP A 138 7.09 -13.70 -40.70
C ASP A 138 8.19 -14.65 -40.23
N GLU A 139 8.68 -15.50 -41.12
CA GLU A 139 9.73 -16.43 -40.76
C GLU A 139 11.02 -15.66 -40.49
N PRO A 140 11.82 -16.12 -39.51
CA PRO A 140 13.08 -15.47 -39.15
C PRO A 140 13.94 -15.04 -40.34
N ASN A 141 14.34 -16.00 -41.18
CA ASN A 141 15.18 -15.69 -42.32
C ASN A 141 14.54 -14.71 -43.31
N VAL A 142 13.21 -14.74 -43.41
CA VAL A 142 12.52 -13.84 -44.32
C VAL A 142 12.57 -12.44 -43.73
N MET A 143 12.27 -12.33 -42.44
CA MET A 143 12.29 -11.04 -41.76
C MET A 143 13.68 -10.43 -41.84
N ALA A 144 14.70 -11.26 -41.66
CA ALA A 144 16.09 -10.80 -41.72
C ALA A 144 16.42 -10.19 -43.08
N GLN A 145 16.03 -10.86 -44.16
CA GLN A 145 16.32 -10.35 -45.50
C GLN A 145 15.61 -9.03 -45.75
N LYS A 146 14.38 -8.92 -45.24
CA LYS A 146 13.61 -7.69 -45.38
C LYS A 146 14.31 -6.58 -44.60
N ALA A 147 14.89 -6.94 -43.46
CA ALA A 147 15.60 -5.97 -42.62
C ALA A 147 16.78 -5.39 -43.40
N VAL A 148 17.55 -6.26 -44.05
CA VAL A 148 18.69 -5.80 -44.83
C VAL A 148 18.21 -4.86 -45.94
N GLU A 149 17.07 -5.21 -46.55
CA GLU A 149 16.50 -4.39 -47.60
C GLU A 149 16.19 -2.99 -47.07
N LYS A 150 15.54 -2.93 -45.92
CA LYS A 150 15.17 -1.65 -45.31
C LYS A 150 16.40 -0.83 -44.91
N VAL A 151 17.43 -1.49 -44.39
CA VAL A 151 18.63 -0.77 -44.01
C VAL A 151 19.25 -0.11 -45.24
N LYS A 152 19.19 -0.82 -46.37
CA LYS A 152 19.74 -0.28 -47.61
C LYS A 152 18.96 0.96 -48.05
N LEU A 153 17.72 1.08 -47.58
CA LEU A 153 16.90 2.23 -47.93
C LEU A 153 17.24 3.43 -47.04
N GLY A 154 18.10 3.21 -46.06
CA GLY A 154 18.52 4.30 -45.18
C GLY A 154 18.00 4.26 -43.76
N PHE A 155 17.15 3.27 -43.45
CA PHE A 155 16.58 3.14 -42.11
C PHE A 155 17.60 2.62 -41.10
N ASP A 156 17.79 3.36 -40.02
CA ASP A 156 18.72 2.99 -38.97
C ASP A 156 18.02 2.38 -37.76
N THR A 157 16.68 2.34 -37.82
CA THR A 157 15.90 1.77 -36.73
C THR A 157 14.79 0.90 -37.29
N LEU A 158 14.74 -0.35 -36.87
CA LEU A 158 13.72 -1.27 -37.35
C LEU A 158 12.81 -1.69 -36.20
N LYS A 159 11.52 -1.70 -36.46
CA LYS A 159 10.53 -2.12 -35.47
C LYS A 159 10.12 -3.54 -35.87
N ILE A 160 10.38 -4.48 -34.97
CA ILE A 160 10.09 -5.88 -35.22
C ILE A 160 8.83 -6.37 -34.52
N LYS A 161 7.90 -6.89 -35.32
CA LYS A 161 6.66 -7.42 -34.78
C LYS A 161 6.88 -8.87 -34.36
N VAL A 162 6.42 -9.21 -33.17
CA VAL A 162 6.54 -10.58 -32.66
C VAL A 162 5.25 -10.89 -31.91
N GLY A 163 5.09 -12.12 -31.46
CA GLY A 163 3.89 -12.47 -30.73
C GLY A 163 3.20 -13.76 -31.11
N THR A 164 3.96 -14.72 -31.65
CA THR A 164 3.40 -16.00 -32.04
C THR A 164 3.87 -17.07 -31.06
N GLY A 165 4.99 -16.80 -30.39
CA GLY A 165 5.54 -17.73 -29.44
C GLY A 165 6.92 -17.31 -28.98
N ILE A 166 7.12 -17.31 -27.66
CA ILE A 166 8.40 -16.92 -27.08
C ILE A 166 9.61 -17.49 -27.83
N GLU A 167 9.63 -18.81 -28.03
CA GLU A 167 10.74 -19.45 -28.72
C GLU A 167 10.90 -18.99 -30.16
N ALA A 168 9.77 -18.82 -30.86
CA ALA A 168 9.81 -18.38 -32.25
C ALA A 168 10.17 -16.90 -32.35
N ASP A 169 9.58 -16.09 -31.46
CA ASP A 169 9.84 -14.65 -31.45
C ASP A 169 11.30 -14.36 -31.17
N ILE A 170 11.91 -15.14 -30.29
CA ILE A 170 13.32 -14.96 -29.95
C ILE A 170 14.19 -15.27 -31.17
N ALA A 171 13.80 -16.29 -31.93
CA ALA A 171 14.53 -16.68 -33.13
C ALA A 171 14.48 -15.60 -34.19
N ARG A 172 13.32 -14.97 -34.34
CA ARG A 172 13.16 -13.91 -35.33
C ARG A 172 14.16 -12.79 -35.08
N VAL A 173 14.20 -12.31 -33.83
CA VAL A 173 15.10 -11.24 -33.45
C VAL A 173 16.56 -11.59 -33.66
N LYS A 174 16.96 -12.78 -33.22
CA LYS A 174 18.34 -13.22 -33.38
C LYS A 174 18.77 -13.14 -34.84
N ALA A 175 17.93 -13.66 -35.73
CA ALA A 175 18.23 -13.66 -37.15
C ALA A 175 18.40 -12.24 -37.71
N ILE A 176 17.52 -11.35 -37.30
CA ILE A 176 17.58 -9.97 -37.76
C ILE A 176 18.84 -9.27 -37.30
N ARG A 177 19.16 -9.39 -36.01
CA ARG A 177 20.36 -8.75 -35.48
C ARG A 177 21.61 -9.20 -36.21
N GLU A 178 21.81 -10.51 -36.29
CA GLU A 178 22.99 -11.05 -36.96
C GLU A 178 23.07 -10.65 -38.43
N ALA A 179 21.93 -10.39 -39.04
CA ALA A 179 21.90 -10.01 -40.44
C ALA A 179 22.21 -8.53 -40.68
N VAL A 180 21.84 -7.67 -39.74
CA VAL A 180 22.08 -6.23 -39.91
C VAL A 180 23.20 -5.64 -39.06
N GLY A 181 23.66 -6.39 -38.06
CA GLY A 181 24.73 -5.87 -37.21
C GLY A 181 24.19 -5.04 -36.06
N PHE A 182 25.09 -4.65 -35.15
CA PHE A 182 24.70 -3.88 -33.98
C PHE A 182 24.66 -2.36 -34.18
N ASP A 183 24.84 -1.92 -35.42
CA ASP A 183 24.80 -0.48 -35.70
C ASP A 183 23.36 -0.06 -35.93
N ILE A 184 22.47 -1.03 -36.08
CA ILE A 184 21.05 -0.76 -36.31
C ILE A 184 20.24 -0.90 -35.03
N LYS A 185 19.36 0.06 -34.79
CA LYS A 185 18.53 0.05 -33.58
C LYS A 185 17.31 -0.85 -33.80
N LEU A 186 17.09 -1.78 -32.87
CA LEU A 186 15.96 -2.68 -32.98
C LEU A 186 15.00 -2.57 -31.81
N ARG A 187 13.73 -2.27 -32.13
CA ARG A 187 12.71 -2.18 -31.10
C ARG A 187 11.68 -3.25 -31.43
N LEU A 188 11.12 -3.86 -30.39
CA LEU A 188 10.14 -4.93 -30.57
C LEU A 188 8.74 -4.53 -30.16
N ASP A 189 7.75 -5.17 -30.76
CA ASP A 189 6.34 -4.93 -30.43
C ASP A 189 5.68 -6.32 -30.36
N ALA A 190 5.29 -6.72 -29.16
CA ALA A 190 4.66 -8.02 -28.95
C ALA A 190 3.13 -8.01 -29.00
N ASN A 191 2.56 -6.82 -29.13
CA ASN A 191 1.11 -6.68 -29.18
C ASN A 191 0.35 -7.56 -28.19
N GLN A 192 0.69 -7.43 -26.91
CA GLN A 192 0.02 -8.15 -25.82
C GLN A 192 0.11 -9.67 -25.85
N ALA A 193 1.07 -10.21 -26.58
CA ALA A 193 1.20 -11.66 -26.72
C ALA A 193 1.68 -12.46 -25.51
N TRP A 194 2.46 -11.83 -24.62
CA TRP A 194 3.01 -12.57 -23.49
C TRP A 194 2.43 -12.29 -22.10
N THR A 195 2.59 -13.27 -21.22
CA THR A 195 2.15 -13.14 -19.84
C THR A 195 3.33 -12.37 -19.20
N PRO A 196 3.10 -11.69 -18.08
CA PRO A 196 4.19 -10.94 -17.45
C PRO A 196 5.44 -11.79 -17.23
N LYS A 197 5.24 -12.99 -16.68
CA LYS A 197 6.34 -13.91 -16.40
C LYS A 197 7.07 -14.32 -17.69
N ASP A 198 6.32 -14.66 -18.73
CA ASP A 198 6.92 -15.05 -20.00
C ASP A 198 7.64 -13.87 -20.67
N ALA A 199 7.09 -12.67 -20.47
CA ALA A 199 7.69 -11.47 -21.06
C ALA A 199 9.09 -11.27 -20.50
N VAL A 200 9.20 -11.34 -19.18
CA VAL A 200 10.49 -11.17 -18.53
C VAL A 200 11.48 -12.20 -19.05
N LYS A 201 11.03 -13.46 -19.11
CA LYS A 201 11.88 -14.54 -19.59
C LYS A 201 12.34 -14.27 -21.03
N ALA A 202 11.41 -13.83 -21.87
CA ALA A 202 11.73 -13.54 -23.26
C ALA A 202 12.72 -12.37 -23.41
N ILE A 203 12.48 -11.30 -22.68
CA ILE A 203 13.35 -10.13 -22.75
C ILE A 203 14.76 -10.43 -22.26
N GLN A 204 14.87 -11.22 -21.20
CA GLN A 204 16.18 -11.57 -20.67
C GLN A 204 16.94 -12.44 -21.67
N ALA A 205 16.20 -13.20 -22.47
CA ALA A 205 16.79 -14.09 -23.46
C ALA A 205 17.51 -13.33 -24.57
N LEU A 206 17.12 -12.09 -24.79
CA LEU A 206 17.72 -11.25 -25.82
C LEU A 206 18.66 -10.21 -25.21
N ALA A 207 18.98 -10.38 -23.92
CA ALA A 207 19.85 -9.46 -23.21
C ALA A 207 21.23 -9.29 -23.85
N ASP A 208 21.48 -10.01 -24.94
CA ASP A 208 22.76 -9.93 -25.62
C ASP A 208 22.61 -9.39 -27.04
N TYR A 209 21.36 -9.18 -27.44
CA TYR A 209 21.09 -8.68 -28.80
C TYR A 209 20.84 -7.19 -28.91
N GLN A 210 21.06 -6.47 -27.81
CA GLN A 210 20.90 -5.02 -27.79
C GLN A 210 19.52 -4.58 -28.29
N ILE A 211 18.49 -4.84 -27.49
CA ILE A 211 17.14 -4.45 -27.83
C ILE A 211 16.90 -3.05 -27.28
N GLU A 212 16.53 -2.10 -28.14
CA GLU A 212 16.30 -0.73 -27.67
C GLU A 212 15.15 -0.66 -26.69
N LEU A 213 14.01 -1.24 -27.07
CA LEU A 213 12.83 -1.23 -26.22
C LEU A 213 11.86 -2.32 -26.63
N VAL A 214 10.93 -2.65 -25.75
CA VAL A 214 9.93 -3.65 -26.02
C VAL A 214 8.57 -3.01 -25.81
N GLU A 215 7.76 -3.04 -26.87
CA GLU A 215 6.44 -2.44 -26.84
C GLU A 215 5.32 -3.40 -26.43
N GLN A 216 4.48 -2.93 -25.51
CA GLN A 216 3.31 -3.67 -25.02
C GLN A 216 3.48 -5.19 -24.95
N PRO A 217 4.32 -5.67 -24.02
CA PRO A 217 4.53 -7.11 -23.90
C PRO A 217 3.35 -7.91 -23.36
N VAL A 218 2.50 -7.28 -22.56
CA VAL A 218 1.35 -7.96 -21.97
C VAL A 218 0.01 -7.33 -22.36
N LYS A 219 -1.07 -7.97 -21.93
CA LYS A 219 -2.43 -7.48 -22.21
C LYS A 219 -2.62 -6.03 -21.80
N ARG A 220 -3.36 -5.29 -22.62
CA ARG A 220 -3.65 -3.88 -22.40
C ARG A 220 -4.17 -3.58 -21.00
N ARG A 221 -5.09 -4.42 -20.52
CA ARG A 221 -5.70 -4.23 -19.20
C ARG A 221 -4.83 -4.67 -18.02
N ASP A 222 -3.81 -5.46 -18.29
CA ASP A 222 -2.93 -5.95 -17.21
C ASP A 222 -1.85 -4.95 -16.81
N LEU A 223 -2.25 -3.89 -16.12
CA LEU A 223 -1.31 -2.86 -15.71
C LEU A 223 -0.34 -3.33 -14.63
N GLU A 224 -0.84 -4.09 -13.66
CA GLU A 224 0.04 -4.60 -12.61
C GLU A 224 1.10 -5.49 -13.25
N GLY A 225 0.68 -6.30 -14.21
CA GLY A 225 1.61 -7.17 -14.90
C GLY A 225 2.60 -6.39 -15.75
N LEU A 226 2.11 -5.32 -16.39
CA LEU A 226 2.97 -4.49 -17.21
C LEU A 226 4.01 -3.81 -16.34
N LYS A 227 3.58 -3.32 -15.18
CA LYS A 227 4.50 -2.66 -14.26
C LYS A 227 5.55 -3.67 -13.79
N TYR A 228 5.12 -4.91 -13.61
CA TYR A 228 6.04 -5.96 -13.17
C TYR A 228 7.16 -6.13 -14.17
N VAL A 229 6.82 -6.25 -15.45
CA VAL A 229 7.82 -6.41 -16.49
C VAL A 229 8.80 -5.25 -16.49
N THR A 230 8.27 -4.04 -16.45
CA THR A 230 9.08 -2.83 -16.46
C THR A 230 10.04 -2.80 -15.26
N SER A 231 9.58 -3.31 -14.13
CA SER A 231 10.41 -3.30 -12.93
C SER A 231 11.43 -4.43 -12.87
N GLN A 232 11.20 -5.48 -13.65
CA GLN A 232 12.09 -6.66 -13.64
C GLN A 232 13.19 -6.74 -14.68
N VAL A 233 13.12 -5.91 -15.72
CA VAL A 233 14.13 -5.92 -16.77
C VAL A 233 14.69 -4.53 -16.99
N ASN A 234 15.98 -4.42 -17.28
CA ASN A 234 16.56 -3.10 -17.49
C ASN A 234 16.29 -2.61 -18.92
N THR A 235 15.62 -3.45 -19.70
CA THR A 235 15.28 -3.08 -21.06
C THR A 235 14.10 -2.10 -20.98
N THR A 236 14.12 -1.08 -21.83
CA THR A 236 13.06 -0.08 -21.86
C THR A 236 11.72 -0.68 -22.29
N ILE A 237 10.68 -0.44 -21.50
CA ILE A 237 9.35 -0.97 -21.80
C ILE A 237 8.40 0.16 -22.19
N MET A 238 7.70 -0.02 -23.30
CA MET A 238 6.77 0.99 -23.78
C MET A 238 5.33 0.51 -23.83
N ALA A 239 4.41 1.38 -23.46
CA ALA A 239 3.00 1.04 -23.51
C ALA A 239 2.42 1.56 -24.81
N ASP A 240 1.57 0.77 -25.44
CA ASP A 240 0.89 1.18 -26.66
C ASP A 240 -0.60 1.04 -26.35
N GLU A 241 -1.13 -0.17 -26.51
CA GLU A 241 -2.54 -0.41 -26.24
C GLU A 241 -2.97 -0.05 -24.81
N SER A 242 -2.04 -0.04 -23.87
CA SER A 242 -2.39 0.32 -22.50
C SER A 242 -2.63 1.81 -22.33
N CYS A 243 -2.27 2.60 -23.33
CA CYS A 243 -2.51 4.04 -23.26
C CYS A 243 -3.23 4.59 -24.48
N PHE A 244 -4.48 4.97 -24.29
CA PHE A 244 -5.28 5.55 -25.36
C PHE A 244 -5.29 7.07 -25.23
N ASP A 245 -5.75 7.57 -24.08
CA ASP A 245 -5.82 9.02 -23.87
C ASP A 245 -5.02 9.54 -22.69
N ALA A 246 -5.22 10.82 -22.37
CA ALA A 246 -4.51 11.46 -21.28
C ALA A 246 -4.81 10.81 -19.93
N GLN A 247 -6.05 10.38 -19.70
CA GLN A 247 -6.38 9.74 -18.44
C GLN A 247 -5.56 8.46 -18.28
N ASP A 248 -5.42 7.71 -19.36
CA ASP A 248 -4.63 6.47 -19.32
C ASP A 248 -3.17 6.82 -19.01
N ALA A 249 -2.66 7.87 -19.65
CA ALA A 249 -1.28 8.27 -19.42
C ALA A 249 -1.08 8.67 -17.96
N LEU A 250 -2.02 9.43 -17.42
CA LEU A 250 -1.92 9.85 -16.03
C LEU A 250 -1.83 8.65 -15.09
N GLU A 251 -2.66 7.64 -15.35
CA GLU A 251 -2.66 6.44 -14.52
C GLU A 251 -1.32 5.73 -14.64
N LEU A 252 -0.82 5.59 -15.87
CA LEU A 252 0.46 4.92 -16.10
C LEU A 252 1.64 5.65 -15.46
N VAL A 253 1.68 6.98 -15.56
CA VAL A 253 2.79 7.71 -14.96
C VAL A 253 2.68 7.72 -13.44
N LYS A 254 1.46 7.72 -12.92
CA LYS A 254 1.26 7.71 -11.48
C LYS A 254 1.78 6.42 -10.88
N LYS A 255 1.50 5.30 -11.54
CA LYS A 255 1.90 3.98 -11.08
C LYS A 255 3.30 3.54 -11.55
N GLY A 256 3.93 4.35 -12.39
CA GLY A 256 5.26 3.99 -12.89
C GLY A 256 5.23 2.69 -13.67
N THR A 257 4.13 2.48 -14.37
CA THR A 257 3.88 1.28 -15.15
C THR A 257 4.86 0.99 -16.29
N VAL A 258 5.31 2.04 -16.96
CA VAL A 258 6.23 1.88 -18.08
C VAL A 258 7.28 2.98 -18.16
N ASP A 259 8.20 2.82 -19.11
CA ASP A 259 9.29 3.76 -19.31
C ASP A 259 9.02 4.75 -20.44
N VAL A 260 8.22 4.34 -21.41
CA VAL A 260 7.91 5.18 -22.56
C VAL A 260 6.48 4.91 -23.01
N ILE A 261 5.83 5.90 -23.60
CA ILE A 261 4.46 5.72 -24.06
C ILE A 261 4.33 6.05 -25.56
N ASN A 262 3.60 5.19 -26.26
CA ASN A 262 3.37 5.37 -27.69
C ASN A 262 2.07 6.14 -27.90
N ILE A 263 2.19 7.35 -28.45
CA ILE A 263 1.05 8.19 -28.72
C ILE A 263 0.58 7.94 -30.15
N LYS A 264 -0.73 7.82 -30.34
CA LYS A 264 -1.33 7.65 -31.67
C LYS A 264 -2.53 8.59 -31.69
N LEU A 265 -2.60 9.46 -32.69
CA LEU A 265 -3.73 10.38 -32.80
C LEU A 265 -5.04 9.62 -32.91
N MET A 266 -5.00 8.46 -33.56
CA MET A 266 -6.20 7.64 -33.71
C MET A 266 -6.63 6.91 -32.43
N LYS A 267 -5.78 6.95 -31.40
CA LYS A 267 -6.12 6.32 -30.12
C LYS A 267 -6.63 7.38 -29.14
N CYS A 268 -6.04 8.57 -29.22
CA CYS A 268 -6.38 9.65 -28.28
C CYS A 268 -7.39 10.67 -28.76
N GLY A 269 -7.75 10.63 -30.04
CA GLY A 269 -8.72 11.59 -30.54
C GLY A 269 -8.15 12.89 -31.06
N GLY A 270 -6.91 12.87 -31.54
CA GLY A 270 -6.34 14.08 -32.11
C GLY A 270 -5.18 14.76 -31.39
N ILE A 271 -4.65 15.78 -32.05
CA ILE A 271 -3.52 16.55 -31.55
C ILE A 271 -3.76 17.18 -30.18
N HIS A 272 -4.96 17.72 -29.96
CA HIS A 272 -5.31 18.35 -28.70
C HIS A 272 -5.04 17.43 -27.51
N GLU A 273 -5.48 16.17 -27.63
CA GLU A 273 -5.31 15.19 -26.56
C GLU A 273 -3.87 14.66 -26.53
N ALA A 274 -3.27 14.55 -27.71
CA ALA A 274 -1.89 14.04 -27.79
C ALA A 274 -0.94 14.98 -27.05
N LEU A 275 -1.19 16.28 -27.14
CA LEU A 275 -0.35 17.26 -26.43
C LEU A 275 -0.45 17.03 -24.92
N LYS A 276 -1.65 16.71 -24.45
CA LYS A 276 -1.85 16.46 -23.02
C LYS A 276 -1.02 15.25 -22.60
N ILE A 277 -1.12 14.18 -23.36
CA ILE A 277 -0.37 12.96 -23.05
C ILE A 277 1.12 13.24 -22.97
N ASN A 278 1.65 13.91 -24.00
CA ASN A 278 3.08 14.21 -24.01
C ASN A 278 3.51 15.07 -22.82
N GLN A 279 2.72 16.07 -22.46
CA GLN A 279 3.10 16.94 -21.36
C GLN A 279 3.01 16.24 -20.01
N ILE A 280 2.06 15.31 -19.87
CA ILE A 280 1.92 14.55 -18.63
C ILE A 280 3.17 13.66 -18.51
N CYS A 281 3.51 13.01 -19.62
CA CYS A 281 4.68 12.13 -19.66
C CYS A 281 5.97 12.88 -19.40
N GLU A 282 6.16 13.98 -20.11
CA GLU A 282 7.35 14.81 -19.98
C GLU A 282 7.55 15.25 -18.53
N THR A 283 6.46 15.59 -17.88
CA THR A 283 6.52 16.03 -16.48
C THR A 283 7.02 14.90 -15.57
N ALA A 284 6.68 13.66 -15.92
CA ALA A 284 7.10 12.49 -15.15
C ALA A 284 8.42 11.88 -15.61
N GLY A 285 9.08 12.52 -16.58
CA GLY A 285 10.34 12.01 -17.08
C GLY A 285 10.17 10.80 -17.98
N ILE A 286 9.01 10.70 -18.62
CA ILE A 286 8.70 9.60 -19.52
C ILE A 286 8.65 10.16 -20.95
N GLU A 287 9.50 9.64 -21.83
CA GLU A 287 9.51 10.08 -23.20
C GLU A 287 8.36 9.43 -23.96
N CYS A 288 8.03 9.98 -25.12
CA CYS A 288 6.94 9.44 -25.93
C CYS A 288 7.40 9.16 -27.34
N MET A 289 6.75 8.20 -27.98
CA MET A 289 7.03 7.89 -29.37
C MET A 289 5.73 8.20 -30.09
N ILE A 290 5.81 8.71 -31.31
CA ILE A 290 4.61 9.00 -32.09
C ILE A 290 4.43 7.79 -32.99
N GLY A 291 3.23 7.21 -32.99
CA GLY A 291 2.95 6.04 -33.80
C GLY A 291 1.81 6.28 -34.77
N CYS A 292 1.33 5.22 -35.39
CA CYS A 292 0.24 5.34 -36.35
C CYS A 292 -0.51 4.02 -36.56
N MET A 293 -1.64 4.12 -37.25
CA MET A 293 -2.44 2.96 -37.59
C MET A 293 -2.11 2.68 -39.05
N ALA A 294 -2.13 1.41 -39.44
CA ALA A 294 -1.83 1.04 -40.82
C ALA A 294 -2.95 1.54 -41.72
N GLU A 295 -4.09 1.84 -41.12
CA GLU A 295 -5.26 2.32 -41.86
C GLU A 295 -5.20 3.80 -42.21
N GLU A 296 -4.24 4.52 -41.63
CA GLU A 296 -4.11 5.95 -41.91
C GLU A 296 -3.34 6.19 -43.20
N THR A 297 -3.45 7.41 -43.73
CA THR A 297 -2.75 7.77 -44.94
C THR A 297 -1.98 9.07 -44.72
N THR A 298 -1.68 9.76 -45.81
CA THR A 298 -0.93 11.01 -45.79
C THR A 298 -1.39 12.03 -44.74
N ILE A 299 -2.70 12.24 -44.65
CA ILE A 299 -3.22 13.22 -43.71
C ILE A 299 -2.85 12.91 -42.26
N GLY A 300 -3.21 11.71 -41.80
CA GLY A 300 -2.90 11.34 -40.43
C GLY A 300 -1.41 11.32 -40.14
N ILE A 301 -0.64 10.80 -41.08
CA ILE A 301 0.81 10.74 -40.88
C ILE A 301 1.42 12.14 -40.86
N THR A 302 0.96 13.01 -41.74
CA THR A 302 1.51 14.35 -41.78
C THR A 302 1.19 15.09 -40.49
N ALA A 303 -0.03 14.93 -39.98
CA ALA A 303 -0.42 15.57 -38.73
C ALA A 303 0.50 15.11 -37.60
N ALA A 304 0.68 13.80 -37.50
CA ALA A 304 1.53 13.21 -36.48
C ALA A 304 2.97 13.69 -36.60
N ALA A 305 3.45 13.82 -37.83
CA ALA A 305 4.81 14.26 -38.06
C ALA A 305 5.04 15.70 -37.57
N HIS A 306 4.07 16.58 -37.83
CA HIS A 306 4.18 17.96 -37.38
C HIS A 306 4.21 18.01 -35.86
N LEU A 307 3.40 17.18 -35.21
CA LEU A 307 3.37 17.15 -33.75
C LEU A 307 4.68 16.62 -33.19
N ALA A 308 5.16 15.52 -33.77
CA ALA A 308 6.40 14.91 -33.32
C ALA A 308 7.58 15.86 -33.48
N ALA A 309 7.63 16.55 -34.63
CA ALA A 309 8.70 17.49 -34.88
C ALA A 309 8.65 18.66 -33.90
N ALA A 310 7.43 19.13 -33.61
CA ALA A 310 7.24 20.26 -32.72
C ALA A 310 7.59 20.05 -31.25
N GLN A 311 7.35 18.83 -30.76
CA GLN A 311 7.56 18.52 -29.35
C GLN A 311 8.86 17.79 -28.99
N LYS A 312 9.64 18.41 -28.11
CA LYS A 312 10.90 17.84 -27.67
C LYS A 312 10.79 16.45 -27.06
N ASN A 313 9.78 16.22 -26.23
CA ASN A 313 9.61 14.94 -25.56
C ASN A 313 9.14 13.77 -26.42
N ILE A 314 8.69 14.03 -27.64
CA ILE A 314 8.30 12.95 -28.53
C ILE A 314 9.64 12.70 -29.22
N THR A 315 10.41 11.78 -28.65
CA THR A 315 11.76 11.48 -29.12
C THR A 315 11.91 10.35 -30.13
N ARG A 316 10.84 9.61 -30.36
CA ARG A 316 10.86 8.51 -31.31
C ARG A 316 9.67 8.61 -32.23
N ALA A 317 9.79 8.03 -33.42
CA ALA A 317 8.71 8.07 -34.39
C ALA A 317 8.58 6.74 -35.14
N ASP A 318 7.34 6.31 -35.31
CA ASP A 318 7.01 5.07 -36.00
C ASP A 318 5.86 5.46 -36.92
N LEU A 319 6.20 6.25 -37.94
CA LEU A 319 5.23 6.76 -38.91
C LEU A 319 5.55 6.21 -40.29
N ASP A 320 5.20 4.95 -40.50
CA ASP A 320 5.48 4.26 -41.75
C ASP A 320 4.25 3.82 -42.54
N ALA A 321 3.08 4.33 -42.17
CA ALA A 321 1.84 3.96 -42.85
C ALA A 321 1.80 4.28 -44.34
N THR A 322 2.37 5.41 -44.75
CA THR A 322 2.35 5.78 -46.16
C THR A 322 3.24 4.90 -47.03
N PHE A 323 4.23 4.27 -46.42
CA PHE A 323 5.15 3.41 -47.16
C PHE A 323 4.45 2.20 -47.77
N GLY A 324 3.38 1.75 -47.13
CA GLY A 324 2.67 0.58 -47.62
C GLY A 324 1.48 0.89 -48.49
N LEU A 325 1.18 2.17 -48.69
CA LEU A 325 0.04 2.57 -49.50
C LEU A 325 0.27 2.45 -51.00
N GLU A 326 -0.75 1.98 -51.70
CA GLU A 326 -0.70 1.80 -53.13
C GLU A 326 -0.79 3.18 -53.79
N THR A 327 -1.55 4.08 -53.18
CA THR A 327 -1.73 5.43 -53.70
C THR A 327 -1.93 6.44 -52.56
N ALA A 328 -1.91 7.73 -52.89
CA ALA A 328 -2.11 8.79 -51.91
C ALA A 328 -3.43 9.49 -52.22
N PRO A 329 -4.27 9.71 -51.19
CA PRO A 329 -5.58 10.36 -51.33
C PRO A 329 -5.56 11.88 -51.55
N VAL A 330 -4.44 12.52 -51.23
CA VAL A 330 -4.31 13.96 -51.39
C VAL A 330 -2.88 14.30 -51.82
N THR A 331 -2.67 15.52 -52.27
CA THR A 331 -1.34 15.96 -52.69
C THR A 331 -0.62 16.58 -51.50
N GLY A 332 0.70 16.67 -51.58
CA GLY A 332 1.48 17.26 -50.51
C GLY A 332 1.63 16.36 -49.31
N GLY A 333 2.11 16.93 -48.20
CA GLY A 333 2.28 16.15 -46.99
C GLY A 333 3.37 15.10 -47.12
N VAL A 334 3.40 14.16 -46.17
CA VAL A 334 4.40 13.10 -46.18
C VAL A 334 4.23 12.18 -47.37
N SER A 335 5.31 11.99 -48.11
CA SER A 335 5.35 11.15 -49.31
C SER A 335 5.14 9.65 -49.08
N LEU A 336 4.81 8.96 -50.16
CA LEU A 336 4.61 7.51 -50.10
C LEU A 336 5.96 6.81 -50.13
N GLU A 337 7.01 7.57 -50.47
CA GLU A 337 8.36 7.02 -50.54
C GLU A 337 8.82 6.45 -49.21
N ALA A 338 9.36 5.23 -49.25
CA ALA A 338 9.87 4.59 -48.04
C ALA A 338 11.24 5.19 -47.74
N LYS A 339 11.27 6.14 -46.81
CA LYS A 339 12.49 6.80 -46.40
C LYS A 339 12.36 7.16 -44.92
N PRO A 340 13.49 7.19 -44.19
CA PRO A 340 13.45 7.53 -42.76
C PRO A 340 13.23 9.01 -42.44
N LEU A 341 13.72 9.90 -43.30
CA LEU A 341 13.57 11.33 -43.06
C LEU A 341 12.28 11.92 -43.61
N LEU A 342 11.49 12.49 -42.71
CA LEU A 342 10.23 13.13 -43.08
C LEU A 342 10.43 14.62 -42.86
N GLU A 343 10.69 15.36 -43.93
CA GLU A 343 10.89 16.81 -43.84
C GLU A 343 9.55 17.49 -44.06
N LEU A 344 9.19 18.42 -43.19
CA LEU A 344 7.88 19.09 -43.26
C LEU A 344 7.64 20.26 -44.22
N GLY A 345 8.64 21.11 -44.44
CA GLY A 345 8.44 22.22 -45.35
C GLY A 345 7.83 23.46 -44.70
N GLU A 346 7.69 24.53 -45.48
CA GLU A 346 7.15 25.78 -44.96
C GLU A 346 5.70 26.11 -45.30
N ALA A 347 5.01 25.20 -46.00
CA ALA A 347 3.62 25.44 -46.38
C ALA A 347 2.77 25.51 -45.10
N ALA A 348 1.79 26.41 -45.10
CA ALA A 348 0.93 26.60 -43.93
C ALA A 348 0.13 25.34 -43.54
N GLY A 349 -0.13 25.21 -42.25
CA GLY A 349 -0.89 24.06 -41.76
C GLY A 349 -0.19 22.74 -42.02
N LEU A 350 -0.94 21.76 -42.50
CA LEU A 350 -0.37 20.44 -42.80
C LEU A 350 0.47 20.46 -44.06
N GLY A 351 0.25 21.44 -44.92
CA GLY A 351 0.99 21.51 -46.17
C GLY A 351 0.40 20.54 -47.17
N ILE A 352 -0.90 20.29 -47.05
CA ILE A 352 -1.59 19.35 -47.94
C ILE A 352 -2.56 20.08 -48.86
N SER A 353 -2.57 19.68 -50.13
CA SER A 353 -3.44 20.29 -51.15
C SER A 353 -3.18 21.78 -51.26
N MET B 1 10.77 33.54 -38.36
CA MET B 1 10.96 34.67 -37.40
C MET B 1 12.14 34.34 -36.51
N LYS B 2 12.94 35.35 -36.20
CA LYS B 2 14.12 35.14 -35.38
C LYS B 2 14.36 36.29 -34.41
N ILE B 3 14.72 35.96 -33.17
CA ILE B 3 15.00 36.96 -32.14
C ILE B 3 16.28 37.71 -32.46
N LYS B 4 16.18 39.04 -32.52
CA LYS B 4 17.36 39.87 -32.80
C LYS B 4 18.00 40.34 -31.51
N GLN B 5 17.17 40.80 -30.57
CA GLN B 5 17.69 41.29 -29.32
C GLN B 5 16.63 41.21 -28.24
N VAL B 6 17.08 41.16 -27.00
CA VAL B 6 16.20 41.09 -25.84
C VAL B 6 16.55 42.27 -24.94
N HIS B 7 15.59 43.16 -24.73
CA HIS B 7 15.79 44.34 -23.90
C HIS B 7 15.03 44.20 -22.59
N VAL B 8 15.64 44.59 -21.48
CA VAL B 8 14.96 44.50 -20.19
C VAL B 8 15.09 45.80 -19.41
N ARG B 9 14.03 46.17 -18.70
CA ARG B 9 14.03 47.38 -17.90
C ARG B 9 13.33 47.10 -16.57
N ALA B 10 13.58 47.96 -15.59
CA ALA B 10 12.92 47.82 -14.31
C ALA B 10 11.64 48.63 -14.48
N SER B 11 10.61 48.30 -13.71
CA SER B 11 9.35 49.02 -13.77
C SER B 11 8.93 49.21 -12.33
N LYS B 12 8.58 50.45 -11.97
CA LYS B 12 8.16 50.75 -10.62
C LYS B 12 6.86 51.55 -10.69
N ILE B 13 5.78 50.95 -10.19
CA ILE B 13 4.48 51.59 -10.22
C ILE B 13 3.93 51.67 -8.81
N LYS B 14 3.61 52.87 -8.36
CA LYS B 14 3.06 53.05 -7.02
C LYS B 14 1.73 52.34 -6.87
N LEU B 15 1.49 51.76 -5.69
CA LEU B 15 0.25 51.06 -5.41
C LEU B 15 -0.74 52.00 -4.72
N LYS B 16 -2.02 51.87 -5.05
CA LYS B 16 -3.05 52.70 -4.44
C LYS B 16 -3.13 52.41 -2.94
N GLU B 17 -2.93 51.15 -2.57
CA GLU B 17 -2.95 50.73 -1.17
C GLU B 17 -1.73 49.88 -0.88
N THR B 18 -1.02 50.21 0.20
CA THR B 18 0.16 49.46 0.57
C THR B 18 -0.21 48.03 0.96
N PHE B 19 0.65 47.09 0.62
CA PHE B 19 0.43 45.68 0.92
C PHE B 19 1.28 45.29 2.12
N THR B 20 0.68 44.64 3.10
CA THR B 20 1.41 44.24 4.28
C THR B 20 1.85 42.78 4.20
N ILE B 21 3.14 42.55 4.45
CA ILE B 21 3.69 41.20 4.41
C ILE B 21 4.41 40.94 5.72
N ALA B 22 4.86 39.71 5.92
CA ALA B 22 5.56 39.36 7.15
C ALA B 22 6.75 40.30 7.37
N LEU B 23 6.77 40.92 8.54
CA LEU B 23 7.85 41.84 8.93
C LEU B 23 7.99 43.10 8.08
N GLY B 24 7.13 43.27 7.07
CA GLY B 24 7.24 44.45 6.25
C GLY B 24 6.00 44.85 5.46
N THR B 25 6.22 45.73 4.49
CA THR B 25 5.13 46.22 3.63
C THR B 25 5.64 46.48 2.22
N ILE B 26 4.71 46.66 1.30
CA ILE B 26 5.02 46.92 -0.10
C ILE B 26 4.13 48.07 -0.57
N GLU B 27 4.74 49.15 -1.04
CA GLU B 27 3.96 50.29 -1.51
C GLU B 27 4.12 50.56 -3.00
N SER B 28 4.93 49.74 -3.66
CA SER B 28 5.16 49.90 -5.09
C SER B 28 5.33 48.53 -5.73
N ALA B 29 4.85 48.40 -6.97
CA ALA B 29 4.97 47.14 -7.70
C ALA B 29 6.22 47.31 -8.57
N ASP B 30 7.31 46.71 -8.14
CA ASP B 30 8.56 46.81 -8.87
C ASP B 30 8.86 45.50 -9.59
N SER B 31 8.78 45.52 -10.92
CA SER B 31 9.00 44.33 -11.72
C SER B 31 9.96 44.55 -12.88
N ALA B 32 10.22 43.46 -13.59
CA ALA B 32 11.09 43.51 -14.75
C ALA B 32 10.19 43.43 -15.97
N ILE B 33 10.43 44.31 -16.95
CA ILE B 33 9.65 44.29 -18.18
C ILE B 33 10.62 44.02 -19.32
N VAL B 34 10.29 43.02 -20.13
CA VAL B 34 11.14 42.65 -21.25
C VAL B 34 10.48 42.93 -22.58
N GLU B 35 11.30 43.27 -23.56
CA GLU B 35 10.83 43.53 -24.90
C GLU B 35 11.73 42.71 -25.81
N ILE B 36 11.16 41.71 -26.47
CA ILE B 36 11.93 40.87 -27.37
C ILE B 36 11.69 41.40 -28.78
N GLU B 37 12.77 41.78 -29.46
CA GLU B 37 12.67 42.32 -30.81
C GLU B 37 13.14 41.26 -31.80
N THR B 38 12.35 41.06 -32.85
CA THR B 38 12.70 40.10 -33.88
C THR B 38 13.42 40.82 -35.01
N GLU B 39 14.11 40.07 -35.86
CA GLU B 39 14.85 40.66 -36.97
C GLU B 39 13.92 41.45 -37.88
N GLU B 40 12.70 40.96 -38.05
CA GLU B 40 11.73 41.62 -38.92
C GLU B 40 11.10 42.88 -38.33
N GLY B 41 11.34 43.13 -37.05
CA GLY B 41 10.80 44.33 -36.44
C GLY B 41 9.65 44.15 -35.46
N LEU B 42 9.10 42.94 -35.35
CA LEU B 42 8.02 42.71 -34.40
C LEU B 42 8.60 42.67 -32.99
N VAL B 43 7.85 43.16 -32.01
CA VAL B 43 8.33 43.18 -30.63
C VAL B 43 7.31 42.54 -29.71
N GLY B 44 7.79 41.73 -28.76
CA GLY B 44 6.90 41.08 -27.82
C GLY B 44 7.19 41.57 -26.42
N TYR B 45 6.14 41.69 -25.60
CA TYR B 45 6.31 42.18 -24.23
C TYR B 45 6.10 41.08 -23.20
N GLY B 46 6.94 41.10 -22.16
CA GLY B 46 6.82 40.12 -21.10
C GLY B 46 7.12 40.77 -19.78
N GLU B 47 6.74 40.12 -18.69
CA GLU B 47 7.00 40.67 -17.36
C GLU B 47 7.43 39.58 -16.41
N GLY B 48 8.36 39.95 -15.53
CA GLY B 48 8.85 39.04 -14.52
C GLY B 48 8.46 39.71 -13.22
N GLY B 49 7.47 39.13 -12.55
CA GLY B 49 7.00 39.69 -11.29
C GLY B 49 7.64 38.96 -10.12
N PRO B 50 8.52 39.63 -9.37
CA PRO B 50 9.16 38.99 -8.23
C PRO B 50 8.19 38.84 -7.07
N GLY B 51 8.62 38.12 -6.04
CA GLY B 51 7.80 37.90 -4.87
C GLY B 51 8.68 37.13 -3.91
N ILE B 52 9.59 37.85 -3.28
CA ILE B 52 10.55 37.22 -2.37
C ILE B 52 9.92 36.36 -1.28
N PHE B 53 8.82 36.83 -0.69
CA PHE B 53 8.14 36.09 0.37
C PHE B 53 7.36 34.86 -0.12
N ILE B 54 7.17 34.72 -1.43
CA ILE B 54 6.45 33.59 -1.98
C ILE B 54 7.34 32.65 -2.79
N THR B 55 8.10 33.21 -3.73
CA THR B 55 8.97 32.40 -4.57
C THR B 55 10.45 32.62 -4.30
N GLY B 56 10.78 33.65 -3.54
CA GLY B 56 12.16 33.97 -3.26
C GLY B 56 12.74 34.83 -4.37
N GLU B 57 11.97 35.01 -5.44
CA GLU B 57 12.42 35.80 -6.59
C GLU B 57 12.55 37.29 -6.23
N THR B 58 13.68 37.88 -6.58
CA THR B 58 13.93 39.30 -6.32
C THR B 58 14.04 40.04 -7.64
N LEU B 59 13.88 41.36 -7.61
CA LEU B 59 13.99 42.13 -8.84
C LEU B 59 15.41 42.07 -9.38
N ALA B 60 16.40 42.24 -8.50
CA ALA B 60 17.80 42.22 -8.94
C ALA B 60 18.19 40.87 -9.55
N GLY B 61 17.77 39.78 -8.92
CA GLY B 61 18.09 38.47 -9.44
C GLY B 61 17.34 38.20 -10.74
N THR B 62 16.11 38.66 -10.81
CA THR B 62 15.30 38.46 -12.00
C THR B 62 15.88 39.22 -13.18
N LEU B 63 16.31 40.45 -12.95
CA LEU B 63 16.91 41.25 -14.01
C LEU B 63 18.17 40.57 -14.52
N GLU B 64 19.03 40.12 -13.60
CA GLU B 64 20.27 39.45 -13.99
C GLU B 64 20.01 38.19 -14.81
N THR B 65 19.07 37.37 -14.35
CA THR B 65 18.75 36.14 -15.06
C THR B 65 18.16 36.42 -16.44
N ILE B 66 17.26 37.39 -16.53
CA ILE B 66 16.66 37.71 -17.82
C ILE B 66 17.74 38.09 -18.84
N GLU B 67 18.73 38.84 -18.39
CA GLU B 67 19.83 39.26 -19.27
C GLU B 67 20.58 38.03 -19.80
N LEU B 68 20.79 37.05 -18.92
CA LEU B 68 21.48 35.83 -19.30
C LEU B 68 20.64 35.07 -20.33
N PHE B 69 19.33 34.92 -20.06
CA PHE B 69 18.42 34.24 -20.98
C PHE B 69 18.39 34.94 -22.33
N GLY B 70 18.27 36.26 -22.29
CA GLY B 70 18.19 37.06 -23.50
C GLY B 70 19.32 36.84 -24.49
N GLN B 71 20.54 36.84 -23.99
CA GLN B 71 21.69 36.65 -24.87
C GLN B 71 21.80 35.22 -25.39
N ALA B 72 21.22 34.28 -24.65
CA ALA B 72 21.27 32.88 -25.04
C ALA B 72 20.21 32.51 -26.06
N ILE B 73 19.15 33.31 -26.17
CA ILE B 73 18.11 32.98 -27.13
C ILE B 73 18.15 33.80 -28.44
N ILE B 74 19.14 34.68 -28.57
CA ILE B 74 19.23 35.45 -29.80
C ILE B 74 19.39 34.46 -30.95
N GLY B 75 18.66 34.69 -32.05
CA GLY B 75 18.75 33.79 -33.17
C GLY B 75 17.70 32.67 -33.19
N LEU B 76 17.02 32.47 -32.08
CA LEU B 76 15.98 31.44 -32.00
C LEU B 76 14.64 32.00 -32.50
N ASN B 77 13.76 31.09 -32.90
CA ASN B 77 12.43 31.45 -33.38
C ASN B 77 11.53 31.50 -32.16
N PRO B 78 10.77 32.59 -31.96
CA PRO B 78 9.87 32.68 -30.80
C PRO B 78 8.88 31.52 -30.71
N PHE B 79 8.52 30.94 -31.86
CA PHE B 79 7.59 29.81 -31.89
C PHE B 79 8.23 28.55 -31.31
N ASN B 80 9.55 28.51 -31.30
CA ASN B 80 10.26 27.37 -30.75
C ASN B 80 10.28 27.54 -29.24
N ILE B 81 9.09 27.57 -28.64
CA ILE B 81 8.95 27.74 -27.21
C ILE B 81 9.55 26.54 -26.47
N GLU B 82 9.58 25.40 -27.15
CA GLU B 82 10.15 24.18 -26.60
C GLU B 82 11.65 24.39 -26.34
N LYS B 83 12.36 24.90 -27.33
CA LYS B 83 13.80 25.13 -27.17
C LYS B 83 14.07 26.31 -26.26
N ILE B 84 13.25 27.35 -26.35
CA ILE B 84 13.48 28.52 -25.51
C ILE B 84 13.43 28.10 -24.03
N HIS B 85 12.50 27.24 -23.65
CA HIS B 85 12.43 26.80 -22.27
C HIS B 85 13.58 25.84 -21.98
N GLU B 86 13.97 25.08 -22.99
CA GLU B 86 15.09 24.14 -22.83
C GLU B 86 16.32 24.95 -22.45
N VAL B 87 16.59 26.00 -23.22
CA VAL B 87 17.74 26.89 -22.99
C VAL B 87 17.70 27.54 -21.61
N MET B 88 16.55 28.09 -21.25
CA MET B 88 16.42 28.73 -19.94
C MET B 88 16.63 27.73 -18.80
N ASP B 89 16.11 26.52 -18.96
CA ASP B 89 16.26 25.50 -17.94
C ASP B 89 17.71 25.03 -17.79
N LYS B 90 18.47 25.04 -18.89
CA LYS B 90 19.87 24.63 -18.84
C LYS B 90 20.67 25.68 -18.10
N ILE B 91 20.27 26.94 -18.26
CA ILE B 91 20.95 28.06 -17.63
C ILE B 91 20.62 28.19 -16.14
N SER B 92 19.34 28.14 -15.80
CA SER B 92 18.92 28.28 -14.41
C SER B 92 18.02 27.15 -13.94
N ALA B 93 18.36 26.60 -12.77
CA ALA B 93 17.60 25.51 -12.18
C ALA B 93 16.28 26.01 -11.60
N PHE B 94 16.21 27.31 -11.30
CA PHE B 94 15.00 27.89 -10.74
C PHE B 94 14.96 29.42 -10.86
N ALA B 95 14.00 29.91 -11.64
CA ALA B 95 13.81 31.35 -11.84
C ALA B 95 12.49 31.59 -12.56
N PRO B 96 11.37 31.23 -11.90
CA PRO B 96 10.04 31.41 -12.50
C PRO B 96 9.72 32.83 -12.97
N ALA B 97 10.16 33.85 -12.24
CA ALA B 97 9.88 35.22 -12.65
C ALA B 97 10.59 35.53 -13.97
N ALA B 98 11.89 35.22 -14.04
CA ALA B 98 12.67 35.48 -15.24
C ALA B 98 12.19 34.65 -16.44
N LYS B 99 11.90 33.37 -16.20
CA LYS B 99 11.43 32.52 -17.28
C LYS B 99 10.07 32.96 -17.80
N ALA B 100 9.21 33.41 -16.91
CA ALA B 100 7.89 33.89 -17.32
C ALA B 100 8.02 35.13 -18.21
N ALA B 101 8.95 36.02 -17.85
CA ALA B 101 9.14 37.24 -18.61
C ALA B 101 9.50 36.93 -20.06
N ILE B 102 10.43 36.01 -20.26
CA ILE B 102 10.82 35.61 -21.61
C ILE B 102 9.69 34.87 -22.32
N ASP B 103 9.07 33.93 -21.62
CA ASP B 103 8.00 33.15 -22.22
C ASP B 103 6.82 34.01 -22.68
N ILE B 104 6.33 34.88 -21.80
CA ILE B 104 5.21 35.75 -22.15
C ILE B 104 5.52 36.58 -23.41
N ALA B 105 6.71 37.18 -23.45
CA ALA B 105 7.09 37.97 -24.62
C ALA B 105 7.11 37.11 -25.88
N CYS B 106 7.51 35.85 -25.76
CA CYS B 106 7.53 34.96 -26.92
C CYS B 106 6.11 34.65 -27.39
N TYR B 107 5.20 34.41 -26.46
CA TYR B 107 3.83 34.15 -26.86
C TYR B 107 3.22 35.42 -27.47
N ASP B 108 3.62 36.59 -26.98
CA ASP B 108 3.10 37.84 -27.53
C ASP B 108 3.55 37.90 -28.99
N LEU B 109 4.82 37.56 -29.22
CA LEU B 109 5.39 37.56 -30.57
C LEU B 109 4.67 36.54 -31.46
N MET B 110 4.32 35.38 -30.90
CA MET B 110 3.60 34.37 -31.68
C MET B 110 2.28 34.95 -32.17
N GLY B 111 1.56 35.64 -31.29
CA GLY B 111 0.29 36.22 -31.67
C GLY B 111 0.47 37.31 -32.72
N GLN B 112 1.49 38.13 -32.55
CA GLN B 112 1.75 39.21 -33.49
C GLN B 112 2.09 38.66 -34.89
N LYS B 113 2.91 37.62 -34.96
CA LYS B 113 3.28 37.03 -36.24
C LYS B 113 2.09 36.33 -36.90
N ALA B 114 1.29 35.63 -36.11
CA ALA B 114 0.12 34.94 -36.63
C ALA B 114 -1.05 35.91 -36.85
N GLN B 115 -0.88 37.12 -36.33
CA GLN B 115 -1.91 38.17 -36.41
C GLN B 115 -3.20 37.66 -35.78
N LEU B 116 -3.06 37.18 -34.54
CA LEU B 116 -4.17 36.64 -33.76
C LEU B 116 -4.02 37.03 -32.30
N PRO B 117 -5.16 37.25 -31.61
CA PRO B 117 -5.09 37.60 -30.19
C PRO B 117 -4.52 36.34 -29.55
N LEU B 118 -3.77 36.51 -28.47
CA LEU B 118 -3.16 35.36 -27.82
C LEU B 118 -4.10 34.24 -27.40
N TYR B 119 -5.27 34.57 -26.88
CA TYR B 119 -6.20 33.53 -26.44
C TYR B 119 -6.56 32.55 -27.55
N GLN B 120 -6.44 32.96 -28.81
CA GLN B 120 -6.77 32.08 -29.93
C GLN B 120 -5.68 31.02 -30.11
N LEU B 121 -4.48 31.32 -29.66
CA LEU B 121 -3.38 30.36 -29.78
C LEU B 121 -3.29 29.46 -28.57
N LEU B 122 -4.05 29.76 -27.51
CA LEU B 122 -4.00 28.99 -26.28
C LEU B 122 -5.21 28.12 -25.96
N GLY B 123 -6.12 27.92 -26.91
CA GLY B 123 -7.28 27.09 -26.64
C GLY B 123 -8.57 27.66 -27.21
N GLY B 124 -8.63 28.98 -27.31
CA GLY B 124 -9.79 29.68 -27.86
C GLY B 124 -11.17 29.47 -27.26
N TYR B 125 -11.23 28.93 -26.04
CA TYR B 125 -12.54 28.67 -25.42
C TYR B 125 -13.41 29.92 -25.26
N ASP B 126 -12.80 31.04 -24.90
CA ASP B 126 -13.55 32.28 -24.72
C ASP B 126 -12.63 33.47 -25.02
N ASN B 127 -13.21 34.66 -25.18
CA ASN B 127 -12.41 35.86 -25.45
C ASN B 127 -12.52 36.86 -24.30
N GLN B 128 -12.97 36.38 -23.15
CA GLN B 128 -13.12 37.25 -21.99
C GLN B 128 -13.07 36.38 -20.74
N VAL B 129 -12.88 37.01 -19.58
CA VAL B 129 -12.84 36.27 -18.33
C VAL B 129 -13.24 37.16 -17.16
N ILE B 130 -13.98 36.58 -16.22
CA ILE B 130 -14.44 37.29 -15.03
C ILE B 130 -13.44 37.13 -13.90
N THR B 131 -13.03 38.24 -13.31
CA THR B 131 -12.10 38.18 -12.21
C THR B 131 -12.73 38.64 -10.91
N ASP B 132 -12.20 38.18 -9.79
CA ASP B 132 -12.68 38.61 -8.50
C ASP B 132 -11.83 39.85 -8.22
N ILE B 133 -11.95 40.38 -7.01
CA ILE B 133 -11.13 41.51 -6.61
C ILE B 133 -10.83 41.28 -5.13
N THR B 134 -9.57 41.51 -4.76
CA THR B 134 -9.14 41.31 -3.39
C THR B 134 -9.37 42.56 -2.54
N LEU B 135 -9.94 42.37 -1.36
CA LEU B 135 -10.18 43.48 -0.45
C LEU B 135 -9.00 43.55 0.49
N GLY B 136 -8.37 44.71 0.60
CA GLY B 136 -7.23 44.85 1.49
C GLY B 136 -7.63 44.67 2.94
N ILE B 137 -6.77 44.05 3.73
CA ILE B 137 -7.06 43.82 5.13
C ILE B 137 -7.22 45.16 5.86
N ASP B 138 -8.26 45.25 6.69
CA ASP B 138 -8.52 46.48 7.43
C ASP B 138 -9.62 46.14 8.45
N GLU B 139 -10.08 47.15 9.19
CA GLU B 139 -11.13 46.90 10.17
C GLU B 139 -12.36 46.35 9.46
N PRO B 140 -13.14 45.49 10.12
CA PRO B 140 -14.35 44.90 9.53
C PRO B 140 -15.25 45.90 8.81
N ASN B 141 -15.59 46.97 9.50
CA ASN B 141 -16.46 48.01 8.96
C ASN B 141 -15.91 48.65 7.68
N VAL B 142 -14.59 48.85 7.63
CA VAL B 142 -13.97 49.44 6.46
C VAL B 142 -14.01 48.46 5.29
N MET B 143 -13.67 47.21 5.54
CA MET B 143 -13.69 46.20 4.48
C MET B 143 -15.11 46.03 3.96
N ALA B 144 -16.07 46.13 4.87
CA ALA B 144 -17.48 45.99 4.50
C ALA B 144 -17.90 47.08 3.53
N GLN B 145 -17.52 48.32 3.79
CA GLN B 145 -17.87 49.41 2.91
C GLN B 145 -17.17 49.25 1.57
N LYS B 146 -15.95 48.72 1.59
CA LYS B 146 -15.21 48.52 0.35
C LYS B 146 -15.91 47.42 -0.45
N ALA B 147 -16.41 46.40 0.24
CA ALA B 147 -17.11 45.31 -0.43
C ALA B 147 -18.34 45.86 -1.17
N VAL B 148 -19.13 46.69 -0.50
CA VAL B 148 -20.30 47.24 -1.18
C VAL B 148 -19.86 48.05 -2.40
N GLU B 149 -18.78 48.82 -2.25
CA GLU B 149 -18.29 49.61 -3.38
C GLU B 149 -17.93 48.73 -4.58
N LYS B 150 -17.23 47.64 -4.32
CA LYS B 150 -16.82 46.73 -5.40
C LYS B 150 -18.03 46.04 -6.03
N VAL B 151 -19.01 45.69 -5.20
CA VAL B 151 -20.20 45.03 -5.72
C VAL B 151 -20.94 46.00 -6.66
N LYS B 152 -20.96 47.28 -6.30
CA LYS B 152 -21.63 48.28 -7.13
C LYS B 152 -20.92 48.37 -8.46
N LEU B 153 -19.62 48.04 -8.45
CA LEU B 153 -18.81 48.06 -9.66
C LEU B 153 -19.09 46.83 -10.53
N GLY B 154 -19.86 45.89 -10.00
CA GLY B 154 -20.20 44.70 -10.77
C GLY B 154 -19.53 43.41 -10.32
N PHE B 155 -18.59 43.50 -9.40
CA PHE B 155 -17.90 42.30 -8.93
C PHE B 155 -18.88 41.36 -8.21
N ASP B 156 -18.78 40.07 -8.51
CA ASP B 156 -19.65 39.08 -7.88
C ASP B 156 -18.83 38.14 -6.99
N THR B 157 -17.52 38.37 -6.94
CA THR B 157 -16.64 37.55 -6.12
C THR B 157 -15.57 38.41 -5.45
N LEU B 158 -15.49 38.28 -4.13
CA LEU B 158 -14.53 39.04 -3.34
C LEU B 158 -13.56 38.07 -2.69
N LYS B 159 -12.31 38.49 -2.59
CA LYS B 159 -11.27 37.67 -2.00
C LYS B 159 -10.63 38.40 -0.83
N ILE B 160 -10.45 37.69 0.29
CA ILE B 160 -9.83 38.29 1.46
C ILE B 160 -8.87 37.31 2.14
N LYS B 161 -7.82 37.86 2.74
CA LYS B 161 -6.84 37.06 3.43
C LYS B 161 -7.32 36.75 4.85
N VAL B 162 -7.08 35.53 5.30
CA VAL B 162 -7.45 35.12 6.66
C VAL B 162 -6.22 34.45 7.28
N GLY B 163 -6.37 33.89 8.48
CA GLY B 163 -5.24 33.28 9.14
C GLY B 163 -4.53 34.30 10.00
N THR B 164 -5.18 35.43 10.25
CA THR B 164 -4.61 36.51 11.06
C THR B 164 -5.13 36.43 12.49
N GLY B 165 -5.82 35.33 12.78
CA GLY B 165 -6.41 35.14 14.10
C GLY B 165 -7.89 34.89 13.82
N ILE B 166 -8.39 33.76 14.27
CA ILE B 166 -9.78 33.39 14.02
C ILE B 166 -10.84 34.44 14.38
N GLU B 167 -10.68 35.12 15.51
CA GLU B 167 -11.66 36.12 15.90
C GLU B 167 -11.67 37.27 14.90
N ALA B 168 -10.48 37.74 14.52
CA ALA B 168 -10.35 38.82 13.57
C ALA B 168 -10.85 38.38 12.19
N ASP B 169 -10.50 37.17 11.78
CA ASP B 169 -10.94 36.64 10.49
C ASP B 169 -12.47 36.63 10.45
N ILE B 170 -13.07 36.04 11.47
CA ILE B 170 -14.52 35.94 11.56
C ILE B 170 -15.21 37.30 11.53
N ALA B 171 -14.65 38.26 12.27
CA ALA B 171 -15.21 39.60 12.32
C ALA B 171 -15.30 40.24 10.94
N ARG B 172 -14.23 40.12 10.17
CA ARG B 172 -14.18 40.67 8.83
C ARG B 172 -15.15 39.97 7.89
N VAL B 173 -15.13 38.64 7.90
CA VAL B 173 -16.03 37.88 7.03
C VAL B 173 -17.48 38.18 7.38
N LYS B 174 -17.77 38.25 8.66
CA LYS B 174 -19.13 38.54 9.13
C LYS B 174 -19.62 39.89 8.60
N ALA B 175 -18.80 40.92 8.76
CA ALA B 175 -19.14 42.27 8.31
C ALA B 175 -19.35 42.32 6.80
N ILE B 176 -18.44 41.70 6.06
CA ILE B 176 -18.55 41.69 4.61
C ILE B 176 -19.83 40.99 4.15
N ARG B 177 -20.07 39.79 4.68
CA ARG B 177 -21.26 39.04 4.30
C ARG B 177 -22.55 39.79 4.57
N GLU B 178 -22.67 40.36 5.75
CA GLU B 178 -23.89 41.10 6.10
C GLU B 178 -24.04 42.34 5.25
N ALA B 179 -22.92 42.92 4.81
CA ALA B 179 -22.97 44.11 3.99
C ALA B 179 -23.43 43.87 2.55
N VAL B 180 -22.95 42.79 1.94
CA VAL B 180 -23.29 42.50 0.55
C VAL B 180 -24.27 41.36 0.28
N GLY B 181 -24.64 40.59 1.29
CA GLY B 181 -25.58 39.51 1.05
C GLY B 181 -24.94 38.20 0.65
N PHE B 182 -25.76 37.17 0.44
CA PHE B 182 -25.28 35.84 0.11
C PHE B 182 -25.09 35.49 -1.37
N ASP B 183 -25.44 36.40 -2.27
CA ASP B 183 -25.27 36.12 -3.70
C ASP B 183 -23.86 36.46 -4.17
N ILE B 184 -23.04 36.98 -3.27
CA ILE B 184 -21.66 37.33 -3.62
C ILE B 184 -20.74 36.23 -3.10
N LYS B 185 -19.85 35.75 -3.97
CA LYS B 185 -18.93 34.69 -3.57
C LYS B 185 -17.76 35.25 -2.79
N LEU B 186 -17.38 34.54 -1.74
CA LEU B 186 -16.27 34.96 -0.90
C LEU B 186 -15.17 33.91 -0.91
N ARG B 187 -14.00 34.30 -1.41
CA ARG B 187 -12.84 33.42 -1.47
C ARG B 187 -11.85 33.84 -0.40
N LEU B 188 -11.40 32.89 0.41
CA LEU B 188 -10.45 33.21 1.46
C LEU B 188 -9.09 32.62 1.13
N ASP B 189 -8.03 33.34 1.51
CA ASP B 189 -6.68 32.83 1.30
C ASP B 189 -6.08 32.78 2.69
N ALA B 190 -5.85 31.57 3.20
CA ALA B 190 -5.30 31.39 4.54
C ALA B 190 -3.78 31.54 4.61
N ASN B 191 -3.16 31.74 3.46
CA ASN B 191 -1.71 31.93 3.38
C ASN B 191 -0.85 31.08 4.31
N GLN B 192 -1.02 29.77 4.22
CA GLN B 192 -0.25 28.80 5.01
C GLN B 192 -0.25 29.07 6.52
N ALA B 193 -1.33 29.67 7.01
CA ALA B 193 -1.41 30.05 8.42
C ALA B 193 -1.61 28.96 9.47
N TRP B 194 -2.29 27.88 9.14
CA TRP B 194 -2.60 26.87 10.15
C TRP B 194 -2.00 25.49 10.06
N THR B 195 -2.03 24.79 11.20
CA THR B 195 -1.58 23.41 11.28
C THR B 195 -2.82 22.70 10.75
N PRO B 196 -2.68 21.44 10.31
CA PRO B 196 -3.82 20.70 9.78
C PRO B 196 -5.10 20.70 10.62
N LYS B 197 -4.99 20.29 11.89
CA LYS B 197 -6.19 20.25 12.72
C LYS B 197 -6.75 21.62 13.09
N ASP B 198 -5.87 22.61 13.23
CA ASP B 198 -6.33 23.97 13.53
C ASP B 198 -7.08 24.48 12.31
N ALA B 199 -6.57 24.15 11.13
CA ALA B 199 -7.18 24.57 9.87
C ALA B 199 -8.61 24.07 9.75
N VAL B 200 -8.83 22.80 10.07
CA VAL B 200 -10.18 22.24 9.99
C VAL B 200 -11.11 23.04 10.90
N LYS B 201 -10.63 23.36 12.10
CA LYS B 201 -11.41 24.11 13.08
C LYS B 201 -11.77 25.49 12.54
N ALA B 202 -10.76 26.21 12.07
CA ALA B 202 -10.96 27.55 11.55
C ALA B 202 -11.88 27.59 10.33
N ILE B 203 -11.64 26.68 9.39
CA ILE B 203 -12.45 26.64 8.18
C ILE B 203 -13.91 26.32 8.47
N GLN B 204 -14.16 25.36 9.37
CA GLN B 204 -15.54 25.04 9.70
C GLN B 204 -16.23 26.21 10.38
N ALA B 205 -15.47 27.02 11.11
CA ALA B 205 -16.03 28.19 11.78
C ALA B 205 -16.37 29.26 10.74
N LEU B 206 -15.47 29.46 9.78
CA LEU B 206 -15.69 30.44 8.72
C LEU B 206 -16.79 30.01 7.76
N ALA B 207 -16.94 28.69 7.60
CA ALA B 207 -17.94 28.14 6.69
C ALA B 207 -19.37 28.58 7.00
N ASP B 208 -19.63 28.96 8.24
CA ASP B 208 -20.97 29.41 8.62
C ASP B 208 -21.41 30.64 7.82
N TYR B 209 -20.46 31.32 7.19
CA TYR B 209 -20.76 32.52 6.42
C TYR B 209 -20.80 32.26 4.92
N GLN B 210 -20.86 30.99 4.54
CA GLN B 210 -20.92 30.62 3.12
C GLN B 210 -19.62 31.02 2.42
N ILE B 211 -18.65 30.12 2.44
CA ILE B 211 -17.36 30.39 1.81
C ILE B 211 -17.24 29.57 0.53
N GLU B 212 -16.83 30.20 -0.56
CA GLU B 212 -16.68 29.48 -1.83
C GLU B 212 -15.50 28.52 -1.78
N LEU B 213 -14.39 28.99 -1.20
CA LEU B 213 -13.20 28.16 -1.10
C LEU B 213 -12.16 28.77 -0.18
N VAL B 214 -11.24 27.93 0.29
CA VAL B 214 -10.15 28.37 1.14
C VAL B 214 -8.85 27.94 0.48
N GLU B 215 -8.00 28.93 0.25
CA GLU B 215 -6.71 28.74 -0.39
C GLU B 215 -5.60 28.43 0.60
N GLN B 216 -4.76 27.46 0.25
CA GLN B 216 -3.59 27.04 1.03
C GLN B 216 -3.69 27.23 2.54
N PRO B 217 -4.48 26.39 3.23
CA PRO B 217 -4.62 26.53 4.67
C PRO B 217 -3.40 26.11 5.50
N VAL B 218 -2.52 25.29 4.93
CA VAL B 218 -1.31 24.85 5.63
C VAL B 218 -0.04 25.16 4.85
N LYS B 219 1.11 24.98 5.50
CA LYS B 219 2.41 25.23 4.87
C LYS B 219 2.53 24.43 3.57
N ARG B 220 3.14 25.07 2.57
CA ARG B 220 3.27 24.48 1.24
C ARG B 220 3.86 23.08 1.13
N ARG B 221 4.80 22.73 2.00
CA ARG B 221 5.43 21.41 1.94
C ARG B 221 4.69 20.31 2.70
N ASP B 222 3.64 20.67 3.43
CA ASP B 222 2.87 19.69 4.18
C ASP B 222 1.70 19.14 3.37
N LEU B 223 2.00 18.32 2.37
CA LEU B 223 0.99 17.75 1.50
C LEU B 223 0.03 16.80 2.23
N GLU B 224 0.55 16.02 3.16
CA GLU B 224 -0.28 15.10 3.94
C GLU B 224 -1.31 15.91 4.73
N GLY B 225 -0.84 17.00 5.33
CA GLY B 225 -1.72 17.86 6.10
C GLY B 225 -2.73 18.57 5.23
N LEU B 226 -2.29 19.00 4.05
CA LEU B 226 -3.18 19.69 3.12
C LEU B 226 -4.28 18.70 2.70
N LYS B 227 -3.87 17.45 2.48
CA LYS B 227 -4.78 16.39 2.09
C LYS B 227 -5.78 16.13 3.23
N TYR B 228 -5.29 16.17 4.46
CA TYR B 228 -6.13 15.95 5.63
C TYR B 228 -7.24 17.00 5.69
N VAL B 229 -6.87 18.27 5.54
CA VAL B 229 -7.85 19.34 5.56
C VAL B 229 -8.92 19.14 4.50
N THR B 230 -8.47 18.93 3.26
CA THR B 230 -9.39 18.72 2.16
C THR B 230 -10.40 17.62 2.45
N SER B 231 -9.92 16.53 3.03
CA SER B 231 -10.77 15.38 3.33
C SER B 231 -11.64 15.55 4.58
N GLN B 232 -11.38 16.57 5.39
CA GLN B 232 -12.16 16.76 6.60
C GLN B 232 -13.22 17.86 6.55
N VAL B 233 -13.12 18.77 5.59
CA VAL B 233 -14.09 19.85 5.50
C VAL B 233 -14.87 19.82 4.19
N ASN B 234 -16.10 20.35 4.23
CA ASN B 234 -16.93 20.39 3.03
C ASN B 234 -16.47 21.52 2.11
N THR B 235 -15.86 22.55 2.69
CA THR B 235 -15.41 23.70 1.91
C THR B 235 -14.34 23.31 0.89
N THR B 236 -14.45 23.87 -0.31
CA THR B 236 -13.49 23.62 -1.38
C THR B 236 -12.12 24.13 -0.94
N ILE B 237 -11.11 23.25 -1.05
CA ILE B 237 -9.74 23.61 -0.67
C ILE B 237 -8.88 23.74 -1.92
N MET B 238 -8.15 24.84 -2.02
CA MET B 238 -7.29 25.10 -3.17
C MET B 238 -5.83 25.23 -2.80
N ALA B 239 -4.97 24.60 -3.60
CA ALA B 239 -3.54 24.69 -3.36
C ALA B 239 -3.01 25.90 -4.13
N ASP B 240 -2.13 26.66 -3.49
CA ASP B 240 -1.50 27.81 -4.13
C ASP B 240 0.00 27.58 -4.04
N GLU B 241 0.60 27.98 -2.93
CA GLU B 241 2.04 27.81 -2.73
C GLU B 241 2.52 26.37 -2.87
N SER B 242 1.64 25.39 -2.63
CA SER B 242 2.03 23.98 -2.76
C SER B 242 2.22 23.60 -4.23
N CYS B 243 1.78 24.48 -5.13
CA CYS B 243 1.94 24.21 -6.56
C CYS B 243 2.64 25.33 -7.30
N PHE B 244 3.89 25.09 -7.66
CA PHE B 244 4.69 26.06 -8.41
C PHE B 244 4.70 25.62 -9.87
N ASP B 245 5.11 24.38 -10.12
CA ASP B 245 5.21 23.84 -11.48
C ASP B 245 4.41 22.57 -11.78
N ALA B 246 4.56 22.07 -13.00
CA ALA B 246 3.85 20.87 -13.44
C ALA B 246 4.15 19.66 -12.59
N GLN B 247 5.40 19.55 -12.13
CA GLN B 247 5.75 18.41 -11.29
C GLN B 247 4.99 18.46 -9.97
N ASP B 248 4.79 19.66 -9.44
CA ASP B 248 4.04 19.82 -8.20
C ASP B 248 2.58 19.43 -8.45
N ALA B 249 2.05 19.86 -9.59
CA ALA B 249 0.67 19.53 -9.93
C ALA B 249 0.48 18.03 -10.02
N LEU B 250 1.43 17.35 -10.66
CA LEU B 250 1.34 15.89 -10.80
C LEU B 250 1.27 15.20 -9.45
N GLU B 251 2.13 15.64 -8.53
CA GLU B 251 2.16 15.06 -7.19
C GLU B 251 0.85 15.34 -6.45
N LEU B 252 0.34 16.56 -6.59
CA LEU B 252 -0.90 16.96 -5.93
C LEU B 252 -2.10 16.15 -6.40
N VAL B 253 -2.25 15.96 -7.71
CA VAL B 253 -3.38 15.20 -8.20
C VAL B 253 -3.20 13.70 -7.93
N LYS B 254 -1.94 13.25 -7.92
CA LYS B 254 -1.63 11.84 -7.64
C LYS B 254 -2.16 11.46 -6.27
N LYS B 255 -1.82 12.29 -5.27
CA LYS B 255 -2.25 12.03 -3.90
C LYS B 255 -3.67 12.52 -3.60
N GLY B 256 -4.26 13.25 -4.54
CA GLY B 256 -5.60 13.77 -4.32
C GLY B 256 -5.57 14.74 -3.15
N THR B 257 -4.54 15.55 -3.10
CA THR B 257 -4.33 16.51 -2.03
C THR B 257 -5.35 17.65 -1.90
N VAL B 258 -5.84 18.16 -3.02
CA VAL B 258 -6.79 19.28 -2.99
C VAL B 258 -7.94 19.20 -3.98
N ASP B 259 -8.86 20.15 -3.87
CA ASP B 259 -10.02 20.23 -4.75
C ASP B 259 -9.74 21.08 -6.00
N VAL B 260 -8.89 22.08 -5.84
CA VAL B 260 -8.56 23.01 -6.92
C VAL B 260 -7.10 23.45 -6.82
N ILE B 261 -6.51 23.82 -7.95
CA ILE B 261 -5.13 24.27 -7.96
C ILE B 261 -5.01 25.65 -8.57
N ASN B 262 -4.32 26.54 -7.87
CA ASN B 262 -4.14 27.92 -8.31
C ASN B 262 -2.81 28.09 -9.04
N ILE B 263 -2.90 28.47 -10.31
CA ILE B 263 -1.74 28.71 -11.15
C ILE B 263 -1.36 30.18 -11.10
N LYS B 264 -0.06 30.47 -11.11
CA LYS B 264 0.43 31.84 -11.21
C LYS B 264 1.60 31.77 -12.17
N LEU B 265 1.56 32.58 -13.22
CA LEU B 265 2.65 32.56 -14.20
C LEU B 265 4.01 32.82 -13.57
N MET B 266 4.05 33.65 -12.53
CA MET B 266 5.30 33.99 -11.87
C MET B 266 5.80 32.91 -10.91
N LYS B 267 5.01 31.84 -10.76
CA LYS B 267 5.37 30.70 -9.91
C LYS B 267 5.87 29.56 -10.82
N CYS B 268 5.21 29.40 -11.97
CA CYS B 268 5.54 28.31 -12.89
C CYS B 268 6.50 28.64 -14.03
N GLY B 269 6.82 29.91 -14.21
CA GLY B 269 7.75 30.27 -15.27
C GLY B 269 7.12 30.50 -16.63
N GLY B 270 5.86 30.92 -16.64
CA GLY B 270 5.22 31.21 -17.91
C GLY B 270 4.06 30.37 -18.39
N ILE B 271 3.50 30.80 -19.52
CA ILE B 271 2.36 30.13 -20.13
C ILE B 271 2.65 28.69 -20.51
N HIS B 272 3.84 28.44 -21.03
CA HIS B 272 4.21 27.08 -21.44
C HIS B 272 4.03 26.06 -20.31
N GLU B 273 4.47 26.41 -19.10
CA GLU B 273 4.36 25.53 -17.95
C GLU B 273 2.94 25.56 -17.39
N ALA B 274 2.31 26.73 -17.43
CA ALA B 274 0.93 26.85 -16.93
C ALA B 274 0.00 25.92 -17.71
N LEU B 275 0.24 25.78 -19.01
CA LEU B 275 -0.59 24.89 -19.81
C LEU B 275 -0.46 23.44 -19.33
N LYS B 276 0.76 23.04 -18.97
CA LYS B 276 0.99 21.69 -18.48
C LYS B 276 0.23 21.46 -17.19
N ILE B 277 0.32 22.43 -16.28
CA ILE B 277 -0.39 22.32 -15.01
C ILE B 277 -1.88 22.15 -15.24
N ASN B 278 -2.47 22.99 -16.08
CA ASN B 278 -3.89 22.88 -16.34
C ASN B 278 -4.31 21.56 -16.99
N GLN B 279 -3.52 21.06 -17.95
CA GLN B 279 -3.85 19.79 -18.61
C GLN B 279 -3.74 18.64 -17.63
N ILE B 280 -2.76 18.68 -16.74
CA ILE B 280 -2.60 17.63 -15.74
C ILE B 280 -3.80 17.64 -14.81
N CYS B 281 -4.19 18.84 -14.36
CA CYS B 281 -5.32 18.98 -13.45
C CYS B 281 -6.62 18.56 -14.12
N GLU B 282 -6.85 19.08 -15.33
CA GLU B 282 -8.05 18.77 -16.08
C GLU B 282 -8.20 17.26 -16.24
N THR B 283 -7.11 16.58 -16.57
CA THR B 283 -7.11 15.14 -16.76
C THR B 283 -7.49 14.43 -15.46
N ALA B 284 -7.06 15.00 -14.33
CA ALA B 284 -7.35 14.44 -13.02
C ALA B 284 -8.73 14.85 -12.50
N GLY B 285 -9.43 15.70 -13.26
CA GLY B 285 -10.76 16.14 -12.86
C GLY B 285 -10.72 17.24 -11.81
N ILE B 286 -9.63 17.99 -11.80
CA ILE B 286 -9.43 19.09 -10.86
C ILE B 286 -9.42 20.41 -11.62
N GLU B 287 -10.24 21.37 -11.19
CA GLU B 287 -10.27 22.65 -11.86
C GLU B 287 -9.11 23.53 -11.41
N CYS B 288 -8.79 24.53 -12.24
CA CYS B 288 -7.71 25.46 -11.94
C CYS B 288 -8.18 26.90 -11.85
N MET B 289 -7.49 27.68 -11.03
CA MET B 289 -7.76 29.11 -10.94
C MET B 289 -6.43 29.70 -11.32
N ILE B 290 -6.41 30.96 -11.71
CA ILE B 290 -5.14 31.59 -12.04
C ILE B 290 -5.11 32.90 -11.26
N GLY B 291 -4.01 33.15 -10.58
CA GLY B 291 -3.87 34.35 -9.78
C GLY B 291 -2.75 35.25 -10.25
N CYS B 292 -2.29 36.13 -9.36
CA CYS B 292 -1.22 37.06 -9.70
C CYS B 292 -0.38 37.42 -8.47
N MET B 293 0.77 38.03 -8.72
CA MET B 293 1.68 38.44 -7.65
C MET B 293 1.35 39.87 -7.25
N ALA B 294 1.77 40.24 -6.05
CA ALA B 294 1.54 41.59 -5.54
C ALA B 294 2.37 42.58 -6.36
N GLU B 295 3.46 42.09 -6.94
CA GLU B 295 4.34 42.94 -7.72
C GLU B 295 4.36 42.76 -9.23
N GLU B 296 3.24 42.35 -9.83
CA GLU B 296 3.21 42.27 -11.28
C GLU B 296 2.18 43.30 -11.75
N THR B 297 2.17 43.58 -13.04
CA THR B 297 1.28 44.60 -13.56
C THR B 297 0.55 44.22 -14.84
N THR B 298 0.31 45.22 -15.68
CA THR B 298 -0.41 45.03 -16.92
C THR B 298 -0.02 43.84 -17.80
N ILE B 299 1.27 43.70 -18.10
CA ILE B 299 1.70 42.60 -18.95
C ILE B 299 1.41 41.23 -18.33
N GLY B 300 1.82 41.04 -17.09
CA GLY B 300 1.58 39.76 -16.44
C GLY B 300 0.10 39.43 -16.35
N ILE B 301 -0.72 40.43 -16.01
CA ILE B 301 -2.15 40.22 -15.89
C ILE B 301 -2.77 39.87 -17.23
N THR B 302 -2.36 40.58 -18.28
CA THR B 302 -2.91 40.34 -19.61
C THR B 302 -2.59 38.94 -20.11
N ALA B 303 -1.35 38.51 -19.92
CA ALA B 303 -0.95 37.17 -20.35
C ALA B 303 -1.83 36.15 -19.63
N ALA B 304 -1.97 36.30 -18.33
CA ALA B 304 -2.78 35.37 -17.54
C ALA B 304 -4.24 35.37 -17.98
N ALA B 305 -4.77 36.54 -18.33
CA ALA B 305 -6.17 36.65 -18.75
C ALA B 305 -6.40 35.92 -20.08
N HIS B 306 -5.47 36.05 -21.02
CA HIS B 306 -5.61 35.36 -22.30
C HIS B 306 -5.61 33.85 -22.07
N LEU B 307 -4.72 33.39 -21.19
CA LEU B 307 -4.65 31.97 -20.88
C LEU B 307 -5.93 31.49 -20.21
N ALA B 308 -6.41 32.24 -19.23
CA ALA B 308 -7.62 31.88 -18.50
C ALA B 308 -8.81 31.82 -19.45
N ALA B 309 -8.95 32.84 -20.28
CA ALA B 309 -10.05 32.86 -21.23
C ALA B 309 -9.97 31.71 -22.22
N ALA B 310 -8.76 31.35 -22.63
CA ALA B 310 -8.55 30.30 -23.61
C ALA B 310 -8.78 28.87 -23.14
N GLN B 311 -8.51 28.59 -21.86
CA GLN B 311 -8.63 27.24 -21.32
C GLN B 311 -9.90 26.99 -20.49
N LYS B 312 -10.70 26.02 -20.92
CA LYS B 312 -11.94 25.67 -20.22
C LYS B 312 -11.73 25.31 -18.76
N ASN B 313 -10.70 24.55 -18.46
CA ASN B 313 -10.46 24.12 -17.08
C ASN B 313 -9.98 25.20 -16.10
N ILE B 314 -9.60 26.37 -16.61
CA ILE B 314 -9.19 27.46 -15.71
C ILE B 314 -10.53 28.17 -15.55
N THR B 315 -11.26 27.75 -14.51
CA THR B 315 -12.59 28.24 -14.25
C THR B 315 -12.74 29.44 -13.32
N ARG B 316 -11.65 29.82 -12.65
CA ARG B 316 -11.67 30.96 -11.74
C ARG B 316 -10.47 31.85 -12.04
N ALA B 317 -10.60 33.14 -11.74
CA ALA B 317 -9.52 34.08 -11.96
C ALA B 317 -9.43 35.12 -10.87
N ASP B 318 -8.21 35.36 -10.40
CA ASP B 318 -7.93 36.36 -9.37
C ASP B 318 -6.85 37.22 -10.01
N LEU B 319 -7.26 38.01 -10.99
CA LEU B 319 -6.35 38.88 -11.75
C LEU B 319 -6.75 40.33 -11.57
N ASP B 320 -6.49 40.86 -10.38
CA ASP B 320 -6.88 42.22 -10.03
C ASP B 320 -5.73 43.21 -9.84
N ALA B 321 -4.50 42.81 -10.17
CA ALA B 321 -3.36 43.71 -9.97
C ALA B 321 -3.46 45.08 -10.64
N THR B 322 -4.02 45.15 -11.85
CA THR B 322 -4.10 46.45 -12.51
C THR B 322 -5.01 47.44 -11.78
N PHE B 323 -5.97 46.91 -11.03
CA PHE B 323 -6.91 47.76 -10.30
C PHE B 323 -6.27 48.53 -9.16
N GLY B 324 -5.10 48.07 -8.70
CA GLY B 324 -4.43 48.74 -7.60
C GLY B 324 -3.21 49.56 -8.00
N LEU B 325 -3.03 49.79 -9.30
CA LEU B 325 -1.88 50.54 -9.80
C LEU B 325 -2.22 52.04 -9.94
N GLU B 326 -1.30 52.91 -9.55
CA GLU B 326 -1.54 54.36 -9.67
C GLU B 326 -1.48 54.82 -11.11
N THR B 327 -0.74 54.10 -11.94
CA THR B 327 -0.64 54.45 -13.34
C THR B 327 -0.23 53.22 -14.14
N ALA B 328 -0.51 53.22 -15.45
CA ALA B 328 -0.19 52.08 -16.30
C ALA B 328 1.23 52.14 -16.84
N PRO B 329 1.99 51.03 -16.70
CA PRO B 329 3.37 50.98 -17.18
C PRO B 329 3.46 50.85 -18.70
N VAL B 330 2.36 50.44 -19.32
CA VAL B 330 2.31 50.25 -20.76
C VAL B 330 0.94 50.66 -21.32
N THR B 331 0.80 50.57 -22.64
CA THR B 331 -0.45 50.92 -23.30
C THR B 331 -1.15 49.64 -23.72
N GLY B 332 -2.47 49.60 -23.61
CA GLY B 332 -3.22 48.42 -24.01
C GLY B 332 -3.31 47.34 -22.95
N GLY B 333 -3.83 46.18 -23.34
CA GLY B 333 -3.97 45.08 -22.41
C GLY B 333 -5.08 45.35 -21.40
N VAL B 334 -5.11 44.59 -20.32
CA VAL B 334 -6.12 44.75 -19.29
C VAL B 334 -5.97 46.15 -18.67
N SER B 335 -7.05 46.93 -18.71
CA SER B 335 -7.05 48.29 -18.19
C SER B 335 -6.95 48.43 -16.67
N LEU B 336 -6.64 49.64 -16.22
CA LEU B 336 -6.51 49.94 -14.80
C LEU B 336 -7.90 50.01 -14.18
N GLU B 337 -8.90 50.18 -15.04
CA GLU B 337 -10.29 50.30 -14.59
C GLU B 337 -10.77 49.06 -13.82
N ALA B 338 -11.29 49.27 -12.62
CA ALA B 338 -11.78 48.15 -11.81
C ALA B 338 -13.10 47.66 -12.37
N LYS B 339 -13.04 46.53 -13.07
CA LYS B 339 -14.21 45.90 -13.70
C LYS B 339 -14.02 44.39 -13.56
N PRO B 340 -15.12 43.65 -13.33
CA PRO B 340 -14.98 42.19 -13.21
C PRO B 340 -14.77 41.48 -14.54
N LEU B 341 -15.33 42.02 -15.61
CA LEU B 341 -15.19 41.39 -16.92
C LEU B 341 -14.01 41.92 -17.73
N LEU B 342 -13.03 41.05 -17.96
CA LEU B 342 -11.87 41.42 -18.74
C LEU B 342 -12.10 40.94 -20.17
N GLU B 343 -12.45 41.86 -21.06
CA GLU B 343 -12.69 41.54 -22.45
C GLU B 343 -11.38 41.75 -23.18
N LEU B 344 -10.89 40.71 -23.84
CA LEU B 344 -9.60 40.76 -24.50
C LEU B 344 -9.45 41.45 -25.87
N GLY B 345 -10.53 41.55 -26.63
CA GLY B 345 -10.43 42.22 -27.92
C GLY B 345 -9.74 41.42 -29.01
N GLU B 346 -9.62 42.03 -30.18
CA GLU B 346 -9.01 41.36 -31.33
C GLU B 346 -7.59 41.77 -31.69
N ALA B 347 -6.96 42.61 -30.87
CA ALA B 347 -5.60 43.05 -31.14
C ALA B 347 -4.70 41.81 -31.09
N ALA B 348 -3.70 41.73 -31.96
CA ALA B 348 -2.82 40.57 -31.99
C ALA B 348 -1.97 40.44 -30.71
N GLY B 349 -1.69 39.20 -30.34
CA GLY B 349 -0.89 38.95 -29.15
C GLY B 349 -1.57 39.47 -27.89
N LEU B 350 -0.80 40.19 -27.07
CA LEU B 350 -1.33 40.75 -25.83
C LEU B 350 -2.05 42.07 -26.04
N GLY B 351 -1.92 42.64 -27.23
CA GLY B 351 -2.54 43.93 -27.52
C GLY B 351 -1.88 45.05 -26.74
N ILE B 352 -0.62 44.84 -26.39
CA ILE B 352 0.14 45.82 -25.60
C ILE B 352 1.22 46.53 -26.42
N SER B 353 1.47 47.79 -26.07
CA SER B 353 2.49 48.60 -26.74
C SER B 353 3.10 49.55 -25.71
N HIS B 354 4.13 50.29 -26.13
CA HIS B 354 4.80 51.24 -25.23
C HIS B 354 3.82 52.11 -24.45
N MET C 1 -0.40 -25.68 45.52
CA MET C 1 1.03 -25.32 45.75
C MET C 1 1.13 -23.81 45.97
N LYS C 2 1.96 -23.41 46.92
CA LYS C 2 2.14 -22.00 47.23
C LYS C 2 3.61 -21.63 47.39
N ILE C 3 3.99 -20.46 46.87
CA ILE C 3 5.36 -19.99 46.98
C ILE C 3 5.56 -19.45 48.40
N LYS C 4 6.57 -19.98 49.08
CA LYS C 4 6.88 -19.56 50.44
C LYS C 4 7.91 -18.43 50.43
N GLN C 5 9.00 -18.63 49.70
CA GLN C 5 10.04 -17.61 49.63
C GLN C 5 10.80 -17.69 48.32
N VAL C 6 11.35 -16.55 47.92
CA VAL C 6 12.13 -16.45 46.69
C VAL C 6 13.54 -16.00 47.07
N HIS C 7 14.52 -16.85 46.81
CA HIS C 7 15.90 -16.52 47.12
C HIS C 7 16.67 -16.22 45.84
N VAL C 8 17.46 -15.15 45.84
CA VAL C 8 18.24 -14.77 44.69
C VAL C 8 19.68 -14.44 45.09
N ARG C 9 20.63 -14.86 44.26
CA ARG C 9 22.04 -14.61 44.54
C ARG C 9 22.81 -14.43 43.24
N ALA C 10 23.93 -13.71 43.31
CA ALA C 10 24.75 -13.50 42.13
C ALA C 10 25.60 -14.76 41.93
N SER C 11 25.86 -15.11 40.68
CA SER C 11 26.66 -16.27 40.35
C SER C 11 27.79 -15.89 39.42
N LYS C 12 28.99 -16.41 39.70
CA LYS C 12 30.17 -16.13 38.88
C LYS C 12 30.86 -17.42 38.49
N ILE C 13 30.79 -17.77 37.21
CA ILE C 13 31.43 -18.99 36.72
C ILE C 13 32.60 -18.65 35.81
N LYS C 14 33.76 -19.23 36.08
CA LYS C 14 34.96 -18.99 35.29
C LYS C 14 34.86 -19.60 33.90
N LEU C 15 35.20 -18.80 32.89
CA LEU C 15 35.17 -19.26 31.50
C LEU C 15 36.52 -19.87 31.15
N LYS C 16 36.56 -20.57 30.02
CA LYS C 16 37.79 -21.19 29.56
C LYS C 16 38.54 -20.18 28.69
N GLU C 17 37.78 -19.44 27.88
CA GLU C 17 38.34 -18.43 27.00
C GLU C 17 37.64 -17.09 27.18
N THR C 18 38.43 -16.04 27.34
CA THR C 18 37.88 -14.69 27.53
C THR C 18 37.48 -14.07 26.19
N ALA C 29 30.99 -16.04 33.31
CA ALA C 29 29.55 -15.91 33.19
C ALA C 29 28.96 -15.38 34.49
N ASP C 30 28.40 -14.17 34.44
CA ASP C 30 27.80 -13.55 35.61
C ASP C 30 26.29 -13.53 35.46
N SER C 31 25.61 -14.23 36.36
CA SER C 31 24.15 -14.29 36.30
C SER C 31 23.52 -14.32 37.67
N ALA C 32 22.21 -14.13 37.70
CA ALA C 32 21.47 -14.17 38.95
C ALA C 32 20.78 -15.52 38.99
N ILE C 33 20.96 -16.23 40.10
CA ILE C 33 20.35 -17.54 40.27
C ILE C 33 19.24 -17.41 41.31
N VAL C 34 18.06 -17.91 40.97
CA VAL C 34 16.93 -17.84 41.88
C VAL C 34 16.47 -19.24 42.30
N GLU C 35 16.01 -19.32 43.54
CA GLU C 35 15.50 -20.57 44.09
C GLU C 35 14.16 -20.20 44.71
N ILE C 36 13.08 -20.70 44.13
CA ILE C 36 11.75 -20.43 44.66
C ILE C 36 11.32 -21.61 45.51
N GLU C 37 11.09 -21.34 46.78
CA GLU C 37 10.69 -22.39 47.72
C GLU C 37 9.20 -22.34 48.01
N THR C 38 8.57 -23.50 47.92
CA THR C 38 7.14 -23.61 48.17
C THR C 38 6.93 -24.02 49.63
N GLU C 39 5.72 -23.78 50.13
CA GLU C 39 5.40 -24.15 51.50
C GLU C 39 5.67 -25.65 51.68
N GLU C 40 5.24 -26.44 50.70
CA GLU C 40 5.42 -27.89 50.72
C GLU C 40 6.88 -28.31 50.85
N GLY C 41 7.79 -27.46 50.40
CA GLY C 41 9.20 -27.79 50.49
C GLY C 41 9.89 -27.98 49.14
N LEU C 42 9.12 -27.97 48.06
CA LEU C 42 9.73 -28.12 46.74
C LEU C 42 10.44 -26.82 46.38
N VAL C 43 11.54 -26.93 45.66
CA VAL C 43 12.30 -25.74 45.27
C VAL C 43 12.56 -25.76 43.76
N GLY C 44 12.29 -24.63 43.12
CA GLY C 44 12.52 -24.54 41.68
C GLY C 44 13.70 -23.64 41.40
N TYR C 45 14.47 -23.99 40.38
CA TYR C 45 15.66 -23.22 39.99
C TYR C 45 15.42 -22.35 38.76
N GLY C 46 15.92 -21.13 38.82
CA GLY C 46 15.77 -20.21 37.70
C GLY C 46 17.04 -19.40 37.55
N GLU C 47 17.22 -18.76 36.39
CA GLU C 47 18.42 -17.97 36.16
C GLU C 47 18.14 -16.77 35.25
N GLY C 48 18.81 -15.67 35.55
CA GLY C 48 18.68 -14.47 34.76
C GLY C 48 20.07 -14.06 34.31
N GLY C 49 20.35 -14.20 33.02
CA GLY C 49 21.66 -13.85 32.49
C GLY C 49 21.57 -12.57 31.69
N PRO C 50 21.80 -11.41 32.32
CA PRO C 50 21.72 -10.12 31.63
C PRO C 50 22.91 -9.80 30.72
N GLY C 51 22.58 -9.35 29.50
CA GLY C 51 23.60 -8.98 28.53
C GLY C 51 23.46 -7.49 28.29
N ILE C 52 24.27 -6.70 28.98
CA ILE C 52 24.22 -5.25 28.86
C ILE C 52 24.33 -4.73 27.43
N PHE C 53 25.03 -5.47 26.57
CA PHE C 53 25.20 -5.04 25.18
C PHE C 53 24.00 -5.36 24.32
N ILE C 54 23.11 -6.22 24.80
CA ILE C 54 21.93 -6.59 24.04
C ILE C 54 20.65 -5.97 24.55
N THR C 55 20.43 -6.01 25.86
CA THR C 55 19.22 -5.47 26.46
C THR C 55 19.48 -4.29 27.38
N GLY C 56 20.75 -4.04 27.67
CA GLY C 56 21.09 -2.96 28.56
C GLY C 56 20.97 -3.34 30.02
N GLU C 57 20.50 -4.56 30.27
CA GLU C 57 20.33 -5.03 31.64
C GLU C 57 21.66 -5.32 32.31
N THR C 58 21.73 -4.98 33.60
CA THR C 58 22.92 -5.19 34.40
C THR C 58 22.58 -6.21 35.47
N LEU C 59 23.61 -6.87 36.00
CA LEU C 59 23.38 -7.84 37.06
C LEU C 59 22.76 -7.14 38.26
N ALA C 60 23.26 -5.96 38.58
CA ALA C 60 22.77 -5.20 39.72
C ALA C 60 21.28 -4.90 39.57
N GLY C 61 20.88 -4.44 38.39
CA GLY C 61 19.49 -4.13 38.15
C GLY C 61 18.64 -5.38 38.15
N THR C 62 19.17 -6.46 37.58
CA THR C 62 18.46 -7.73 37.52
C THR C 62 18.21 -8.27 38.91
N LEU C 63 19.22 -8.19 39.78
CA LEU C 63 19.09 -8.65 41.15
C LEU C 63 18.02 -7.85 41.89
N GLU C 64 18.05 -6.53 41.75
CA GLU C 64 17.07 -5.67 42.42
C GLU C 64 15.67 -5.99 41.92
N THR C 65 15.53 -6.17 40.60
CA THR C 65 14.24 -6.46 40.02
C THR C 65 13.71 -7.82 40.47
N ILE C 66 14.57 -8.84 40.46
CA ILE C 66 14.14 -10.17 40.89
C ILE C 66 13.63 -10.11 42.33
N GLU C 67 14.31 -9.33 43.17
CA GLU C 67 13.91 -9.19 44.56
C GLU C 67 12.51 -8.60 44.63
N LEU C 68 12.23 -7.61 43.80
CA LEU C 68 10.91 -6.98 43.77
C LEU C 68 9.87 -8.01 43.35
N PHE C 69 10.20 -8.80 42.33
CA PHE C 69 9.29 -9.84 41.83
C PHE C 69 9.04 -10.88 42.92
N GLY C 70 10.13 -11.36 43.52
CA GLY C 70 10.04 -12.36 44.55
C GLY C 70 9.04 -12.07 45.65
N GLN C 71 9.12 -10.88 46.23
CA GLN C 71 8.21 -10.51 47.32
C GLN C 71 6.77 -10.38 46.86
N ALA C 72 6.57 -9.89 45.65
CA ALA C 72 5.24 -9.71 45.11
C ALA C 72 4.52 -11.02 44.79
N ILE C 73 5.26 -12.10 44.56
CA ILE C 73 4.63 -13.38 44.24
C ILE C 73 4.52 -14.37 45.38
N ILE C 74 4.94 -13.96 46.58
CA ILE C 74 4.83 -14.86 47.73
C ILE C 74 3.36 -15.18 47.92
N GLY C 75 3.04 -16.45 48.11
CA GLY C 75 1.65 -16.86 48.31
C GLY C 75 0.94 -17.30 47.05
N LEU C 76 1.55 -17.06 45.89
CA LEU C 76 0.93 -17.46 44.62
C LEU C 76 1.27 -18.89 44.24
N ASN C 77 0.42 -19.49 43.41
CA ASN C 77 0.65 -20.86 42.96
C ASN C 77 1.57 -20.80 41.74
N PRO C 78 2.67 -21.57 41.75
CA PRO C 78 3.57 -21.55 40.60
C PRO C 78 2.87 -21.91 39.28
N PHE C 79 1.76 -22.65 39.39
CA PHE C 79 1.02 -23.03 38.18
C PHE C 79 0.28 -21.85 37.56
N ASN C 80 0.07 -20.80 38.36
CA ASN C 80 -0.62 -19.61 37.88
C ASN C 80 0.42 -18.73 37.19
N ILE C 81 1.01 -19.28 36.13
CA ILE C 81 2.04 -18.58 35.37
C ILE C 81 1.44 -17.33 34.72
N GLU C 82 0.13 -17.35 34.49
CA GLU C 82 -0.56 -16.21 33.90
C GLU C 82 -0.48 -15.01 34.86
N LYS C 83 -0.86 -15.24 36.12
CA LYS C 83 -0.81 -14.15 37.10
C LYS C 83 0.61 -13.74 37.46
N ILE C 84 1.52 -14.70 37.52
CA ILE C 84 2.89 -14.38 37.88
C ILE C 84 3.50 -13.39 36.86
N HIS C 85 3.24 -13.60 35.57
CA HIS C 85 3.75 -12.67 34.57
C HIS C 85 2.98 -11.35 34.64
N GLU C 86 1.71 -11.43 35.01
CA GLU C 86 0.88 -10.24 35.15
C GLU C 86 1.50 -9.37 36.24
N VAL C 87 1.85 -10.01 37.36
CA VAL C 87 2.45 -9.32 38.49
C VAL C 87 3.77 -8.68 38.09
N MET C 88 4.66 -9.47 37.48
CA MET C 88 5.94 -8.94 37.08
C MET C 88 5.81 -7.79 36.09
N ASP C 89 4.93 -7.94 35.11
CA ASP C 89 4.73 -6.89 34.11
C ASP C 89 4.23 -5.58 34.70
N LYS C 90 3.46 -5.65 35.78
CA LYS C 90 2.94 -4.45 36.43
C LYS C 90 4.02 -3.79 37.26
N ILE C 91 5.06 -4.56 37.58
CA ILE C 91 6.18 -4.06 38.38
C ILE C 91 7.25 -3.39 37.52
N SER C 92 7.62 -4.05 36.43
CA SER C 92 8.64 -3.52 35.53
C SER C 92 8.21 -3.55 34.07
N ALA C 93 8.43 -2.44 33.37
CA ALA C 93 8.06 -2.34 31.96
C ALA C 93 9.05 -3.10 31.08
N PHE C 94 10.23 -3.38 31.61
CA PHE C 94 11.24 -4.10 30.83
C PHE C 94 12.35 -4.67 31.70
N ALA C 95 12.43 -6.00 31.74
CA ALA C 95 13.45 -6.70 32.49
C ALA C 95 13.35 -8.19 32.15
N PRO C 96 13.64 -8.55 30.89
CA PRO C 96 13.55 -9.96 30.47
C PRO C 96 14.42 -10.95 31.26
N ALA C 97 15.59 -10.51 31.70
CA ALA C 97 16.47 -11.40 32.46
C ALA C 97 15.83 -11.75 33.80
N ALA C 98 15.31 -10.73 34.48
CA ALA C 98 14.68 -10.93 35.78
C ALA C 98 13.41 -11.78 35.65
N LYS C 99 12.59 -11.45 34.66
CA LYS C 99 11.35 -12.17 34.45
C LYS C 99 11.63 -13.64 34.09
N ALA C 100 12.66 -13.88 33.27
CA ALA C 100 13.01 -15.25 32.90
C ALA C 100 13.44 -16.05 34.13
N ALA C 101 14.15 -15.40 35.04
CA ALA C 101 14.63 -16.05 36.24
C ALA C 101 13.46 -16.62 37.05
N ILE C 102 12.45 -15.79 37.30
CA ILE C 102 11.27 -16.21 38.06
C ILE C 102 10.47 -17.25 37.26
N ASP C 103 10.23 -16.96 35.99
CA ASP C 103 9.49 -17.84 35.09
C ASP C 103 10.06 -19.26 35.04
N ILE C 104 11.36 -19.38 34.78
CA ILE C 104 12.00 -20.69 34.70
C ILE C 104 11.84 -21.49 36.00
N ALA C 105 12.00 -20.83 37.14
CA ALA C 105 11.86 -21.50 38.42
C ALA C 105 10.43 -22.01 38.60
N CYS C 106 9.46 -21.24 38.13
CA CYS C 106 8.07 -21.66 38.25
C CYS C 106 7.79 -22.90 37.40
N TYR C 107 8.33 -22.95 36.18
CA TYR C 107 8.15 -24.11 35.34
C TYR C 107 8.88 -25.31 35.93
N ASP C 108 10.00 -25.05 36.60
CA ASP C 108 10.74 -26.16 37.22
C ASP C 108 9.83 -26.76 38.29
N LEU C 109 9.23 -25.88 39.10
CA LEU C 109 8.32 -26.30 40.17
C LEU C 109 7.08 -27.03 39.62
N MET C 110 6.60 -26.60 38.47
CA MET C 110 5.43 -27.25 37.87
C MET C 110 5.79 -28.70 37.56
N GLY C 111 6.97 -28.89 36.98
CA GLY C 111 7.42 -30.23 36.64
C GLY C 111 7.61 -31.09 37.87
N GLN C 112 8.15 -30.52 38.94
CA GLN C 112 8.37 -31.28 40.16
C GLN C 112 7.06 -31.69 40.81
N LYS C 113 6.10 -30.77 40.85
CA LYS C 113 4.81 -31.05 41.46
C LYS C 113 4.02 -32.08 40.65
N ALA C 114 4.09 -31.97 39.34
CA ALA C 114 3.39 -32.89 38.45
C ALA C 114 4.20 -34.18 38.30
N GLN C 115 5.44 -34.16 38.80
CA GLN C 115 6.34 -35.30 38.70
C GLN C 115 6.56 -35.72 37.26
N LEU C 116 6.96 -34.75 36.45
CA LEU C 116 7.22 -34.99 35.03
C LEU C 116 8.35 -34.12 34.52
N PRO C 117 9.11 -34.59 33.54
CA PRO C 117 10.21 -33.80 32.97
C PRO C 117 9.55 -32.57 32.36
N LEU C 118 10.22 -31.42 32.44
CA LEU C 118 9.61 -30.20 31.90
C LEU C 118 9.21 -30.31 30.43
N TYR C 119 10.00 -31.01 29.63
CA TYR C 119 9.67 -31.12 28.21
C TYR C 119 8.32 -31.82 27.97
N GLN C 120 7.86 -32.62 28.92
CA GLN C 120 6.57 -33.29 28.77
C GLN C 120 5.44 -32.30 28.96
N LEU C 121 5.65 -31.32 29.84
CA LEU C 121 4.64 -30.29 30.11
C LEU C 121 4.62 -29.20 29.05
N LEU C 122 5.65 -29.13 28.23
CA LEU C 122 5.73 -28.08 27.22
C LEU C 122 5.40 -28.49 25.77
N GLY C 123 4.95 -29.74 25.57
CA GLY C 123 4.61 -30.18 24.23
C GLY C 123 5.00 -31.63 23.96
N GLY C 124 6.03 -32.08 24.66
CA GLY C 124 6.52 -33.45 24.54
C GLY C 124 6.91 -34.01 23.18
N TYR C 125 7.24 -33.16 22.22
CA TYR C 125 7.59 -33.66 20.88
C TYR C 125 8.85 -34.53 20.85
N ASP C 126 9.81 -34.23 21.73
CA ASP C 126 11.04 -35.02 21.76
C ASP C 126 11.62 -34.90 23.17
N ASN C 127 12.67 -35.67 23.46
CA ASN C 127 13.28 -35.64 24.78
C ASN C 127 14.78 -35.33 24.69
N GLN C 128 15.17 -34.73 23.56
CA GLN C 128 16.55 -34.35 23.31
C GLN C 128 16.62 -33.30 22.22
N VAL C 129 17.75 -32.61 22.15
CA VAL C 129 17.93 -31.58 21.14
C VAL C 129 19.38 -31.57 20.68
N ILE C 130 19.57 -31.28 19.39
CA ILE C 130 20.90 -31.21 18.81
C ILE C 130 21.28 -29.75 18.66
N THR C 131 22.41 -29.37 19.24
CA THR C 131 22.85 -27.98 19.16
C THR C 131 24.08 -27.82 18.28
N ASP C 132 24.25 -26.61 17.74
CA ASP C 132 25.40 -26.30 16.92
C ASP C 132 26.46 -25.85 17.94
N ILE C 133 27.60 -25.42 17.46
CA ILE C 133 28.65 -24.92 18.34
C ILE C 133 29.26 -23.71 17.65
N THR C 134 29.56 -22.68 18.42
CA THR C 134 30.13 -21.46 17.89
C THR C 134 31.65 -21.53 17.76
N LEU C 135 32.17 -21.11 16.61
CA LEU C 135 33.59 -21.10 16.36
C LEU C 135 34.11 -19.70 16.59
N GLY C 136 35.04 -19.55 17.53
CA GLY C 136 35.60 -18.24 17.82
C GLY C 136 36.30 -17.65 16.61
N ILE C 137 35.99 -16.40 16.31
CA ILE C 137 36.61 -15.73 15.17
C ILE C 137 38.11 -15.58 15.36
N ASP C 138 38.87 -15.84 14.30
CA ASP C 138 40.32 -15.73 14.34
C ASP C 138 40.87 -15.93 12.93
N GLU C 139 42.18 -16.13 12.83
CA GLU C 139 42.81 -16.34 11.54
C GLU C 139 42.09 -17.44 10.76
N PRO C 140 41.81 -17.20 9.47
CA PRO C 140 41.12 -18.16 8.61
C PRO C 140 41.59 -19.60 8.79
N ASN C 141 42.89 -19.78 8.95
CA ASN C 141 43.47 -21.11 9.11
C ASN C 141 43.28 -21.66 10.52
N VAL C 142 43.25 -20.75 11.50
CA VAL C 142 43.09 -21.15 12.89
C VAL C 142 41.72 -21.76 13.16
N MET C 143 40.67 -20.96 13.06
CA MET C 143 39.32 -21.45 13.30
C MET C 143 38.96 -22.58 12.33
N ALA C 144 39.64 -22.62 11.19
CA ALA C 144 39.38 -23.68 10.21
C ALA C 144 39.88 -24.98 10.82
N GLN C 145 40.96 -24.87 11.60
CA GLN C 145 41.54 -26.01 12.27
C GLN C 145 40.60 -26.44 13.39
N LYS C 146 40.12 -25.46 14.14
CA LYS C 146 39.19 -25.70 15.24
C LYS C 146 37.90 -26.30 14.68
N ALA C 147 37.59 -25.97 13.43
CA ALA C 147 36.40 -26.47 12.76
C ALA C 147 36.49 -27.99 12.64
N VAL C 148 37.53 -28.47 11.97
CA VAL C 148 37.74 -29.90 11.79
C VAL C 148 37.77 -30.55 13.17
N GLU C 149 38.21 -29.78 14.15
CA GLU C 149 38.31 -30.25 15.53
C GLU C 149 36.92 -30.44 16.14
N LYS C 150 36.10 -29.40 16.05
CA LYS C 150 34.74 -29.46 16.59
C LYS C 150 33.93 -30.56 15.91
N VAL C 151 34.14 -30.72 14.60
CA VAL C 151 33.44 -31.74 13.83
C VAL C 151 33.78 -33.13 14.35
N LYS C 152 35.00 -33.31 14.80
CA LYS C 152 35.45 -34.59 15.33
C LYS C 152 34.69 -34.90 16.62
N LEU C 153 34.26 -33.84 17.31
CA LEU C 153 33.51 -33.98 18.54
C LEU C 153 32.09 -34.44 18.24
N GLY C 154 31.73 -34.43 16.95
CA GLY C 154 30.41 -34.87 16.55
C GLY C 154 29.49 -33.77 16.05
N PHE C 155 29.95 -32.52 16.11
CA PHE C 155 29.14 -31.38 15.66
C PHE C 155 28.97 -31.37 14.15
N ASP C 156 27.72 -31.32 13.71
CA ASP C 156 27.41 -31.29 12.29
C ASP C 156 27.04 -29.89 11.83
N THR C 157 26.94 -28.97 12.77
CA THR C 157 26.59 -27.58 12.46
C THR C 157 27.48 -26.62 13.25
N LEU C 158 28.06 -25.66 12.54
CA LEU C 158 28.93 -24.68 13.16
C LEU C 158 28.38 -23.26 12.93
N LYS C 159 28.39 -22.45 13.97
CA LYS C 159 27.91 -21.07 13.90
C LYS C 159 29.13 -20.16 13.84
N ILE C 160 29.14 -19.22 12.90
CA ILE C 160 30.27 -18.32 12.73
C ILE C 160 29.87 -16.84 12.68
N LYS C 161 30.62 -16.01 13.38
CA LYS C 161 30.37 -14.57 13.39
C LYS C 161 30.95 -13.95 12.13
N VAL C 162 30.21 -13.03 11.53
CA VAL C 162 30.65 -12.35 10.32
C VAL C 162 30.27 -10.88 10.37
N GLY C 163 30.62 -10.14 9.32
CA GLY C 163 30.31 -8.72 9.28
C GLY C 163 31.48 -7.86 9.67
N THR C 164 32.66 -8.47 9.76
CA THR C 164 33.88 -7.76 10.13
C THR C 164 34.68 -7.43 8.87
N GLY C 165 33.99 -7.37 7.74
CA GLY C 165 34.66 -7.08 6.48
C GLY C 165 34.45 -8.25 5.54
N ILE C 166 33.76 -8.01 4.43
CA ILE C 166 33.47 -9.05 3.46
C ILE C 166 34.69 -9.87 3.05
N GLU C 167 35.82 -9.21 2.85
CA GLU C 167 37.03 -9.92 2.45
C GLU C 167 37.48 -10.90 3.53
N ALA C 168 37.41 -10.47 4.78
CA ALA C 168 37.80 -11.30 5.91
C ALA C 168 36.81 -12.45 6.11
N ASP C 169 35.52 -12.14 6.02
CA ASP C 169 34.48 -13.15 6.20
C ASP C 169 34.58 -14.27 5.17
N ILE C 170 34.64 -13.89 3.90
CA ILE C 170 34.73 -14.87 2.82
C ILE C 170 35.96 -15.76 2.99
N ALA C 171 37.06 -15.16 3.44
CA ALA C 171 38.30 -15.90 3.64
C ALA C 171 38.13 -16.98 4.70
N ARG C 172 37.66 -16.59 5.87
CA ARG C 172 37.46 -17.52 6.97
C ARG C 172 36.49 -18.65 6.59
N VAL C 173 35.45 -18.31 5.86
CA VAL C 173 34.46 -19.30 5.44
C VAL C 173 35.06 -20.28 4.43
N LYS C 174 35.78 -19.74 3.44
CA LYS C 174 36.41 -20.56 2.41
C LYS C 174 37.31 -21.62 3.04
N ALA C 175 38.17 -21.19 3.96
CA ALA C 175 39.10 -22.10 4.63
C ALA C 175 38.33 -23.19 5.36
N ILE C 176 37.33 -22.79 6.14
CA ILE C 176 36.51 -23.73 6.90
C ILE C 176 35.85 -24.75 5.98
N ARG C 177 35.26 -24.29 4.89
CA ARG C 177 34.60 -25.18 3.95
C ARG C 177 35.55 -26.22 3.38
N GLU C 178 36.68 -25.76 2.85
CA GLU C 178 37.66 -26.66 2.28
C GLU C 178 38.32 -27.52 3.35
N ALA C 179 38.14 -27.12 4.61
CA ALA C 179 38.71 -27.85 5.73
C ALA C 179 37.80 -28.96 6.24
N VAL C 180 36.52 -28.67 6.40
CA VAL C 180 35.56 -29.65 6.92
C VAL C 180 34.68 -30.28 5.85
N GLY C 181 34.64 -29.68 4.67
CA GLY C 181 33.81 -30.23 3.60
C GLY C 181 32.41 -29.63 3.56
N PHE C 182 31.63 -30.04 2.57
CA PHE C 182 30.27 -29.53 2.42
C PHE C 182 29.21 -30.34 3.16
N ASP C 183 29.66 -31.28 3.99
CA ASP C 183 28.71 -32.09 4.76
C ASP C 183 28.31 -31.39 6.04
N ILE C 184 29.09 -30.39 6.43
CA ILE C 184 28.83 -29.64 7.65
C ILE C 184 28.01 -28.38 7.38
N LYS C 185 26.93 -28.19 8.13
CA LYS C 185 26.08 -27.02 7.96
C LYS C 185 26.72 -25.82 8.64
N LEU C 186 26.74 -24.69 7.95
CA LEU C 186 27.32 -23.48 8.52
C LEU C 186 26.28 -22.38 8.62
N ARG C 187 26.07 -21.86 9.83
CA ARG C 187 25.13 -20.77 10.03
C ARG C 187 25.93 -19.56 10.47
N LEU C 188 25.65 -18.41 9.87
CA LEU C 188 26.37 -17.19 10.17
C LEU C 188 25.54 -16.18 10.94
N ASP C 189 26.21 -15.41 11.80
CA ASP C 189 25.53 -14.36 12.56
C ASP C 189 26.24 -13.04 12.24
N ALA C 190 25.60 -12.22 11.43
CA ALA C 190 26.17 -10.93 11.02
C ALA C 190 26.11 -9.86 12.10
N ASN C 191 25.42 -10.15 13.20
CA ASN C 191 25.30 -9.22 14.31
C ASN C 191 25.05 -7.75 13.91
N GLN C 192 24.03 -7.52 13.09
CA GLN C 192 23.64 -6.17 12.65
C GLN C 192 24.75 -5.37 11.98
N ALA C 193 25.66 -6.04 11.29
CA ALA C 193 26.80 -5.37 10.66
C ALA C 193 26.59 -4.64 9.33
N TRP C 194 25.60 -5.05 8.55
CA TRP C 194 25.41 -4.45 7.23
C TRP C 194 24.16 -3.63 6.96
N THR C 195 24.26 -2.75 5.96
CA THR C 195 23.12 -1.96 5.54
C THR C 195 22.39 -3.00 4.69
N PRO C 196 21.09 -2.82 4.44
CA PRO C 196 20.35 -3.80 3.63
C PRO C 196 21.06 -4.13 2.31
N LYS C 197 21.56 -3.11 1.64
CA LYS C 197 22.23 -3.28 0.37
C LYS C 197 23.53 -4.08 0.50
N ASP C 198 24.35 -3.76 1.48
CA ASP C 198 25.61 -4.48 1.66
C ASP C 198 25.37 -5.93 2.11
N ALA C 199 24.26 -6.15 2.82
CA ALA C 199 23.94 -7.49 3.28
C ALA C 199 23.66 -8.40 2.10
N VAL C 200 22.84 -7.90 1.16
CA VAL C 200 22.51 -8.68 -0.03
C VAL C 200 23.76 -9.05 -0.80
N LYS C 201 24.67 -8.11 -0.95
CA LYS C 201 25.92 -8.37 -1.67
C LYS C 201 26.79 -9.37 -0.92
N ALA C 202 26.90 -9.20 0.39
CA ALA C 202 27.70 -10.11 1.21
C ALA C 202 27.16 -11.54 1.17
N ILE C 203 25.86 -11.68 1.47
CA ILE C 203 25.24 -13.00 1.48
C ILE C 203 25.36 -13.60 0.08
N GLN C 204 25.24 -12.75 -0.93
CA GLN C 204 25.35 -13.16 -2.32
C GLN C 204 26.68 -13.86 -2.53
N ALA C 205 27.74 -13.24 -2.03
CA ALA C 205 29.10 -13.76 -2.17
C ALA C 205 29.35 -15.02 -1.36
N LEU C 206 28.86 -15.05 -0.12
CA LEU C 206 29.05 -16.19 0.76
C LEU C 206 28.19 -17.40 0.38
N ALA C 207 27.08 -17.15 -0.31
CA ALA C 207 26.17 -18.20 -0.73
C ALA C 207 26.83 -19.34 -1.51
N ASP C 208 27.86 -19.01 -2.27
CA ASP C 208 28.57 -20.01 -3.07
C ASP C 208 29.19 -21.12 -2.22
N TYR C 209 29.34 -20.86 -0.92
CA TYR C 209 29.94 -21.84 -0.02
C TYR C 209 28.92 -22.62 0.81
N GLN C 210 27.69 -22.72 0.31
CA GLN C 210 26.63 -23.43 1.00
C GLN C 210 26.42 -22.92 2.42
N ILE C 211 25.59 -21.90 2.57
CA ILE C 211 25.29 -21.33 3.88
C ILE C 211 23.87 -21.69 4.30
N GLU C 212 23.74 -22.31 5.46
CA GLU C 212 22.42 -22.71 5.95
C GLU C 212 21.53 -21.50 6.16
N LEU C 213 22.04 -20.50 6.87
CA LEU C 213 21.28 -19.29 7.15
C LEU C 213 22.18 -18.15 7.60
N VAL C 214 21.63 -16.94 7.57
CA VAL C 214 22.36 -15.76 8.01
C VAL C 214 21.51 -15.07 9.06
N GLU C 215 22.09 -14.90 10.25
CA GLU C 215 21.40 -14.29 11.38
C GLU C 215 21.61 -12.78 11.50
N GLN C 216 20.51 -12.06 11.69
CA GLN C 216 20.49 -10.60 11.88
C GLN C 216 21.53 -9.85 11.05
N PRO C 217 21.35 -9.81 9.73
CA PRO C 217 22.31 -9.10 8.86
C PRO C 217 22.27 -7.58 8.96
N VAL C 218 21.18 -7.01 9.48
CA VAL C 218 21.08 -5.56 9.60
C VAL C 218 20.70 -5.10 11.01
N LYS C 219 20.77 -3.80 11.26
CA LYS C 219 20.44 -3.26 12.59
C LYS C 219 19.06 -3.70 13.06
N ARG C 220 18.96 -4.01 14.34
CA ARG C 220 17.72 -4.49 14.95
C ARG C 220 16.42 -3.77 14.59
N ARG C 221 16.43 -2.44 14.55
CA ARG C 221 15.19 -1.73 14.24
C ARG C 221 14.91 -1.43 12.79
N ASP C 222 15.80 -1.81 11.89
CA ASP C 222 15.55 -1.58 10.48
C ASP C 222 14.80 -2.77 9.91
N LEU C 223 13.53 -2.87 10.27
CA LEU C 223 12.68 -3.98 9.81
C LEU C 223 12.43 -3.92 8.31
N GLU C 224 12.26 -2.72 7.76
CA GLU C 224 12.03 -2.59 6.33
C GLU C 224 13.25 -3.14 5.59
N GLY C 225 14.42 -2.76 6.08
CA GLY C 225 15.66 -3.23 5.47
C GLY C 225 15.85 -4.72 5.63
N LEU C 226 15.48 -5.25 6.79
CA LEU C 226 15.63 -6.68 7.04
C LEU C 226 14.72 -7.46 6.08
N LYS C 227 13.51 -6.94 5.87
CA LYS C 227 12.54 -7.55 4.98
C LYS C 227 13.10 -7.56 3.57
N TYR C 228 13.80 -6.48 3.22
CA TYR C 228 14.41 -6.35 1.90
C TYR C 228 15.40 -7.49 1.67
N VAL C 229 16.34 -7.65 2.59
CA VAL C 229 17.35 -8.70 2.48
C VAL C 229 16.69 -10.06 2.32
N THR C 230 15.73 -10.36 3.18
CA THR C 230 15.03 -11.63 3.13
C THR C 230 14.39 -11.88 1.76
N SER C 231 13.87 -10.83 1.15
CA SER C 231 13.21 -10.96 -0.15
C SER C 231 14.18 -11.02 -1.34
N GLN C 232 15.42 -10.60 -1.13
CA GLN C 232 16.40 -10.58 -2.21
C GLN C 232 17.33 -11.78 -2.35
N VAL C 233 17.50 -12.56 -1.29
CA VAL C 233 18.38 -13.73 -1.34
C VAL C 233 17.59 -15.00 -1.01
N ASN C 234 17.95 -16.13 -1.62
CA ASN C 234 17.23 -17.35 -1.31
C ASN C 234 17.79 -17.99 -0.05
N THR C 235 18.88 -17.40 0.46
CA THR C 235 19.50 -17.86 1.68
C THR C 235 18.52 -17.56 2.82
N THR C 236 18.38 -18.49 3.75
CA THR C 236 17.49 -18.32 4.89
C THR C 236 17.98 -17.21 5.81
N ILE C 237 17.10 -16.26 6.11
CA ILE C 237 17.45 -15.13 6.97
C ILE C 237 16.72 -15.25 8.30
N MET C 238 17.47 -15.10 9.38
CA MET C 238 16.91 -15.24 10.72
C MET C 238 17.05 -13.97 11.56
N ALA C 239 15.98 -13.64 12.28
CA ALA C 239 16.01 -12.46 13.14
C ALA C 239 16.47 -12.89 14.52
N ASP C 240 17.27 -12.04 15.16
CA ASP C 240 17.70 -12.30 16.53
C ASP C 240 17.32 -11.04 17.30
N GLU C 241 18.19 -10.05 17.28
CA GLU C 241 17.93 -8.81 18.00
C GLU C 241 16.64 -8.10 17.58
N SER C 242 16.17 -8.35 16.36
CA SER C 242 14.92 -7.74 15.90
C SER C 242 13.70 -8.33 16.58
N CYS C 243 13.89 -9.43 17.30
CA CYS C 243 12.78 -10.06 18.01
C CYS C 243 13.10 -10.38 19.45
N PHE C 244 12.50 -9.65 20.37
CA PHE C 244 12.70 -9.90 21.79
C PHE C 244 11.50 -10.65 22.35
N ASP C 245 10.29 -10.11 22.14
CA ASP C 245 9.09 -10.72 22.68
C ASP C 245 8.04 -11.12 21.65
N ALA C 246 6.86 -11.50 22.15
CA ALA C 246 5.76 -11.94 21.29
C ALA C 246 5.28 -10.82 20.38
N GLN C 247 5.19 -9.60 20.91
CA GLN C 247 4.75 -8.47 20.10
C GLN C 247 5.70 -8.28 18.92
N ASP C 248 7.00 -8.43 19.16
CA ASP C 248 7.99 -8.29 18.08
C ASP C 248 7.74 -9.39 17.05
N ALA C 249 7.56 -10.63 17.52
CA ALA C 249 7.34 -11.75 16.62
C ALA C 249 6.12 -11.51 15.74
N LEU C 250 5.03 -11.04 16.35
CA LEU C 250 3.80 -10.79 15.60
C LEU C 250 4.03 -9.77 14.49
N GLU C 251 4.78 -8.72 14.79
CA GLU C 251 5.07 -7.68 13.81
C GLU C 251 5.89 -8.26 12.66
N LEU C 252 6.90 -9.06 12.99
CA LEU C 252 7.76 -9.67 11.97
C LEU C 252 7.01 -10.66 11.07
N VAL C 253 6.14 -11.48 11.64
CA VAL C 253 5.42 -12.44 10.82
C VAL C 253 4.36 -11.75 9.98
N LYS C 254 3.79 -10.68 10.51
CA LYS C 254 2.76 -9.95 9.77
C LYS C 254 3.36 -9.32 8.52
N LYS C 255 4.62 -8.91 8.61
CA LYS C 255 5.31 -8.27 7.49
C LYS C 255 6.21 -9.20 6.67
N GLY C 256 6.27 -10.48 7.05
CA GLY C 256 7.11 -11.43 6.35
C GLY C 256 8.55 -10.93 6.29
N THR C 257 8.98 -10.34 7.40
CA THR C 257 10.31 -9.75 7.52
C THR C 257 11.48 -10.74 7.45
N VAL C 258 11.29 -11.93 8.01
CA VAL C 258 12.34 -12.93 8.03
C VAL C 258 11.81 -14.33 7.79
N ASP C 259 12.71 -15.30 7.65
CA ASP C 259 12.35 -16.70 7.41
C ASP C 259 12.33 -17.51 8.69
N VAL C 260 13.14 -17.10 9.65
CA VAL C 260 13.27 -17.81 10.92
C VAL C 260 13.48 -16.79 12.03
N ILE C 261 13.03 -17.13 13.23
CA ILE C 261 13.19 -16.26 14.39
C ILE C 261 13.94 -16.99 15.49
N ASN C 262 14.94 -16.32 16.06
CA ASN C 262 15.76 -16.88 17.12
C ASN C 262 15.20 -16.45 18.46
N ILE C 263 14.73 -17.42 19.23
CA ILE C 263 14.15 -17.18 20.54
C ILE C 263 15.24 -17.32 21.60
N LYS C 264 15.22 -16.42 22.57
CA LYS C 264 16.17 -16.47 23.69
C LYS C 264 15.36 -16.13 24.92
N LEU C 265 15.35 -17.02 25.91
CA LEU C 265 14.58 -16.79 27.12
C LEU C 265 15.00 -15.49 27.82
N MET C 266 16.26 -15.11 27.67
CA MET C 266 16.74 -13.88 28.31
C MET C 266 16.30 -12.64 27.53
N LYS C 267 15.73 -12.84 26.35
CA LYS C 267 15.24 -11.71 25.54
C LYS C 267 13.73 -11.54 25.75
N CYS C 268 13.02 -12.66 25.83
CA CYS C 268 11.56 -12.63 25.96
C CYS C 268 10.98 -12.66 27.37
N GLY C 269 11.80 -12.97 28.36
CA GLY C 269 11.30 -13.00 29.72
C GLY C 269 10.80 -14.36 30.18
N GLY C 270 11.33 -15.43 29.62
CA GLY C 270 10.92 -16.76 30.05
C GLY C 270 10.17 -17.64 29.06
N ILE C 271 9.92 -18.87 29.50
CA ILE C 271 9.22 -19.88 28.71
C ILE C 271 7.81 -19.47 28.32
N HIS C 272 7.09 -18.84 29.25
CA HIS C 272 5.73 -18.40 29.01
C HIS C 272 5.65 -17.55 27.73
N GLU C 273 6.56 -16.58 27.61
CA GLU C 273 6.57 -15.71 26.44
C GLU C 273 7.14 -16.43 25.22
N ALA C 274 8.14 -17.27 25.44
CA ALA C 274 8.77 -18.02 24.35
C ALA C 274 7.76 -18.91 23.64
N LEU C 275 6.83 -19.48 24.41
CA LEU C 275 5.80 -20.34 23.83
C LEU C 275 4.92 -19.52 22.90
N LYS C 276 4.61 -18.30 23.30
CA LYS C 276 3.81 -17.39 22.48
C LYS C 276 4.52 -17.12 21.16
N ILE C 277 5.80 -16.77 21.24
CA ILE C 277 6.59 -16.48 20.05
C ILE C 277 6.57 -17.67 19.09
N ASN C 278 6.88 -18.86 19.61
CA ASN C 278 6.91 -20.03 18.76
C ASN C 278 5.57 -20.35 18.11
N GLN C 279 4.47 -20.20 18.85
CA GLN C 279 3.16 -20.52 18.27
C GLN C 279 2.74 -19.46 17.24
N ILE C 280 3.16 -18.22 17.45
CA ILE C 280 2.84 -17.17 16.50
C ILE C 280 3.61 -17.49 15.22
N CYS C 281 4.89 -17.83 15.37
CA CYS C 281 5.73 -18.17 14.21
C CYS C 281 5.23 -19.39 13.47
N GLU C 282 4.95 -20.45 14.22
CA GLU C 282 4.47 -21.69 13.63
C GLU C 282 3.21 -21.46 12.79
N THR C 283 2.31 -20.63 13.30
CA THR C 283 1.07 -20.32 12.59
C THR C 283 1.35 -19.68 11.23
N ALA C 284 2.42 -18.89 11.15
CA ALA C 284 2.79 -18.21 9.91
C ALA C 284 3.78 -19.01 9.06
N GLY C 285 4.08 -20.24 9.46
CA GLY C 285 5.01 -21.05 8.70
C GLY C 285 6.46 -20.64 8.86
N ILE C 286 6.76 -20.00 10.00
CA ILE C 286 8.10 -19.54 10.31
C ILE C 286 8.65 -20.41 11.43
N GLU C 287 9.78 -21.06 11.18
CA GLU C 287 10.39 -21.90 12.19
C GLU C 287 11.18 -21.06 13.18
N CYS C 288 11.48 -21.64 14.33
CA CYS C 288 12.24 -20.93 15.36
C CYS C 288 13.47 -21.70 15.77
N MET C 289 14.49 -20.95 16.17
CA MET C 289 15.71 -21.54 16.68
C MET C 289 15.74 -21.01 18.10
N ILE C 290 16.34 -21.76 19.02
CA ILE C 290 16.43 -21.24 20.38
C ILE C 290 17.91 -21.02 20.61
N GLY C 291 18.24 -19.85 21.15
CA GLY C 291 19.63 -19.52 21.40
C GLY C 291 19.88 -19.25 22.87
N CYS C 292 21.01 -18.60 23.16
CA CYS C 292 21.37 -18.31 24.53
C CYS C 292 22.26 -17.07 24.63
N MET C 293 22.41 -16.58 25.86
CA MET C 293 23.26 -15.43 26.13
C MET C 293 24.59 -15.93 26.67
N ALA C 294 25.65 -15.16 26.45
CA ALA C 294 26.97 -15.53 26.92
C ALA C 294 27.03 -15.56 28.44
N GLU C 295 26.11 -14.85 29.09
CA GLU C 295 26.06 -14.77 30.54
C GLU C 295 25.29 -15.90 31.22
N GLU C 296 24.64 -16.76 30.44
CA GLU C 296 23.87 -17.87 30.99
C GLU C 296 24.69 -19.09 31.29
N THR C 297 24.15 -19.95 32.15
CA THR C 297 24.83 -21.18 32.51
C THR C 297 23.84 -22.35 32.49
N THR C 298 24.15 -23.40 33.25
CA THR C 298 23.34 -24.61 33.30
C THR C 298 21.82 -24.45 33.36
N ILE C 299 21.33 -23.65 34.30
CA ILE C 299 19.89 -23.45 34.46
C ILE C 299 19.21 -22.91 33.21
N GLY C 300 19.71 -21.79 32.69
CA GLY C 300 19.12 -21.20 31.50
C GLY C 300 19.16 -22.10 30.28
N ILE C 301 20.30 -22.76 30.07
CA ILE C 301 20.45 -23.66 28.93
C ILE C 301 19.50 -24.86 29.05
N THR C 302 19.40 -25.42 30.25
CA THR C 302 18.53 -26.57 30.48
C THR C 302 17.07 -26.22 30.19
N ALA C 303 16.63 -25.07 30.71
CA ALA C 303 15.26 -24.63 30.50
C ALA C 303 14.99 -24.49 29.01
N ALA C 304 15.95 -23.89 28.29
CA ALA C 304 15.82 -23.70 26.86
C ALA C 304 15.82 -25.03 26.11
N ALA C 305 16.61 -25.99 26.59
CA ALA C 305 16.69 -27.29 25.96
C ALA C 305 15.37 -28.05 26.08
N HIS C 306 14.72 -27.94 27.24
CA HIS C 306 13.45 -28.62 27.46
C HIS C 306 12.38 -28.03 26.55
N LEU C 307 12.39 -26.70 26.41
CA LEU C 307 11.42 -26.03 25.56
C LEU C 307 11.60 -26.42 24.09
N ALA C 308 12.85 -26.42 23.63
CA ALA C 308 13.15 -26.76 22.25
C ALA C 308 12.81 -28.22 21.94
N ALA C 309 13.07 -29.10 22.90
CA ALA C 309 12.78 -30.51 22.71
C ALA C 309 11.26 -30.72 22.60
N ALA C 310 10.53 -30.01 23.45
CA ALA C 310 9.08 -30.13 23.51
C ALA C 310 8.29 -29.60 22.33
N GLN C 311 8.80 -28.54 21.71
CA GLN C 311 8.12 -27.90 20.59
C GLN C 311 8.64 -28.25 19.19
N LYS C 312 7.75 -28.78 18.36
CA LYS C 312 8.12 -29.18 17.00
C LYS C 312 8.67 -28.03 16.15
N ASN C 313 8.04 -26.86 16.25
CA ASN C 313 8.47 -25.72 15.44
C ASN C 313 9.81 -25.10 15.81
N ILE C 314 10.36 -25.45 16.97
CA ILE C 314 11.68 -24.95 17.34
C ILE C 314 12.58 -26.04 16.77
N THR C 315 12.98 -25.84 15.51
CA THR C 315 13.77 -26.80 14.75
C THR C 315 15.29 -26.70 14.78
N ARG C 316 15.80 -25.62 15.35
CA ARG C 316 17.24 -25.42 15.43
C ARG C 316 17.59 -25.02 16.85
N ALA C 317 18.83 -25.23 17.24
CA ALA C 317 19.27 -24.90 18.58
C ALA C 317 20.73 -24.43 18.58
N ASP C 318 20.97 -23.36 19.33
CA ASP C 318 22.29 -22.77 19.49
C ASP C 318 22.43 -22.60 21.00
N LEU C 319 22.63 -23.72 21.69
CA LEU C 319 22.75 -23.74 23.15
C LEU C 319 24.11 -24.30 23.51
N ASP C 320 25.13 -23.46 23.43
CA ASP C 320 26.50 -23.88 23.71
C ASP C 320 27.15 -23.10 24.85
N ALA C 321 26.35 -22.40 25.64
CA ALA C 321 26.89 -21.61 26.75
C ALA C 321 27.62 -22.41 27.81
N THR C 322 27.15 -23.61 28.11
CA THR C 322 27.81 -24.43 29.12
C THR C 322 29.16 -24.97 28.68
N PHE C 323 29.40 -25.01 27.38
CA PHE C 323 30.66 -25.54 26.85
C PHE C 323 31.88 -24.69 27.22
N GLY C 324 31.66 -23.41 27.48
CA GLY C 324 32.76 -22.53 27.83
C GLY C 324 32.90 -22.27 29.32
N LEU C 325 32.24 -23.09 30.13
CA LEU C 325 32.30 -22.93 31.58
C LEU C 325 33.24 -23.97 32.19
N GLU C 326 33.91 -23.59 33.27
CA GLU C 326 34.83 -24.52 33.94
C GLU C 326 34.08 -25.32 35.00
N THR C 327 33.03 -24.73 35.55
CA THR C 327 32.23 -25.39 36.57
C THR C 327 30.74 -25.07 36.38
N ALA C 328 29.89 -25.76 37.12
CA ALA C 328 28.45 -25.54 37.05
C ALA C 328 27.95 -25.06 38.42
N PRO C 329 27.02 -24.11 38.42
CA PRO C 329 26.46 -23.57 39.67
C PRO C 329 25.46 -24.52 40.33
N VAL C 330 25.07 -25.56 39.60
CA VAL C 330 24.11 -26.52 40.12
C VAL C 330 24.42 -27.94 39.62
N THR C 331 23.68 -28.90 40.16
CA THR C 331 23.85 -30.30 39.78
C THR C 331 22.76 -30.70 38.80
N GLY C 332 23.13 -31.46 37.77
CA GLY C 332 22.15 -31.91 36.80
C GLY C 332 21.95 -30.95 35.64
N GLY C 333 20.93 -31.21 34.84
CA GLY C 333 20.66 -30.36 33.69
C GLY C 333 21.67 -30.67 32.59
N VAL C 334 21.77 -29.78 31.61
CA VAL C 334 22.72 -29.96 30.51
C VAL C 334 24.12 -29.84 31.08
N SER C 335 24.98 -30.81 30.76
CA SER C 335 26.35 -30.80 31.29
C SER C 335 27.23 -29.79 30.59
N LEU C 336 28.44 -29.63 31.12
CA LEU C 336 29.43 -28.70 30.59
C LEU C 336 30.16 -29.28 29.38
N GLU C 337 29.97 -30.57 29.13
CA GLU C 337 30.65 -31.22 28.00
C GLU C 337 30.22 -30.65 26.65
N ALA C 338 31.20 -30.42 25.78
CA ALA C 338 30.94 -29.89 24.45
C ALA C 338 30.55 -31.04 23.52
N LYS C 339 29.25 -31.29 23.43
CA LYS C 339 28.70 -32.36 22.58
C LYS C 339 27.47 -31.82 21.86
N PRO C 340 27.19 -32.32 20.65
CA PRO C 340 26.03 -31.88 19.87
C PRO C 340 24.69 -32.32 20.46
N LEU C 341 24.65 -33.52 21.02
CA LEU C 341 23.42 -34.05 21.59
C LEU C 341 23.17 -33.70 23.04
N LEU C 342 22.00 -33.14 23.33
CA LEU C 342 21.61 -32.79 24.68
C LEU C 342 20.41 -33.65 25.06
N GLU C 343 20.65 -34.68 25.86
CA GLU C 343 19.58 -35.59 26.30
C GLU C 343 19.06 -35.13 27.66
N LEU C 344 17.74 -34.97 27.75
CA LEU C 344 17.12 -34.48 28.98
C LEU C 344 16.82 -35.44 30.13
N GLY C 345 16.53 -36.69 29.83
CA GLY C 345 16.25 -37.64 30.90
C GLY C 345 14.83 -37.60 31.45
N GLU C 346 14.57 -38.41 32.47
CA GLU C 346 13.24 -38.49 33.07
C GLU C 346 13.05 -37.78 34.41
N ALA C 347 14.07 -37.07 34.89
CA ALA C 347 13.94 -36.36 36.16
C ALA C 347 12.86 -35.29 36.03
N ALA C 348 12.13 -35.05 37.12
CA ALA C 348 11.06 -34.06 37.12
C ALA C 348 11.58 -32.64 36.88
N GLY C 349 10.71 -31.78 36.35
CA GLY C 349 11.11 -30.41 36.08
C GLY C 349 12.37 -30.30 35.23
N LEU C 350 13.30 -29.45 35.66
CA LEU C 350 14.55 -29.26 34.93
C LEU C 350 15.55 -30.38 35.17
N GLY C 351 15.27 -31.23 36.16
CA GLY C 351 16.19 -32.30 36.48
C GLY C 351 17.45 -31.74 37.10
N ILE C 352 17.30 -30.62 37.80
CA ILE C 352 18.42 -29.93 38.45
C ILE C 352 18.31 -29.92 39.97
N SER C 353 19.45 -30.07 40.64
CA SER C 353 19.49 -30.06 42.11
C SER C 353 20.68 -29.21 42.57
N HIS C 354 20.74 -28.95 43.87
CA HIS C 354 21.81 -28.14 44.45
C HIS C 354 23.19 -28.52 43.92
N MET D 1 3.98 -42.49 29.72
CA MET D 1 2.66 -43.17 29.52
C MET D 1 2.39 -43.41 28.03
N LYS D 2 1.60 -44.43 27.74
CA LYS D 2 1.28 -44.79 26.36
C LYS D 2 -0.21 -45.06 26.19
N ILE D 3 -0.74 -44.63 25.05
CA ILE D 3 -2.16 -44.86 24.78
C ILE D 3 -2.31 -46.34 24.45
N LYS D 4 -3.23 -47.00 25.15
CA LYS D 4 -3.51 -48.42 24.96
C LYS D 4 -4.61 -48.65 23.95
N GLN D 5 -5.70 -47.88 24.07
CA GLN D 5 -6.85 -48.04 23.19
C GLN D 5 -7.73 -46.79 23.14
N VAL D 6 -8.50 -46.67 22.06
CA VAL D 6 -9.39 -45.54 21.88
C VAL D 6 -10.78 -46.04 21.51
N HIS D 7 -11.79 -45.61 22.27
CA HIS D 7 -13.18 -45.98 21.99
C HIS D 7 -13.98 -44.71 21.68
N VAL D 8 -15.02 -44.86 20.88
CA VAL D 8 -15.87 -43.73 20.53
C VAL D 8 -17.28 -44.26 20.37
N ARG D 9 -18.26 -43.45 20.76
CA ARG D 9 -19.66 -43.83 20.64
C ARG D 9 -20.49 -42.62 20.26
N ALA D 10 -21.59 -42.86 19.57
CA ALA D 10 -22.48 -41.78 19.18
C ALA D 10 -23.29 -41.49 20.44
N SER D 11 -23.57 -40.21 20.69
CA SER D 11 -24.34 -39.81 21.86
C SER D 11 -25.49 -38.92 21.39
N LYS D 12 -26.68 -39.15 21.95
CA LYS D 12 -27.85 -38.37 21.60
C LYS D 12 -28.58 -37.94 22.87
N ILE D 13 -28.52 -36.65 23.18
CA ILE D 13 -29.17 -36.13 24.37
C ILE D 13 -30.30 -35.20 23.95
N LYS D 14 -31.48 -35.43 24.51
CA LYS D 14 -32.64 -34.59 24.18
C LYS D 14 -32.47 -33.18 24.75
N LEU D 15 -32.82 -32.19 23.94
CA LEU D 15 -32.74 -30.79 24.35
C LEU D 15 -34.05 -30.37 25.01
N LYS D 16 -33.98 -29.52 26.02
CA LYS D 16 -35.17 -29.05 26.71
C LYS D 16 -36.04 -28.23 25.77
N GLU D 17 -35.42 -27.57 24.80
CA GLU D 17 -36.13 -26.74 23.83
C GLU D 17 -35.55 -26.98 22.43
N THR D 18 -36.41 -26.94 21.41
CA THR D 18 -35.98 -27.15 20.04
C THR D 18 -35.40 -25.86 19.45
N GLU D 27 -33.54 -30.78 17.95
CA GLU D 27 -34.32 -31.49 18.95
C GLU D 27 -33.42 -32.19 19.98
N SER D 28 -32.18 -32.46 19.58
CA SER D 28 -31.24 -33.13 20.48
C SER D 28 -29.81 -32.77 20.13
N ALA D 29 -28.90 -33.09 21.06
CA ALA D 29 -27.48 -32.83 20.88
C ALA D 29 -26.86 -34.17 20.47
N ASP D 30 -26.34 -34.23 19.25
CA ASP D 30 -25.72 -35.44 18.72
C ASP D 30 -24.23 -35.23 18.60
N SER D 31 -23.47 -36.02 19.33
CA SER D 31 -22.02 -35.87 19.31
C SER D 31 -21.33 -37.21 19.46
N ALA D 32 -20.02 -37.19 19.29
CA ALA D 32 -19.21 -38.38 19.43
C ALA D 32 -18.43 -38.26 20.73
N ILE D 33 -18.57 -39.25 21.61
CA ILE D 33 -17.86 -39.24 22.87
C ILE D 33 -16.73 -40.25 22.80
N VAL D 34 -15.54 -39.79 23.19
CA VAL D 34 -14.32 -40.58 23.14
C VAL D 34 -13.74 -40.90 24.51
N GLU D 35 -13.19 -42.11 24.63
CA GLU D 35 -12.52 -42.54 25.85
C GLU D 35 -11.16 -43.03 25.38
N ILE D 36 -10.09 -42.46 25.93
CA ILE D 36 -8.75 -42.90 25.59
C ILE D 36 -8.17 -43.49 26.87
N GLU D 37 -7.76 -44.74 26.81
CA GLU D 37 -7.20 -45.40 27.97
C GLU D 37 -5.72 -45.68 27.77
N THR D 38 -4.94 -45.49 28.83
CA THR D 38 -3.50 -45.72 28.78
C THR D 38 -3.18 -47.13 29.24
N GLU D 39 -1.97 -47.58 28.95
CA GLU D 39 -1.54 -48.92 29.34
C GLU D 39 -1.69 -49.12 30.85
N GLU D 40 -1.46 -48.08 31.63
CA GLU D 40 -1.56 -48.19 33.08
C GLU D 40 -2.96 -48.01 33.65
N GLY D 41 -3.96 -47.88 32.77
CA GLY D 41 -5.33 -47.77 33.25
C GLY D 41 -6.03 -46.42 33.37
N LEU D 42 -5.36 -45.32 33.06
CA LEU D 42 -6.01 -44.03 33.14
C LEU D 42 -6.92 -43.86 31.94
N VAL D 43 -8.04 -43.18 32.14
CA VAL D 43 -9.00 -42.96 31.07
C VAL D 43 -9.36 -41.49 30.92
N GLY D 44 -9.12 -40.94 29.73
CA GLY D 44 -9.45 -39.55 29.46
C GLY D 44 -10.68 -39.47 28.57
N TYR D 45 -11.49 -38.44 28.78
CA TYR D 45 -12.72 -38.26 28.01
C TYR D 45 -12.66 -37.10 27.04
N GLY D 46 -13.22 -37.31 25.85
CA GLY D 46 -13.23 -36.27 24.84
C GLY D 46 -14.56 -36.24 24.13
N GLU D 47 -14.85 -35.14 23.45
CA GLU D 47 -16.11 -35.02 22.72
C GLU D 47 -15.91 -34.28 21.42
N GLY D 48 -16.62 -34.73 20.40
CA GLY D 48 -16.56 -34.09 19.10
C GLY D 48 -18.00 -33.70 18.80
N GLY D 49 -18.29 -32.40 18.86
CA GLY D 49 -19.64 -31.95 18.59
C GLY D 49 -19.74 -31.37 17.20
N PRO D 50 -20.26 -32.14 16.23
CA PRO D 50 -20.36 -31.62 14.87
C PRO D 50 -21.26 -30.39 14.83
N GLY D 51 -21.39 -29.82 13.65
CA GLY D 51 -22.22 -28.64 13.45
C GLY D 51 -22.21 -28.50 11.95
N ILE D 52 -23.04 -29.29 11.29
CA ILE D 52 -23.10 -29.29 9.84
C ILE D 52 -23.31 -27.91 9.25
N PHE D 53 -24.17 -27.11 9.87
CA PHE D 53 -24.45 -25.76 9.37
C PHE D 53 -23.34 -24.74 9.69
N ILE D 54 -22.37 -25.12 10.51
CA ILE D 54 -21.27 -24.21 10.84
C ILE D 54 -19.93 -24.65 10.26
N THR D 55 -19.58 -25.92 10.47
CA THR D 55 -18.30 -26.46 9.99
C THR D 55 -18.46 -27.48 8.86
N GLY D 56 -19.68 -27.98 8.69
CA GLY D 56 -19.95 -28.96 7.65
C GLY D 56 -19.76 -30.39 8.15
N GLU D 57 -19.27 -30.53 9.37
CA GLU D 57 -19.04 -31.85 9.92
C GLU D 57 -20.30 -32.57 10.37
N THR D 58 -20.35 -33.86 10.05
CA THR D 58 -21.47 -34.71 10.39
C THR D 58 -21.04 -35.69 11.47
N LEU D 59 -22.00 -36.29 12.15
CA LEU D 59 -21.66 -37.26 13.18
C LEU D 59 -21.01 -38.49 12.52
N ALA D 60 -21.56 -38.93 11.39
CA ALA D 60 -21.01 -40.10 10.72
C ALA D 60 -19.56 -39.87 10.29
N GLY D 61 -19.28 -38.68 9.76
CA GLY D 61 -17.92 -38.38 9.33
C GLY D 61 -16.99 -38.24 10.51
N THR D 62 -17.49 -37.64 11.58
CA THR D 62 -16.71 -37.44 12.79
C THR D 62 -16.36 -38.78 13.42
N LEU D 63 -17.32 -39.70 13.46
CA LEU D 63 -17.06 -41.02 14.02
C LEU D 63 -15.99 -41.75 13.22
N GLU D 64 -16.14 -41.75 11.89
CA GLU D 64 -15.18 -42.43 11.03
C GLU D 64 -13.78 -41.84 11.19
N THR D 65 -13.69 -40.51 11.24
CA THR D 65 -12.39 -39.86 11.38
C THR D 65 -11.76 -40.20 12.72
N ILE D 66 -12.55 -40.14 13.80
CA ILE D 66 -12.01 -40.46 15.11
C ILE D 66 -11.44 -41.87 15.15
N GLU D 67 -12.14 -42.81 14.52
CA GLU D 67 -11.66 -44.19 14.49
C GLU D 67 -10.27 -44.27 13.84
N LEU D 68 -10.09 -43.53 12.74
CA LEU D 68 -8.82 -43.50 12.04
C LEU D 68 -7.73 -42.90 12.93
N PHE D 69 -8.08 -41.82 13.62
CA PHE D 69 -7.14 -41.16 14.52
C PHE D 69 -6.76 -42.12 15.65
N GLY D 70 -7.77 -42.79 16.21
CA GLY D 70 -7.54 -43.73 17.29
C GLY D 70 -6.49 -44.76 16.98
N GLN D 71 -6.61 -45.39 15.81
CA GLN D 71 -5.68 -46.42 15.38
C GLN D 71 -4.27 -45.87 15.23
N ALA D 72 -4.16 -44.64 14.75
CA ALA D 72 -2.86 -44.03 14.53
C ALA D 72 -2.12 -43.55 15.78
N ILE D 73 -2.83 -43.33 16.88
CA ILE D 73 -2.17 -42.84 18.08
C ILE D 73 -1.89 -43.88 19.16
N ILE D 74 -2.20 -45.14 18.87
CA ILE D 74 -1.94 -46.19 19.83
C ILE D 74 -0.42 -46.22 20.04
N GLY D 75 -0.01 -46.26 21.30
CA GLY D 75 1.41 -46.29 21.61
C GLY D 75 2.03 -44.93 21.88
N LEU D 76 1.36 -43.86 21.49
CA LEU D 76 1.89 -42.52 21.69
C LEU D 76 1.63 -42.03 23.11
N ASN D 77 2.41 -41.04 23.54
CA ASN D 77 2.27 -40.45 24.87
C ASN D 77 1.30 -39.28 24.79
N PRO D 78 0.26 -39.26 25.63
CA PRO D 78 -0.72 -38.17 25.61
C PRO D 78 -0.08 -36.79 25.77
N PHE D 79 1.07 -36.73 26.45
CA PHE D 79 1.75 -35.47 26.66
C PHE D 79 2.38 -34.97 25.37
N ASN D 80 2.59 -35.87 24.41
CA ASN D 80 3.16 -35.47 23.13
C ASN D 80 2.01 -34.93 22.31
N ILE D 81 1.38 -33.86 22.81
CA ILE D 81 0.26 -33.25 22.13
C ILE D 81 0.69 -32.66 20.79
N GLU D 82 1.99 -32.38 20.67
CA GLU D 82 2.57 -31.86 19.43
C GLU D 82 2.47 -32.95 18.36
N LYS D 83 2.94 -34.15 18.67
CA LYS D 83 2.86 -35.24 17.71
C LYS D 83 1.43 -35.70 17.48
N ILE D 84 0.62 -35.70 18.54
CA ILE D 84 -0.77 -36.15 18.39
C ILE D 84 -1.45 -35.29 17.32
N HIS D 85 -1.27 -33.98 17.38
CA HIS D 85 -1.90 -33.13 16.37
C HIS D 85 -1.24 -33.29 15.01
N GLU D 86 0.06 -33.58 15.01
CA GLU D 86 0.79 -33.79 13.76
C GLU D 86 0.20 -35.00 13.03
N VAL D 87 -0.01 -36.08 13.78
CA VAL D 87 -0.58 -37.30 13.22
C VAL D 87 -1.99 -37.06 12.69
N MET D 88 -2.81 -36.37 13.47
CA MET D 88 -4.17 -36.10 13.04
C MET D 88 -4.22 -35.21 11.79
N ASP D 89 -3.33 -34.23 11.70
CA ASP D 89 -3.31 -33.36 10.53
C ASP D 89 -2.83 -34.10 9.28
N LYS D 90 -1.97 -35.10 9.47
CA LYS D 90 -1.48 -35.89 8.33
C LYS D 90 -2.62 -36.77 7.80
N ILE D 91 -3.45 -37.27 8.72
CA ILE D 91 -4.56 -38.13 8.36
C ILE D 91 -5.72 -37.36 7.72
N SER D 92 -6.13 -36.26 8.35
CA SER D 92 -7.23 -35.45 7.83
C SER D 92 -6.90 -33.98 7.63
N ALA D 93 -7.19 -33.49 6.44
CA ALA D 93 -6.95 -32.10 6.09
C ALA D 93 -7.92 -31.15 6.79
N PHE D 94 -9.03 -31.68 7.27
CA PHE D 94 -10.03 -30.87 7.95
C PHE D 94 -11.06 -31.70 8.70
N ALA D 95 -11.04 -31.60 10.03
CA ALA D 95 -11.98 -32.34 10.88
C ALA D 95 -11.83 -31.82 12.31
N PRO D 96 -12.17 -30.53 12.54
CA PRO D 96 -12.05 -29.96 13.89
C PRO D 96 -12.80 -30.70 15.01
N ALA D 97 -13.98 -31.25 14.73
CA ALA D 97 -14.73 -31.96 15.77
C ALA D 97 -14.00 -33.23 16.17
N ALA D 98 -13.53 -33.98 15.18
CA ALA D 98 -12.80 -35.22 15.43
C ALA D 98 -11.48 -34.94 16.14
N LYS D 99 -10.77 -33.91 15.68
CA LYS D 99 -9.49 -33.55 16.30
C LYS D 99 -9.71 -33.07 17.74
N ALA D 100 -10.78 -32.31 17.95
CA ALA D 100 -11.09 -31.82 19.29
C ALA D 100 -11.41 -32.98 20.23
N ALA D 101 -12.09 -34.00 19.72
CA ALA D 101 -12.45 -35.14 20.55
C ALA D 101 -11.20 -35.82 21.10
N ILE D 102 -10.23 -36.07 20.22
CA ILE D 102 -8.96 -36.71 20.63
C ILE D 102 -8.17 -35.77 21.55
N ASP D 103 -8.02 -34.53 21.11
CA ASP D 103 -7.29 -33.51 21.86
C ASP D 103 -7.78 -33.36 23.31
N ILE D 104 -9.08 -33.21 23.49
CA ILE D 104 -9.63 -33.04 24.82
C ILE D 104 -9.33 -34.26 25.71
N ALA D 105 -9.49 -35.46 25.17
CA ALA D 105 -9.22 -36.66 25.94
C ALA D 105 -7.74 -36.73 26.35
N CYS D 106 -6.84 -36.28 25.47
CA CYS D 106 -5.43 -36.29 25.81
C CYS D 106 -5.14 -35.29 26.93
N TYR D 107 -5.77 -34.12 26.89
CA TYR D 107 -5.55 -33.15 27.96
C TYR D 107 -6.11 -33.67 29.27
N ASP D 108 -7.23 -34.39 29.20
CA ASP D 108 -7.84 -34.98 30.39
C ASP D 108 -6.81 -35.94 30.99
N LEU D 109 -6.22 -36.79 30.14
CA LEU D 109 -5.22 -37.75 30.60
C LEU D 109 -4.00 -37.06 31.19
N MET D 110 -3.57 -35.96 30.57
CA MET D 110 -2.41 -35.22 31.10
C MET D 110 -2.71 -34.81 32.54
N GLY D 111 -3.89 -34.25 32.77
CA GLY D 111 -4.26 -33.81 34.10
C GLY D 111 -4.30 -34.95 35.11
N GLN D 112 -4.85 -36.07 34.68
CA GLN D 112 -4.94 -37.23 35.57
C GLN D 112 -3.56 -37.77 35.92
N LYS D 113 -2.67 -37.85 34.94
CA LYS D 113 -1.33 -38.35 35.20
C LYS D 113 -0.57 -37.40 36.11
N ALA D 114 -0.73 -36.09 35.89
CA ALA D 114 -0.05 -35.09 36.71
C ALA D 114 -0.78 -34.88 38.03
N GLN D 115 -1.96 -35.49 38.13
CA GLN D 115 -2.81 -35.37 39.31
C GLN D 115 -3.12 -33.91 39.61
N LEU D 116 -3.59 -33.22 38.57
CA LEU D 116 -3.93 -31.81 38.66
C LEU D 116 -5.18 -31.51 37.86
N PRO D 117 -6.01 -30.58 38.33
CA PRO D 117 -7.22 -30.23 37.58
C PRO D 117 -6.68 -29.64 36.28
N LEU D 118 -7.37 -29.87 35.17
CA LEU D 118 -6.89 -29.37 33.89
C LEU D 118 -6.51 -27.89 33.84
N TYR D 119 -7.31 -27.02 34.47
CA TYR D 119 -7.00 -25.60 34.42
C TYR D 119 -5.61 -25.25 34.95
N GLN D 120 -5.05 -26.09 35.80
CA GLN D 120 -3.71 -25.83 36.33
C GLN D 120 -2.62 -26.06 35.28
N LEU D 121 -2.91 -26.90 34.29
CA LEU D 121 -1.95 -27.17 33.23
C LEU D 121 -2.10 -26.19 32.08
N LEU D 122 -3.16 -25.40 32.11
CA LEU D 122 -3.44 -24.46 31.02
C LEU D 122 -3.22 -22.98 31.32
N GLY D 123 -2.54 -22.67 32.41
CA GLY D 123 -2.31 -21.27 32.74
C GLY D 123 -2.60 -20.92 34.19
N GLY D 124 -3.54 -21.66 34.79
CA GLY D 124 -3.90 -21.47 36.17
C GLY D 124 -4.34 -20.12 36.69
N TYR D 125 -4.85 -19.26 35.80
CA TYR D 125 -5.26 -17.92 36.23
C TYR D 125 -6.44 -17.91 37.21
N ASP D 126 -7.38 -18.83 37.03
CA ASP D 126 -8.53 -18.92 37.93
C ASP D 126 -9.04 -20.35 37.94
N ASN D 127 -9.96 -20.68 38.84
CA ASN D 127 -10.50 -22.02 38.94
C ASN D 127 -12.01 -22.02 38.77
N GLN D 128 -12.52 -20.95 38.17
CA GLN D 128 -13.95 -20.80 37.93
C GLN D 128 -14.16 -19.79 36.83
N VAL D 129 -15.30 -19.87 36.16
CA VAL D 129 -15.60 -18.94 35.10
C VAL D 129 -17.10 -18.61 35.10
N ILE D 130 -17.42 -17.37 34.75
CA ILE D 130 -18.80 -16.93 34.69
C ILE D 130 -19.28 -17.02 33.25
N THR D 131 -20.43 -17.66 33.05
CA THR D 131 -20.98 -17.80 31.70
C THR D 131 -22.30 -17.07 31.56
N ASP D 132 -22.63 -16.69 30.33
CA ASP D 132 -23.90 -16.05 30.06
C ASP D 132 -24.86 -17.20 29.80
N ILE D 133 -26.08 -16.88 29.39
CA ILE D 133 -27.03 -17.93 29.05
C ILE D 133 -27.79 -17.39 27.84
N THR D 134 -28.02 -18.26 26.87
CA THR D 134 -28.72 -17.88 25.65
C THR D 134 -30.22 -18.07 25.81
N LEU D 135 -30.99 -17.06 25.43
CA LEU D 135 -32.44 -17.15 25.50
C LEU D 135 -32.95 -17.65 24.15
N GLY D 136 -33.82 -18.65 24.18
CA GLY D 136 -34.36 -19.18 22.95
C GLY D 136 -35.25 -18.15 22.28
N ILE D 137 -35.15 -18.02 20.96
CA ILE D 137 -35.98 -17.06 20.24
C ILE D 137 -37.45 -17.39 20.42
N ASP D 138 -38.26 -16.36 20.61
CA ASP D 138 -39.70 -16.52 20.80
C ASP D 138 -40.34 -15.15 20.77
N GLU D 139 -41.60 -15.07 21.17
CA GLU D 139 -42.32 -13.80 21.18
C GLU D 139 -41.59 -12.87 22.16
N PRO D 140 -41.53 -11.57 21.86
CA PRO D 140 -40.85 -10.61 22.73
C PRO D 140 -41.28 -10.76 24.19
N ASN D 141 -42.56 -11.02 24.40
CA ASN D 141 -43.10 -11.19 25.75
C ASN D 141 -42.53 -12.42 26.43
N VAL D 142 -42.56 -13.54 25.71
CA VAL D 142 -42.05 -14.80 26.25
C VAL D 142 -40.56 -14.69 26.56
N MET D 143 -39.81 -14.06 25.65
CA MET D 143 -38.38 -13.89 25.84
C MET D 143 -38.09 -13.00 27.04
N ALA D 144 -38.91 -11.97 27.23
CA ALA D 144 -38.73 -11.06 28.36
C ALA D 144 -39.02 -11.79 29.65
N GLN D 145 -40.04 -12.65 29.62
CA GLN D 145 -40.44 -13.43 30.79
C GLN D 145 -39.33 -14.40 31.19
N LYS D 146 -38.66 -14.98 30.21
CA LYS D 146 -37.58 -15.92 30.48
C LYS D 146 -36.34 -15.17 30.94
N ALA D 147 -36.16 -13.95 30.44
CA ALA D 147 -35.01 -13.14 30.82
C ALA D 147 -35.08 -12.87 32.32
N VAL D 148 -36.28 -12.57 32.80
CA VAL D 148 -36.47 -12.31 34.22
C VAL D 148 -36.13 -13.57 35.00
N GLU D 149 -36.58 -14.71 34.49
CA GLU D 149 -36.32 -16.00 35.12
C GLU D 149 -34.82 -16.26 35.23
N LYS D 150 -34.10 -16.06 34.14
CA LYS D 150 -32.66 -16.28 34.12
C LYS D 150 -31.93 -15.35 35.08
N VAL D 151 -32.34 -14.08 35.10
CA VAL D 151 -31.73 -13.10 35.99
C VAL D 151 -31.99 -13.53 37.44
N LYS D 152 -33.14 -14.16 37.67
CA LYS D 152 -33.51 -14.63 39.00
C LYS D 152 -32.54 -15.74 39.41
N LEU D 153 -31.99 -16.44 38.42
CA LEU D 153 -31.05 -17.52 38.67
C LEU D 153 -29.63 -17.02 38.92
N GLY D 154 -29.42 -15.72 38.72
CA GLY D 154 -28.11 -15.14 38.94
C GLY D 154 -27.36 -14.69 37.70
N PHE D 155 -27.90 -14.99 36.52
CA PHE D 155 -27.25 -14.59 35.27
C PHE D 155 -27.27 -13.07 35.09
N ASP D 156 -26.10 -12.49 34.88
CA ASP D 156 -25.98 -11.05 34.68
C ASP D 156 -25.77 -10.69 33.20
N THR D 157 -25.59 -11.72 32.37
CA THR D 157 -25.40 -11.52 30.94
C THR D 157 -26.29 -12.46 30.15
N LEU D 158 -27.09 -11.90 29.24
CA LEU D 158 -27.99 -12.70 28.42
C LEU D 158 -27.60 -12.60 26.96
N LYS D 159 -27.71 -13.71 26.25
CA LYS D 159 -27.36 -13.75 24.83
C LYS D 159 -28.59 -14.11 23.99
N ILE D 160 -28.79 -13.39 22.90
CA ILE D 160 -29.92 -13.67 22.02
C ILE D 160 -29.52 -13.53 20.56
N LYS D 161 -30.15 -14.35 19.71
CA LYS D 161 -29.86 -14.32 18.29
C LYS D 161 -30.65 -13.21 17.62
N VAL D 162 -30.04 -12.55 16.64
CA VAL D 162 -30.69 -11.49 15.90
C VAL D 162 -30.43 -11.74 14.42
N GLY D 163 -30.87 -10.82 13.57
CA GLY D 163 -30.68 -10.97 12.14
C GLY D 163 -31.85 -11.69 11.49
N THR D 164 -32.95 -11.80 12.24
CA THR D 164 -34.16 -12.46 11.75
C THR D 164 -35.13 -11.43 11.20
N GLY D 165 -34.72 -10.17 11.21
CA GLY D 165 -35.56 -9.09 10.73
C GLY D 165 -35.47 -7.97 11.75
N ILE D 166 -35.02 -6.79 11.31
CA ILE D 166 -34.85 -5.65 12.19
C ILE D 166 -36.01 -5.40 13.16
N GLU D 167 -37.23 -5.34 12.65
CA GLU D 167 -38.39 -5.10 13.51
C GLU D 167 -38.56 -6.17 14.58
N ALA D 168 -38.40 -7.43 14.20
CA ALA D 168 -38.51 -8.54 15.14
C ALA D 168 -37.39 -8.46 16.16
N ASP D 169 -36.19 -8.16 15.68
CA ASP D 169 -35.01 -8.05 16.55
C ASP D 169 -35.22 -6.97 17.60
N ILE D 170 -35.61 -5.78 17.16
CA ILE D 170 -35.83 -4.66 18.05
C ILE D 170 -36.93 -4.95 19.07
N ALA D 171 -38.03 -5.55 18.62
CA ALA D 171 -39.14 -5.87 19.49
C ALA D 171 -38.69 -6.75 20.65
N ARG D 172 -37.89 -7.76 20.34
CA ARG D 172 -37.39 -8.67 21.36
C ARG D 172 -36.44 -7.98 22.33
N VAL D 173 -35.46 -7.26 21.80
CA VAL D 173 -34.50 -6.54 22.64
C VAL D 173 -35.22 -5.53 23.52
N LYS D 174 -36.17 -4.81 22.94
CA LYS D 174 -36.94 -3.82 23.68
C LYS D 174 -37.67 -4.47 24.84
N ALA D 175 -38.36 -5.57 24.56
CA ALA D 175 -39.10 -6.30 25.59
C ALA D 175 -38.19 -6.75 26.71
N ILE D 176 -37.10 -7.42 26.35
CA ILE D 176 -36.14 -7.92 27.32
C ILE D 176 -35.51 -6.82 28.17
N ARG D 177 -34.96 -5.80 27.49
CA ARG D 177 -34.33 -4.69 28.18
C ARG D 177 -35.27 -3.97 29.14
N GLU D 178 -36.51 -3.83 28.73
CA GLU D 178 -37.52 -3.15 29.55
C GLU D 178 -37.91 -3.96 30.77
N ALA D 179 -37.86 -5.28 30.65
CA ALA D 179 -38.25 -6.17 31.75
C ALA D 179 -37.15 -6.42 32.78
N VAL D 180 -35.89 -6.37 32.37
CA VAL D 180 -34.78 -6.64 33.28
C VAL D 180 -33.93 -5.42 33.65
N GLY D 181 -34.17 -4.30 32.96
CA GLY D 181 -33.40 -3.10 33.27
C GLY D 181 -32.09 -3.04 32.50
N PHE D 182 -31.27 -2.04 32.81
CA PHE D 182 -29.99 -1.84 32.15
C PHE D 182 -28.76 -2.41 32.85
N ASP D 183 -28.96 -3.05 33.99
CA ASP D 183 -27.84 -3.62 34.72
C ASP D 183 -27.43 -4.94 34.07
N ILE D 184 -28.36 -5.54 33.33
CA ILE D 184 -28.11 -6.80 32.66
C ILE D 184 -27.44 -6.58 31.32
N LYS D 185 -26.30 -7.23 31.11
CA LYS D 185 -25.57 -7.10 29.85
C LYS D 185 -26.22 -7.96 28.78
N LEU D 186 -26.33 -7.41 27.58
CA LEU D 186 -26.94 -8.13 26.48
C LEU D 186 -25.98 -8.25 25.30
N ARG D 187 -25.67 -9.48 24.92
CA ARG D 187 -24.80 -9.68 23.77
C ARG D 187 -25.65 -10.35 22.71
N LEU D 188 -25.50 -9.90 21.47
CA LEU D 188 -26.28 -10.43 20.37
C LEU D 188 -25.41 -11.20 19.39
N ASP D 189 -26.00 -12.20 18.75
CA ASP D 189 -25.28 -12.98 17.75
C ASP D 189 -26.09 -12.82 16.47
N ALA D 190 -25.52 -12.13 15.48
CA ALA D 190 -26.20 -11.88 14.22
C ALA D 190 -26.12 -13.04 13.23
N ASN D 191 -25.37 -14.07 13.58
CA ASN D 191 -25.24 -15.26 12.75
C ASN D 191 -25.08 -15.02 11.25
N GLN D 192 -24.11 -14.17 10.88
CA GLN D 192 -23.81 -13.86 9.47
C GLN D 192 -25.02 -13.42 8.65
N ALA D 193 -26.02 -12.83 9.31
CA ALA D 193 -27.24 -12.44 8.62
C ALA D 193 -27.24 -11.22 7.72
N TRP D 194 -26.36 -10.26 7.97
CA TRP D 194 -26.39 -9.02 7.20
C TRP D 194 -25.24 -8.71 6.25
N THR D 195 -25.54 -7.82 5.29
CA THR D 195 -24.52 -7.35 4.36
C THR D 195 -23.84 -6.30 5.24
N PRO D 196 -22.63 -5.85 4.88
CA PRO D 196 -21.93 -4.85 5.70
C PRO D 196 -22.69 -3.57 6.03
N LYS D 197 -23.25 -2.91 5.02
CA LYS D 197 -23.96 -1.68 5.28
C LYS D 197 -25.28 -1.90 6.01
N ASP D 198 -25.94 -3.03 5.76
CA ASP D 198 -27.20 -3.33 6.46
C ASP D 198 -26.86 -3.57 7.93
N ALA D 199 -25.71 -4.21 8.16
CA ALA D 199 -25.26 -4.50 9.53
C ALA D 199 -25.06 -3.22 10.34
N VAL D 200 -24.41 -2.23 9.73
CA VAL D 200 -24.17 -0.98 10.44
C VAL D 200 -25.51 -0.36 10.81
N LYS D 201 -26.45 -0.38 9.87
CA LYS D 201 -27.78 0.18 10.09
C LYS D 201 -28.51 -0.52 11.24
N ALA D 202 -28.57 -1.85 11.18
CA ALA D 202 -29.24 -2.65 12.19
C ALA D 202 -28.62 -2.51 13.58
N ILE D 203 -27.30 -2.59 13.65
CA ILE D 203 -26.59 -2.49 14.91
C ILE D 203 -26.80 -1.15 15.60
N GLN D 204 -26.71 -0.05 14.85
CA GLN D 204 -26.88 1.27 15.44
C GLN D 204 -28.30 1.45 15.97
N ALA D 205 -29.25 0.74 15.38
CA ALA D 205 -30.64 0.82 15.82
C ALA D 205 -30.78 0.03 17.11
N LEU D 206 -30.10 -1.12 17.18
CA LEU D 206 -30.14 -1.97 18.36
C LEU D 206 -29.34 -1.36 19.50
N ALA D 207 -28.34 -0.56 19.15
CA ALA D 207 -27.45 0.09 20.11
C ALA D 207 -28.15 0.97 21.13
N ASP D 208 -29.37 1.42 20.84
CA ASP D 208 -30.11 2.27 21.75
C ASP D 208 -30.53 1.54 23.02
N TYR D 209 -30.51 0.22 22.98
CA TYR D 209 -30.90 -0.59 24.12
C TYR D 209 -29.69 -1.09 24.91
N GLN D 210 -28.55 -0.43 24.71
CA GLN D 210 -27.31 -0.77 25.41
C GLN D 210 -26.89 -2.20 25.12
N ILE D 211 -26.11 -2.39 24.06
CA ILE D 211 -25.64 -3.71 23.65
C ILE D 211 -24.17 -3.89 24.00
N GLU D 212 -23.84 -4.99 24.66
CA GLU D 212 -22.45 -5.26 25.02
C GLU D 212 -21.60 -5.53 23.79
N LEU D 213 -22.09 -6.39 22.91
CA LEU D 213 -21.36 -6.71 21.69
C LEU D 213 -22.25 -7.42 20.67
N VAL D 214 -21.82 -7.42 19.42
CA VAL D 214 -22.55 -8.09 18.35
C VAL D 214 -21.59 -9.09 17.71
N GLU D 215 -22.04 -10.34 17.65
CA GLU D 215 -21.25 -11.42 17.10
C GLU D 215 -21.50 -11.65 15.60
N GLN D 216 -20.42 -11.83 14.84
CA GLN D 216 -20.46 -12.14 13.41
C GLN D 216 -21.64 -11.54 12.64
N PRO D 217 -21.59 -10.22 12.41
CA PRO D 217 -22.69 -9.57 11.69
C PRO D 217 -22.77 -9.90 10.20
N VAL D 218 -21.66 -10.33 9.61
CA VAL D 218 -21.62 -10.64 8.18
C VAL D 218 -21.08 -12.05 7.90
N LYS D 219 -21.14 -12.47 6.64
CA LYS D 219 -20.64 -13.79 6.23
C LYS D 219 -19.20 -13.97 6.69
N ARG D 220 -18.86 -15.20 7.09
CA ARG D 220 -17.52 -15.51 7.58
C ARG D 220 -16.35 -15.18 6.67
N ARG D 221 -16.54 -15.33 5.36
CA ARG D 221 -15.47 -15.06 4.41
C ARG D 221 -15.32 -13.59 4.02
N ASP D 222 -16.29 -12.76 4.43
CA ASP D 222 -16.24 -11.35 4.09
C ASP D 222 -15.48 -10.56 5.16
N LEU D 223 -14.16 -10.73 5.18
CA LEU D 223 -13.33 -10.05 6.17
C LEU D 223 -13.28 -8.54 5.96
N GLU D 224 -13.32 -8.11 4.71
CA GLU D 224 -13.30 -6.68 4.42
C GLU D 224 -14.60 -6.08 4.94
N GLY D 225 -15.71 -6.80 4.72
CA GLY D 225 -17.00 -6.34 5.16
C GLY D 225 -17.07 -6.32 6.68
N LEU D 226 -16.49 -7.33 7.30
CA LEU D 226 -16.48 -7.41 8.76
C LEU D 226 -15.69 -6.24 9.34
N LYS D 227 -14.55 -5.92 8.74
CA LYS D 227 -13.73 -4.81 9.23
C LYS D 227 -14.49 -3.49 9.09
N TYR D 228 -15.25 -3.37 8.01
CA TYR D 228 -16.06 -2.17 7.76
C TYR D 228 -17.03 -1.96 8.92
N VAL D 229 -17.79 -2.99 9.25
CA VAL D 229 -18.76 -2.91 10.34
C VAL D 229 -18.07 -2.47 11.63
N THR D 230 -16.99 -3.15 11.97
CA THR D 230 -16.22 -2.85 13.17
C THR D 230 -15.80 -1.38 13.22
N SER D 231 -15.32 -0.86 12.10
CA SER D 231 -14.86 0.53 12.02
C SER D 231 -15.97 1.58 11.93
N GLN D 232 -17.20 1.15 11.67
CA GLN D 232 -18.31 2.11 11.55
C GLN D 232 -19.25 2.21 12.74
N VAL D 233 -19.20 1.24 13.65
CA VAL D 233 -20.08 1.29 14.82
C VAL D 233 -19.31 1.30 16.13
N ASN D 234 -19.91 1.89 17.16
CA ASN D 234 -19.28 1.97 18.48
C ASN D 234 -19.40 0.64 19.21
N THR D 235 -20.45 -0.11 18.89
CA THR D 235 -20.68 -1.40 19.51
C THR D 235 -19.52 -2.35 19.23
N THR D 236 -19.13 -3.09 20.26
CA THR D 236 -18.03 -4.06 20.14
C THR D 236 -18.44 -5.15 19.15
N ILE D 237 -17.56 -5.44 18.20
CA ILE D 237 -17.83 -6.48 17.20
C ILE D 237 -16.94 -7.70 17.45
N MET D 238 -17.55 -8.88 17.46
CA MET D 238 -16.81 -10.11 17.72
C MET D 238 -16.87 -11.07 16.53
N ALA D 239 -15.73 -11.68 16.21
CA ALA D 239 -15.70 -12.64 15.12
C ALA D 239 -15.98 -14.01 15.71
N ASP D 240 -16.81 -14.79 15.03
CA ASP D 240 -17.09 -16.15 15.47
C ASP D 240 -16.74 -17.03 14.29
N GLU D 241 -17.69 -17.23 13.38
CA GLU D 241 -17.46 -18.08 12.23
C GLU D 241 -16.26 -17.64 11.38
N SER D 242 -15.87 -16.37 11.46
CA SER D 242 -14.71 -15.91 10.68
C SER D 242 -13.40 -16.44 11.27
N CYS D 243 -13.46 -17.00 12.47
CA CYS D 243 -12.27 -17.56 13.09
C CYS D 243 -12.45 -19.00 13.51
N PHE D 244 -11.80 -19.91 12.78
CA PHE D 244 -11.86 -21.33 13.09
C PHE D 244 -10.57 -21.72 13.80
N ASP D 245 -9.44 -21.43 13.15
CA ASP D 245 -8.13 -21.81 13.70
C ASP D 245 -7.17 -20.64 13.92
N ALA D 246 -5.94 -20.98 14.32
CA ALA D 246 -4.91 -19.97 14.58
C ALA D 246 -4.56 -19.15 13.34
N GLN D 247 -4.59 -19.79 12.18
CA GLN D 247 -4.26 -19.06 10.96
C GLN D 247 -5.33 -18.00 10.70
N ASP D 248 -6.59 -18.31 11.03
CA ASP D 248 -7.65 -17.34 10.83
C ASP D 248 -7.45 -16.20 11.81
N ALA D 249 -7.10 -16.54 13.05
CA ALA D 249 -6.88 -15.52 14.07
C ALA D 249 -5.78 -14.56 13.65
N LEU D 250 -4.69 -15.10 13.15
CA LEU D 250 -3.57 -14.26 12.72
C LEU D 250 -4.01 -13.29 11.64
N GLU D 251 -4.83 -13.76 10.71
CA GLU D 251 -5.30 -12.90 9.64
C GLU D 251 -6.21 -11.80 10.18
N LEU D 252 -7.09 -12.16 11.10
CA LEU D 252 -8.01 -11.18 11.67
C LEU D 252 -7.29 -10.09 12.48
N VAL D 253 -6.32 -10.48 13.31
CA VAL D 253 -5.61 -9.48 14.10
C VAL D 253 -4.70 -8.64 13.21
N LYS D 254 -4.19 -9.26 12.15
CA LYS D 254 -3.30 -8.59 11.19
C LYS D 254 -4.02 -7.44 10.49
N LYS D 255 -5.26 -7.70 10.09
CA LYS D 255 -6.06 -6.71 9.38
C LYS D 255 -6.90 -5.82 10.31
N GLY D 256 -6.88 -6.13 11.61
CA GLY D 256 -7.67 -5.36 12.55
C GLY D 256 -9.15 -5.47 12.23
N THR D 257 -9.56 -6.66 11.85
CA THR D 257 -10.94 -6.93 11.45
C THR D 257 -12.01 -6.79 12.53
N VAL D 258 -11.69 -7.22 13.75
CA VAL D 258 -12.67 -7.16 14.84
C VAL D 258 -12.11 -6.71 16.18
N ASP D 259 -13.01 -6.53 17.14
CA ASP D 259 -12.67 -6.10 18.49
C ASP D 259 -12.38 -7.28 19.41
N VAL D 260 -13.09 -8.38 19.18
CA VAL D 260 -12.95 -9.57 20.00
C VAL D 260 -13.09 -10.81 19.12
N ILE D 261 -12.47 -11.91 19.54
CA ILE D 261 -12.58 -13.15 18.79
C ILE D 261 -13.17 -14.26 19.66
N ASN D 262 -14.15 -14.98 19.12
CA ASN D 262 -14.82 -16.06 19.85
C ASN D 262 -14.20 -17.39 19.47
N ILE D 263 -13.68 -18.08 20.49
CA ILE D 263 -13.05 -19.38 20.30
C ILE D 263 -14.05 -20.49 20.57
N LYS D 264 -13.97 -21.57 19.79
CA LYS D 264 -14.81 -22.74 20.00
C LYS D 264 -13.92 -23.95 19.71
N LEU D 265 -13.79 -24.82 20.72
CA LEU D 265 -12.97 -26.02 20.58
C LEU D 265 -13.37 -26.86 19.36
N MET D 266 -14.66 -26.87 19.06
CA MET D 266 -15.18 -27.64 17.93
C MET D 266 -14.90 -26.96 16.58
N LYS D 267 -14.44 -25.72 16.62
CA LYS D 267 -14.09 -25.00 15.40
C LYS D 267 -12.59 -25.14 15.14
N CYS D 268 -11.79 -25.11 16.21
CA CYS D 268 -10.33 -25.15 16.11
C CYS D 268 -9.67 -26.51 16.29
N GLY D 269 -10.44 -27.53 16.65
CA GLY D 269 -9.84 -28.84 16.81
C GLY D 269 -9.18 -29.10 18.15
N GLY D 270 -9.67 -28.47 19.21
CA GLY D 270 -9.11 -28.73 20.52
C GLY D 270 -8.39 -27.61 21.26
N ILE D 271 -8.01 -27.93 22.49
CA ILE D 271 -7.32 -27.00 23.38
C ILE D 271 -5.96 -26.54 22.82
N HIS D 272 -5.25 -27.45 22.17
CA HIS D 272 -3.94 -27.14 21.60
C HIS D 272 -3.99 -25.96 20.64
N GLU D 273 -4.97 -25.97 19.75
CA GLU D 273 -5.13 -24.89 18.78
C GLU D 273 -5.75 -23.66 19.43
N ALA D 274 -6.64 -23.87 20.39
CA ALA D 274 -7.29 -22.75 21.07
C ALA D 274 -6.26 -21.92 21.82
N LEU D 275 -5.26 -22.57 22.41
CA LEU D 275 -4.22 -21.83 23.12
C LEU D 275 -3.49 -20.90 22.16
N LYS D 276 -3.25 -21.38 20.94
CA LYS D 276 -2.56 -20.56 19.93
C LYS D 276 -3.41 -19.34 19.59
N ILE D 277 -4.70 -19.55 19.34
CA ILE D 277 -5.59 -18.44 19.01
C ILE D 277 -5.54 -17.40 20.12
N ASN D 278 -5.73 -17.83 21.36
CA ASN D 278 -5.70 -16.87 22.47
C ASN D 278 -4.39 -16.12 22.61
N GLN D 279 -3.26 -16.80 22.44
CA GLN D 279 -1.96 -16.13 22.56
C GLN D 279 -1.77 -15.11 21.44
N ILE D 280 -2.25 -15.45 20.24
CA ILE D 280 -2.15 -14.53 19.11
C ILE D 280 -2.99 -13.28 19.38
N CYS D 281 -4.21 -13.49 19.87
CA CYS D 281 -5.10 -12.37 20.16
C CYS D 281 -4.56 -11.50 21.28
N GLU D 282 -4.14 -12.14 22.36
CA GLU D 282 -3.60 -11.43 23.51
C GLU D 282 -2.40 -10.57 23.11
N THR D 283 -1.56 -11.10 22.22
CA THR D 283 -0.38 -10.36 21.76
C THR D 283 -0.79 -9.15 20.93
N ALA D 284 -1.91 -9.29 20.20
CA ALA D 284 -2.41 -8.19 19.38
C ALA D 284 -3.29 -7.23 20.19
N GLY D 285 -3.53 -7.56 21.46
CA GLY D 285 -4.36 -6.72 22.31
C GLY D 285 -5.85 -6.92 22.09
N ILE D 286 -6.19 -8.13 21.64
CA ILE D 286 -7.57 -8.52 21.37
C ILE D 286 -7.99 -9.59 22.37
N GLU D 287 -9.09 -9.34 23.08
CA GLU D 287 -9.59 -10.31 24.04
C GLU D 287 -10.36 -11.42 23.34
N CYS D 288 -10.47 -12.56 24.00
CA CYS D 288 -11.19 -13.69 23.43
C CYS D 288 -12.36 -14.11 24.30
N MET D 289 -13.36 -14.69 23.66
CA MET D 289 -14.49 -15.25 24.38
C MET D 289 -14.42 -16.70 23.96
N ILE D 290 -15.04 -17.59 24.73
CA ILE D 290 -15.06 -18.98 24.32
C ILE D 290 -16.52 -19.39 24.33
N GLY D 291 -16.95 -20.02 23.25
CA GLY D 291 -18.33 -20.43 23.14
C GLY D 291 -18.48 -21.93 23.02
N CYS D 292 -19.61 -22.36 22.49
CA CYS D 292 -19.88 -23.79 22.33
C CYS D 292 -20.83 -24.04 21.18
N MET D 293 -20.92 -25.31 20.78
CA MET D 293 -21.81 -25.72 19.70
C MET D 293 -23.12 -26.22 20.29
N ALA D 294 -24.18 -26.19 19.50
CA ALA D 294 -25.48 -26.66 19.96
C ALA D 294 -25.48 -28.17 20.10
N GLU D 295 -24.50 -28.83 19.48
CA GLU D 295 -24.41 -30.29 19.52
C GLU D 295 -23.50 -30.87 20.60
N GLU D 296 -22.77 -30.02 21.33
CA GLU D 296 -21.90 -30.57 22.36
C GLU D 296 -22.53 -30.61 23.74
N THR D 297 -21.90 -31.37 24.64
CA THR D 297 -22.44 -31.54 25.97
C THR D 297 -21.44 -31.33 27.10
N THR D 298 -21.60 -32.12 28.17
CA THR D 298 -20.75 -32.03 29.35
C THR D 298 -19.25 -31.96 29.13
N ILE D 299 -18.73 -32.90 28.35
CA ILE D 299 -17.29 -32.96 28.09
C ILE D 299 -16.75 -31.71 27.41
N GLY D 300 -17.36 -31.33 26.29
CA GLY D 300 -16.92 -30.14 25.57
C GLY D 300 -16.99 -28.87 26.40
N ILE D 301 -18.08 -28.71 27.16
CA ILE D 301 -18.26 -27.53 27.98
C ILE D 301 -17.24 -27.52 29.11
N THR D 302 -17.02 -28.68 29.72
CA THR D 302 -16.07 -28.79 30.82
C THR D 302 -14.66 -28.45 30.35
N ALA D 303 -14.25 -29.00 29.22
CA ALA D 303 -12.93 -28.73 28.68
C ALA D 303 -12.79 -27.23 28.43
N ALA D 304 -13.81 -26.64 27.80
CA ALA D 304 -13.78 -25.22 27.50
C ALA D 304 -13.71 -24.37 28.77
N ALA D 305 -14.45 -24.78 29.80
CA ALA D 305 -14.47 -24.04 31.06
C ALA D 305 -13.09 -24.03 31.70
N HIS D 306 -12.39 -25.16 31.68
CA HIS D 306 -11.05 -25.21 32.27
C HIS D 306 -10.12 -24.27 31.52
N LEU D 307 -10.21 -24.27 30.20
CA LEU D 307 -9.37 -23.40 29.38
C LEU D 307 -9.68 -21.93 29.65
N ALA D 308 -10.96 -21.61 29.75
CA ALA D 308 -11.39 -20.23 30.00
C ALA D 308 -10.91 -19.74 31.37
N ALA D 309 -11.03 -20.58 32.39
CA ALA D 309 -10.60 -20.18 33.73
C ALA D 309 -9.07 -20.05 33.78
N ALA D 310 -8.38 -20.89 33.03
CA ALA D 310 -6.93 -20.89 33.01
C ALA D 310 -6.26 -19.69 32.33
N GLN D 311 -6.87 -19.19 31.26
CA GLN D 311 -6.32 -18.06 30.49
C GLN D 311 -6.89 -16.70 30.78
N LYS D 312 -6.03 -15.76 31.16
CA LYS D 312 -6.45 -14.40 31.47
C LYS D 312 -7.14 -13.69 30.30
N ASN D 313 -6.60 -13.85 29.09
CA ASN D 313 -7.17 -13.17 27.93
C ASN D 313 -8.51 -13.72 27.44
N ILE D 314 -8.94 -14.86 27.98
CA ILE D 314 -10.25 -15.39 27.62
C ILE D 314 -11.12 -14.76 28.70
N THR D 315 -11.63 -13.58 28.40
CA THR D 315 -12.41 -12.78 29.34
C THR D 315 -13.92 -12.94 29.38
N ARG D 316 -14.47 -13.65 28.41
CA ARG D 316 -15.90 -13.88 28.36
C ARG D 316 -16.17 -15.35 28.09
N ALA D 317 -17.33 -15.83 28.50
CA ALA D 317 -17.70 -17.22 28.28
C ALA D 317 -19.18 -17.38 27.94
N ASP D 318 -19.44 -18.19 26.94
CA ASP D 318 -20.80 -18.50 26.50
C ASP D 318 -20.82 -20.02 26.46
N LEU D 319 -20.81 -20.62 27.66
CA LEU D 319 -20.79 -22.06 27.83
C LEU D 319 -22.04 -22.51 28.56
N ASP D 320 -23.17 -22.47 27.86
CA ASP D 320 -24.45 -22.81 28.45
C ASP D 320 -25.11 -24.09 27.93
N ALA D 321 -24.41 -24.85 27.10
CA ALA D 321 -24.99 -26.07 26.54
C ALA D 321 -25.58 -27.05 27.55
N THR D 322 -24.91 -27.28 28.68
CA THR D 322 -25.42 -28.23 29.66
C THR D 322 -26.75 -27.83 30.27
N PHE D 323 -27.03 -26.52 30.29
CA PHE D 323 -28.28 -26.01 30.86
C PHE D 323 -29.47 -26.38 29.99
N GLY D 324 -29.21 -26.68 28.71
CA GLY D 324 -30.29 -27.01 27.81
C GLY D 324 -30.52 -28.50 27.59
N LEU D 325 -29.77 -29.33 28.32
CA LEU D 325 -29.90 -30.79 28.20
C LEU D 325 -30.88 -31.40 29.20
N GLU D 326 -31.59 -32.42 28.77
CA GLU D 326 -32.56 -33.10 29.64
C GLU D 326 -31.80 -34.02 30.59
N THR D 327 -30.65 -34.50 30.14
CA THR D 327 -29.81 -35.39 30.94
C THR D 327 -28.33 -35.25 30.53
N ALA D 328 -27.44 -35.79 31.36
CA ALA D 328 -26.01 -35.74 31.08
C ALA D 328 -25.53 -37.07 30.53
N PRO D 329 -24.67 -37.03 29.50
CA PRO D 329 -24.14 -38.26 28.90
C PRO D 329 -23.03 -38.91 29.73
N VAL D 330 -22.51 -38.18 30.70
CA VAL D 330 -21.45 -38.69 31.58
C VAL D 330 -21.63 -38.17 33.00
N THR D 331 -20.76 -38.64 33.89
CA THR D 331 -20.80 -38.23 35.29
C THR D 331 -19.70 -37.21 35.58
N GLY D 332 -20.00 -36.22 36.39
CA GLY D 332 -19.01 -35.21 36.74
C GLY D 332 -18.95 -34.08 35.73
N GLY D 333 -17.96 -33.20 35.89
CA GLY D 333 -17.81 -32.07 34.98
C GLY D 333 -18.84 -30.99 35.28
N VAL D 334 -19.00 -30.06 34.36
CA VAL D 334 -19.98 -28.98 34.54
C VAL D 334 -21.37 -29.61 34.58
N SER D 335 -22.13 -29.29 35.62
CA SER D 335 -23.46 -29.87 35.77
C SER D 335 -24.55 -29.25 34.92
N LEU D 336 -25.69 -29.93 34.89
CA LEU D 336 -26.86 -29.50 34.13
C LEU D 336 -27.57 -28.31 34.76
N GLU D 337 -27.33 -28.07 36.04
CA GLU D 337 -27.99 -26.96 36.72
C GLU D 337 -27.65 -25.61 36.11
N ALA D 338 -28.67 -24.81 35.82
CA ALA D 338 -28.46 -23.50 35.23
C ALA D 338 -27.99 -22.48 36.25
N LYS D 339 -26.70 -22.18 36.24
CA LYS D 339 -26.11 -21.19 37.14
C LYS D 339 -24.99 -20.49 36.38
N PRO D 340 -24.83 -19.17 36.60
CA PRO D 340 -23.78 -18.40 35.93
C PRO D 340 -22.34 -18.78 36.27
N LEU D 341 -22.11 -19.18 37.52
CA LEU D 341 -20.75 -19.54 37.94
C LEU D 341 -20.42 -21.01 37.77
N LEU D 342 -19.41 -21.30 36.97
CA LEU D 342 -18.98 -22.68 36.76
C LEU D 342 -17.70 -22.87 37.56
N GLU D 343 -17.81 -23.56 38.69
CA GLU D 343 -16.66 -23.83 39.56
C GLU D 343 -16.09 -25.19 39.20
N LEU D 344 -14.81 -25.22 38.85
CA LEU D 344 -14.16 -26.45 38.41
C LEU D 344 -13.81 -27.52 39.45
N GLY D 345 -13.38 -27.13 40.63
CA GLY D 345 -13.04 -28.13 41.64
C GLY D 345 -11.62 -28.66 41.50
N GLU D 346 -11.22 -29.54 42.41
CA GLU D 346 -9.87 -30.08 42.40
C GLU D 346 -9.67 -31.47 41.79
N ALA D 347 -10.71 -32.03 41.18
CA ALA D 347 -10.56 -33.35 40.56
C ALA D 347 -9.52 -33.25 39.45
N ALA D 348 -8.71 -34.30 39.29
CA ALA D 348 -7.68 -34.30 38.25
C ALA D 348 -8.31 -34.30 36.87
N GLY D 349 -7.66 -33.63 35.92
CA GLY D 349 -8.18 -33.58 34.56
C GLY D 349 -9.53 -32.88 34.49
N LEU D 350 -10.49 -33.55 33.85
CA LEU D 350 -11.83 -32.98 33.70
C LEU D 350 -12.77 -33.36 34.84
N GLY D 351 -12.39 -34.36 35.63
CA GLY D 351 -13.23 -34.81 36.73
C GLY D 351 -14.48 -35.50 36.21
N ILE D 352 -14.38 -36.07 35.02
CA ILE D 352 -15.50 -36.76 34.38
C ILE D 352 -15.27 -38.28 34.34
N SER D 353 -16.36 -39.04 34.40
CA SER D 353 -16.27 -40.49 34.34
C SER D 353 -17.54 -41.07 33.70
N HIS D 354 -17.47 -42.33 33.31
CA HIS D 354 -18.60 -43.02 32.68
C HIS D 354 -18.51 -44.53 32.96
N MET E 1 -25.95 -29.09 -34.28
CA MET E 1 -26.53 -27.84 -34.84
C MET E 1 -25.42 -27.00 -35.46
N LYS E 2 -25.70 -26.39 -36.61
CA LYS E 2 -24.71 -25.59 -37.31
C LYS E 2 -25.29 -24.31 -37.92
N ILE E 3 -24.56 -23.20 -37.75
CA ILE E 3 -25.01 -21.92 -38.29
C ILE E 3 -24.93 -21.93 -39.82
N LYS E 4 -26.05 -21.65 -40.46
CA LYS E 4 -26.13 -21.62 -41.92
C LYS E 4 -25.90 -20.21 -42.46
N GLN E 5 -26.58 -19.24 -41.87
CA GLN E 5 -26.45 -17.85 -42.29
C GLN E 5 -26.84 -16.86 -41.18
N VAL E 6 -26.34 -15.64 -41.30
CA VAL E 6 -26.62 -14.58 -40.33
C VAL E 6 -27.27 -13.39 -41.05
N HIS E 7 -28.46 -13.01 -40.58
CA HIS E 7 -29.20 -11.90 -41.18
C HIS E 7 -29.17 -10.70 -40.22
N VAL E 8 -28.91 -9.51 -40.74
CA VAL E 8 -28.89 -8.32 -39.89
C VAL E 8 -29.63 -7.18 -40.55
N ARG E 9 -30.43 -6.46 -39.76
CA ARG E 9 -31.19 -5.34 -40.27
C ARG E 9 -31.33 -4.25 -39.21
N ALA E 10 -31.56 -3.02 -39.67
CA ALA E 10 -31.70 -1.87 -38.79
C ALA E 10 -33.14 -1.65 -38.35
N SER E 11 -33.30 -1.17 -37.12
CA SER E 11 -34.61 -0.89 -36.55
C SER E 11 -34.56 0.46 -35.85
N LYS E 12 -35.46 1.35 -36.23
CA LYS E 12 -35.53 2.68 -35.63
C LYS E 12 -36.93 2.92 -35.08
N ILE E 13 -37.06 2.82 -33.77
CA ILE E 13 -38.34 3.01 -33.10
C ILE E 13 -38.31 4.26 -32.22
N LYS E 14 -39.18 5.21 -32.52
CA LYS E 14 -39.23 6.45 -31.75
C LYS E 14 -39.74 6.21 -30.34
N LEU E 15 -39.24 6.96 -29.39
CA LEU E 15 -39.68 6.84 -28.00
C LEU E 15 -40.89 7.76 -27.82
N LYS E 16 -41.86 7.32 -27.04
CA LYS E 16 -43.07 8.11 -26.81
C LYS E 16 -42.75 9.47 -26.21
N GLU E 17 -41.65 9.56 -25.48
CA GLU E 17 -41.21 10.81 -24.86
C GLU E 17 -39.68 10.82 -24.76
N THR E 18 -39.08 11.99 -24.98
CA THR E 18 -37.64 12.12 -24.90
C THR E 18 -37.14 11.71 -23.53
N PHE E 19 -36.05 10.94 -23.50
CA PHE E 19 -35.46 10.48 -22.25
C PHE E 19 -34.27 11.38 -21.93
N THR E 20 -34.34 12.07 -20.81
CA THR E 20 -33.27 12.97 -20.42
C THR E 20 -32.45 12.46 -19.23
N ILE E 21 -31.14 12.35 -19.44
CA ILE E 21 -30.23 11.92 -18.39
C ILE E 21 -29.10 12.97 -18.34
N ALA E 22 -28.22 12.85 -17.36
CA ALA E 22 -27.13 13.80 -17.21
C ALA E 22 -26.24 13.87 -18.45
N LEU E 23 -26.04 12.73 -19.10
CA LEU E 23 -25.19 12.64 -20.29
C LEU E 23 -25.83 13.23 -21.55
N GLY E 24 -27.15 13.34 -21.55
CA GLY E 24 -27.83 13.87 -22.71
C GLY E 24 -29.20 13.25 -22.88
N THR E 25 -29.80 13.46 -24.05
CA THR E 25 -31.14 12.91 -24.32
C THR E 25 -31.16 11.77 -25.33
N ILE E 26 -32.16 10.91 -25.18
CA ILE E 26 -32.36 9.78 -26.08
C ILE E 26 -33.74 10.00 -26.70
N GLU E 27 -33.81 10.03 -28.03
CA GLU E 27 -35.07 10.27 -28.71
C GLU E 27 -35.62 9.06 -29.46
N SER E 28 -34.75 8.10 -29.78
CA SER E 28 -35.17 6.92 -30.51
C SER E 28 -34.36 5.69 -30.14
N ALA E 29 -34.99 4.53 -30.28
CA ALA E 29 -34.34 3.27 -29.99
C ALA E 29 -33.94 2.67 -31.33
N ASP E 30 -32.70 2.91 -31.73
CA ASP E 30 -32.21 2.40 -33.00
C ASP E 30 -31.31 1.22 -32.70
N SER E 31 -31.71 0.04 -33.15
CA SER E 31 -30.93 -1.16 -32.89
C SER E 31 -30.77 -2.05 -34.10
N ALA E 32 -29.74 -2.89 -34.06
CA ALA E 32 -29.47 -3.83 -35.15
C ALA E 32 -30.12 -5.13 -34.70
N ILE E 33 -31.02 -5.66 -35.52
CA ILE E 33 -31.68 -6.91 -35.18
C ILE E 33 -31.07 -8.04 -36.00
N VAL E 34 -30.56 -9.04 -35.30
CA VAL E 34 -29.91 -10.18 -35.93
C VAL E 34 -30.72 -11.46 -35.87
N GLU E 35 -30.67 -12.22 -36.96
CA GLU E 35 -31.34 -13.50 -37.04
C GLU E 35 -30.30 -14.51 -37.49
N ILE E 36 -30.02 -15.50 -36.63
CA ILE E 36 -29.06 -16.53 -36.97
C ILE E 36 -29.82 -17.79 -37.32
N GLU E 37 -29.71 -18.19 -38.58
CA GLU E 37 -30.38 -19.40 -39.06
C GLU E 37 -29.43 -20.58 -39.09
N THR E 38 -29.92 -21.72 -38.61
CA THR E 38 -29.12 -22.94 -38.58
C THR E 38 -29.49 -23.77 -39.81
N GLU E 39 -28.67 -24.77 -40.13
CA GLU E 39 -28.95 -25.59 -41.29
C GLU E 39 -30.25 -26.38 -41.13
N GLU E 40 -30.60 -26.73 -39.90
CA GLU E 40 -31.82 -27.48 -39.65
C GLU E 40 -33.10 -26.65 -39.69
N GLY E 41 -32.95 -25.33 -39.79
CA GLY E 41 -34.11 -24.46 -39.87
C GLY E 41 -34.41 -23.57 -38.67
N LEU E 42 -33.86 -23.90 -37.51
CA LEU E 42 -34.09 -23.10 -36.31
C LEU E 42 -33.46 -21.73 -36.47
N VAL E 43 -34.15 -20.70 -35.99
CA VAL E 43 -33.66 -19.34 -36.09
C VAL E 43 -33.61 -18.65 -34.74
N GLY E 44 -32.49 -18.01 -34.45
CA GLY E 44 -32.34 -17.31 -33.19
C GLY E 44 -32.32 -15.81 -33.39
N TYR E 45 -32.92 -15.08 -32.46
CA TYR E 45 -32.98 -13.63 -32.55
C TYR E 45 -32.04 -12.95 -31.56
N GLY E 46 -31.38 -11.89 -32.02
CA GLY E 46 -30.48 -11.15 -31.16
C GLY E 46 -30.62 -9.67 -31.48
N GLU E 47 -30.11 -8.82 -30.61
CA GLU E 47 -30.21 -7.40 -30.85
C GLU E 47 -29.00 -6.65 -30.32
N GLY E 48 -28.61 -5.59 -31.02
CA GLY E 48 -27.50 -4.76 -30.61
C GLY E 48 -28.04 -3.35 -30.51
N GLY E 49 -28.24 -2.86 -29.29
CA GLY E 49 -28.78 -1.51 -29.11
C GLY E 49 -27.72 -0.62 -28.49
N PRO E 50 -26.91 0.06 -29.31
CA PRO E 50 -25.84 0.96 -28.84
C PRO E 50 -26.26 2.30 -28.27
N GLY E 51 -25.55 2.71 -27.23
CA GLY E 51 -25.79 3.99 -26.58
C GLY E 51 -24.52 4.79 -26.77
N ILE E 52 -24.51 5.69 -27.75
CA ILE E 52 -23.34 6.48 -28.06
C ILE E 52 -22.78 7.23 -26.84
N PHE E 53 -23.66 7.63 -25.91
CA PHE E 53 -23.25 8.35 -24.70
C PHE E 53 -22.50 7.47 -23.70
N ILE E 54 -22.69 6.15 -23.80
CA ILE E 54 -22.06 5.23 -22.88
C ILE E 54 -20.83 4.52 -23.44
N THR E 55 -20.97 3.92 -24.62
CA THR E 55 -19.88 3.17 -25.23
C THR E 55 -19.30 3.78 -26.49
N GLY E 56 -19.97 4.77 -27.06
CA GLY E 56 -19.48 5.38 -28.28
C GLY E 56 -19.94 4.61 -29.51
N GLU E 57 -20.65 3.51 -29.29
CA GLU E 57 -21.13 2.70 -30.41
C GLU E 57 -22.27 3.38 -31.15
N THR E 58 -22.30 3.17 -32.46
CA THR E 58 -23.33 3.72 -33.32
C THR E 58 -24.01 2.57 -34.04
N LEU E 59 -25.17 2.84 -34.64
CA LEU E 59 -25.88 1.80 -35.36
C LEU E 59 -25.08 1.36 -36.58
N ALA E 60 -24.50 2.31 -37.30
CA ALA E 60 -23.72 2.00 -38.51
C ALA E 60 -22.52 1.11 -38.20
N GLY E 61 -21.78 1.45 -37.14
CA GLY E 61 -20.63 0.66 -36.77
C GLY E 61 -21.04 -0.69 -36.23
N THR E 62 -22.15 -0.73 -35.51
CA THR E 62 -22.63 -1.99 -34.96
C THR E 62 -23.04 -2.89 -36.12
N LEU E 63 -23.68 -2.32 -37.14
CA LEU E 63 -24.09 -3.12 -38.29
C LEU E 63 -22.87 -3.70 -39.03
N GLU E 64 -21.86 -2.87 -39.26
CA GLU E 64 -20.67 -3.35 -39.96
C GLU E 64 -19.97 -4.44 -39.18
N THR E 65 -19.87 -4.27 -37.87
CA THR E 65 -19.21 -5.28 -37.04
C THR E 65 -19.96 -6.60 -37.02
N ILE E 66 -21.29 -6.53 -36.93
CA ILE E 66 -22.09 -7.74 -36.92
C ILE E 66 -21.90 -8.51 -38.23
N GLU E 67 -21.77 -7.79 -39.33
CA GLU E 67 -21.58 -8.45 -40.62
C GLU E 67 -20.24 -9.20 -40.63
N LEU E 68 -19.21 -8.57 -40.06
CA LEU E 68 -17.88 -9.19 -39.99
C LEU E 68 -17.98 -10.44 -39.14
N PHE E 69 -18.69 -10.35 -38.03
CA PHE E 69 -18.87 -11.49 -37.14
C PHE E 69 -19.65 -12.59 -37.85
N GLY E 70 -20.74 -12.18 -38.49
CA GLY E 70 -21.59 -13.12 -39.19
C GLY E 70 -20.87 -14.04 -40.15
N GLN E 71 -20.07 -13.45 -41.02
CA GLN E 71 -19.33 -14.21 -42.02
C GLN E 71 -18.18 -15.02 -41.41
N ALA E 72 -17.91 -14.81 -40.13
CA ALA E 72 -16.84 -15.55 -39.47
C ALA E 72 -17.35 -16.75 -38.69
N ILE E 73 -18.62 -16.74 -38.33
CA ILE E 73 -19.18 -17.85 -37.55
C ILE E 73 -20.01 -18.86 -38.35
N ILE E 74 -20.05 -18.72 -39.66
CA ILE E 74 -20.80 -19.67 -40.48
C ILE E 74 -20.19 -21.05 -40.25
N GLY E 75 -21.04 -22.05 -40.01
CA GLY E 75 -20.53 -23.39 -39.81
C GLY E 75 -20.30 -23.78 -38.36
N LEU E 76 -20.33 -22.80 -37.46
CA LEU E 76 -20.11 -23.09 -36.05
C LEU E 76 -21.39 -23.54 -35.35
N ASN E 77 -21.23 -24.26 -34.26
CA ASN E 77 -22.36 -24.74 -33.48
C ASN E 77 -22.74 -23.62 -32.52
N PRO E 78 -24.03 -23.22 -32.49
CA PRO E 78 -24.49 -22.14 -31.60
C PRO E 78 -24.16 -22.43 -30.13
N PHE E 79 -24.04 -23.70 -29.78
CA PHE E 79 -23.73 -24.12 -28.41
C PHE E 79 -22.27 -23.83 -28.06
N ASN E 80 -21.44 -23.66 -29.08
CA ASN E 80 -20.03 -23.36 -28.87
C ASN E 80 -19.92 -21.86 -28.61
N ILE E 81 -20.55 -21.41 -27.53
CA ILE E 81 -20.55 -20.01 -27.19
C ILE E 81 -19.13 -19.54 -26.83
N GLU E 82 -18.29 -20.49 -26.43
CA GLU E 82 -16.90 -20.20 -26.10
C GLU E 82 -16.14 -19.79 -27.36
N LYS E 83 -16.27 -20.57 -28.43
CA LYS E 83 -15.56 -20.25 -29.67
C LYS E 83 -16.15 -19.02 -30.34
N ILE E 84 -17.46 -18.89 -30.28
CA ILE E 84 -18.14 -17.76 -30.89
C ILE E 84 -17.59 -16.45 -30.31
N HIS E 85 -17.44 -16.39 -28.99
CA HIS E 85 -16.89 -15.17 -28.41
C HIS E 85 -15.40 -15.04 -28.75
N GLU E 86 -14.70 -16.16 -28.84
CA GLU E 86 -13.28 -16.14 -29.18
C GLU E 86 -13.12 -15.49 -30.55
N VAL E 87 -13.89 -15.96 -31.51
CA VAL E 87 -13.86 -15.43 -32.87
C VAL E 87 -14.19 -13.94 -32.93
N MET E 88 -15.22 -13.53 -32.22
CA MET E 88 -15.62 -12.12 -32.19
C MET E 88 -14.57 -11.25 -31.54
N ASP E 89 -13.91 -11.77 -30.50
CA ASP E 89 -12.88 -11.00 -29.80
C ASP E 89 -11.62 -10.84 -30.64
N LYS E 90 -11.34 -11.81 -31.51
CA LYS E 90 -10.17 -11.73 -32.37
C LYS E 90 -10.43 -10.72 -33.49
N ILE E 91 -11.71 -10.54 -33.84
CA ILE E 91 -12.10 -9.62 -34.90
C ILE E 91 -12.16 -8.17 -34.44
N SER E 92 -12.78 -7.92 -33.30
CA SER E 92 -12.90 -6.56 -32.78
C SER E 92 -12.47 -6.43 -31.32
N ALA E 93 -11.67 -5.40 -31.05
CA ALA E 93 -11.18 -5.15 -29.70
C ALA E 93 -12.28 -4.58 -28.79
N PHE E 94 -13.32 -4.01 -29.39
CA PHE E 94 -14.40 -3.43 -28.61
C PHE E 94 -15.67 -3.17 -29.43
N ALA E 95 -16.74 -3.88 -29.11
CA ALA E 95 -18.02 -3.73 -29.79
C ALA E 95 -19.05 -4.55 -29.05
N PRO E 96 -19.29 -4.21 -27.77
CA PRO E 96 -20.28 -4.96 -26.99
C PRO E 96 -21.66 -5.10 -27.59
N ALA E 97 -22.16 -4.06 -28.25
CA ALA E 97 -23.50 -4.15 -28.85
C ALA E 97 -23.54 -5.22 -29.95
N ALA E 98 -22.53 -5.21 -30.82
CA ALA E 98 -22.46 -6.18 -31.90
C ALA E 98 -22.25 -7.58 -31.35
N LYS E 99 -21.41 -7.69 -30.32
CA LYS E 99 -21.15 -8.99 -29.72
C LYS E 99 -22.39 -9.51 -29.03
N ALA E 100 -23.11 -8.63 -28.34
CA ALA E 100 -24.34 -9.04 -27.66
C ALA E 100 -25.37 -9.54 -28.67
N ALA E 101 -25.42 -8.91 -29.84
CA ALA E 101 -26.40 -9.30 -30.86
C ALA E 101 -26.23 -10.76 -31.28
N ILE E 102 -24.99 -11.15 -31.56
CA ILE E 102 -24.68 -12.52 -31.95
C ILE E 102 -24.91 -13.45 -30.77
N ASP E 103 -24.37 -13.07 -29.61
CA ASP E 103 -24.50 -13.85 -28.39
C ASP E 103 -25.95 -14.19 -28.02
N ILE E 104 -26.81 -13.19 -27.97
CA ILE E 104 -28.22 -13.41 -27.61
C ILE E 104 -28.90 -14.37 -28.59
N ALA E 105 -28.59 -14.22 -29.87
CA ALA E 105 -29.18 -15.08 -30.90
C ALA E 105 -28.74 -16.53 -30.70
N CYS E 106 -27.49 -16.72 -30.29
CA CYS E 106 -26.99 -18.07 -30.05
C CYS E 106 -27.70 -18.69 -28.85
N TYR E 107 -27.90 -17.92 -27.79
CA TYR E 107 -28.60 -18.45 -26.63
C TYR E 107 -30.06 -18.78 -26.96
N ASP E 108 -30.68 -17.96 -27.81
CA ASP E 108 -32.06 -18.20 -28.23
C ASP E 108 -32.08 -19.55 -28.93
N LEU E 109 -31.11 -19.77 -29.82
CA LEU E 109 -31.00 -21.04 -30.55
C LEU E 109 -30.77 -22.22 -29.60
N MET E 110 -29.94 -22.02 -28.57
CA MET E 110 -29.67 -23.09 -27.62
C MET E 110 -30.98 -23.49 -26.95
N GLY E 111 -31.77 -22.50 -26.54
CA GLY E 111 -33.03 -22.79 -25.90
C GLY E 111 -34.00 -23.51 -26.84
N GLN E 112 -34.04 -23.07 -28.09
CA GLN E 112 -34.94 -23.70 -29.05
C GLN E 112 -34.57 -25.15 -29.33
N LYS E 113 -33.27 -25.41 -29.47
CA LYS E 113 -32.80 -26.77 -29.74
C LYS E 113 -33.04 -27.67 -28.53
N ALA E 114 -32.81 -27.13 -27.33
CA ALA E 114 -33.02 -27.89 -26.11
C ALA E 114 -34.51 -27.96 -25.77
N GLN E 115 -35.31 -27.13 -26.45
CA GLN E 115 -36.75 -27.05 -26.23
C GLN E 115 -37.05 -26.67 -24.79
N LEU E 116 -36.35 -25.63 -24.33
CA LEU E 116 -36.51 -25.12 -22.97
C LEU E 116 -36.41 -23.61 -22.96
N PRO E 117 -37.18 -22.95 -22.06
CA PRO E 117 -37.08 -21.49 -22.01
C PRO E 117 -35.66 -21.14 -21.58
N LEU E 118 -35.15 -20.02 -22.06
CA LEU E 118 -33.78 -19.63 -21.76
C LEU E 118 -33.45 -19.55 -20.28
N TYR E 119 -34.36 -19.05 -19.45
CA TYR E 119 -34.08 -18.94 -18.02
C TYR E 119 -33.75 -20.29 -17.36
N GLN E 120 -34.21 -21.38 -17.96
CA GLN E 120 -33.92 -22.70 -17.42
C GLN E 120 -32.47 -23.08 -17.71
N LEU E 121 -31.97 -22.68 -18.88
CA LEU E 121 -30.60 -22.99 -19.25
C LEU E 121 -29.59 -22.11 -18.53
N LEU E 122 -30.02 -20.93 -18.10
CA LEU E 122 -29.13 -19.98 -17.43
C LEU E 122 -29.06 -20.02 -15.90
N GLY E 123 -29.76 -20.95 -15.27
CA GLY E 123 -29.71 -21.01 -13.82
C GLY E 123 -31.01 -21.48 -13.19
N GLY E 124 -32.13 -21.16 -13.84
CA GLY E 124 -33.46 -21.57 -13.39
C GLY E 124 -33.96 -21.13 -12.02
N TYR E 125 -33.37 -20.10 -11.45
CA TYR E 125 -33.79 -19.67 -10.11
C TYR E 125 -35.23 -19.17 -10.04
N ASP E 126 -35.70 -18.54 -11.12
CA ASP E 126 -37.06 -18.02 -11.16
C ASP E 126 -37.50 -17.93 -12.62
N ASN E 127 -38.78 -17.64 -12.85
CA ASN E 127 -39.31 -17.54 -14.21
C ASN E 127 -39.98 -16.19 -14.45
N GLN E 128 -39.59 -15.20 -13.65
CA GLN E 128 -40.13 -13.86 -13.76
C GLN E 128 -39.20 -12.90 -13.04
N VAL E 129 -39.36 -11.62 -13.33
CA VAL E 129 -38.54 -10.61 -12.68
C VAL E 129 -39.38 -9.36 -12.48
N ILE E 130 -39.11 -8.65 -11.38
CA ILE E 130 -39.83 -7.42 -11.09
C ILE E 130 -38.87 -6.27 -11.41
N THR E 131 -39.33 -5.33 -12.22
CA THR E 131 -38.48 -4.20 -12.60
C THR E 131 -38.98 -2.88 -12.08
N ASP E 132 -38.06 -1.92 -11.96
CA ASP E 132 -38.41 -0.58 -11.54
C ASP E 132 -38.76 0.14 -12.84
N ILE E 133 -38.98 1.45 -12.75
CA ILE E 133 -39.24 2.26 -13.93
C ILE E 133 -38.43 3.53 -13.68
N THR E 134 -37.74 3.99 -14.70
CA THR E 134 -36.90 5.18 -14.57
C THR E 134 -37.65 6.46 -14.90
N LEU E 135 -37.38 7.51 -14.12
CA LEU E 135 -38.00 8.82 -14.33
C LEU E 135 -36.89 9.75 -14.82
N GLY E 136 -37.05 10.25 -16.04
CA GLY E 136 -36.05 11.14 -16.61
C GLY E 136 -35.91 12.46 -15.88
N ILE E 137 -34.76 13.10 -16.05
CA ILE E 137 -34.49 14.38 -15.41
C ILE E 137 -35.50 15.45 -15.83
N ASP E 138 -36.09 16.11 -14.84
CA ASP E 138 -37.06 17.17 -15.08
C ASP E 138 -37.20 18.00 -13.81
N GLU E 139 -38.13 18.94 -13.80
CA GLU E 139 -38.34 19.77 -12.62
C GLU E 139 -38.87 18.90 -11.49
N PRO E 140 -38.50 19.23 -10.23
CA PRO E 140 -38.96 18.45 -9.08
C PRO E 140 -40.47 18.20 -9.12
N ASN E 141 -41.23 19.26 -9.39
CA ASN E 141 -42.68 19.20 -9.45
C ASN E 141 -43.15 18.12 -10.42
N VAL E 142 -42.68 18.21 -11.66
CA VAL E 142 -43.05 17.27 -12.71
C VAL E 142 -42.62 15.85 -12.38
N MET E 143 -41.40 15.69 -11.89
CA MET E 143 -40.90 14.35 -11.55
C MET E 143 -41.79 13.67 -10.52
N ALA E 144 -42.13 14.38 -9.45
CA ALA E 144 -42.98 13.83 -8.40
C ALA E 144 -44.33 13.42 -8.98
N GLN E 145 -44.83 14.25 -9.90
CA GLN E 145 -46.11 13.99 -10.56
C GLN E 145 -46.10 12.64 -11.26
N LYS E 146 -45.11 12.44 -12.11
CA LYS E 146 -44.96 11.19 -12.86
C LYS E 146 -44.69 10.02 -11.92
N ALA E 147 -44.06 10.29 -10.79
CA ALA E 147 -43.76 9.24 -9.81
C ALA E 147 -45.07 8.67 -9.30
N VAL E 148 -46.02 9.55 -8.99
CA VAL E 148 -47.33 9.12 -8.50
C VAL E 148 -48.01 8.30 -9.59
N GLU E 149 -47.90 8.75 -10.83
CA GLU E 149 -48.50 8.05 -11.97
C GLU E 149 -47.96 6.64 -12.08
N LYS E 150 -46.64 6.50 -11.95
CA LYS E 150 -46.00 5.20 -12.04
C LYS E 150 -46.37 4.29 -10.87
N VAL E 151 -46.45 4.84 -9.66
CA VAL E 151 -46.82 4.03 -8.51
C VAL E 151 -48.23 3.47 -8.73
N LYS E 152 -49.09 4.25 -9.36
CA LYS E 152 -50.46 3.81 -9.62
C LYS E 152 -50.46 2.67 -10.64
N LEU E 153 -49.39 2.59 -11.43
CA LEU E 153 -49.28 1.52 -12.43
C LEU E 153 -48.82 0.22 -11.78
N GLY E 154 -48.45 0.29 -10.50
CA GLY E 154 -48.02 -0.91 -9.79
C GLY E 154 -46.54 -0.98 -9.42
N PHE E 155 -45.77 0.02 -9.83
CA PHE E 155 -44.34 0.06 -9.55
C PHE E 155 -44.03 0.43 -8.10
N ASP E 156 -43.25 -0.42 -7.42
CA ASP E 156 -42.89 -0.17 -6.03
C ASP E 156 -41.46 0.35 -5.90
N THR E 157 -40.76 0.45 -7.03
CA THR E 157 -39.39 0.94 -7.04
C THR E 157 -39.22 1.92 -8.19
N LEU E 158 -38.74 3.11 -7.89
CA LEU E 158 -38.53 4.12 -8.92
C LEU E 158 -37.06 4.49 -9.00
N LYS E 159 -36.55 4.58 -10.22
CA LYS E 159 -35.16 4.96 -10.46
C LYS E 159 -35.22 6.43 -10.87
N ILE E 160 -34.55 7.27 -10.08
CA ILE E 160 -34.54 8.70 -10.33
C ILE E 160 -33.25 9.19 -10.95
N LYS E 161 -33.38 9.80 -12.13
CA LYS E 161 -32.22 10.34 -12.82
C LYS E 161 -31.93 11.72 -12.26
N VAL E 162 -30.66 11.95 -11.92
CA VAL E 162 -30.23 13.24 -11.40
C VAL E 162 -28.89 13.56 -12.03
N GLY E 163 -28.35 14.75 -11.78
CA GLY E 163 -27.06 15.09 -12.34
C GLY E 163 -26.94 16.44 -13.03
N THR E 164 -27.75 17.41 -12.62
CA THR E 164 -27.69 18.74 -13.20
C THR E 164 -27.05 19.69 -12.21
N GLY E 165 -27.20 19.38 -10.92
CA GLY E 165 -26.64 20.21 -9.88
C GLY E 165 -27.04 19.68 -8.51
N ILE E 166 -26.07 19.52 -7.63
CA ILE E 166 -26.31 19.01 -6.29
C ILE E 166 -27.56 19.61 -5.63
N GLU E 167 -27.67 20.94 -5.66
CA GLU E 167 -28.81 21.62 -5.07
C GLU E 167 -30.14 21.24 -5.72
N ALA E 168 -30.15 21.16 -7.05
CA ALA E 168 -31.35 20.81 -7.79
C ALA E 168 -31.66 19.32 -7.69
N ASP E 169 -30.62 18.50 -7.71
CA ASP E 169 -30.79 17.05 -7.63
C ASP E 169 -31.44 16.64 -6.30
N ILE E 170 -31.04 17.31 -5.22
CA ILE E 170 -31.60 17.03 -3.90
C ILE E 170 -33.08 17.42 -3.84
N ALA E 171 -33.41 18.55 -4.46
CA ALA E 171 -34.78 19.04 -4.47
C ALA E 171 -35.69 18.06 -5.20
N ARG E 172 -35.19 17.50 -6.30
CA ARG E 172 -35.96 16.53 -7.08
C ARG E 172 -36.36 15.35 -6.20
N VAL E 173 -35.37 14.76 -5.54
CA VAL E 173 -35.58 13.60 -4.68
C VAL E 173 -36.56 13.91 -3.54
N LYS E 174 -36.38 15.06 -2.90
CA LYS E 174 -37.26 15.45 -1.81
C LYS E 174 -38.73 15.46 -2.23
N ALA E 175 -39.00 16.09 -3.38
CA ALA E 175 -40.37 16.18 -3.89
C ALA E 175 -40.95 14.80 -4.18
N ILE E 176 -40.18 13.93 -4.80
CA ILE E 176 -40.65 12.59 -5.11
C ILE E 176 -40.98 11.79 -3.87
N ARG E 177 -40.09 11.80 -2.88
CA ARG E 177 -40.32 11.07 -1.64
C ARG E 177 -41.60 11.56 -0.95
N GLU E 178 -41.70 12.88 -0.81
CA GLU E 178 -42.87 13.48 -0.16
C GLU E 178 -44.16 13.11 -0.87
N ALA E 179 -44.09 13.03 -2.20
CA ALA E 179 -45.26 12.72 -3.00
C ALA E 179 -45.69 11.24 -2.99
N VAL E 180 -44.73 10.33 -2.86
CA VAL E 180 -45.06 8.91 -2.88
C VAL E 180 -45.03 8.18 -1.54
N GLY E 181 -44.37 8.77 -0.55
CA GLY E 181 -44.29 8.13 0.76
C GLY E 181 -43.07 7.24 0.87
N PHE E 182 -42.87 6.67 2.05
CA PHE E 182 -41.71 5.82 2.30
C PHE E 182 -41.93 4.34 1.99
N ASP E 183 -43.08 3.99 1.43
CA ASP E 183 -43.35 2.60 1.08
C ASP E 183 -42.78 2.27 -0.28
N ILE E 184 -42.33 3.29 -1.00
CA ILE E 184 -41.77 3.13 -2.33
C ILE E 184 -40.24 3.21 -2.32
N LYS E 185 -39.58 2.25 -2.97
CA LYS E 185 -38.12 2.24 -3.02
C LYS E 185 -37.61 3.24 -4.05
N LEU E 186 -36.65 4.06 -3.65
CA LEU E 186 -36.07 5.03 -4.55
C LEU E 186 -34.58 4.84 -4.73
N ARG E 187 -34.16 4.61 -5.98
CA ARG E 187 -32.75 4.45 -6.29
C ARG E 187 -32.39 5.61 -7.21
N LEU E 188 -31.21 6.17 -7.03
CA LEU E 188 -30.77 7.30 -7.84
C LEU E 188 -29.66 6.94 -8.81
N ASP E 189 -29.58 7.69 -9.91
CA ASP E 189 -28.54 7.49 -10.91
C ASP E 189 -28.04 8.90 -11.26
N ALA E 190 -26.80 9.21 -10.88
CA ALA E 190 -26.22 10.52 -11.15
C ALA E 190 -25.45 10.60 -12.47
N ASN E 191 -25.24 9.46 -13.10
CA ASN E 191 -24.51 9.40 -14.36
C ASN E 191 -23.21 10.21 -14.38
N GLN E 192 -22.35 9.94 -13.40
CA GLN E 192 -21.03 10.58 -13.31
C GLN E 192 -21.03 12.09 -13.11
N ALA E 193 -22.15 12.65 -12.66
CA ALA E 193 -22.27 14.09 -12.50
C ALA E 193 -21.53 14.75 -11.34
N TRP E 194 -21.24 14.01 -10.27
CA TRP E 194 -20.58 14.62 -9.12
C TRP E 194 -19.13 14.25 -8.88
N THR E 195 -18.42 15.12 -8.17
CA THR E 195 -17.03 14.86 -7.81
C THR E 195 -17.20 13.98 -6.56
N PRO E 196 -16.19 13.16 -6.24
CA PRO E 196 -16.33 12.31 -5.05
C PRO E 196 -16.73 13.07 -3.79
N LYS E 197 -16.10 14.24 -3.57
CA LYS E 197 -16.40 15.05 -2.41
C LYS E 197 -17.85 15.55 -2.43
N ASP E 198 -18.29 16.04 -3.59
CA ASP E 198 -19.67 16.52 -3.72
C ASP E 198 -20.66 15.36 -3.65
N ALA E 199 -20.21 14.18 -4.07
CA ALA E 199 -21.07 13.01 -4.04
C ALA E 199 -21.41 12.71 -2.59
N VAL E 200 -20.39 12.64 -1.73
CA VAL E 200 -20.61 12.36 -0.32
C VAL E 200 -21.57 13.39 0.27
N LYS E 201 -21.34 14.66 -0.03
CA LYS E 201 -22.19 15.73 0.47
C LYS E 201 -23.66 15.51 0.09
N ALA E 202 -23.89 15.26 -1.20
CA ALA E 202 -25.24 15.06 -1.71
C ALA E 202 -25.92 13.85 -1.08
N ILE E 203 -25.20 12.73 -1.00
CA ILE E 203 -25.76 11.51 -0.43
C ILE E 203 -26.14 11.68 1.04
N GLN E 204 -25.29 12.38 1.79
CA GLN E 204 -25.57 12.61 3.21
C GLN E 204 -26.76 13.55 3.37
N ALA E 205 -26.95 14.44 2.41
CA ALA E 205 -28.05 15.40 2.44
C ALA E 205 -29.40 14.70 2.36
N LEU E 206 -29.41 13.49 1.79
CA LEU E 206 -30.64 12.72 1.64
C LEU E 206 -30.74 11.61 2.69
N ALA E 207 -29.84 11.62 3.66
CA ALA E 207 -29.81 10.62 4.72
C ALA E 207 -31.16 10.33 5.37
N ASP E 208 -32.09 11.28 5.30
CA ASP E 208 -33.40 11.10 5.90
C ASP E 208 -34.50 10.77 4.89
N TYR E 209 -34.13 10.66 3.62
CA TYR E 209 -35.12 10.38 2.59
C TYR E 209 -35.18 8.91 2.17
N GLN E 210 -34.43 8.07 2.87
CA GLN E 210 -34.41 6.63 2.61
C GLN E 210 -34.09 6.28 1.16
N ILE E 211 -32.84 6.51 0.76
CA ILE E 211 -32.40 6.20 -0.59
C ILE E 211 -31.84 4.78 -0.60
N GLU E 212 -32.39 3.92 -1.45
CA GLU E 212 -31.94 2.53 -1.53
C GLU E 212 -30.49 2.43 -1.96
N LEU E 213 -30.15 3.10 -3.06
CA LEU E 213 -28.79 3.08 -3.56
C LEU E 213 -28.56 4.25 -4.50
N VAL E 214 -27.30 4.56 -4.75
CA VAL E 214 -26.94 5.64 -5.65
C VAL E 214 -26.04 5.04 -6.73
N GLU E 215 -26.48 5.18 -7.97
CA GLU E 215 -25.76 4.65 -9.11
C GLU E 215 -24.74 5.63 -9.70
N GLN E 216 -23.54 5.12 -9.96
CA GLN E 216 -22.44 5.86 -10.58
C GLN E 216 -22.41 7.35 -10.26
N PRO E 217 -22.07 7.72 -9.02
CA PRO E 217 -22.02 9.13 -8.64
C PRO E 217 -20.89 9.95 -9.26
N VAL E 218 -19.78 9.29 -9.60
CA VAL E 218 -18.62 9.98 -10.17
C VAL E 218 -18.20 9.46 -11.54
N LYS E 219 -17.21 10.12 -12.14
CA LYS E 219 -16.70 9.74 -13.45
C LYS E 219 -16.35 8.25 -13.49
N ARG E 220 -16.74 7.59 -14.58
CA ARG E 220 -16.50 6.17 -14.74
C ARG E 220 -15.07 5.69 -14.52
N ARG E 221 -14.10 6.52 -14.89
CA ARG E 221 -12.70 6.13 -14.75
C ARG E 221 -12.05 6.53 -13.43
N ASP E 222 -12.80 7.25 -12.59
CA ASP E 222 -12.27 7.66 -11.30
C ASP E 222 -12.59 6.59 -10.25
N LEU E 223 -11.91 5.46 -10.33
CA LEU E 223 -12.15 4.38 -9.40
C LEU E 223 -11.77 4.73 -7.97
N GLU E 224 -10.66 5.44 -7.79
CA GLU E 224 -10.25 5.83 -6.45
C GLU E 224 -11.36 6.68 -5.82
N GLY E 225 -11.89 7.62 -6.62
CA GLY E 225 -12.95 8.48 -6.13
C GLY E 225 -14.23 7.71 -5.85
N LEU E 226 -14.55 6.77 -6.73
CA LEU E 226 -15.75 5.96 -6.55
C LEU E 226 -15.64 5.15 -5.26
N LYS E 227 -14.46 4.57 -5.04
CA LYS E 227 -14.21 3.78 -3.83
C LYS E 227 -14.35 4.69 -2.61
N TYR E 228 -13.89 5.92 -2.75
CA TYR E 228 -13.98 6.89 -1.65
C TYR E 228 -15.42 7.10 -1.23
N VAL E 229 -16.29 7.35 -2.21
CA VAL E 229 -17.71 7.56 -1.92
C VAL E 229 -18.31 6.36 -1.22
N THR E 230 -18.01 5.17 -1.75
CA THR E 230 -18.53 3.93 -1.19
C THR E 230 -18.08 3.74 0.26
N SER E 231 -16.86 4.14 0.55
CA SER E 231 -16.31 3.97 1.89
C SER E 231 -16.75 5.05 2.87
N GLN E 232 -17.26 6.16 2.36
CA GLN E 232 -17.65 7.28 3.21
C GLN E 232 -19.14 7.38 3.57
N VAL E 233 -20.01 6.69 2.85
CA VAL E 233 -21.43 6.76 3.15
C VAL E 233 -22.00 5.36 3.36
N ASN E 234 -22.97 5.22 4.28
CA ASN E 234 -23.54 3.90 4.50
C ASN E 234 -24.59 3.57 3.44
N THR E 235 -24.81 4.50 2.51
CA THR E 235 -25.76 4.26 1.44
C THR E 235 -25.11 3.36 0.41
N THR E 236 -25.88 2.41 -0.12
CA THR E 236 -25.38 1.46 -1.12
C THR E 236 -24.97 2.20 -2.40
N ILE E 237 -23.75 1.94 -2.87
CA ILE E 237 -23.25 2.58 -4.08
C ILE E 237 -23.11 1.55 -5.19
N MET E 238 -23.63 1.88 -6.36
CA MET E 238 -23.57 0.96 -7.50
C MET E 238 -22.80 1.52 -8.69
N ALA E 239 -22.01 0.65 -9.31
CA ALA E 239 -21.24 1.05 -10.49
C ALA E 239 -22.06 0.69 -11.71
N ASP E 240 -22.03 1.58 -12.71
CA ASP E 240 -22.70 1.32 -13.97
C ASP E 240 -21.61 1.53 -15.03
N GLU E 241 -21.42 2.78 -15.44
CA GLU E 241 -20.40 3.09 -16.44
C GLU E 241 -19.00 2.59 -16.06
N SER E 242 -18.73 2.44 -14.77
CA SER E 242 -17.41 1.95 -14.34
C SER E 242 -17.23 0.46 -14.58
N CYS E 243 -18.30 -0.22 -14.96
CA CYS E 243 -18.18 -1.66 -15.23
C CYS E 243 -18.81 -2.06 -16.56
N PHE E 244 -17.96 -2.38 -17.53
CA PHE E 244 -18.42 -2.80 -18.85
C PHE E 244 -18.39 -4.32 -18.93
N ASP E 245 -17.21 -4.91 -18.70
CA ASP E 245 -17.07 -6.36 -18.78
C ASP E 245 -16.54 -7.04 -17.52
N ALA E 246 -16.24 -8.33 -17.64
CA ALA E 246 -15.76 -9.12 -16.53
C ALA E 246 -14.44 -8.60 -15.97
N GLN E 247 -13.55 -8.11 -16.84
CA GLN E 247 -12.29 -7.59 -16.33
C GLN E 247 -12.54 -6.36 -15.46
N ASP E 248 -13.49 -5.53 -15.85
CA ASP E 248 -13.82 -4.35 -15.06
C ASP E 248 -14.38 -4.79 -13.71
N ALA E 249 -15.25 -5.80 -13.73
CA ALA E 249 -15.85 -6.30 -12.51
C ALA E 249 -14.78 -6.85 -11.59
N LEU E 250 -13.83 -7.60 -12.14
CA LEU E 250 -12.77 -8.17 -11.33
C LEU E 250 -11.99 -7.06 -10.63
N GLU E 251 -11.67 -6.00 -11.36
CA GLU E 251 -10.93 -4.88 -10.79
C GLU E 251 -11.73 -4.23 -9.66
N LEU E 252 -13.01 -4.00 -9.90
CA LEU E 252 -13.89 -3.39 -8.91
C LEU E 252 -14.04 -4.23 -7.64
N VAL E 253 -14.23 -5.53 -7.80
CA VAL E 253 -14.38 -6.38 -6.62
C VAL E 253 -13.07 -6.53 -5.87
N LYS E 254 -11.95 -6.54 -6.60
CA LYS E 254 -10.65 -6.65 -5.95
C LYS E 254 -10.36 -5.44 -5.08
N LYS E 255 -10.74 -4.26 -5.58
CA LYS E 255 -10.50 -3.01 -4.87
C LYS E 255 -11.62 -2.58 -3.91
N GLY E 256 -12.72 -3.32 -3.90
CA GLY E 256 -13.83 -2.99 -3.02
C GLY E 256 -14.40 -1.63 -3.35
N THR E 257 -14.35 -1.31 -4.64
CA THR E 257 -14.81 -0.03 -5.18
C THR E 257 -16.28 0.33 -4.97
N VAL E 258 -17.16 -0.67 -5.09
CA VAL E 258 -18.58 -0.43 -4.95
C VAL E 258 -19.29 -1.56 -4.20
N ASP E 259 -20.58 -1.38 -3.93
CA ASP E 259 -21.38 -2.36 -3.22
C ASP E 259 -22.22 -3.23 -4.16
N VAL E 260 -22.56 -2.67 -5.31
CA VAL E 260 -23.39 -3.37 -6.30
C VAL E 260 -22.93 -3.01 -7.70
N ILE E 261 -23.16 -3.89 -8.66
CA ILE E 261 -22.75 -3.62 -10.04
C ILE E 261 -23.93 -3.80 -10.98
N ASN E 262 -24.10 -2.83 -11.88
CA ASN E 262 -25.18 -2.86 -12.85
C ASN E 262 -24.67 -3.54 -14.12
N ILE E 263 -25.27 -4.68 -14.46
CA ILE E 263 -24.90 -5.43 -15.65
C ILE E 263 -25.81 -5.04 -16.80
N LYS E 264 -25.23 -4.84 -17.98
CA LYS E 264 -25.99 -4.52 -19.18
C LYS E 264 -25.39 -5.36 -20.30
N LEU E 265 -26.21 -6.16 -20.95
CA LEU E 265 -25.72 -7.00 -22.04
C LEU E 265 -25.07 -6.14 -23.12
N MET E 266 -25.57 -4.93 -23.31
CA MET E 266 -24.99 -4.05 -24.34
C MET E 266 -23.67 -3.43 -23.91
N LYS E 267 -23.28 -3.60 -22.64
CA LYS E 267 -22.00 -3.08 -22.17
C LYS E 267 -20.95 -4.18 -22.18
N CYS E 268 -21.39 -5.39 -21.83
CA CYS E 268 -20.50 -6.53 -21.71
C CYS E 268 -20.38 -7.44 -22.93
N GLY E 269 -21.24 -7.26 -23.91
CA GLY E 269 -21.16 -8.09 -25.10
C GLY E 269 -21.95 -9.39 -25.05
N GLY E 270 -23.01 -9.43 -24.24
CA GLY E 270 -23.82 -10.64 -24.20
C GLY E 270 -23.95 -11.40 -22.89
N ILE E 271 -24.83 -12.39 -22.92
CA ILE E 271 -25.11 -13.24 -21.77
C ILE E 271 -23.87 -13.99 -21.29
N HIS E 272 -23.05 -14.44 -22.23
CA HIS E 272 -21.84 -15.19 -21.89
C HIS E 272 -20.95 -14.40 -20.93
N GLU E 273 -20.77 -13.11 -21.24
CA GLU E 273 -19.93 -12.24 -20.41
C GLU E 273 -20.68 -11.81 -19.15
N ALA E 274 -21.99 -11.59 -19.27
CA ALA E 274 -22.79 -11.19 -18.11
C ALA E 274 -22.74 -12.25 -17.02
N LEU E 275 -22.75 -13.52 -17.42
CA LEU E 275 -22.68 -14.60 -16.43
C LEU E 275 -21.38 -14.50 -15.66
N LYS E 276 -20.29 -14.20 -16.37
CA LYS E 276 -18.98 -14.05 -15.73
C LYS E 276 -19.01 -12.94 -14.69
N ILE E 277 -19.55 -11.78 -15.08
CA ILE E 277 -19.62 -10.64 -14.18
C ILE E 277 -20.40 -11.01 -12.92
N ASN E 278 -21.57 -11.61 -13.09
CA ASN E 278 -22.40 -11.98 -11.95
C ASN E 278 -21.72 -12.96 -11.02
N GLN E 279 -21.02 -13.95 -11.58
CA GLN E 279 -20.36 -14.94 -10.75
C GLN E 279 -19.15 -14.37 -10.02
N ILE E 280 -18.44 -13.45 -10.67
CA ILE E 280 -17.31 -12.80 -10.02
C ILE E 280 -17.85 -11.99 -8.85
N CYS E 281 -18.91 -11.23 -9.10
CA CYS E 281 -19.54 -10.42 -8.06
C CYS E 281 -20.08 -11.26 -6.90
N GLU E 282 -20.84 -12.29 -7.24
CA GLU E 282 -21.44 -13.19 -6.26
C GLU E 282 -20.38 -13.77 -5.34
N THR E 283 -19.24 -14.11 -5.92
CA THR E 283 -18.13 -14.67 -5.16
C THR E 283 -17.61 -13.68 -4.13
N ALA E 284 -17.63 -12.39 -4.48
CA ALA E 284 -17.15 -11.33 -3.60
C ALA E 284 -18.26 -10.76 -2.70
N GLY E 285 -19.44 -11.36 -2.75
CA GLY E 285 -20.54 -10.87 -1.93
C GLY E 285 -21.13 -9.57 -2.44
N ILE E 286 -21.01 -9.34 -3.74
CA ILE E 286 -21.53 -8.14 -4.38
C ILE E 286 -22.71 -8.54 -5.25
N GLU E 287 -23.89 -7.98 -4.96
CA GLU E 287 -25.08 -8.29 -5.75
C GLU E 287 -25.04 -7.51 -7.06
N CYS E 288 -25.83 -7.95 -8.03
CA CYS E 288 -25.87 -7.28 -9.32
C CYS E 288 -27.28 -6.87 -9.69
N MET E 289 -27.38 -5.82 -10.51
CA MET E 289 -28.67 -5.38 -11.01
C MET E 289 -28.55 -5.54 -12.52
N ILE E 290 -29.64 -5.92 -13.19
CA ILE E 290 -29.62 -6.05 -14.64
C ILE E 290 -30.21 -4.75 -15.17
N GLY E 291 -29.52 -4.11 -16.11
CA GLY E 291 -30.00 -2.86 -16.68
C GLY E 291 -30.20 -2.98 -18.18
N CYS E 292 -30.41 -1.85 -18.83
CA CYS E 292 -30.61 -1.83 -20.28
C CYS E 292 -30.30 -0.47 -20.85
N MET E 293 -30.27 -0.41 -22.19
CA MET E 293 -30.03 0.82 -22.90
C MET E 293 -31.42 1.23 -23.37
N ALA E 294 -31.66 2.52 -23.49
CA ALA E 294 -32.96 3.00 -23.94
C ALA E 294 -33.12 2.66 -25.41
N GLU E 295 -32.00 2.35 -26.06
CA GLU E 295 -31.99 2.04 -27.48
C GLU E 295 -32.36 0.60 -27.83
N GLU E 296 -32.42 -0.28 -26.84
CA GLU E 296 -32.80 -1.66 -27.16
C GLU E 296 -34.29 -1.88 -27.05
N THR E 297 -34.76 -2.98 -27.59
CA THR E 297 -36.18 -3.28 -27.58
C THR E 297 -36.49 -4.62 -26.95
N THR E 298 -37.60 -5.19 -27.39
CA THR E 298 -38.10 -6.47 -26.91
C THR E 298 -37.04 -7.58 -26.81
N ILE E 299 -36.24 -7.72 -27.86
CA ILE E 299 -35.24 -8.78 -27.87
C ILE E 299 -34.20 -8.64 -26.76
N GLY E 300 -33.58 -7.47 -26.68
CA GLY E 300 -32.56 -7.25 -25.66
C GLY E 300 -33.13 -7.34 -24.25
N ILE E 301 -34.31 -6.78 -24.06
CA ILE E 301 -34.96 -6.80 -22.75
C ILE E 301 -35.37 -8.22 -22.35
N THR E 302 -35.88 -8.98 -23.32
CA THR E 302 -36.29 -10.34 -23.01
C THR E 302 -35.07 -11.18 -22.64
N ALA E 303 -33.97 -11.02 -23.36
CA ALA E 303 -32.76 -11.77 -23.06
C ALA E 303 -32.32 -11.44 -21.64
N ALA E 304 -32.29 -10.14 -21.33
CA ALA E 304 -31.88 -9.67 -20.00
C ALA E 304 -32.79 -10.22 -18.91
N ALA E 305 -34.08 -10.29 -19.18
CA ALA E 305 -35.04 -10.79 -18.21
C ALA E 305 -34.81 -12.27 -17.90
N HIS E 306 -34.56 -13.07 -18.93
CA HIS E 306 -34.30 -14.48 -18.72
C HIS E 306 -33.05 -14.68 -17.86
N LEU E 307 -32.02 -13.89 -18.12
CA LEU E 307 -30.78 -14.00 -17.35
C LEU E 307 -31.01 -13.59 -15.89
N ALA E 308 -31.72 -12.48 -15.72
CA ALA E 308 -32.01 -11.97 -14.38
C ALA E 308 -32.85 -12.94 -13.57
N ALA E 309 -33.85 -13.55 -14.21
CA ALA E 309 -34.71 -14.50 -13.52
C ALA E 309 -33.93 -15.75 -13.16
N ALA E 310 -33.02 -16.15 -14.03
CA ALA E 310 -32.23 -17.35 -13.84
C ALA E 310 -31.20 -17.31 -12.73
N GLN E 311 -30.61 -16.13 -12.54
CA GLN E 311 -29.53 -15.96 -11.55
C GLN E 311 -29.93 -15.35 -10.21
N LYS E 312 -29.63 -16.07 -9.14
CA LYS E 312 -29.93 -15.63 -7.79
C LYS E 312 -29.30 -14.28 -7.41
N ASN E 313 -28.03 -14.10 -7.76
CA ASN E 313 -27.31 -12.87 -7.41
C ASN E 313 -27.70 -11.62 -8.17
N ILE E 314 -28.51 -11.76 -9.24
CA ILE E 314 -28.99 -10.59 -9.97
C ILE E 314 -30.29 -10.35 -9.22
N THR E 315 -30.19 -9.54 -8.16
CA THR E 315 -31.28 -9.25 -7.27
C THR E 315 -32.14 -8.03 -7.58
N ARG E 316 -31.69 -7.23 -8.54
CA ARG E 316 -32.43 -6.03 -8.94
C ARG E 316 -32.57 -5.98 -10.45
N ALA E 317 -33.60 -5.29 -10.93
CA ALA E 317 -33.80 -5.17 -12.37
C ALA E 317 -34.28 -3.78 -12.76
N ASP E 318 -33.69 -3.27 -13.83
CA ASP E 318 -34.03 -1.97 -14.37
C ASP E 318 -34.19 -2.20 -15.88
N LEU E 319 -35.26 -2.89 -16.23
CA LEU E 319 -35.56 -3.25 -17.61
C LEU E 319 -36.86 -2.56 -18.04
N ASP E 320 -36.77 -1.27 -18.34
CA ASP E 320 -37.93 -0.47 -18.72
C ASP E 320 -37.90 0.09 -20.14
N ALA E 321 -36.96 -0.38 -20.95
CA ALA E 321 -36.83 0.09 -22.32
C ALA E 321 -38.06 -0.09 -23.20
N THR E 322 -38.77 -1.21 -23.05
CA THR E 322 -39.96 -1.45 -23.89
C THR E 322 -41.13 -0.53 -23.53
N PHE E 323 -41.14 -0.01 -22.32
CA PHE E 323 -42.22 0.85 -21.88
C PHE E 323 -42.27 2.15 -22.66
N GLY E 324 -41.12 2.61 -23.15
CA GLY E 324 -41.08 3.86 -23.90
C GLY E 324 -41.19 3.72 -25.39
N LEU E 325 -41.22 2.50 -25.90
CA LEU E 325 -41.29 2.24 -27.33
C LEU E 325 -42.68 2.49 -27.93
N GLU E 326 -42.69 3.07 -29.12
CA GLU E 326 -43.94 3.36 -29.82
C GLU E 326 -44.49 2.07 -30.44
N THR E 327 -43.60 1.13 -30.73
CA THR E 327 -43.98 -0.14 -31.33
C THR E 327 -42.96 -1.24 -31.00
N ALA E 328 -43.32 -2.49 -31.28
CA ALA E 328 -42.44 -3.62 -31.03
C ALA E 328 -42.01 -4.22 -32.38
N PRO E 329 -40.71 -4.52 -32.53
CA PRO E 329 -40.13 -5.09 -33.76
C PRO E 329 -40.38 -6.57 -34.00
N VAL E 330 -40.79 -7.29 -32.97
CA VAL E 330 -41.06 -8.72 -33.08
C VAL E 330 -42.22 -9.08 -32.17
N THR E 331 -42.77 -10.28 -32.35
CA THR E 331 -43.87 -10.75 -31.53
C THR E 331 -43.33 -11.56 -30.35
N GLY E 332 -44.12 -11.62 -29.27
CA GLY E 332 -43.70 -12.37 -28.11
C GLY E 332 -42.72 -11.60 -27.24
N GLY E 333 -42.10 -12.30 -26.29
CA GLY E 333 -41.15 -11.65 -25.41
C GLY E 333 -41.81 -10.66 -24.45
N VAL E 334 -40.99 -9.83 -23.82
CA VAL E 334 -41.50 -8.83 -22.88
C VAL E 334 -42.34 -7.77 -23.60
N SER E 335 -43.54 -7.56 -23.11
CA SER E 335 -44.50 -6.61 -23.67
C SER E 335 -44.14 -5.14 -23.54
N LEU E 336 -44.80 -4.31 -24.34
CA LEU E 336 -44.59 -2.86 -24.33
C LEU E 336 -45.33 -2.25 -23.14
N GLU E 337 -46.20 -3.04 -22.52
CA GLU E 337 -46.99 -2.56 -21.39
C GLU E 337 -46.10 -2.13 -20.23
N ALA E 338 -46.37 -0.95 -19.69
CA ALA E 338 -45.60 -0.45 -18.56
C ALA E 338 -46.11 -1.13 -17.30
N LYS E 339 -45.42 -2.18 -16.87
CA LYS E 339 -45.79 -2.92 -15.67
C LYS E 339 -44.52 -3.42 -15.01
N PRO E 340 -44.53 -3.56 -13.67
CA PRO E 340 -43.35 -4.03 -12.94
C PRO E 340 -43.06 -5.52 -13.08
N LEU E 341 -44.09 -6.33 -13.27
CA LEU E 341 -43.91 -7.78 -13.37
C LEU E 341 -43.67 -8.26 -14.79
N LEU E 342 -42.51 -8.88 -15.01
CA LEU E 342 -42.16 -9.42 -16.31
C LEU E 342 -42.15 -10.94 -16.19
N GLU E 343 -43.22 -11.60 -16.66
CA GLU E 343 -43.32 -13.05 -16.60
C GLU E 343 -42.81 -13.64 -17.91
N LEU E 344 -41.90 -14.61 -17.82
CA LEU E 344 -41.28 -15.19 -19.01
C LEU E 344 -42.00 -16.25 -19.84
N GLY E 345 -42.79 -17.11 -19.22
CA GLY E 345 -43.50 -18.11 -19.99
C GLY E 345 -42.71 -19.38 -20.22
N GLU E 346 -43.31 -20.35 -20.92
CA GLU E 346 -42.65 -21.62 -21.17
C GLU E 346 -42.13 -21.86 -22.59
N ALA E 347 -42.33 -20.89 -23.48
CA ALA E 347 -41.87 -21.02 -24.85
C ALA E 347 -40.34 -21.19 -24.86
N ALA E 348 -39.85 -21.98 -25.81
CA ALA E 348 -38.41 -22.24 -25.90
C ALA E 348 -37.56 -21.00 -26.20
N GLY E 349 -36.35 -20.99 -25.65
CA GLY E 349 -35.45 -19.86 -25.87
C GLY E 349 -36.00 -18.56 -25.32
N LEU E 350 -35.91 -17.50 -26.12
CA LEU E 350 -36.41 -16.19 -25.72
C LEU E 350 -37.94 -16.13 -25.73
N GLY E 351 -38.57 -17.01 -26.48
CA GLY E 351 -40.02 -17.00 -26.56
C GLY E 351 -40.47 -15.88 -27.49
N ILE E 352 -39.64 -15.60 -28.49
CA ILE E 352 -39.94 -14.56 -29.46
C ILE E 352 -40.14 -15.16 -30.85
N SER E 353 -41.13 -14.65 -31.57
CA SER E 353 -41.43 -15.15 -32.92
C SER E 353 -41.36 -14.04 -33.94
N MET F 1 -39.61 -30.26 -15.28
CA MET F 1 -38.96 -31.48 -14.72
C MET F 1 -38.83 -31.28 -13.21
N LYS F 2 -39.09 -32.32 -12.44
CA LYS F 2 -38.98 -32.23 -10.99
C LYS F 2 -38.41 -33.49 -10.36
N ILE F 3 -37.53 -33.32 -9.38
CA ILE F 3 -36.90 -34.44 -8.70
C ILE F 3 -37.92 -35.21 -7.87
N LYS F 4 -37.99 -36.52 -8.09
CA LYS F 4 -38.92 -37.37 -7.36
C LYS F 4 -38.22 -38.03 -6.17
N GLN F 5 -37.01 -38.51 -6.41
CA GLN F 5 -36.28 -39.16 -5.34
C GLN F 5 -34.79 -39.14 -5.61
N VAL F 6 -34.02 -39.21 -4.54
CA VAL F 6 -32.56 -39.22 -4.63
C VAL F 6 -32.07 -40.50 -3.97
N HIS F 7 -31.40 -41.35 -4.75
CA HIS F 7 -30.89 -42.61 -4.23
C HIS F 7 -29.37 -42.54 -4.15
N VAL F 8 -28.80 -43.04 -3.05
CA VAL F 8 -27.35 -43.04 -2.93
C VAL F 8 -26.87 -44.41 -2.52
N ARG F 9 -25.69 -44.78 -3.00
CA ARG F 9 -25.10 -46.06 -2.69
C ARG F 9 -23.60 -45.90 -2.52
N ALA F 10 -22.97 -46.87 -1.89
CA ALA F 10 -21.54 -46.84 -1.72
C ALA F 10 -21.01 -47.56 -2.95
N SER F 11 -19.80 -47.22 -3.37
CA SER F 11 -19.17 -47.85 -4.52
C SER F 11 -17.76 -48.18 -4.10
N LYS F 12 -17.34 -49.44 -4.31
CA LYS F 12 -16.00 -49.86 -3.94
C LYS F 12 -15.36 -50.57 -5.14
N ILE F 13 -14.31 -49.97 -5.67
CA ILE F 13 -13.63 -50.51 -6.84
C ILE F 13 -12.16 -50.71 -6.52
N LYS F 14 -11.67 -51.94 -6.67
CA LYS F 14 -10.28 -52.21 -6.38
C LYS F 14 -9.36 -51.47 -7.36
N LEU F 15 -8.25 -50.96 -6.84
CA LEU F 15 -7.29 -50.23 -7.66
C LEU F 15 -6.23 -51.19 -8.20
N LYS F 16 -5.80 -50.97 -9.43
CA LYS F 16 -4.76 -51.82 -10.03
C LYS F 16 -3.48 -51.67 -9.24
N GLU F 17 -3.22 -50.46 -8.75
CA GLU F 17 -2.02 -50.18 -7.98
C GLU F 17 -2.39 -49.41 -6.72
N THR F 18 -1.90 -49.88 -5.57
CA THR F 18 -2.19 -49.22 -4.31
C THR F 18 -1.59 -47.82 -4.28
N PHE F 19 -2.29 -46.91 -3.62
CA PHE F 19 -1.84 -45.53 -3.51
C PHE F 19 -1.31 -45.28 -2.10
N THR F 20 -0.06 -44.83 -2.01
CA THR F 20 0.55 -44.56 -0.72
C THR F 20 0.33 -43.12 -0.29
N ILE F 21 -0.19 -42.95 0.92
CA ILE F 21 -0.44 -41.62 1.49
C ILE F 21 0.27 -41.52 2.81
N ALA F 22 0.23 -40.35 3.43
CA ALA F 22 0.89 -40.14 4.72
C ALA F 22 0.31 -41.10 5.77
N LEU F 23 1.18 -41.90 6.37
CA LEU F 23 0.80 -42.85 7.41
C LEU F 23 -0.14 -43.97 6.96
N GLY F 24 -0.30 -44.15 5.66
CA GLY F 24 -1.18 -45.21 5.19
C GLY F 24 -1.15 -45.45 3.68
N THR F 25 -2.12 -46.22 3.21
CA THR F 25 -2.23 -46.54 1.80
C THR F 25 -3.69 -46.71 1.40
N ILE F 26 -3.95 -46.64 0.10
CA ILE F 26 -5.30 -46.79 -0.44
C ILE F 26 -5.26 -47.94 -1.46
N GLU F 27 -6.09 -48.95 -1.25
CA GLU F 27 -6.11 -50.10 -2.15
C GLU F 27 -7.40 -50.19 -2.98
N SER F 28 -8.39 -49.38 -2.59
CA SER F 28 -9.67 -49.38 -3.29
C SER F 28 -10.21 -47.97 -3.39
N ALA F 29 -10.96 -47.69 -4.45
CA ALA F 29 -11.57 -46.39 -4.64
C ALA F 29 -12.99 -46.54 -4.10
N ASP F 30 -13.20 -46.01 -2.90
CA ASP F 30 -14.51 -46.11 -2.25
C ASP F 30 -15.20 -44.76 -2.25
N SER F 31 -16.26 -44.66 -3.04
CA SER F 31 -16.99 -43.40 -3.17
C SER F 31 -18.49 -43.56 -3.03
N ALA F 32 -19.18 -42.43 -3.11
CA ALA F 32 -20.63 -42.41 -3.02
C ALA F 32 -21.17 -42.17 -4.42
N ILE F 33 -22.12 -42.99 -4.86
CA ILE F 33 -22.72 -42.81 -6.17
C ILE F 33 -24.20 -42.47 -5.99
N VAL F 34 -24.63 -41.38 -6.61
CA VAL F 34 -26.01 -40.94 -6.49
C VAL F 34 -26.77 -41.06 -7.79
N GLU F 35 -28.07 -41.34 -7.67
CA GLU F 35 -28.94 -41.44 -8.82
C GLU F 35 -30.14 -40.57 -8.49
N ILE F 36 -30.34 -39.50 -9.25
CA ILE F 36 -31.48 -38.62 -9.02
C ILE F 36 -32.54 -38.99 -10.03
N GLU F 37 -33.72 -39.36 -9.54
CA GLU F 37 -34.82 -39.75 -10.40
C GLU F 37 -35.85 -38.64 -10.45
N THR F 38 -36.29 -38.30 -11.67
CA THR F 38 -37.29 -37.26 -11.85
C THR F 38 -38.66 -37.91 -11.93
N GLU F 39 -39.71 -37.11 -11.79
CA GLU F 39 -41.07 -37.62 -11.85
C GLU F 39 -41.37 -38.27 -13.19
N GLU F 40 -40.77 -37.73 -14.26
CA GLU F 40 -40.99 -38.25 -15.61
C GLU F 40 -40.19 -39.52 -15.91
N GLY F 41 -39.31 -39.92 -15.00
CA GLY F 41 -38.55 -41.13 -15.21
C GLY F 41 -37.10 -41.00 -15.62
N LEU F 42 -36.64 -39.77 -15.91
CA LEU F 42 -35.24 -39.58 -16.28
C LEU F 42 -34.39 -39.69 -15.02
N VAL F 43 -33.20 -40.26 -15.15
CA VAL F 43 -32.32 -40.42 -14.00
C VAL F 43 -30.94 -39.84 -14.28
N GLY F 44 -30.40 -39.13 -13.30
CA GLY F 44 -29.08 -38.54 -13.46
C GLY F 44 -28.10 -39.17 -12.50
N TYR F 45 -26.84 -39.31 -12.94
CA TYR F 45 -25.82 -39.93 -12.09
C TYR F 45 -24.80 -38.92 -11.58
N GLY F 46 -24.41 -39.08 -10.32
CA GLY F 46 -23.43 -38.20 -9.72
C GLY F 46 -22.50 -39.01 -8.84
N GLU F 47 -21.36 -38.43 -8.46
CA GLU F 47 -20.43 -39.13 -7.60
C GLU F 47 -19.79 -38.17 -6.61
N GLY F 48 -19.61 -38.66 -5.39
CA GLY F 48 -18.97 -37.89 -4.35
C GLY F 48 -17.71 -38.65 -4.02
N GLY F 49 -16.57 -38.12 -4.46
CA GLY F 49 -15.31 -38.79 -4.20
C GLY F 49 -14.63 -38.20 -2.98
N PRO F 50 -14.55 -38.96 -1.88
CA PRO F 50 -13.91 -38.46 -0.66
C PRO F 50 -12.40 -38.32 -0.82
N GLY F 51 -11.75 -37.80 0.21
CA GLY F 51 -10.31 -37.62 0.19
C GLY F 51 -9.97 -36.99 1.52
N ILE F 52 -10.01 -37.81 2.57
CA ILE F 52 -9.74 -37.32 3.92
C ILE F 52 -8.43 -36.55 4.07
N PHE F 53 -7.37 -37.02 3.40
CA PHE F 53 -6.07 -36.35 3.49
C PHE F 53 -5.96 -35.04 2.71
N ILE F 54 -6.96 -34.74 1.87
CA ILE F 54 -6.95 -33.51 1.07
C ILE F 54 -8.06 -32.55 1.45
N THR F 55 -9.29 -33.06 1.52
CA THR F 55 -10.43 -32.22 1.83
C THR F 55 -11.06 -32.54 3.19
N GLY F 56 -10.65 -33.65 3.78
CA GLY F 56 -11.23 -34.05 5.05
C GLY F 56 -12.51 -34.86 4.83
N GLU F 57 -12.97 -34.92 3.58
CA GLU F 57 -14.18 -35.65 3.25
C GLU F 57 -14.03 -37.16 3.41
N THR F 58 -14.97 -37.77 4.12
CA THR F 58 -14.98 -39.22 4.34
C THR F 58 -16.18 -39.82 3.62
N LEU F 59 -16.14 -41.13 3.37
CA LEU F 59 -17.26 -41.76 2.70
C LEU F 59 -18.50 -41.74 3.60
N ALA F 60 -18.31 -42.02 4.89
CA ALA F 60 -19.43 -42.03 5.83
C ALA F 60 -20.10 -40.67 5.92
N GLY F 61 -19.29 -39.62 6.07
CA GLY F 61 -19.85 -38.28 6.16
C GLY F 61 -20.51 -37.86 4.87
N THR F 62 -19.89 -38.23 3.75
CA THR F 62 -20.44 -37.88 2.45
C THR F 62 -21.78 -38.56 2.21
N LEU F 63 -21.87 -39.83 2.57
CA LEU F 63 -23.12 -40.56 2.40
C LEU F 63 -24.21 -39.89 3.25
N GLU F 64 -23.90 -39.57 4.49
CA GLU F 64 -24.88 -38.93 5.36
C GLU F 64 -25.34 -37.58 4.83
N THR F 65 -24.40 -36.77 4.36
CA THR F 65 -24.76 -35.45 3.84
C THR F 65 -25.60 -35.56 2.57
N ILE F 66 -25.23 -36.46 1.67
CA ILE F 66 -25.97 -36.63 0.43
C ILE F 66 -27.43 -36.96 0.73
N GLU F 67 -27.65 -37.81 1.73
CA GLU F 67 -29.01 -38.18 2.12
C GLU F 67 -29.79 -36.95 2.58
N LEU F 68 -29.12 -36.08 3.33
CA LEU F 68 -29.77 -34.86 3.81
C LEU F 68 -30.12 -33.97 2.62
N PHE F 69 -29.17 -33.79 1.70
CA PHE F 69 -29.40 -32.96 0.52
C PHE F 69 -30.55 -33.53 -0.32
N GLY F 70 -30.52 -34.85 -0.50
CA GLY F 70 -31.53 -35.52 -1.30
C GLY F 70 -32.97 -35.28 -0.92
N GLN F 71 -33.26 -35.39 0.37
CA GLN F 71 -34.61 -35.19 0.85
C GLN F 71 -35.02 -33.72 0.78
N ALA F 72 -34.03 -32.83 0.85
CA ALA F 72 -34.29 -31.39 0.80
C ALA F 72 -34.53 -30.86 -0.61
N ILE F 73 -34.07 -31.57 -1.63
CA ILE F 73 -34.27 -31.10 -3.00
C ILE F 73 -35.41 -31.80 -3.74
N ILE F 74 -36.13 -32.70 -3.07
CA ILE F 74 -37.25 -33.36 -3.74
C ILE F 74 -38.24 -32.28 -4.15
N GLY F 75 -38.74 -32.35 -5.38
CA GLY F 75 -39.69 -31.35 -5.85
C GLY F 75 -39.07 -30.20 -6.62
N LEU F 76 -37.75 -30.07 -6.57
CA LEU F 76 -37.07 -28.99 -7.30
C LEU F 76 -36.75 -29.42 -8.72
N ASN F 77 -36.56 -28.43 -9.59
CA ASN F 77 -36.22 -28.68 -10.99
C ASN F 77 -34.70 -28.80 -11.07
N PRO F 78 -34.19 -29.87 -11.70
CA PRO F 78 -32.74 -30.05 -11.82
C PRO F 78 -32.06 -28.85 -12.49
N PHE F 79 -32.80 -28.14 -13.35
CA PHE F 79 -32.25 -26.97 -14.02
C PHE F 79 -32.06 -25.80 -13.06
N ASN F 80 -32.77 -25.83 -11.95
CA ASN F 80 -32.65 -24.76 -10.95
C ASN F 80 -31.42 -25.08 -10.11
N ILE F 81 -30.26 -25.12 -10.78
CA ILE F 81 -29.00 -25.43 -10.11
C ILE F 81 -28.65 -24.33 -9.11
N GLU F 82 -29.20 -23.14 -9.34
CA GLU F 82 -28.98 -22.01 -8.46
C GLU F 82 -29.60 -22.30 -7.10
N LYS F 83 -30.86 -22.76 -7.09
CA LYS F 83 -31.54 -23.07 -5.85
C LYS F 83 -30.98 -24.34 -5.23
N ILE F 84 -30.66 -25.33 -6.06
CA ILE F 84 -30.12 -26.57 -5.56
C ILE F 84 -28.85 -26.31 -4.73
N HIS F 85 -27.96 -25.46 -5.23
CA HIS F 85 -26.76 -25.15 -4.47
C HIS F 85 -27.10 -24.29 -3.26
N GLU F 86 -28.12 -23.45 -3.40
CA GLU F 86 -28.56 -22.61 -2.28
C GLU F 86 -28.98 -23.49 -1.11
N VAL F 87 -29.80 -24.51 -1.43
CA VAL F 87 -30.31 -25.45 -0.44
C VAL F 87 -29.18 -26.24 0.22
N MET F 88 -28.26 -26.76 -0.58
CA MET F 88 -27.15 -27.52 -0.03
C MET F 88 -26.26 -26.64 0.85
N ASP F 89 -26.05 -25.39 0.45
CA ASP F 89 -25.21 -24.49 1.24
C ASP F 89 -25.88 -24.12 2.56
N LYS F 90 -27.20 -24.05 2.58
CA LYS F 90 -27.90 -23.73 3.82
C LYS F 90 -27.78 -24.89 4.79
N ILE F 91 -27.77 -26.10 4.24
CA ILE F 91 -27.68 -27.31 5.03
C ILE F 91 -26.27 -27.57 5.58
N SER F 92 -25.28 -27.45 4.71
CA SER F 92 -23.89 -27.71 5.09
C SER F 92 -22.93 -26.59 4.72
N ALA F 93 -22.15 -26.14 5.69
CA ALA F 93 -21.17 -25.09 5.47
C ALA F 93 -20.00 -25.58 4.64
N PHE F 94 -19.75 -26.88 4.66
CA PHE F 94 -18.64 -27.46 3.91
C PHE F 94 -18.79 -28.95 3.65
N ALA F 95 -18.98 -29.32 2.38
CA ALA F 95 -19.12 -30.73 2.01
C ALA F 95 -19.00 -30.84 0.49
N PRO F 96 -17.83 -30.48 -0.06
CA PRO F 96 -17.59 -30.54 -1.51
C PRO F 96 -17.88 -31.87 -2.19
N ALA F 97 -17.54 -32.99 -1.54
CA ALA F 97 -17.80 -34.29 -2.14
C ALA F 97 -19.31 -34.53 -2.27
N ALA F 98 -20.06 -34.27 -1.21
CA ALA F 98 -21.51 -34.47 -1.24
C ALA F 98 -22.19 -33.49 -2.20
N LYS F 99 -21.75 -32.25 -2.20
CA LYS F 99 -22.36 -31.24 -3.09
C LYS F 99 -22.07 -31.57 -4.55
N ALA F 100 -20.86 -32.07 -4.82
CA ALA F 100 -20.51 -32.42 -6.20
C ALA F 100 -21.39 -33.58 -6.67
N ALA F 101 -21.65 -34.54 -5.80
CA ALA F 101 -22.47 -35.70 -6.16
C ALA F 101 -23.85 -35.26 -6.64
N ILE F 102 -24.48 -34.36 -5.90
CA ILE F 102 -25.81 -33.86 -6.27
C ILE F 102 -25.71 -33.02 -7.54
N ASP F 103 -24.74 -32.10 -7.54
CA ASP F 103 -24.49 -31.20 -8.66
C ASP F 103 -24.31 -31.96 -9.99
N ILE F 104 -23.39 -32.93 -10.01
CA ILE F 104 -23.14 -33.69 -11.23
C ILE F 104 -24.40 -34.41 -11.74
N ALA F 105 -25.15 -35.04 -10.84
CA ALA F 105 -26.36 -35.75 -11.24
C ALA F 105 -27.37 -34.77 -11.84
N CYS F 106 -27.41 -33.55 -11.30
CA CYS F 106 -28.35 -32.54 -11.82
C CYS F 106 -27.94 -32.14 -13.23
N TYR F 107 -26.65 -31.92 -13.46
CA TYR F 107 -26.20 -31.57 -14.79
C TYR F 107 -26.44 -32.73 -15.76
N ASP F 108 -26.28 -33.96 -15.29
CA ASP F 108 -26.53 -35.14 -16.16
C ASP F 108 -28.00 -35.07 -16.58
N LEU F 109 -28.88 -34.80 -15.61
CA LEU F 109 -30.31 -34.69 -15.88
C LEU F 109 -30.61 -33.55 -16.85
N MET F 110 -29.88 -32.44 -16.75
CA MET F 110 -30.10 -31.32 -17.66
C MET F 110 -29.81 -31.78 -19.09
N GLY F 111 -28.69 -32.49 -19.26
CA GLY F 111 -28.34 -32.97 -20.60
C GLY F 111 -29.37 -33.95 -21.13
N GLN F 112 -29.85 -34.84 -20.27
CA GLN F 112 -30.84 -35.83 -20.68
C GLN F 112 -32.16 -35.19 -21.09
N LYS F 113 -32.60 -34.18 -20.35
CA LYS F 113 -33.86 -33.51 -20.68
C LYS F 113 -33.73 -32.69 -21.98
N ALA F 114 -32.59 -32.02 -22.13
CA ALA F 114 -32.33 -31.22 -23.32
C ALA F 114 -31.92 -32.10 -24.49
N GLN F 115 -31.59 -33.36 -24.20
CA GLN F 115 -31.16 -34.32 -25.21
C GLN F 115 -29.88 -33.83 -25.89
N LEU F 116 -28.91 -33.46 -25.05
CA LEU F 116 -27.61 -32.96 -25.50
C LEU F 116 -26.51 -33.50 -24.60
N PRO F 117 -25.31 -33.72 -25.17
CA PRO F 117 -24.20 -34.22 -24.36
C PRO F 117 -23.91 -33.06 -23.42
N LEU F 118 -23.45 -33.36 -22.21
CA LEU F 118 -23.20 -32.31 -21.23
C LEU F 118 -22.28 -31.18 -21.71
N TYR F 119 -21.20 -31.52 -22.42
CA TYR F 119 -20.30 -30.46 -22.86
C TYR F 119 -20.98 -29.36 -23.68
N GLN F 120 -22.11 -29.68 -24.31
CA GLN F 120 -22.82 -28.67 -25.10
C GLN F 120 -23.54 -27.65 -24.21
N LEU F 121 -23.79 -28.02 -22.96
CA LEU F 121 -24.45 -27.09 -22.04
C LEU F 121 -23.44 -26.34 -21.19
N LEU F 122 -22.17 -26.70 -21.32
CA LEU F 122 -21.14 -26.07 -20.50
C LEU F 122 -20.16 -25.17 -21.24
N GLY F 123 -20.43 -24.87 -22.51
CA GLY F 123 -19.52 -24.02 -23.25
C GLY F 123 -19.30 -24.45 -24.69
N GLY F 124 -19.39 -25.76 -24.92
CA GLY F 124 -19.25 -26.34 -26.25
C GLY F 124 -17.98 -26.10 -27.04
N TYR F 125 -16.91 -25.68 -26.37
CA TYR F 125 -15.66 -25.41 -27.09
C TYR F 125 -15.12 -26.62 -27.85
N ASP F 126 -15.22 -27.81 -27.26
CA ASP F 126 -14.72 -29.02 -27.90
C ASP F 126 -15.54 -30.22 -27.41
N ASN F 127 -15.39 -31.36 -28.08
CA ASN F 127 -16.11 -32.57 -27.69
C ASN F 127 -15.15 -33.68 -27.25
N GLN F 128 -13.92 -33.29 -26.95
CA GLN F 128 -12.92 -34.24 -26.50
C GLN F 128 -11.86 -33.50 -25.71
N VAL F 129 -11.05 -34.24 -24.97
CA VAL F 129 -10.00 -33.61 -24.19
C VAL F 129 -8.85 -34.59 -23.99
N ILE F 130 -7.63 -34.06 -24.00
CA ILE F 130 -6.44 -34.87 -23.80
C ILE F 130 -6.04 -34.85 -22.33
N THR F 131 -5.81 -36.02 -21.76
CA THR F 131 -5.42 -36.10 -20.37
C THR F 131 -4.03 -36.68 -20.26
N ASP F 132 -3.35 -36.35 -19.16
CA ASP F 132 -2.04 -36.91 -18.91
C ASP F 132 -2.34 -38.20 -18.16
N ILE F 133 -1.30 -38.86 -17.69
CA ILE F 133 -1.48 -40.05 -16.89
C ILE F 133 -0.41 -39.96 -15.82
N THR F 134 -0.79 -40.33 -14.60
CA THR F 134 0.11 -40.29 -13.46
C THR F 134 0.88 -41.58 -13.31
N LEU F 135 2.18 -41.48 -13.08
CA LEU F 135 3.02 -42.66 -12.89
C LEU F 135 3.15 -42.87 -11.39
N GLY F 136 2.80 -44.06 -10.92
CA GLY F 136 2.91 -44.35 -9.50
C GLY F 136 4.34 -44.30 -9.03
N ILE F 137 4.56 -43.80 -7.82
CA ILE F 137 5.91 -43.72 -7.28
C ILE F 137 6.52 -45.09 -7.14
N ASP F 138 7.76 -45.23 -7.60
CA ASP F 138 8.46 -46.50 -7.54
C ASP F 138 9.94 -46.20 -7.82
N GLU F 139 10.75 -47.24 -7.93
CA GLU F 139 12.17 -47.04 -8.22
C GLU F 139 12.29 -46.36 -9.58
N PRO F 140 13.33 -45.53 -9.76
CA PRO F 140 13.53 -44.83 -11.04
C PRO F 140 13.38 -45.70 -12.28
N ASN F 141 14.09 -46.83 -12.28
CA ASN F 141 14.07 -47.75 -13.42
C ASN F 141 12.67 -48.28 -13.74
N VAL F 142 11.89 -48.55 -12.70
CA VAL F 142 10.53 -49.06 -12.89
C VAL F 142 9.64 -47.97 -13.45
N MET F 143 9.75 -46.77 -12.89
CA MET F 143 8.93 -45.66 -13.37
C MET F 143 9.27 -45.35 -14.82
N ALA F 144 10.54 -45.51 -15.16
CA ALA F 144 11.01 -45.26 -16.52
C ALA F 144 10.37 -46.26 -17.48
N GLN F 145 10.31 -47.51 -17.07
CA GLN F 145 9.70 -48.57 -17.89
C GLN F 145 8.23 -48.23 -18.10
N LYS F 146 7.58 -47.80 -17.03
CA LYS F 146 6.17 -47.45 -17.10
C LYS F 146 5.98 -46.25 -18.03
N ALA F 147 6.88 -45.28 -17.94
CA ALA F 147 6.80 -44.11 -18.79
C ALA F 147 6.82 -44.51 -20.27
N VAL F 148 7.78 -45.35 -20.66
CA VAL F 148 7.85 -45.76 -22.06
C VAL F 148 6.56 -46.48 -22.45
N GLU F 149 6.02 -47.30 -21.56
CA GLU F 149 4.78 -48.02 -21.84
C GLU F 149 3.63 -47.05 -22.12
N LYS F 150 3.51 -46.02 -21.30
CA LYS F 150 2.43 -45.04 -21.46
C LYS F 150 2.60 -44.24 -22.75
N VAL F 151 3.84 -43.91 -23.08
CA VAL F 151 4.11 -43.17 -24.30
C VAL F 151 3.70 -44.01 -25.50
N LYS F 152 3.91 -45.32 -25.41
CA LYS F 152 3.55 -46.25 -26.48
C LYS F 152 2.04 -46.19 -26.67
N LEU F 153 1.31 -45.99 -25.57
CA LEU F 153 -0.15 -45.91 -25.62
C LEU F 153 -0.63 -44.59 -26.20
N GLY F 154 0.30 -43.65 -26.40
CA GLY F 154 -0.08 -42.38 -26.99
C GLY F 154 -0.01 -41.16 -26.08
N PHE F 155 0.23 -41.38 -24.79
CA PHE F 155 0.32 -40.27 -23.85
C PHE F 155 1.50 -39.37 -24.17
N ASP F 156 1.24 -38.07 -24.17
CA ASP F 156 2.29 -37.08 -24.45
C ASP F 156 2.63 -36.29 -23.20
N THR F 157 1.94 -36.58 -22.10
CA THR F 157 2.17 -35.89 -20.85
C THR F 157 2.09 -36.85 -19.67
N LEU F 158 3.14 -36.85 -18.85
CA LEU F 158 3.22 -37.73 -17.69
C LEU F 158 3.28 -36.87 -16.43
N LYS F 159 2.65 -37.37 -15.37
CA LYS F 159 2.61 -36.67 -14.10
C LYS F 159 3.22 -37.54 -13.01
N ILE F 160 4.09 -36.95 -12.19
CA ILE F 160 4.69 -37.71 -11.10
C ILE F 160 4.79 -36.85 -9.84
N LYS F 161 4.67 -37.50 -8.70
CA LYS F 161 4.76 -36.82 -7.42
C LYS F 161 6.21 -36.63 -6.99
N VAL F 162 6.51 -35.46 -6.44
CA VAL F 162 7.85 -35.15 -5.93
C VAL F 162 7.70 -34.63 -4.52
N GLY F 163 8.82 -34.20 -3.92
CA GLY F 163 8.77 -33.71 -2.55
C GLY F 163 9.04 -34.85 -1.59
N THR F 164 9.58 -35.95 -2.11
CA THR F 164 9.88 -37.13 -1.31
C THR F 164 11.37 -37.14 -0.95
N GLY F 165 12.03 -36.03 -1.23
CA GLY F 165 13.46 -35.91 -0.99
C GLY F 165 14.05 -35.58 -2.34
N ILE F 166 14.78 -34.48 -2.43
CA ILE F 166 15.34 -34.04 -3.70
C ILE F 166 16.16 -35.07 -4.48
N GLU F 167 17.01 -35.84 -3.80
CA GLU F 167 17.81 -36.83 -4.50
C GLU F 167 16.92 -37.89 -5.15
N ALA F 168 15.94 -38.38 -4.40
CA ALA F 168 15.02 -39.38 -4.93
C ALA F 168 14.17 -38.78 -6.05
N ASP F 169 13.71 -37.55 -5.87
CA ASP F 169 12.89 -36.89 -6.88
C ASP F 169 13.70 -36.80 -8.18
N ILE F 170 14.90 -36.25 -8.07
CA ILE F 170 15.77 -36.08 -9.23
C ILE F 170 16.06 -37.41 -9.92
N ALA F 171 16.35 -38.44 -9.13
CA ALA F 171 16.64 -39.76 -9.69
C ALA F 171 15.51 -40.26 -10.57
N ARG F 172 14.28 -40.12 -10.09
CA ARG F 172 13.11 -40.56 -10.84
C ARG F 172 12.89 -39.74 -12.10
N VAL F 173 12.95 -38.42 -11.97
CA VAL F 173 12.75 -37.54 -13.12
C VAL F 173 13.83 -37.79 -14.17
N LYS F 174 15.06 -37.98 -13.71
CA LYS F 174 16.18 -38.23 -14.60
C LYS F 174 15.94 -39.49 -15.44
N ALA F 175 15.61 -40.59 -14.77
CA ALA F 175 15.35 -41.86 -15.44
C ALA F 175 14.21 -41.75 -16.44
N ILE F 176 13.13 -41.09 -16.04
CA ILE F 176 11.98 -40.93 -16.90
C ILE F 176 12.34 -40.12 -18.15
N ARG F 177 12.96 -38.96 -17.95
CA ARG F 177 13.34 -38.12 -19.08
C ARG F 177 14.25 -38.86 -20.05
N GLU F 178 15.24 -39.58 -19.53
CA GLU F 178 16.16 -40.32 -20.38
C GLU F 178 15.45 -41.41 -21.15
N ALA F 179 14.42 -41.99 -20.54
CA ALA F 179 13.69 -43.07 -21.19
C ALA F 179 12.77 -42.64 -22.32
N VAL F 180 12.09 -41.51 -22.17
CA VAL F 180 11.15 -41.07 -23.21
C VAL F 180 11.53 -39.86 -24.06
N GLY F 181 12.62 -39.19 -23.74
CA GLY F 181 13.01 -38.05 -24.55
C GLY F 181 12.38 -36.74 -24.10
N PHE F 182 12.71 -35.65 -24.80
CA PHE F 182 12.22 -34.33 -24.44
C PHE F 182 10.92 -33.85 -25.07
N ASP F 183 10.29 -34.68 -25.90
CA ASP F 183 9.03 -34.29 -26.53
C ASP F 183 7.83 -34.61 -25.63
N ILE F 184 8.09 -35.30 -24.52
CA ILE F 184 7.04 -35.66 -23.58
C ILE F 184 7.02 -34.66 -22.44
N LYS F 185 5.84 -34.14 -22.12
CA LYS F 185 5.72 -33.17 -21.04
C LYS F 185 5.70 -33.87 -19.69
N LEU F 186 6.42 -33.29 -18.73
CA LEU F 186 6.48 -33.84 -17.40
C LEU F 186 5.90 -32.86 -16.39
N ARG F 187 4.83 -33.28 -15.71
CA ARG F 187 4.17 -32.46 -14.71
C ARG F 187 4.50 -33.02 -13.34
N LEU F 188 4.93 -32.16 -12.43
CA LEU F 188 5.28 -32.61 -11.10
C LEU F 188 4.28 -32.06 -10.08
N ASP F 189 3.96 -32.87 -9.08
CA ASP F 189 3.07 -32.42 -8.02
C ASP F 189 3.90 -32.53 -6.75
N ALA F 190 4.27 -31.39 -6.18
CA ALA F 190 5.10 -31.38 -4.98
C ALA F 190 4.30 -31.59 -3.69
N ASN F 191 2.99 -31.74 -3.82
CA ASN F 191 2.10 -31.96 -2.69
C ASN F 191 2.47 -31.28 -1.37
N GLN F 192 2.54 -29.94 -1.41
CA GLN F 192 2.83 -29.11 -0.24
C GLN F 192 4.06 -29.53 0.56
N ALA F 193 5.05 -30.10 -0.11
CA ALA F 193 6.23 -30.60 0.57
C ALA F 193 7.31 -29.63 1.06
N TRP F 194 7.43 -28.47 0.41
CA TRP F 194 8.51 -27.55 0.77
C TRP F 194 8.16 -26.21 1.37
N THR F 195 9.17 -25.63 2.03
CA THR F 195 9.07 -24.30 2.60
C THR F 195 9.36 -23.47 1.35
N PRO F 196 8.97 -22.19 1.33
CA PRO F 196 9.21 -21.35 0.16
C PRO F 196 10.62 -21.37 -0.44
N LYS F 197 11.63 -21.08 0.37
CA LYS F 197 12.98 -21.05 -0.17
C LYS F 197 13.51 -22.43 -0.56
N ASP F 198 13.08 -23.47 0.13
CA ASP F 198 13.52 -24.82 -0.21
C ASP F 198 12.87 -25.19 -1.54
N ALA F 199 11.62 -24.72 -1.73
CA ALA F 199 10.88 -24.99 -2.95
C ALA F 199 11.61 -24.41 -4.16
N VAL F 200 12.09 -23.18 -4.03
CA VAL F 200 12.80 -22.55 -5.13
C VAL F 200 14.04 -23.38 -5.50
N LYS F 201 14.76 -23.83 -4.48
CA LYS F 201 15.96 -24.64 -4.69
C LYS F 201 15.65 -25.96 -5.41
N ALA F 202 14.66 -26.68 -4.90
CA ALA F 202 14.28 -27.97 -5.47
C ALA F 202 13.76 -27.83 -6.89
N ILE F 203 12.90 -26.84 -7.12
CA ILE F 203 12.33 -26.63 -8.44
C ILE F 203 13.39 -26.26 -9.48
N GLN F 204 14.33 -25.40 -9.11
CA GLN F 204 15.38 -25.03 -10.06
C GLN F 204 16.28 -26.23 -10.35
N ALA F 205 16.42 -27.14 -9.41
CA ALA F 205 17.24 -28.32 -9.62
C ALA F 205 16.52 -29.26 -10.59
N LEU F 206 15.23 -29.47 -10.33
CA LEU F 206 14.43 -30.34 -11.19
C LEU F 206 14.22 -29.73 -12.58
N ALA F 207 14.25 -28.41 -12.66
CA ALA F 207 14.04 -27.71 -13.93
C ALA F 207 15.06 -28.09 -15.00
N ASP F 208 16.22 -28.58 -14.60
CA ASP F 208 17.25 -28.97 -15.56
C ASP F 208 16.80 -30.11 -16.46
N TYR F 209 15.71 -30.78 -16.07
CA TYR F 209 15.19 -31.90 -16.85
C TYR F 209 13.97 -31.54 -17.69
N GLN F 210 13.72 -30.23 -17.84
CA GLN F 210 12.61 -29.72 -18.62
C GLN F 210 11.28 -30.10 -17.96
N ILE F 211 10.79 -29.24 -17.08
CA ILE F 211 9.54 -29.48 -16.38
C ILE F 211 8.45 -28.55 -16.88
N GLU F 212 7.28 -29.10 -17.21
CA GLU F 212 6.19 -28.27 -17.70
C GLU F 212 5.63 -27.38 -16.60
N LEU F 213 5.44 -27.95 -15.41
CA LEU F 213 4.92 -27.19 -14.29
C LEU F 213 5.10 -27.95 -12.98
N VAL F 214 5.00 -27.21 -11.87
CA VAL F 214 5.10 -27.80 -10.55
C VAL F 214 3.85 -27.37 -9.80
N GLU F 215 3.15 -28.37 -9.29
CA GLU F 215 1.90 -28.21 -8.56
C GLU F 215 2.13 -28.04 -7.07
N GLN F 216 1.42 -27.08 -6.48
CA GLN F 216 1.45 -26.80 -5.03
C GLN F 216 2.75 -27.11 -4.29
N PRO F 217 3.80 -26.31 -4.51
CA PRO F 217 5.08 -26.56 -3.84
C PRO F 217 5.12 -26.27 -2.32
N VAL F 218 4.17 -25.49 -1.81
CA VAL F 218 4.14 -25.18 -0.39
C VAL F 218 2.77 -25.46 0.22
N LYS F 219 2.68 -25.36 1.55
CA LYS F 219 1.42 -25.60 2.25
C LYS F 219 0.30 -24.73 1.69
N ARG F 220 -0.89 -25.31 1.59
CA ARG F 220 -2.05 -24.63 1.02
C ARG F 220 -2.37 -23.25 1.57
N ARG F 221 -2.17 -23.04 2.87
CA ARG F 221 -2.48 -21.76 3.51
C ARG F 221 -1.39 -20.70 3.38
N ASP F 222 -0.21 -21.09 2.92
CA ASP F 222 0.90 -20.16 2.78
C ASP F 222 0.89 -19.47 1.42
N LEU F 223 -0.09 -18.59 1.22
CA LEU F 223 -0.22 -17.87 -0.04
C LEU F 223 0.95 -16.95 -0.33
N GLU F 224 1.51 -16.36 0.72
CA GLU F 224 2.66 -15.45 0.57
C GLU F 224 3.84 -16.25 0.03
N GLY F 225 4.05 -17.44 0.60
CA GLY F 225 5.15 -18.29 0.18
C GLY F 225 4.92 -18.82 -1.23
N LEU F 226 3.69 -19.18 -1.55
CA LEU F 226 3.37 -19.69 -2.87
C LEU F 226 3.69 -18.62 -3.91
N LYS F 227 3.31 -17.37 -3.62
CA LYS F 227 3.57 -16.26 -4.53
C LYS F 227 5.07 -16.06 -4.68
N TYR F 228 5.81 -16.23 -3.58
CA TYR F 228 7.26 -16.08 -3.59
C TYR F 228 7.86 -17.07 -4.57
N VAL F 229 7.46 -18.34 -4.45
CA VAL F 229 7.97 -19.36 -5.34
C VAL F 229 7.67 -19.01 -6.80
N THR F 230 6.42 -18.69 -7.08
CA THR F 230 6.02 -18.34 -8.44
C THR F 230 6.88 -17.22 -9.01
N SER F 231 7.19 -16.23 -8.18
CA SER F 231 7.98 -15.09 -8.62
C SER F 231 9.48 -15.33 -8.69
N GLN F 232 9.96 -16.42 -8.12
CA GLN F 232 11.39 -16.68 -8.13
C GLN F 232 11.88 -17.74 -9.11
N VAL F 233 10.98 -18.53 -9.67
CA VAL F 233 11.38 -19.56 -10.62
C VAL F 233 10.71 -19.37 -11.97
N ASN F 234 11.38 -19.80 -13.04
CA ASN F 234 10.81 -19.68 -14.38
C ASN F 234 9.75 -20.74 -14.60
N THR F 235 9.86 -21.87 -13.89
CA THR F 235 8.91 -22.96 -14.03
C THR F 235 7.49 -22.54 -13.65
N THR F 236 6.53 -22.98 -14.46
CA THR F 236 5.12 -22.67 -14.21
C THR F 236 4.70 -23.28 -12.87
N ILE F 237 4.07 -22.46 -12.03
CA ILE F 237 3.62 -22.91 -10.73
C ILE F 237 2.11 -22.96 -10.70
N MET F 238 1.58 -24.09 -10.24
CA MET F 238 0.14 -24.30 -10.20
C MET F 238 -0.41 -24.52 -8.80
N ALA F 239 -1.51 -23.86 -8.49
CA ALA F 239 -2.13 -24.02 -7.19
C ALA F 239 -3.10 -25.20 -7.27
N ASP F 240 -3.11 -26.05 -6.25
CA ASP F 240 -4.04 -27.17 -6.20
C ASP F 240 -4.77 -27.02 -4.88
N GLU F 241 -4.19 -27.58 -3.80
CA GLU F 241 -4.81 -27.51 -2.48
C GLU F 241 -5.12 -26.08 -2.01
N SER F 242 -4.38 -25.08 -2.51
CA SER F 242 -4.62 -23.69 -2.12
C SER F 242 -5.92 -23.18 -2.74
N CYS F 243 -6.51 -23.94 -3.66
CA CYS F 243 -7.76 -23.52 -4.28
C CYS F 243 -8.82 -24.61 -4.22
N PHE F 244 -9.81 -24.39 -3.35
CA PHE F 244 -10.92 -25.33 -3.22
C PHE F 244 -12.12 -24.76 -3.97
N ASP F 245 -12.49 -23.52 -3.66
CA ASP F 245 -13.65 -22.87 -4.27
C ASP F 245 -13.40 -21.54 -4.97
N ALA F 246 -14.47 -20.93 -5.46
CA ALA F 246 -14.38 -19.66 -6.18
C ALA F 246 -13.76 -18.57 -5.33
N GLN F 247 -14.07 -18.55 -4.04
CA GLN F 247 -13.50 -17.52 -3.19
C GLN F 247 -11.98 -17.67 -3.09
N ASP F 248 -11.50 -18.91 -3.08
CA ASP F 248 -10.06 -19.14 -3.03
C ASP F 248 -9.45 -18.64 -4.34
N ALA F 249 -10.12 -18.94 -5.46
CA ALA F 249 -9.61 -18.52 -6.76
C ALA F 249 -9.50 -17.00 -6.84
N LEU F 250 -10.49 -16.29 -6.32
CA LEU F 250 -10.50 -14.84 -6.34
C LEU F 250 -9.31 -14.29 -5.55
N GLU F 251 -9.06 -14.86 -4.38
CA GLU F 251 -7.94 -14.44 -3.55
C GLU F 251 -6.63 -14.69 -4.28
N LEU F 252 -6.51 -15.86 -4.90
CA LEU F 252 -5.30 -16.24 -5.62
C LEU F 252 -4.98 -15.32 -6.81
N VAL F 253 -5.98 -15.00 -7.63
CA VAL F 253 -5.72 -14.13 -8.78
C VAL F 253 -5.53 -12.69 -8.36
N LYS F 254 -6.17 -12.30 -7.26
CA LYS F 254 -6.06 -10.94 -6.74
C LYS F 254 -4.62 -10.68 -6.32
N LYS F 255 -4.02 -11.66 -5.67
CA LYS F 255 -2.64 -11.54 -5.20
C LYS F 255 -1.61 -11.97 -6.24
N GLY F 256 -2.08 -12.52 -7.36
CA GLY F 256 -1.16 -12.96 -8.39
C GLY F 256 -0.27 -14.05 -7.82
N THR F 257 -0.86 -14.91 -7.01
CA THR F 257 -0.14 -15.99 -6.34
C THR F 257 0.47 -17.08 -7.22
N VAL F 258 -0.19 -17.46 -8.30
CA VAL F 258 0.31 -18.53 -9.16
C VAL F 258 0.10 -18.31 -10.65
N ASP F 259 0.66 -19.21 -11.46
CA ASP F 259 0.55 -19.14 -12.90
C ASP F 259 -0.67 -19.88 -13.42
N VAL F 260 -1.05 -20.95 -12.73
CA VAL F 260 -2.19 -21.78 -13.13
C VAL F 260 -2.93 -22.28 -11.90
N ILE F 261 -4.22 -22.58 -12.07
CA ILE F 261 -5.02 -23.09 -10.97
C ILE F 261 -5.67 -24.42 -11.33
N ASN F 262 -5.50 -25.40 -10.45
CA ASN F 262 -6.05 -26.74 -10.68
C ASN F 262 -7.41 -26.93 -10.01
N ILE F 263 -8.42 -27.17 -10.82
CA ILE F 263 -9.77 -27.38 -10.33
C ILE F 263 -10.02 -28.87 -10.13
N LYS F 264 -10.78 -29.21 -9.08
CA LYS F 264 -11.20 -30.60 -8.85
C LYS F 264 -12.64 -30.50 -8.37
N LEU F 265 -13.55 -31.15 -9.08
CA LEU F 265 -14.95 -31.11 -8.71
C LEU F 265 -15.20 -31.51 -7.27
N MET F 266 -14.40 -32.45 -6.75
CA MET F 266 -14.58 -32.93 -5.38
C MET F 266 -13.98 -31.97 -4.34
N LYS F 267 -13.36 -30.89 -4.81
CA LYS F 267 -12.80 -29.87 -3.92
C LYS F 267 -13.75 -28.68 -3.90
N CYS F 268 -14.36 -28.40 -5.06
CA CYS F 268 -15.23 -27.23 -5.19
C CYS F 268 -16.73 -27.47 -5.06
N GLY F 269 -17.13 -28.74 -4.98
CA GLY F 269 -18.54 -29.04 -4.84
C GLY F 269 -19.33 -29.10 -6.13
N GLY F 270 -18.68 -29.46 -7.23
CA GLY F 270 -19.40 -29.59 -8.48
C GLY F 270 -19.10 -28.66 -9.62
N ILE F 271 -19.77 -28.93 -10.75
CA ILE F 271 -19.60 -28.16 -11.96
C ILE F 271 -20.01 -26.70 -11.80
N HIS F 272 -21.06 -26.45 -11.03
CA HIS F 272 -21.53 -25.08 -10.82
C HIS F 272 -20.43 -24.16 -10.27
N GLU F 273 -19.71 -24.64 -9.27
CA GLU F 273 -18.64 -23.89 -8.63
C GLU F 273 -17.40 -23.88 -9.52
N ALA F 274 -17.15 -25.00 -10.20
CA ALA F 274 -16.01 -25.11 -11.10
C ALA F 274 -16.07 -24.06 -12.21
N LEU F 275 -17.27 -23.79 -12.71
CA LEU F 275 -17.44 -22.78 -13.75
C LEU F 275 -17.00 -21.41 -13.22
N LYS F 276 -17.41 -21.10 -11.98
CA LYS F 276 -17.03 -19.82 -11.37
C LYS F 276 -15.53 -19.70 -11.27
N ILE F 277 -14.87 -20.77 -10.84
CA ILE F 277 -13.42 -20.75 -10.70
C ILE F 277 -12.77 -20.47 -12.05
N ASN F 278 -13.22 -21.18 -13.08
CA ASN F 278 -12.63 -20.98 -14.40
C ASN F 278 -12.88 -19.58 -14.96
N GLN F 279 -14.08 -19.04 -14.76
CA GLN F 279 -14.39 -17.71 -15.25
C GLN F 279 -13.56 -16.65 -14.53
N ILE F 280 -13.38 -16.82 -13.23
CA ILE F 280 -12.57 -15.88 -12.46
C ILE F 280 -11.13 -15.92 -12.98
N CYS F 281 -10.60 -17.13 -13.14
CA CYS F 281 -9.23 -17.29 -13.62
C CYS F 281 -9.05 -16.74 -15.04
N GLU F 282 -9.93 -17.14 -15.94
CA GLU F 282 -9.86 -16.70 -17.33
C GLU F 282 -9.84 -15.17 -17.40
N THR F 283 -10.68 -14.53 -16.59
CA THR F 283 -10.77 -13.07 -16.57
C THR F 283 -9.46 -12.46 -16.09
N ALA F 284 -8.76 -13.18 -15.21
CA ALA F 284 -7.48 -12.72 -14.66
C ALA F 284 -6.30 -13.10 -15.56
N GLY F 285 -6.57 -13.84 -16.62
CA GLY F 285 -5.53 -14.26 -17.54
C GLY F 285 -4.76 -15.47 -17.03
N ILE F 286 -5.41 -16.27 -16.19
CA ILE F 286 -4.82 -17.47 -15.61
C ILE F 286 -5.54 -18.69 -16.16
N GLU F 287 -4.80 -19.65 -16.72
CA GLU F 287 -5.43 -20.85 -17.26
C GLU F 287 -5.71 -21.83 -16.13
N CYS F 288 -6.60 -22.78 -16.40
CA CYS F 288 -6.95 -23.79 -15.41
C CYS F 288 -6.70 -25.21 -15.90
N MET F 289 -6.45 -26.09 -14.96
CA MET F 289 -6.29 -27.50 -15.25
C MET F 289 -7.39 -28.12 -14.39
N ILE F 290 -7.80 -29.34 -14.73
CA ILE F 290 -8.80 -30.00 -13.91
C ILE F 290 -8.21 -31.37 -13.58
N GLY F 291 -8.30 -31.76 -12.33
CA GLY F 291 -7.75 -33.04 -11.91
C GLY F 291 -8.80 -33.93 -11.29
N CYS F 292 -8.37 -34.93 -10.53
CA CYS F 292 -9.30 -35.87 -9.92
C CYS F 292 -8.77 -36.38 -8.59
N MET F 293 -9.65 -37.01 -7.82
CA MET F 293 -9.29 -37.58 -6.53
C MET F 293 -8.84 -39.02 -6.74
N ALA F 294 -8.06 -39.52 -5.79
CA ALA F 294 -7.58 -40.90 -5.85
C ALA F 294 -8.76 -41.84 -5.64
N GLU F 295 -9.80 -41.32 -5.01
CA GLU F 295 -10.98 -42.12 -4.71
C GLU F 295 -12.26 -41.83 -5.50
N GLU F 296 -12.13 -41.35 -6.74
CA GLU F 296 -13.31 -41.14 -7.55
C GLU F 296 -13.20 -42.04 -8.78
N THR F 297 -14.29 -42.18 -9.52
CA THR F 297 -14.28 -43.08 -10.64
C THR F 297 -14.92 -42.55 -11.93
N THR F 298 -15.55 -43.44 -12.68
CA THR F 298 -16.16 -43.08 -13.95
C THR F 298 -17.04 -41.84 -13.97
N ILE F 299 -18.02 -41.77 -13.08
CA ILE F 299 -18.91 -40.61 -13.08
C ILE F 299 -18.15 -39.30 -12.85
N GLY F 300 -17.35 -39.24 -11.79
CA GLY F 300 -16.60 -38.03 -11.53
C GLY F 300 -15.68 -37.63 -12.69
N ILE F 301 -14.99 -38.61 -13.25
CA ILE F 301 -14.09 -38.34 -14.37
C ILE F 301 -14.83 -37.86 -15.61
N THR F 302 -15.95 -38.49 -15.92
CA THR F 302 -16.73 -38.11 -17.08
C THR F 302 -17.26 -36.68 -16.94
N ALA F 303 -17.78 -36.34 -15.77
CA ALA F 303 -18.30 -35.00 -15.56
C ALA F 303 -17.16 -33.98 -15.74
N ALA F 304 -16.00 -34.28 -15.18
CA ALA F 304 -14.87 -33.37 -15.29
C ALA F 304 -14.42 -33.23 -16.74
N ALA F 305 -14.48 -34.34 -17.50
CA ALA F 305 -14.08 -34.33 -18.91
C ALA F 305 -15.00 -33.45 -19.76
N HIS F 306 -16.30 -33.54 -19.52
CA HIS F 306 -17.27 -32.72 -20.26
C HIS F 306 -17.02 -31.24 -19.99
N LEU F 307 -16.71 -30.91 -18.74
CA LEU F 307 -16.42 -29.54 -18.38
C LEU F 307 -15.13 -29.05 -19.03
N ALA F 308 -14.08 -29.87 -18.95
CA ALA F 308 -12.79 -29.52 -19.52
C ALA F 308 -12.90 -29.31 -21.02
N ALA F 309 -13.63 -30.21 -21.69
CA ALA F 309 -13.79 -30.10 -23.13
C ALA F 309 -14.60 -28.85 -23.50
N ALA F 310 -15.61 -28.54 -22.70
CA ALA F 310 -16.48 -27.40 -22.96
C ALA F 310 -15.88 -26.02 -22.79
N GLN F 311 -14.97 -25.89 -21.83
CA GLN F 311 -14.34 -24.60 -21.49
C GLN F 311 -12.95 -24.38 -22.06
N LYS F 312 -12.80 -23.31 -22.83
CA LYS F 312 -11.52 -22.98 -23.45
C LYS F 312 -10.39 -22.76 -22.45
N ASN F 313 -10.67 -22.10 -21.34
CA ASN F 313 -9.62 -21.81 -20.37
C ASN F 313 -9.14 -22.99 -19.53
N ILE F 314 -9.84 -24.13 -19.61
CA ILE F 314 -9.37 -25.32 -18.89
C ILE F 314 -8.54 -25.96 -19.97
N THR F 315 -7.25 -25.62 -19.96
CA THR F 315 -6.32 -26.07 -21.00
C THR F 315 -5.52 -27.33 -20.73
N ARG F 316 -5.60 -27.84 -19.51
CA ARG F 316 -4.89 -29.04 -19.13
C ARG F 316 -5.85 -29.97 -18.39
N ALA F 317 -5.60 -31.26 -18.45
CA ALA F 317 -6.44 -32.23 -17.77
C ALA F 317 -5.62 -33.37 -17.20
N ASP F 318 -5.93 -33.74 -15.96
CA ASP F 318 -5.26 -34.83 -15.26
C ASP F 318 -6.44 -35.69 -14.80
N LEU F 319 -7.06 -36.37 -15.75
CA LEU F 319 -8.23 -37.20 -15.48
C LEU F 319 -7.94 -38.64 -15.85
N ASP F 320 -7.15 -39.29 -15.00
CA ASP F 320 -6.72 -40.66 -15.25
C ASP F 320 -7.24 -41.73 -14.30
N ALA F 321 -8.18 -41.36 -13.43
CA ALA F 321 -8.71 -42.30 -12.47
C ALA F 321 -9.26 -43.60 -13.05
N THR F 322 -9.97 -43.54 -14.18
CA THR F 322 -10.53 -44.78 -14.73
C THR F 322 -9.45 -45.76 -15.18
N PHE F 323 -8.28 -45.26 -15.53
CA PHE F 323 -7.18 -46.12 -15.98
C PHE F 323 -6.64 -47.04 -14.90
N GLY F 324 -6.86 -46.69 -13.64
CA GLY F 324 -6.36 -47.51 -12.54
C GLY F 324 -7.43 -48.33 -11.81
N LEU F 325 -8.60 -48.45 -12.40
CA LEU F 325 -9.70 -49.20 -11.78
C LEU F 325 -9.72 -50.65 -12.30
N GLU F 326 -9.96 -51.60 -11.40
CA GLU F 326 -10.00 -53.01 -11.80
C GLU F 326 -11.25 -53.35 -12.59
N THR F 327 -12.33 -52.59 -12.38
CA THR F 327 -13.56 -52.82 -13.11
C THR F 327 -14.39 -51.53 -13.08
N ALA F 328 -15.31 -51.37 -14.03
CA ALA F 328 -16.13 -50.18 -14.10
C ALA F 328 -17.36 -50.25 -13.21
N PRO F 329 -17.61 -49.19 -12.41
CA PRO F 329 -18.76 -49.17 -11.52
C PRO F 329 -20.08 -48.89 -12.25
N VAL F 330 -19.97 -48.40 -13.49
CA VAL F 330 -21.13 -48.08 -14.30
C VAL F 330 -20.85 -48.36 -15.77
N THR F 331 -21.86 -48.13 -16.60
CA THR F 331 -21.75 -48.34 -18.04
C THR F 331 -21.62 -46.98 -18.74
N GLY F 332 -20.80 -46.90 -19.77
CA GLY F 332 -20.65 -45.65 -20.50
C GLY F 332 -19.67 -44.66 -19.89
N GLY F 333 -19.68 -43.43 -20.40
CA GLY F 333 -18.77 -42.41 -19.90
C GLY F 333 -17.34 -42.73 -20.29
N VAL F 334 -16.38 -42.09 -19.64
CA VAL F 334 -14.97 -42.31 -19.93
C VAL F 334 -14.64 -43.77 -19.58
N SER F 335 -14.08 -44.50 -20.54
CA SER F 335 -13.77 -45.92 -20.32
C SER F 335 -12.52 -46.19 -19.50
N LEU F 336 -12.38 -47.46 -19.11
CA LEU F 336 -11.24 -47.90 -18.32
C LEU F 336 -9.98 -47.97 -19.17
N GLU F 337 -10.16 -48.00 -20.48
CA GLU F 337 -9.03 -48.09 -21.42
C GLU F 337 -8.08 -46.91 -21.28
N ALA F 338 -6.79 -47.22 -21.05
CA ALA F 338 -5.79 -46.17 -20.89
C ALA F 338 -5.43 -45.54 -22.24
N LYS F 339 -5.95 -44.34 -22.48
CA LYS F 339 -5.68 -43.61 -23.71
C LYS F 339 -5.70 -42.13 -23.36
N PRO F 340 -4.88 -41.32 -24.04
CA PRO F 340 -4.85 -39.89 -23.75
C PRO F 340 -6.05 -39.08 -24.23
N LEU F 341 -6.65 -39.49 -25.34
CA LEU F 341 -7.79 -38.76 -25.88
C LEU F 341 -9.13 -39.27 -25.37
N LEU F 342 -9.83 -38.43 -24.63
CA LEU F 342 -11.14 -38.80 -24.12
C LEU F 342 -12.17 -38.16 -25.04
N GLU F 343 -12.76 -38.97 -25.92
CA GLU F 343 -13.77 -38.47 -26.85
C GLU F 343 -15.11 -38.67 -26.17
N LEU F 344 -15.90 -37.60 -26.08
CA LEU F 344 -17.17 -37.66 -25.36
C LEU F 344 -18.41 -38.23 -26.05
N GLY F 345 -18.46 -38.20 -27.38
CA GLY F 345 -19.62 -38.75 -28.06
C GLY F 345 -20.86 -37.87 -27.99
N GLU F 346 -21.94 -38.33 -28.62
CA GLU F 346 -23.18 -37.58 -28.67
C GLU F 346 -24.29 -38.05 -27.72
N ALA F 347 -23.99 -38.99 -26.83
CA ALA F 347 -25.00 -39.46 -25.88
C ALA F 347 -25.39 -38.29 -24.98
N ALA F 348 -26.67 -38.21 -24.61
CA ALA F 348 -27.13 -37.10 -23.77
C ALA F 348 -26.53 -37.14 -22.37
N GLY F 349 -26.29 -35.95 -21.81
CA GLY F 349 -25.72 -35.86 -20.48
C GLY F 349 -24.34 -36.48 -20.38
N LEU F 350 -24.15 -37.32 -19.36
CA LEU F 350 -22.86 -37.98 -19.16
C LEU F 350 -22.70 -39.24 -20.01
N GLY F 351 -23.79 -39.71 -20.60
CA GLY F 351 -23.75 -40.91 -21.42
C GLY F 351 -23.48 -42.14 -20.56
N ILE F 352 -23.90 -42.05 -19.30
CA ILE F 352 -23.70 -43.12 -18.33
C ILE F 352 -25.01 -43.80 -17.95
N SER F 353 -24.94 -45.09 -17.66
CA SER F 353 -26.11 -45.87 -17.26
C SER F 353 -25.65 -46.96 -16.30
N HIS F 354 -26.60 -47.66 -15.69
CA HIS F 354 -26.30 -48.74 -14.74
C HIS F 354 -25.16 -49.63 -15.22
N MET G 1 39.41 21.15 27.06
CA MET G 1 38.81 20.69 28.34
C MET G 1 38.84 19.17 28.37
N LYS G 2 39.14 18.60 29.54
CA LYS G 2 39.18 17.15 29.69
C LYS G 2 38.54 16.69 30.99
N ILE G 3 37.80 15.58 30.92
CA ILE G 3 37.13 15.03 32.08
C ILE G 3 38.16 14.37 32.98
N LYS G 4 38.17 14.77 34.25
CA LYS G 4 39.12 14.22 35.22
C LYS G 4 38.49 13.03 35.95
N GLN G 5 37.31 13.25 36.53
CA GLN G 5 36.63 12.21 37.26
C GLN G 5 35.12 12.35 37.15
N VAL G 6 34.42 11.23 37.29
CA VAL G 6 32.98 11.21 37.23
C VAL G 6 32.47 10.70 38.58
N HIS G 7 31.73 11.55 39.28
CA HIS G 7 31.19 11.19 40.58
C HIS G 7 29.69 10.91 40.47
N VAL G 8 29.23 9.85 41.11
CA VAL G 8 27.80 9.52 41.08
C VAL G 8 27.34 9.04 42.44
N ARG G 9 26.18 9.51 42.86
CA ARG G 9 25.62 9.12 44.15
C ARG G 9 24.11 8.98 44.05
N ALA G 10 23.53 8.23 44.98
CA ALA G 10 22.09 8.05 44.99
C ALA G 10 21.50 9.24 45.72
N SER G 11 20.36 9.72 45.23
CA SER G 11 19.68 10.85 45.83
C SER G 11 18.24 10.48 46.11
N LYS G 12 17.73 10.90 47.26
CA LYS G 12 16.36 10.62 47.63
C LYS G 12 15.72 11.82 48.31
N ILE G 13 14.91 12.55 47.56
CA ILE G 13 14.23 13.73 48.05
C ILE G 13 12.83 13.36 48.49
N LYS G 14 12.45 13.83 49.68
CA LYS G 14 11.13 13.54 50.22
C LYS G 14 10.04 14.31 49.46
N LEU G 15 8.98 13.61 49.10
CA LEU G 15 7.87 14.21 48.38
C LEU G 15 6.87 14.83 49.36
N LYS G 16 5.71 15.22 48.84
CA LYS G 16 4.66 15.82 49.65
C LYS G 16 3.42 14.95 49.58
N GLU G 17 3.26 14.25 48.46
CA GLU G 17 2.11 13.37 48.24
C GLU G 17 2.54 11.95 47.90
N THR G 18 2.66 11.12 48.94
CA THR G 18 3.07 9.74 48.76
C THR G 18 2.04 8.96 47.94
N SER G 28 8.79 9.79 47.65
CA SER G 28 10.22 10.02 47.58
C SER G 28 10.74 9.93 46.14
N ALA G 29 11.48 10.96 45.73
CA ALA G 29 12.05 10.99 44.39
C ALA G 29 13.46 10.43 44.45
N ASP G 30 13.64 9.22 43.91
CA ASP G 30 14.93 8.55 43.92
C ASP G 30 15.62 8.65 42.57
N SER G 31 16.77 9.30 42.55
CA SER G 31 17.52 9.47 41.31
C SER G 31 19.01 9.38 41.54
N ALA G 32 19.75 9.30 40.44
CA ALA G 32 21.20 9.25 40.49
C ALA G 32 21.70 10.62 40.10
N ILE G 33 22.57 11.20 40.92
CA ILE G 33 23.12 12.51 40.63
C ILE G 33 24.60 12.34 40.29
N VAL G 34 25.00 12.92 39.15
CA VAL G 34 26.38 12.81 38.72
C VAL G 34 27.06 14.16 38.70
N GLU G 35 28.34 14.16 39.03
CA GLU G 35 29.16 15.37 39.02
C GLU G 35 30.40 15.02 38.21
N ILE G 36 30.51 15.64 37.03
CA ILE G 36 31.66 15.41 36.17
C ILE G 36 32.67 16.53 36.39
N GLU G 37 33.84 16.16 36.90
CA GLU G 37 34.90 17.11 37.20
C GLU G 37 35.94 17.13 36.10
N THR G 38 36.28 18.33 35.64
CA THR G 38 37.29 18.49 34.60
C THR G 38 38.64 18.78 35.27
N GLU G 39 39.71 18.62 34.50
CA GLU G 39 41.05 18.88 35.01
C GLU G 39 41.15 20.32 35.50
N GLU G 40 40.56 21.23 34.74
CA GLU G 40 40.56 22.66 35.07
C GLU G 40 39.93 22.91 36.43
N GLY G 41 38.96 22.06 36.77
CA GLY G 41 38.28 22.21 38.04
C GLY G 41 36.80 22.51 37.88
N LEU G 42 36.34 22.66 36.64
CA LEU G 42 34.92 22.93 36.40
C LEU G 42 34.14 21.65 36.69
N VAL G 43 32.93 21.81 37.21
CA VAL G 43 32.10 20.67 37.54
C VAL G 43 30.72 20.80 36.90
N GLY G 44 30.28 19.73 36.24
CA GLY G 44 28.98 19.74 35.60
C GLY G 44 28.04 18.81 36.35
N TYR G 45 26.77 19.18 36.43
CA TYR G 45 25.78 18.39 37.13
C TYR G 45 24.85 17.65 36.18
N GLY G 46 24.56 16.39 36.51
CA GLY G 46 23.68 15.58 35.70
C GLY G 46 22.79 14.75 36.59
N GLU G 47 21.69 14.23 36.03
CA GLU G 47 20.79 13.43 36.82
C GLU G 47 20.14 12.34 35.97
N GLY G 48 19.91 11.19 36.60
CA GLY G 48 19.26 10.08 35.94
C GLY G 48 18.11 9.63 36.83
N GLY G 49 16.89 9.91 36.41
CA GLY G 49 15.72 9.53 37.19
C GLY G 49 15.02 8.35 36.51
N PRO G 50 15.38 7.11 36.89
CA PRO G 50 14.78 5.91 36.30
C PRO G 50 13.36 5.59 36.74
N GLY G 51 12.50 5.30 35.77
CA GLY G 51 11.12 4.95 36.04
C GLY G 51 10.90 3.50 35.65
N ILE G 52 11.04 2.61 36.62
CA ILE G 52 10.89 1.18 36.38
C ILE G 52 9.59 0.81 35.66
N PHE G 53 8.56 1.63 35.82
CA PHE G 53 7.27 1.38 35.19
C PHE G 53 7.23 1.79 33.72
N ILE G 54 8.15 2.64 33.31
CA ILE G 54 8.19 3.12 31.94
C ILE G 54 9.31 2.49 31.11
N THR G 55 10.50 2.42 31.69
CA THR G 55 11.65 1.88 31.00
C THR G 55 12.21 0.61 31.61
N GLY G 56 11.74 0.27 32.80
CA GLY G 56 12.23 -0.92 33.47
C GLY G 56 13.53 -0.65 34.19
N GLU G 57 14.04 0.57 34.07
CA GLU G 57 15.29 0.95 34.72
C GLU G 57 15.14 1.09 36.23
N THR G 58 16.14 0.61 36.94
CA THR G 58 16.16 0.67 38.39
C THR G 58 17.30 1.59 38.81
N LEU G 59 17.23 2.12 40.03
CA LEU G 59 18.28 2.99 40.51
C LEU G 59 19.60 2.22 40.57
N ALA G 60 19.53 0.96 41.00
CA ALA G 60 20.72 0.12 41.11
C ALA G 60 21.37 -0.09 39.75
N GLY G 61 20.56 -0.38 38.75
CA GLY G 61 21.10 -0.58 37.41
C GLY G 61 21.65 0.73 36.85
N THR G 62 20.94 1.81 37.12
CA THR G 62 21.35 3.13 36.64
C THR G 62 22.69 3.54 37.25
N LEU G 63 22.82 3.37 38.56
CA LEU G 63 24.05 3.71 39.26
C LEU G 63 25.21 2.90 38.70
N GLU G 64 25.01 1.60 38.54
CA GLU G 64 26.06 0.73 38.01
C GLU G 64 26.44 1.11 36.58
N THR G 65 25.45 1.45 35.77
CA THR G 65 25.72 1.82 34.39
C THR G 65 26.46 3.16 34.29
N ILE G 66 26.04 4.12 35.11
CA ILE G 66 26.70 5.42 35.12
C ILE G 66 28.16 5.24 35.47
N GLU G 67 28.44 4.33 36.42
CA GLU G 67 29.81 4.05 36.84
C GLU G 67 30.64 3.55 35.66
N LEU G 68 30.04 2.68 34.86
CA LEU G 68 30.72 2.14 33.69
C LEU G 68 31.00 3.25 32.69
N PHE G 69 30.04 4.14 32.50
CA PHE G 69 30.18 5.27 31.59
C PHE G 69 31.26 6.22 32.09
N GLY G 70 31.18 6.56 33.37
CA GLY G 70 32.12 7.48 33.98
C GLY G 70 33.58 7.10 33.74
N GLN G 71 33.93 5.85 33.96
CA GLN G 71 35.31 5.41 33.77
C GLN G 71 35.73 5.36 32.31
N ALA G 72 34.76 5.16 31.42
CA ALA G 72 35.04 5.07 30.00
C ALA G 72 35.28 6.43 29.34
N ILE G 73 34.73 7.50 29.92
CA ILE G 73 34.89 8.82 29.32
C ILE G 73 35.98 9.69 29.97
N ILE G 74 36.72 9.12 30.90
CA ILE G 74 37.79 9.89 31.54
C ILE G 74 38.79 10.29 30.47
N GLY G 75 39.15 11.57 30.43
CA GLY G 75 40.10 12.04 29.45
C GLY G 75 39.48 12.62 28.19
N LEU G 76 38.16 12.49 28.06
CA LEU G 76 37.48 13.01 26.89
C LEU G 76 37.04 14.46 27.10
N ASN G 77 36.84 15.16 25.98
CA ASN G 77 36.41 16.54 26.05
C ASN G 77 34.89 16.57 26.14
N PRO G 78 34.35 17.27 27.15
CA PRO G 78 32.88 17.33 27.27
C PRO G 78 32.20 17.86 26.01
N PHE G 79 32.94 18.62 25.19
CA PHE G 79 32.37 19.14 23.96
C PHE G 79 32.19 18.07 22.89
N ASN G 80 32.93 16.98 23.03
CA ASN G 80 32.84 15.87 22.09
C ASN G 80 31.63 15.03 22.50
N ILE G 81 30.45 15.65 22.43
CA ILE G 81 29.22 14.97 22.82
C ILE G 81 28.95 13.82 21.85
N GLU G 82 29.47 13.92 20.64
CA GLU G 82 29.31 12.86 19.64
C GLU G 82 30.02 11.59 20.12
N LYS G 83 31.27 11.73 20.56
CA LYS G 83 32.02 10.56 21.02
C LYS G 83 31.51 10.03 22.35
N ILE G 84 31.12 10.93 23.24
CA ILE G 84 30.61 10.51 24.54
C ILE G 84 29.42 9.59 24.37
N HIS G 85 28.50 9.94 23.48
CA HIS G 85 27.34 9.08 23.25
C HIS G 85 27.77 7.80 22.53
N GLU G 86 28.76 7.90 21.66
CA GLU G 86 29.26 6.74 20.94
C GLU G 86 29.79 5.72 21.96
N VAL G 87 30.57 6.22 22.93
CA VAL G 87 31.13 5.37 23.96
C VAL G 87 30.02 4.74 24.81
N MET G 88 29.07 5.55 25.24
CA MET G 88 27.98 5.04 26.07
C MET G 88 27.15 3.99 25.33
N ASP G 89 26.89 4.24 24.05
CA ASP G 89 26.10 3.29 23.26
C ASP G 89 26.80 1.96 23.05
N LYS G 90 28.13 1.98 22.98
CA LYS G 90 28.90 0.74 22.81
C LYS G 90 28.92 -0.07 24.09
N ILE G 91 28.72 0.60 25.21
CA ILE G 91 28.71 -0.07 26.52
C ILE G 91 27.35 -0.65 26.87
N SER G 92 26.29 0.12 26.64
CA SER G 92 24.94 -0.33 26.97
C SER G 92 23.97 -0.16 25.81
N ALA G 93 23.19 -1.21 25.52
CA ALA G 93 22.23 -1.17 24.44
C ALA G 93 20.99 -0.37 24.82
N PHE G 94 20.76 -0.20 26.12
CA PHE G 94 19.59 0.53 26.60
C PHE G 94 19.75 0.95 28.06
N ALA G 95 19.79 2.26 28.28
CA ALA G 95 19.90 2.84 29.61
C ALA G 95 19.76 4.35 29.50
N PRO G 96 18.57 4.82 29.08
CA PRO G 96 18.35 6.27 28.93
C PRO G 96 18.61 7.12 30.17
N ALA G 97 18.23 6.64 31.35
CA ALA G 97 18.45 7.41 32.57
C ALA G 97 19.95 7.63 32.80
N ALA G 98 20.73 6.57 32.65
CA ALA G 98 22.18 6.65 32.84
C ALA G 98 22.82 7.54 31.79
N LYS G 99 22.42 7.37 30.53
CA LYS G 99 22.99 8.18 29.46
C LYS G 99 22.63 9.64 29.63
N ALA G 100 21.40 9.92 30.05
CA ALA G 100 20.97 11.30 30.26
C ALA G 100 21.79 11.94 31.39
N ALA G 101 22.13 11.14 32.39
CA ALA G 101 22.91 11.64 33.53
C ALA G 101 24.24 12.22 33.04
N ILE G 102 24.99 11.42 32.29
CA ILE G 102 26.28 11.85 31.75
C ILE G 102 26.10 13.02 30.76
N ASP G 103 25.17 12.85 29.83
CA ASP G 103 24.86 13.86 28.82
C ASP G 103 24.57 15.24 29.41
N ILE G 104 23.65 15.32 30.37
CA ILE G 104 23.29 16.60 30.98
C ILE G 104 24.48 17.29 31.63
N ALA G 105 25.31 16.51 32.32
CA ALA G 105 26.49 17.07 32.98
C ALA G 105 27.47 17.61 31.95
N CYS G 106 27.55 16.96 30.79
CA CYS G 106 28.46 17.43 29.75
C CYS G 106 27.97 18.75 29.18
N TYR G 107 26.67 18.87 28.95
CA TYR G 107 26.11 20.11 28.43
C TYR G 107 26.27 21.23 29.47
N ASP G 108 26.17 20.88 30.75
CA ASP G 108 26.34 21.88 31.80
C ASP G 108 27.78 22.39 31.69
N LEU G 109 28.74 21.47 31.57
CA LEU G 109 30.15 21.84 31.45
C LEU G 109 30.42 22.67 30.20
N MET G 110 29.72 22.37 29.10
CA MET G 110 29.92 23.13 27.87
C MET G 110 29.51 24.58 28.11
N GLY G 111 28.41 24.76 28.85
CA GLY G 111 27.94 26.10 29.13
C GLY G 111 28.91 26.84 30.01
N GLN G 112 29.45 26.16 31.01
CA GLN G 112 30.39 26.79 31.93
C GLN G 112 31.71 27.18 31.26
N LYS G 113 32.20 26.33 30.37
CA LYS G 113 33.45 26.61 29.68
C LYS G 113 33.26 27.77 28.69
N ALA G 114 32.12 27.80 28.01
CA ALA G 114 31.83 28.86 27.06
C ALA G 114 31.32 30.10 27.79
N GLN G 115 31.03 29.94 29.08
CA GLN G 115 30.51 31.02 29.91
C GLN G 115 29.21 31.54 29.34
N LEU G 116 28.29 30.63 29.07
CA LEU G 116 26.99 30.98 28.52
C LEU G 116 25.88 30.10 29.10
N PRO G 117 24.67 30.66 29.25
CA PRO G 117 23.56 29.88 29.80
C PRO G 117 23.34 28.76 28.79
N LEU G 118 22.95 27.58 29.25
CA LEU G 118 22.75 26.46 28.35
C LEU G 118 21.77 26.73 27.21
N TYR G 119 20.68 27.45 27.50
CA TYR G 119 19.69 27.72 26.47
C TYR G 119 20.27 28.50 25.29
N GLN G 120 21.40 29.18 25.50
CA GLN G 120 22.03 29.93 24.42
C GLN G 120 22.77 29.00 23.48
N LEU G 121 23.32 27.92 24.02
CA LEU G 121 24.05 26.94 23.22
C LEU G 121 23.11 25.98 22.50
N LEU G 122 21.85 25.92 22.93
CA LEU G 122 20.91 24.99 22.34
C LEU G 122 19.92 25.56 21.31
N GLY G 123 20.05 26.84 20.97
CA GLY G 123 19.15 27.44 20.00
C GLY G 123 18.78 28.88 20.32
N GLY G 124 18.80 29.20 21.61
CA GLY G 124 18.51 30.55 22.09
C GLY G 124 17.20 31.23 21.72
N TYR G 125 16.18 30.46 21.37
CA TYR G 125 14.90 31.06 20.98
C TYR G 125 14.21 31.86 22.10
N ASP G 126 14.38 31.42 23.34
CA ASP G 126 13.77 32.11 24.47
C ASP G 126 14.62 31.85 25.70
N ASN G 127 14.31 32.53 26.80
CA ASN G 127 15.08 32.36 28.04
C ASN G 127 14.16 32.00 29.20
N GLN G 128 12.98 31.50 28.85
CA GLN G 128 11.99 31.08 29.84
C GLN G 128 11.01 30.10 29.20
N VAL G 129 10.24 29.41 30.03
CA VAL G 129 9.27 28.45 29.54
C VAL G 129 8.07 28.39 30.48
N ILE G 130 6.90 28.23 29.91
CA ILE G 130 5.67 28.13 30.69
C ILE G 130 5.28 26.67 30.77
N THR G 131 5.11 26.16 31.99
CA THR G 131 4.74 24.77 32.17
C THR G 131 3.33 24.61 32.69
N ASP G 132 2.73 23.45 32.39
CA ASP G 132 1.40 23.15 32.89
C ASP G 132 1.63 22.57 34.27
N ILE G 133 0.55 22.12 34.90
CA ILE G 133 0.65 21.49 36.22
C ILE G 133 -0.37 20.37 36.23
N THR G 134 0.02 19.23 36.79
CA THR G 134 -0.86 18.07 36.84
C THR G 134 -1.83 18.11 38.02
N LEU G 135 -3.08 17.72 37.76
CA LEU G 135 -4.12 17.67 38.77
C LEU G 135 -4.21 16.24 39.31
N GLY G 136 -3.91 16.06 40.58
CA GLY G 136 -3.97 14.74 41.18
C GLY G 136 -5.36 14.15 41.08
N ILE G 137 -5.46 12.94 40.53
CA ILE G 137 -6.75 12.28 40.38
C ILE G 137 -7.45 12.10 41.73
N ASP G 138 -8.76 12.36 41.73
CA ASP G 138 -9.56 12.23 42.95
C ASP G 138 -11.02 12.54 42.60
N GLU G 139 -11.86 12.71 43.62
CA GLU G 139 -13.26 13.02 43.39
C GLU G 139 -13.39 14.22 42.46
N PRO G 140 -14.34 14.17 41.51
CA PRO G 140 -14.53 15.26 40.56
C PRO G 140 -14.70 16.62 41.23
N ASN G 141 -15.35 16.64 42.39
CA ASN G 141 -15.57 17.88 43.11
C ASN G 141 -14.27 18.36 43.75
N VAL G 142 -13.46 17.42 44.20
CA VAL G 142 -12.18 17.73 44.83
C VAL G 142 -11.22 18.33 43.80
N MET G 143 -11.00 17.60 42.71
CA MET G 143 -10.12 18.06 41.66
C MET G 143 -10.54 19.46 41.21
N ALA G 144 -11.84 19.66 41.07
CA ALA G 144 -12.38 20.95 40.65
C ALA G 144 -11.86 22.07 41.53
N GLN G 145 -11.84 21.82 42.84
CA GLN G 145 -11.36 22.82 43.79
C GLN G 145 -9.85 23.03 43.62
N LYS G 146 -9.12 21.93 43.54
CA LYS G 146 -7.66 22.00 43.35
C LYS G 146 -7.35 22.75 42.07
N ALA G 147 -8.20 22.59 41.07
CA ALA G 147 -8.03 23.25 39.79
C ALA G 147 -8.11 24.76 39.98
N VAL G 148 -9.07 25.20 40.80
CA VAL G 148 -9.24 26.62 41.06
C VAL G 148 -8.01 27.14 41.80
N GLU G 149 -7.44 26.29 42.65
CA GLU G 149 -6.25 26.65 43.42
C GLU G 149 -5.07 26.82 42.47
N LYS G 150 -4.89 25.86 41.58
CA LYS G 150 -3.81 25.89 40.61
C LYS G 150 -3.92 27.12 39.72
N VAL G 151 -5.13 27.38 39.23
CA VAL G 151 -5.39 28.53 38.37
C VAL G 151 -5.06 29.82 39.12
N LYS G 152 -5.35 29.83 40.42
CA LYS G 152 -5.09 31.00 41.24
C LYS G 152 -3.59 31.25 41.32
N LEU G 153 -2.80 30.18 41.26
CA LEU G 153 -1.36 30.27 41.32
C LEU G 153 -0.78 30.82 40.01
N GLY G 154 -1.63 30.95 39.00
CA GLY G 154 -1.18 31.49 37.73
C GLY G 154 -1.13 30.49 36.58
N PHE G 155 -1.49 29.24 36.86
CA PHE G 155 -1.47 28.20 35.84
C PHE G 155 -2.63 28.33 34.87
N ASP G 156 -2.31 28.39 33.58
CA ASP G 156 -3.33 28.51 32.54
C ASP G 156 -3.56 27.18 31.83
N THR G 157 -2.76 26.17 32.19
CA THR G 157 -2.90 24.85 31.59
C THR G 157 -2.79 23.77 32.64
N LEU G 158 -3.77 22.87 32.66
CA LEU G 158 -3.80 21.79 33.63
C LEU G 158 -3.76 20.43 32.93
N LYS G 159 -2.93 19.53 33.46
CA LYS G 159 -2.80 18.18 32.91
C LYS G 159 -3.59 17.21 33.78
N ILE G 160 -4.46 16.42 33.15
CA ILE G 160 -5.30 15.47 33.87
C ILE G 160 -5.17 14.05 33.34
N LYS G 161 -4.95 13.09 34.23
CA LYS G 161 -4.84 11.71 33.84
C LYS G 161 -6.22 11.09 33.69
N VAL G 162 -6.44 10.37 32.59
CA VAL G 162 -7.73 9.74 32.33
C VAL G 162 -7.53 8.28 31.92
N GLY G 163 -8.62 7.65 31.50
CA GLY G 163 -8.56 6.26 31.08
C GLY G 163 -8.96 5.31 32.20
N THR G 164 -9.49 5.87 33.28
CA THR G 164 -9.91 5.09 34.44
C THR G 164 -11.41 4.78 34.37
N GLY G 165 -11.99 4.95 33.18
CA GLY G 165 -13.40 4.72 33.00
C GLY G 165 -14.01 5.98 32.42
N ILE G 166 -14.61 5.86 31.24
CA ILE G 166 -15.21 7.00 30.56
C ILE G 166 -16.18 7.80 31.42
N GLU G 167 -17.04 7.12 32.16
CA GLU G 167 -18.01 7.81 33.00
C GLU G 167 -17.31 8.62 34.09
N ALA G 168 -16.24 8.07 34.64
CA ALA G 168 -15.48 8.74 35.69
C ALA G 168 -14.70 9.92 35.12
N ASP G 169 -14.03 9.71 33.99
CA ASP G 169 -13.24 10.76 33.35
C ASP G 169 -14.10 11.96 32.97
N ILE G 170 -15.19 11.70 32.26
CA ILE G 170 -16.09 12.77 31.84
C ILE G 170 -16.62 13.58 33.02
N ALA G 171 -16.92 12.88 34.12
CA ALA G 171 -17.43 13.52 35.31
C ALA G 171 -16.42 14.50 35.89
N ARG G 172 -15.19 14.03 36.07
CA ARG G 172 -14.12 14.86 36.61
C ARG G 172 -13.81 16.04 35.69
N VAL G 173 -13.76 15.78 34.38
CA VAL G 173 -13.49 16.84 33.41
C VAL G 173 -14.59 17.89 33.48
N LYS G 174 -15.84 17.43 33.50
CA LYS G 174 -16.98 18.34 33.58
C LYS G 174 -16.88 19.22 34.81
N ALA G 175 -16.58 18.60 35.95
CA ALA G 175 -16.45 19.33 37.20
C ALA G 175 -15.34 20.36 37.10
N ILE G 176 -14.20 19.94 36.55
CA ILE G 176 -13.06 20.82 36.38
C ILE G 176 -13.42 22.00 35.47
N ARG G 177 -13.92 21.69 34.29
CA ARG G 177 -14.30 22.71 33.31
C ARG G 177 -15.33 23.69 33.86
N GLU G 178 -16.40 23.16 34.43
CA GLU G 178 -17.45 24.02 34.98
C GLU G 178 -16.97 24.75 36.24
N ALA G 179 -15.78 24.40 36.70
CA ALA G 179 -15.22 25.04 37.89
C ALA G 179 -14.23 26.14 37.56
N VAL G 180 -13.37 25.91 36.56
CA VAL G 180 -12.35 26.88 36.18
C VAL G 180 -12.70 27.71 34.94
N GLY G 181 -13.65 27.23 34.14
CA GLY G 181 -14.02 27.97 32.95
C GLY G 181 -13.34 27.47 31.68
N PHE G 182 -13.89 27.87 30.54
CA PHE G 182 -13.36 27.47 29.24
C PHE G 182 -12.13 28.25 28.79
N ASP G 183 -11.59 29.09 29.66
CA ASP G 183 -10.42 29.89 29.32
C ASP G 183 -9.14 29.15 29.72
N ILE G 184 -9.29 28.06 30.46
CA ILE G 184 -8.16 27.26 30.91
C ILE G 184 -7.99 26.05 30.00
N LYS G 185 -6.78 25.83 29.51
CA LYS G 185 -6.51 24.70 28.64
C LYS G 185 -6.28 23.41 29.43
N LEU G 186 -6.93 22.34 28.99
CA LEU G 186 -6.81 21.06 29.67
C LEU G 186 -6.12 20.03 28.79
N ARG G 187 -5.07 19.41 29.31
CA ARG G 187 -4.33 18.37 28.60
C ARG G 187 -4.63 17.07 29.31
N LEU G 188 -4.99 16.05 28.54
CA LEU G 188 -5.31 14.75 29.12
C LEU G 188 -4.25 13.70 28.77
N ASP G 189 -3.95 12.83 29.73
CA ASP G 189 -2.98 11.76 29.50
C ASP G 189 -3.71 10.45 29.79
N ALA G 190 -4.07 9.73 28.74
CA ALA G 190 -4.80 8.47 28.89
C ALA G 190 -3.92 7.29 29.28
N ASN G 191 -2.62 7.52 29.35
CA ASN G 191 -1.65 6.48 29.71
C ASN G 191 -1.91 5.08 29.15
N GLN G 192 -2.04 4.97 27.83
CA GLN G 192 -2.25 3.68 27.15
C GLN G 192 -3.46 2.89 27.65
N ALA G 193 -4.48 3.58 28.14
CA ALA G 193 -5.65 2.90 28.69
C ALA G 193 -6.71 2.36 27.72
N TRP G 194 -6.71 2.82 26.48
CA TRP G 194 -7.75 2.39 25.54
C TRP G 194 -7.36 1.67 24.26
N THR G 195 -8.29 0.88 23.74
CA THR G 195 -8.06 0.20 22.46
C THR G 195 -8.33 1.36 21.50
N PRO G 196 -7.80 1.28 20.27
CA PRO G 196 -8.03 2.36 19.30
C PRO G 196 -9.49 2.78 19.18
N LYS G 197 -10.38 1.81 19.14
CA LYS G 197 -11.80 2.07 19.00
C LYS G 197 -12.39 2.79 20.22
N ASP G 198 -12.05 2.34 21.42
CA ASP G 198 -12.56 2.99 22.63
C ASP G 198 -11.97 4.37 22.81
N ALA G 199 -10.75 4.58 22.29
CA ALA G 199 -10.11 5.88 22.41
C ALA G 199 -10.93 6.89 21.61
N VAL G 200 -11.24 6.56 20.36
CA VAL G 200 -12.02 7.44 19.51
C VAL G 200 -13.34 7.81 20.19
N LYS G 201 -14.03 6.82 20.74
CA LYS G 201 -15.30 7.08 21.40
C LYS G 201 -15.12 7.99 22.62
N ALA G 202 -14.13 7.69 23.44
CA ALA G 202 -13.87 8.50 24.64
C ALA G 202 -13.49 9.94 24.30
N ILE G 203 -12.55 10.10 23.37
CA ILE G 203 -12.11 11.43 22.98
C ILE G 203 -13.26 12.24 22.39
N GLN G 204 -14.07 11.61 21.55
CA GLN G 204 -15.21 12.30 20.95
C GLN G 204 -16.18 12.75 22.04
N ALA G 205 -16.25 11.97 23.12
CA ALA G 205 -17.13 12.29 24.23
C ALA G 205 -16.57 13.43 25.07
N LEU G 206 -15.27 13.37 25.34
CA LEU G 206 -14.60 14.39 26.15
C LEU G 206 -14.34 15.70 25.39
N ALA G 207 -14.33 15.62 24.07
CA ALA G 207 -14.06 16.79 23.23
C ALA G 207 -15.06 17.92 23.47
N ASP G 208 -16.23 17.58 24.00
CA ASP G 208 -17.28 18.57 24.27
C ASP G 208 -16.85 19.61 25.31
N TYR G 209 -15.82 19.29 26.09
CA TYR G 209 -15.35 20.20 27.12
C TYR G 209 -14.07 20.94 26.75
N GLN G 210 -13.83 21.08 25.44
CA GLN G 210 -12.65 21.78 24.95
C GLN G 210 -11.36 21.19 25.51
N ILE G 211 -10.84 20.16 24.86
CA ILE G 211 -9.61 19.52 25.29
C ILE G 211 -8.48 19.93 24.36
N GLU G 212 -7.38 20.43 24.92
CA GLU G 212 -6.27 20.85 24.09
C GLU G 212 -5.67 19.67 23.35
N LEU G 213 -5.41 18.58 24.07
CA LEU G 213 -4.83 17.39 23.48
C LEU G 213 -5.00 16.16 24.36
N VAL G 214 -4.79 14.99 23.76
CA VAL G 214 -4.89 13.72 24.49
C VAL G 214 -3.57 12.99 24.28
N GLU G 215 -2.91 12.67 25.38
CA GLU G 215 -1.61 12.01 25.36
C GLU G 215 -1.73 10.48 25.44
N GLN G 216 -0.96 9.80 24.59
CA GLN G 216 -0.90 8.32 24.53
C GLN G 216 -2.21 7.60 24.87
N PRO G 217 -3.21 7.70 23.99
CA PRO G 217 -4.49 7.04 24.24
C PRO G 217 -4.46 5.51 24.18
N VAL G 218 -3.49 4.95 23.46
CA VAL G 218 -3.39 3.49 23.31
C VAL G 218 -2.04 2.94 23.73
N LYS G 219 -1.93 1.61 23.77
CA LYS G 219 -0.69 0.95 24.16
C LYS G 219 0.48 1.44 23.32
N ARG G 220 1.63 1.63 23.97
CA ARG G 220 2.81 2.15 23.28
C ARG G 220 3.24 1.44 21.99
N ARG G 221 3.04 0.14 21.89
CA ARG G 221 3.44 -0.59 20.69
C ARG G 221 2.41 -0.64 19.58
N ASP G 222 1.19 -0.22 19.86
CA ASP G 222 0.16 -0.25 18.83
C ASP G 222 0.19 1.03 18.02
N LEU G 223 1.20 1.15 17.15
CA LEU G 223 1.35 2.33 16.32
C LEU G 223 0.24 2.46 15.28
N GLU G 224 -0.19 1.33 14.73
CA GLU G 224 -1.26 1.35 13.72
C GLU G 224 -2.53 1.88 14.38
N GLY G 225 -2.78 1.43 15.61
CA GLY G 225 -3.96 1.88 16.34
C GLY G 225 -3.85 3.34 16.71
N LEU G 226 -2.66 3.76 17.12
CA LEU G 226 -2.43 5.15 17.50
C LEU G 226 -2.66 6.06 16.30
N LYS G 227 -2.22 5.62 15.13
CA LYS G 227 -2.38 6.39 13.89
C LYS G 227 -3.88 6.49 13.60
N TYR G 228 -4.61 5.41 13.88
CA TYR G 228 -6.04 5.38 13.67
C TYR G 228 -6.75 6.46 14.48
N VAL G 229 -6.47 6.51 15.79
CA VAL G 229 -7.12 7.51 16.64
C VAL G 229 -6.81 8.92 16.13
N THR G 230 -5.56 9.15 15.78
CA THR G 230 -5.14 10.47 15.28
C THR G 230 -5.90 10.88 14.02
N SER G 231 -6.19 9.91 13.16
CA SER G 231 -6.90 10.19 11.92
C SER G 231 -8.41 10.32 12.07
N GLN G 232 -8.94 9.83 13.19
CA GLN G 232 -10.38 9.87 13.42
C GLN G 232 -10.95 11.01 14.26
N VAL G 233 -10.09 11.70 15.00
CA VAL G 233 -10.56 12.81 15.84
C VAL G 233 -9.78 14.08 15.49
N ASN G 234 -10.44 15.24 15.54
CA ASN G 234 -9.73 16.48 15.22
C ASN G 234 -8.94 16.94 16.45
N THR G 235 -9.17 16.27 17.57
CA THR G 235 -8.45 16.57 18.80
C THR G 235 -6.98 16.21 18.59
N THR G 236 -6.08 17.06 19.07
CA THR G 236 -4.65 16.84 18.94
C THR G 236 -4.24 15.62 19.76
N ILE G 237 -3.56 14.67 19.12
CA ILE G 237 -3.10 13.46 19.79
C ILE G 237 -1.59 13.50 19.94
N MET G 238 -1.11 13.20 21.14
CA MET G 238 0.31 13.23 21.42
C MET G 238 0.89 11.88 21.86
N ALA G 239 2.06 11.55 21.32
CA ALA G 239 2.73 10.31 21.68
C ALA G 239 3.64 10.56 22.86
N ASP G 240 3.67 9.62 23.80
CA ASP G 240 4.57 9.71 24.93
C ASP G 240 5.37 8.42 24.93
N GLU G 241 4.82 7.37 25.55
CA GLU G 241 5.51 6.09 25.61
C GLU G 241 5.85 5.49 24.24
N SER G 242 5.10 5.89 23.21
CA SER G 242 5.36 5.39 21.86
C SER G 242 6.63 5.99 21.28
N CYS G 243 7.20 7.00 21.94
CA CYS G 243 8.43 7.60 21.45
C CYS G 243 9.47 7.77 22.54
N PHE G 244 10.52 6.97 22.47
CA PHE G 244 11.62 7.07 23.43
C PHE G 244 12.79 7.84 22.82
N ASP G 245 13.24 7.39 21.65
CA ASP G 245 14.38 8.02 21.00
C ASP G 245 14.14 8.56 19.59
N ALA G 246 15.22 8.95 18.93
CA ALA G 246 15.14 9.51 17.59
C ALA G 246 14.59 8.52 16.57
N GLN G 247 14.98 7.25 16.69
CA GLN G 247 14.48 6.24 15.76
C GLN G 247 12.97 6.10 15.88
N ASP G 248 12.45 6.15 17.10
CA ASP G 248 11.01 6.06 17.30
C ASP G 248 10.35 7.27 16.65
N ALA G 249 10.92 8.46 16.88
CA ALA G 249 10.37 9.68 16.32
C ALA G 249 10.31 9.60 14.80
N LEU G 250 11.39 9.11 14.19
CA LEU G 250 11.44 9.00 12.73
C LEU G 250 10.33 8.09 12.21
N GLU G 251 10.12 6.98 12.92
CA GLU G 251 9.08 6.02 12.54
C GLU G 251 7.71 6.68 12.64
N LEU G 252 7.46 7.38 13.74
CA LEU G 252 6.18 8.05 13.95
C LEU G 252 5.90 9.16 12.94
N VAL G 253 6.92 9.94 12.59
CA VAL G 253 6.70 11.02 11.63
C VAL G 253 6.53 10.45 10.23
N LYS G 254 7.23 9.36 9.95
CA LYS G 254 7.14 8.71 8.64
C LYS G 254 5.71 8.27 8.37
N LYS G 255 5.07 7.73 9.40
CA LYS G 255 3.71 7.22 9.29
C LYS G 255 2.60 8.21 9.65
N GLY G 256 2.97 9.40 10.13
CA GLY G 256 1.97 10.38 10.51
C GLY G 256 1.10 9.83 11.62
N THR G 257 1.73 9.08 12.52
CA THR G 257 1.05 8.44 13.64
C THR G 257 0.39 9.37 14.65
N VAL G 258 1.05 10.49 14.96
CA VAL G 258 0.52 11.44 15.93
C VAL G 258 0.69 12.88 15.46
N ASP G 259 0.13 13.83 16.22
CA ASP G 259 0.21 15.25 15.90
C ASP G 259 1.33 15.94 16.67
N VAL G 260 1.64 15.41 17.85
CA VAL G 260 2.65 15.98 18.72
C VAL G 260 3.42 14.83 19.38
N ILE G 261 4.67 15.09 19.72
CA ILE G 261 5.50 14.09 20.37
C ILE G 261 6.06 14.65 21.68
N ASN G 262 5.90 13.89 22.75
CA ASN G 262 6.37 14.31 24.07
C ASN G 262 7.78 13.78 24.29
N ILE G 263 8.73 14.71 24.45
CA ILE G 263 10.13 14.36 24.68
C ILE G 263 10.41 14.34 26.18
N LYS G 264 11.21 13.37 26.60
CA LYS G 264 11.62 13.26 28.01
C LYS G 264 13.09 12.84 27.98
N LEU G 265 13.95 13.66 28.57
CA LEU G 265 15.37 13.34 28.59
C LEU G 265 15.62 11.96 29.18
N MET G 266 14.77 11.53 30.09
CA MET G 266 14.95 10.21 30.71
C MET G 266 14.49 9.07 29.81
N LYS G 267 13.84 9.40 28.69
CA LYS G 267 13.39 8.39 27.73
C LYS G 267 14.41 8.28 26.59
N CYS G 268 14.92 9.42 26.15
CA CYS G 268 15.86 9.46 25.03
C CYS G 268 17.34 9.39 25.37
N GLY G 269 17.68 9.54 26.65
CA GLY G 269 19.07 9.48 27.03
C GLY G 269 19.84 10.79 26.92
N GLY G 270 19.15 11.91 27.12
CA GLY G 270 19.85 13.18 27.09
C GLY G 270 19.45 14.20 26.04
N ILE G 271 20.04 15.38 26.18
CA ILE G 271 19.80 16.52 25.29
C ILE G 271 20.23 16.21 23.86
N HIS G 272 21.36 15.53 23.73
CA HIS G 272 21.89 15.19 22.41
C HIS G 272 20.86 14.46 21.55
N GLU G 273 20.18 13.48 22.14
CA GLU G 273 19.16 12.71 21.43
C GLU G 273 17.87 13.51 21.32
N ALA G 274 17.56 14.28 22.36
CA ALA G 274 16.35 15.10 22.38
C ALA G 274 16.34 16.12 21.24
N LEU G 275 17.51 16.65 20.93
CA LEU G 275 17.64 17.62 19.84
C LEU G 275 17.30 16.95 18.51
N LYS G 276 17.76 15.71 18.34
CA LYS G 276 17.49 14.94 17.12
C LYS G 276 15.98 14.75 16.96
N ILE G 277 15.33 14.32 18.04
CA ILE G 277 13.89 14.11 18.02
C ILE G 277 13.15 15.37 17.61
N ASN G 278 13.50 16.48 18.24
CA ASN G 278 12.83 17.73 17.92
C ASN G 278 13.03 18.19 16.48
N GLN G 279 14.24 18.04 15.96
CA GLN G 279 14.49 18.48 14.59
C GLN G 279 13.82 17.56 13.58
N ILE G 280 13.71 16.28 13.91
CA ILE G 280 13.04 15.34 13.02
C ILE G 280 11.56 15.74 13.00
N CYS G 281 11.00 15.99 14.18
CA CYS G 281 9.60 16.39 14.29
C CYS G 281 9.32 17.72 13.59
N GLU G 282 10.17 18.70 13.84
CA GLU G 282 10.00 20.03 13.24
C GLU G 282 9.98 19.94 11.72
N THR G 283 10.86 19.11 11.18
CA THR G 283 10.96 18.92 9.74
C THR G 283 9.65 18.37 9.15
N ALA G 284 8.94 17.57 9.95
CA ALA G 284 7.68 16.98 9.51
C ALA G 284 6.45 17.80 9.90
N GLY G 285 6.67 18.95 10.54
CA GLY G 285 5.56 19.79 10.93
C GLY G 285 4.86 19.31 12.20
N ILE G 286 5.60 18.54 13.00
CA ILE G 286 5.09 18.01 14.26
C ILE G 286 5.78 18.73 15.41
N GLU G 287 5.00 19.35 16.28
CA GLU G 287 5.55 20.06 17.42
C GLU G 287 5.89 19.08 18.53
N CYS G 288 6.69 19.53 19.48
CA CYS G 288 7.08 18.68 20.60
C CYS G 288 6.77 19.34 21.93
N MET G 289 6.49 18.49 22.91
CA MET G 289 6.28 18.95 24.27
C MET G 289 7.42 18.29 25.01
N ILE G 290 7.89 18.91 26.08
CA ILE G 290 8.95 18.26 26.86
C ILE G 290 8.31 17.97 28.21
N GLY G 291 8.48 16.74 28.68
CA GLY G 291 7.90 16.35 29.95
C GLY G 291 8.98 15.91 30.92
N CYS G 292 8.57 15.21 31.96
CA CYS G 292 9.52 14.74 32.96
C CYS G 292 9.06 13.46 33.64
N MET G 293 9.96 12.85 34.39
CA MET G 293 9.67 11.63 35.12
C MET G 293 9.39 12.00 36.56
N ALA G 294 8.59 11.18 37.24
CA ALA G 294 8.25 11.44 38.63
C ALA G 294 9.46 11.34 39.55
N GLU G 295 10.48 10.61 39.12
CA GLU G 295 11.68 10.42 39.93
C GLU G 295 12.82 11.42 39.75
N GLU G 296 12.69 12.37 38.82
CA GLU G 296 13.77 13.32 38.65
C GLU G 296 13.49 14.60 39.41
N THR G 297 14.52 15.40 39.62
CA THR G 297 14.37 16.62 40.39
C THR G 297 14.93 17.86 39.67
N THR G 298 15.48 18.78 40.46
CA THR G 298 16.03 20.04 39.96
C THR G 298 16.92 19.97 38.72
N ILE G 299 17.91 19.08 38.75
CA ILE G 299 18.85 18.96 37.64
C ILE G 299 18.17 18.57 36.33
N GLY G 300 17.39 17.48 36.34
CA GLY G 300 16.71 17.04 35.14
C GLY G 300 15.72 18.06 34.61
N ILE G 301 14.96 18.67 35.51
CA ILE G 301 13.98 19.68 35.12
C ILE G 301 14.65 20.90 34.52
N THR G 302 15.73 21.35 35.15
CA THR G 302 16.47 22.51 34.67
C THR G 302 16.99 22.28 33.25
N ALA G 303 17.62 21.12 33.03
CA ALA G 303 18.17 20.78 31.72
C ALA G 303 17.06 20.79 30.67
N ALA G 304 15.92 20.22 31.01
CA ALA G 304 14.78 20.17 30.09
C ALA G 304 14.22 21.57 29.83
N ALA G 305 14.27 22.42 30.84
CA ALA G 305 13.77 23.79 30.70
C ALA G 305 14.63 24.61 29.74
N HIS G 306 15.94 24.42 29.81
CA HIS G 306 16.87 25.14 28.93
C HIS G 306 16.67 24.68 27.50
N LEU G 307 16.49 23.38 27.32
CA LEU G 307 16.28 22.83 25.98
C LEU G 307 14.98 23.35 25.38
N ALA G 308 13.91 23.33 26.15
CA ALA G 308 12.60 23.79 25.68
C ALA G 308 12.62 25.28 25.34
N ALA G 309 13.31 26.07 26.15
CA ALA G 309 13.39 27.51 25.93
C ALA G 309 14.15 27.79 24.64
N ALA G 310 15.23 27.04 24.44
CA ALA G 310 16.10 27.21 23.29
C ALA G 310 15.51 26.84 21.95
N GLN G 311 14.67 25.81 21.93
CA GLN G 311 14.07 25.30 20.70
C GLN G 311 12.63 25.77 20.43
N LYS G 312 12.45 26.42 19.28
CA LYS G 312 11.14 26.93 18.87
C LYS G 312 10.08 25.85 18.74
N ASN G 313 10.47 24.69 18.18
CA ASN G 313 9.50 23.62 17.98
C ASN G 313 9.04 22.90 19.24
N ILE G 314 9.70 23.13 20.36
CA ILE G 314 9.24 22.52 21.62
C ILE G 314 8.32 23.61 22.13
N THR G 315 7.05 23.50 21.74
CA THR G 315 6.03 24.50 22.06
C THR G 315 5.23 24.32 23.35
N ARG G 316 5.36 23.16 23.98
CA ARG G 316 4.64 22.89 25.22
C ARG G 316 5.61 22.34 26.26
N ALA G 317 5.24 22.47 27.53
CA ALA G 317 6.09 21.98 28.60
C ALA G 317 5.27 21.44 29.76
N ASP G 318 5.68 20.27 30.26
CA ASP G 318 5.03 19.61 31.38
C ASP G 318 6.19 19.28 32.32
N LEU G 319 6.73 20.32 32.96
CA LEU G 319 7.87 20.20 33.87
C LEU G 319 7.44 20.65 35.26
N ASP G 320 6.79 19.75 35.98
CA ASP G 320 6.29 20.06 37.31
C ASP G 320 6.83 19.14 38.41
N ALA G 321 7.91 18.42 38.11
CA ALA G 321 8.49 17.50 39.07
C ALA G 321 8.99 18.18 40.34
N THR G 322 9.56 19.37 40.22
CA THR G 322 10.07 20.08 41.39
C THR G 322 8.98 20.56 42.34
N PHE G 323 7.76 20.73 41.83
CA PHE G 323 6.65 21.22 42.65
C PHE G 323 6.23 20.28 43.79
N GLY G 324 6.56 18.99 43.65
CA GLY G 324 6.19 18.03 44.68
C GLY G 324 7.31 17.63 45.62
N LEU G 325 8.44 18.34 45.54
CA LEU G 325 9.59 18.03 46.38
C LEU G 325 9.64 18.95 47.60
N GLU G 326 10.14 18.41 48.72
CA GLU G 326 10.25 19.20 49.94
C GLU G 326 11.57 19.97 49.95
N THR G 327 12.59 19.37 49.33
CA THR G 327 13.90 20.01 49.26
C THR G 327 14.54 19.79 47.89
N ALA G 328 15.67 20.46 47.67
CA ALA G 328 16.39 20.34 46.41
C ALA G 328 17.78 19.77 46.68
N PRO G 329 18.26 18.85 45.83
CA PRO G 329 19.58 18.24 46.01
C PRO G 329 20.73 19.16 45.62
N VAL G 330 20.41 20.29 45.00
CA VAL G 330 21.41 21.25 44.57
C VAL G 330 20.88 22.68 44.68
N THR G 331 21.77 23.64 44.46
CA THR G 331 21.41 25.05 44.53
C THR G 331 21.20 25.62 43.12
N GLY G 332 20.17 26.45 42.98
CA GLY G 332 19.89 27.07 41.71
C GLY G 332 19.03 26.23 40.79
N GLY G 333 18.96 26.65 39.52
CA GLY G 333 18.14 25.93 38.56
C GLY G 333 16.68 26.26 38.81
N VAL G 334 15.78 25.44 38.28
CA VAL G 334 14.35 25.66 38.47
C VAL G 334 14.02 25.43 39.94
N SER G 335 13.33 26.37 40.57
CA SER G 335 12.99 26.27 41.98
C SER G 335 11.89 25.25 42.27
N LEU G 336 11.66 25.03 43.56
CA LEU G 336 10.64 24.09 44.01
C LEU G 336 9.25 24.74 44.01
N GLU G 337 9.21 26.05 43.80
CA GLU G 337 7.94 26.76 43.79
C GLU G 337 7.03 26.33 42.67
N ALA G 338 5.75 26.16 42.98
CA ALA G 338 4.76 25.77 41.98
C ALA G 338 4.25 27.02 41.27
N LYS G 339 4.90 27.34 40.15
CA LYS G 339 4.53 28.50 39.34
C LYS G 339 4.62 28.09 37.88
N PRO G 340 3.80 28.70 37.01
CA PRO G 340 3.83 28.35 35.58
C PRO G 340 5.03 28.87 34.80
N LEU G 341 5.59 30.00 35.24
CA LEU G 341 6.74 30.58 34.54
C LEU G 341 8.08 30.14 35.09
N LEU G 342 8.91 29.58 34.23
CA LEU G 342 10.24 29.13 34.62
C LEU G 342 11.28 29.99 33.90
N GLU G 343 11.86 30.94 34.61
CA GLU G 343 12.87 31.83 34.04
C GLU G 343 14.27 31.26 34.31
N LEU G 344 15.10 31.21 33.27
CA LEU G 344 16.45 30.62 33.39
C LEU G 344 17.63 31.49 33.85
N GLY G 345 17.54 32.80 33.68
CA GLY G 345 18.63 33.65 34.12
C GLY G 345 19.85 33.60 33.21
N GLU G 346 20.92 34.28 33.63
CA GLU G 346 22.15 34.34 32.84
C GLU G 346 23.33 33.53 33.34
N ALA G 347 23.14 32.73 34.39
CA ALA G 347 24.24 31.91 34.91
C ALA G 347 24.69 30.91 33.84
N ALA G 348 25.98 30.61 33.81
CA ALA G 348 26.54 29.70 32.83
C ALA G 348 25.97 28.28 32.96
N GLY G 349 25.90 27.56 31.85
CA GLY G 349 25.38 26.21 31.87
C GLY G 349 23.98 26.11 32.44
N LEU G 350 23.79 25.16 33.37
CA LEU G 350 22.50 24.96 34.02
C LEU G 350 22.23 25.98 35.12
N GLY G 351 23.25 26.73 35.50
CA GLY G 351 23.07 27.72 36.56
C GLY G 351 22.88 27.03 37.89
N ILE G 352 23.46 25.84 38.02
CA ILE G 352 23.35 25.03 39.24
C ILE G 352 24.68 24.90 39.98
N SER G 353 24.61 24.93 41.31
CA SER G 353 25.79 24.78 42.15
C SER G 353 25.48 23.85 43.31
N HIS G 354 26.50 23.37 43.99
CA HIS G 354 26.35 22.46 45.11
C HIS G 354 25.23 22.89 46.06
N MET H 1 24.62 39.67 23.87
CA MET H 1 25.25 39.81 22.53
C MET H 1 24.19 40.24 21.52
N LYS H 2 24.48 41.33 20.80
CA LYS H 2 23.54 41.86 19.81
C LYS H 2 24.21 42.26 18.52
N ILE H 3 23.57 41.94 17.40
CA ILE H 3 24.14 42.30 16.10
C ILE H 3 24.02 43.81 15.94
N LYS H 4 25.14 44.44 15.59
CA LYS H 4 25.20 45.88 15.40
C LYS H 4 24.98 46.26 13.94
N GLN H 5 25.66 45.57 13.03
CA GLN H 5 25.57 45.89 11.61
C GLN H 5 25.94 44.69 10.74
N VAL H 6 25.45 44.71 9.51
CA VAL H 6 25.73 43.64 8.55
C VAL H 6 26.22 44.25 7.23
N HIS H 7 27.38 43.79 6.78
CA HIS H 7 27.96 44.24 5.51
C HIS H 7 28.06 43.07 4.56
N VAL H 8 27.97 43.35 3.27
CA VAL H 8 28.10 42.31 2.25
C VAL H 8 28.79 42.92 1.04
N ARG H 9 29.63 42.13 0.39
CA ARG H 9 30.34 42.59 -0.79
C ARG H 9 30.43 41.46 -1.81
N ALA H 10 30.41 41.84 -3.09
CA ALA H 10 30.53 40.85 -4.15
C ALA H 10 32.01 40.48 -4.18
N SER H 11 32.29 39.20 -4.40
CA SER H 11 33.66 38.72 -4.46
C SER H 11 33.88 37.94 -5.75
N LYS H 12 35.00 38.20 -6.43
CA LYS H 12 35.33 37.50 -7.66
C LYS H 12 36.76 37.00 -7.59
N ILE H 13 36.91 35.67 -7.50
CA ILE H 13 38.23 35.04 -7.42
C ILE H 13 38.49 34.22 -8.68
N LYS H 14 39.63 34.48 -9.31
CA LYS H 14 40.02 33.77 -10.52
C LYS H 14 40.31 32.30 -10.23
N LEU H 15 39.74 31.41 -11.06
CA LEU H 15 39.95 29.98 -10.92
C LEU H 15 41.22 29.59 -11.67
N LYS H 16 41.96 28.61 -11.14
CA LYS H 16 43.17 28.14 -11.79
C LYS H 16 42.83 27.46 -13.11
N GLU H 17 41.68 26.79 -13.13
CA GLU H 17 41.22 26.09 -14.33
C GLU H 17 39.78 26.47 -14.65
N THR H 18 39.49 26.60 -15.94
CA THR H 18 38.16 26.96 -16.40
C THR H 18 37.31 25.72 -16.65
N GLU H 27 35.07 30.72 -15.16
CA GLU H 27 36.44 31.24 -15.14
C GLU H 27 36.81 31.80 -13.77
N SER H 28 35.80 32.01 -12.93
CA SER H 28 36.04 32.56 -11.60
C SER H 28 34.95 32.16 -10.61
N ALA H 29 35.23 32.35 -9.33
CA ALA H 29 34.28 32.05 -8.27
C ALA H 29 33.66 33.37 -7.84
N ASP H 30 32.37 33.54 -8.12
CA ASP H 30 31.65 34.76 -7.76
C ASP H 30 30.72 34.47 -6.60
N SER H 31 30.96 35.14 -5.48
CA SER H 31 30.13 34.92 -4.30
C SER H 31 29.94 36.19 -3.51
N ALA H 32 29.05 36.12 -2.52
CA ALA H 32 28.77 37.24 -1.65
C ALA H 32 29.45 36.96 -0.32
N ILE H 33 30.26 37.89 0.16
CA ILE H 33 30.93 37.72 1.43
C ILE H 33 30.31 38.66 2.44
N VAL H 34 29.93 38.09 3.59
CA VAL H 34 29.26 38.82 4.65
C VAL H 34 30.11 38.99 5.91
N GLU H 35 29.96 40.14 6.54
CA GLU H 35 30.62 40.44 7.80
C GLU H 35 29.53 40.90 8.74
N ILE H 36 29.38 40.22 9.87
CA ILE H 36 28.38 40.61 10.85
C ILE H 36 29.14 41.06 12.09
N GLU H 37 28.90 42.28 12.53
CA GLU H 37 29.58 42.82 13.70
C GLU H 37 28.59 43.02 14.84
N THR H 38 29.03 42.71 16.06
CA THR H 38 28.20 42.87 17.24
C THR H 38 28.48 44.22 17.91
N GLU H 39 27.58 44.63 18.80
CA GLU H 39 27.75 45.91 19.48
C GLU H 39 29.09 45.96 20.21
N GLU H 40 29.56 44.82 20.70
CA GLU H 40 30.84 44.80 21.41
C GLU H 40 32.08 44.62 20.56
N GLY H 41 31.92 44.63 19.24
CA GLY H 41 33.09 44.53 18.37
C GLY H 41 33.47 43.23 17.70
N LEU H 42 32.80 42.13 18.01
CA LEU H 42 33.15 40.86 17.37
C LEU H 42 32.64 40.88 15.93
N VAL H 43 33.38 40.23 15.05
CA VAL H 43 33.02 40.17 13.64
C VAL H 43 32.99 38.74 13.13
N GLY H 44 31.84 38.32 12.62
CA GLY H 44 31.69 36.98 12.07
C GLY H 44 31.66 37.03 10.56
N TYR H 45 32.23 36.03 9.91
CA TYR H 45 32.29 35.98 8.45
C TYR H 45 31.41 34.90 7.84
N GLY H 46 30.70 35.26 6.78
CA GLY H 46 29.83 34.33 6.10
C GLY H 46 30.00 34.44 4.60
N GLU H 47 29.50 33.45 3.86
CA GLU H 47 29.60 33.48 2.41
C GLU H 47 28.39 32.82 1.78
N GLY H 48 27.97 33.39 0.66
CA GLY H 48 26.84 32.85 -0.08
C GLY H 48 27.35 32.61 -1.48
N GLY H 49 27.52 31.33 -1.86
CA GLY H 49 28.00 30.99 -3.18
C GLY H 49 26.83 30.53 -4.03
N PRO H 50 26.26 31.42 -4.85
CA PRO H 50 25.11 31.10 -5.71
C PRO H 50 25.42 30.38 -7.02
N GLY H 51 24.85 29.18 -7.17
CA GLY H 51 25.05 28.39 -8.37
C GLY H 51 23.76 28.39 -9.17
N ILE H 52 23.70 29.25 -10.19
CA ILE H 52 22.51 29.37 -11.01
C ILE H 52 22.07 28.04 -11.63
N PHE H 53 23.01 27.24 -12.09
CA PHE H 53 22.68 25.96 -12.70
C PHE H 53 22.26 24.87 -11.71
N ILE H 54 22.47 25.12 -10.42
CA ILE H 54 22.09 24.14 -9.40
C ILE H 54 20.86 24.55 -8.58
N THR H 55 20.88 25.76 -8.05
CA THR H 55 19.79 26.27 -7.21
C THR H 55 19.02 27.41 -7.85
N GLY H 56 19.57 27.95 -8.94
CA GLY H 56 18.92 29.06 -9.62
C GLY H 56 19.31 30.41 -9.05
N GLU H 57 20.07 30.41 -7.97
CA GLU H 57 20.47 31.66 -7.35
C GLU H 57 21.57 32.39 -8.06
N THR H 58 21.39 33.70 -8.16
CA THR H 58 22.34 34.59 -8.83
C THR H 58 23.05 35.43 -7.78
N LEU H 59 24.17 36.02 -8.16
CA LEU H 59 24.90 36.87 -7.23
C LEU H 59 24.05 38.11 -6.92
N ALA H 60 23.44 38.69 -7.95
CA ALA H 60 22.62 39.89 -7.75
C ALA H 60 21.46 39.63 -6.79
N GLY H 61 20.77 38.51 -6.98
CA GLY H 61 19.65 38.19 -6.10
C GLY H 61 20.12 37.88 -4.69
N THR H 62 21.28 37.21 -4.59
CA THR H 62 21.84 36.86 -3.30
C THR H 62 22.23 38.12 -2.51
N LEU H 63 22.86 39.08 -3.19
CA LEU H 63 23.24 40.33 -2.53
C LEU H 63 22.01 41.06 -2.03
N GLU H 64 21.00 41.18 -2.88
CA GLU H 64 19.77 41.87 -2.50
C GLU H 64 19.07 41.21 -1.32
N THR H 65 19.03 39.88 -1.33
CA THR H 65 18.38 39.16 -0.23
C THR H 65 19.17 39.32 1.05
N ILE H 66 20.50 39.22 0.97
CA ILE H 66 21.33 39.36 2.15
C ILE H 66 21.11 40.74 2.79
N GLU H 67 21.01 41.77 1.95
CA GLU H 67 20.80 43.11 2.48
C GLU H 67 19.50 43.17 3.29
N LEU H 68 18.44 42.56 2.76
CA LEU H 68 17.16 42.54 3.44
C LEU H 68 17.28 41.77 4.75
N PHE H 69 18.02 40.66 4.74
CA PHE H 69 18.21 39.88 5.96
C PHE H 69 18.97 40.71 7.00
N GLY H 70 20.06 41.34 6.55
CA GLY H 70 20.87 42.14 7.44
C GLY H 70 20.07 43.16 8.22
N GLN H 71 19.23 43.89 7.50
CA GLN H 71 18.38 44.92 8.10
C GLN H 71 17.43 44.34 9.16
N ALA H 72 16.90 43.15 8.88
CA ALA H 72 15.95 42.53 9.80
C ALA H 72 16.55 41.88 11.05
N ILE H 73 17.85 41.57 11.05
CA ILE H 73 18.44 40.94 12.22
C ILE H 73 19.25 41.86 13.12
N ILE H 74 19.23 43.16 12.83
CA ILE H 74 19.96 44.11 13.66
C ILE H 74 19.31 44.03 15.05
N GLY H 75 20.13 43.93 16.08
CA GLY H 75 19.60 43.86 17.43
C GLY H 75 19.41 42.45 17.98
N LEU H 76 19.41 41.45 17.09
CA LEU H 76 19.23 40.08 17.52
C LEU H 76 20.52 39.46 18.04
N ASN H 77 20.39 38.39 18.81
CA ASN H 77 21.52 37.68 19.37
C ASN H 77 21.93 36.56 18.41
N PRO H 78 23.20 36.51 18.01
CA PRO H 78 23.70 35.48 17.09
C PRO H 78 23.41 34.06 17.58
N PHE H 79 23.33 33.90 18.90
CA PHE H 79 23.04 32.58 19.47
C PHE H 79 21.60 32.19 19.25
N ASN H 80 20.74 33.16 18.97
CA ASN H 80 19.33 32.88 18.72
C ASN H 80 19.24 32.46 17.24
N ILE H 81 19.93 31.38 16.91
CA ILE H 81 19.97 30.87 15.53
C ILE H 81 18.58 30.42 15.09
N GLU H 82 17.74 30.06 16.06
CA GLU H 82 16.37 29.65 15.78
C GLU H 82 15.58 30.85 15.24
N LYS H 83 15.69 31.99 15.92
CA LYS H 83 14.97 33.18 15.45
C LYS H 83 15.59 33.74 14.18
N ILE H 84 16.91 33.67 14.07
CA ILE H 84 17.59 34.19 12.88
C ILE H 84 17.02 33.50 11.65
N HIS H 85 16.91 32.18 11.71
CA HIS H 85 16.37 31.45 10.57
C HIS H 85 14.87 31.71 10.40
N GLU H 86 14.17 31.93 11.50
CA GLU H 86 12.75 32.23 11.45
C GLU H 86 12.53 33.54 10.67
N VAL H 87 13.32 34.54 11.01
CA VAL H 87 13.24 35.85 10.35
C VAL H 87 13.57 35.73 8.86
N MET H 88 14.64 35.02 8.53
CA MET H 88 15.02 34.86 7.14
C MET H 88 13.97 34.10 6.34
N ASP H 89 13.36 33.07 6.95
CA ASP H 89 12.34 32.31 6.23
C ASP H 89 11.08 33.15 6.01
N LYS H 90 10.80 34.07 6.92
CA LYS H 90 9.64 34.94 6.78
C LYS H 90 9.84 35.92 5.63
N ILE H 91 11.08 36.37 5.47
CA ILE H 91 11.44 37.31 4.42
C ILE H 91 11.51 36.67 3.04
N SER H 92 12.24 35.55 2.95
CA SER H 92 12.38 34.85 1.67
C SER H 92 11.94 33.39 1.70
N ALA H 93 11.09 33.03 0.75
CA ALA H 93 10.57 31.67 0.61
C ALA H 93 11.65 30.71 0.12
N PHE H 94 12.69 31.26 -0.51
CA PHE H 94 13.77 30.43 -1.04
C PHE H 94 15.01 31.27 -1.38
N ALA H 95 16.10 31.02 -0.65
CA ALA H 95 17.36 31.73 -0.87
C ALA H 95 18.45 31.06 -0.04
N PRO H 96 18.72 29.77 -0.31
CA PRO H 96 19.76 29.06 0.45
C PRO H 96 21.14 29.73 0.51
N ALA H 97 21.60 30.32 -0.57
CA ALA H 97 22.92 30.97 -0.55
C ALA H 97 22.92 32.17 0.41
N ALA H 98 21.89 33.00 0.32
CA ALA H 98 21.77 34.17 1.19
C ALA H 98 21.60 33.75 2.64
N LYS H 99 20.79 32.72 2.88
CA LYS H 99 20.57 32.24 4.23
C LYS H 99 21.86 31.63 4.78
N ALA H 100 22.59 30.91 3.94
CA ALA H 100 23.85 30.32 4.38
C ALA H 100 24.84 31.41 4.77
N ALA H 101 24.85 32.51 4.00
CA ALA H 101 25.79 33.60 4.29
C ALA H 101 25.57 34.16 5.69
N ILE H 102 24.32 34.43 6.05
CA ILE H 102 24.00 34.95 7.38
C ILE H 102 24.30 33.89 8.45
N ASP H 103 23.77 32.69 8.23
CA ASP H 103 23.94 31.57 9.15
C ASP H 103 25.40 31.30 9.51
N ILE H 104 26.26 31.21 8.49
CA ILE H 104 27.68 30.94 8.75
C ILE H 104 28.32 32.04 9.60
N ALA H 105 28.01 33.30 9.30
CA ALA H 105 28.57 34.40 10.06
C ALA H 105 28.09 34.36 11.51
N CYS H 106 26.85 33.94 11.74
CA CYS H 106 26.33 33.86 13.10
C CYS H 106 27.06 32.75 13.87
N TYR H 107 27.32 31.62 13.22
CA TYR H 107 28.04 30.53 13.89
C TYR H 107 29.47 30.96 14.19
N ASP H 108 30.06 31.73 13.28
CA ASP H 108 31.41 32.22 13.49
C ASP H 108 31.39 33.08 14.76
N LEU H 109 30.39 33.96 14.88
CA LEU H 109 30.26 34.82 16.06
C LEU H 109 30.03 34.02 17.33
N MET H 110 29.25 32.95 17.24
CA MET H 110 29.02 32.12 18.42
C MET H 110 30.36 31.58 18.91
N GLY H 111 31.17 31.09 17.98
CA GLY H 111 32.47 30.55 18.33
C GLY H 111 33.38 31.57 18.96
N GLN H 112 33.38 32.79 18.41
CA GLN H 112 34.24 33.83 18.94
C GLN H 112 33.78 34.28 20.32
N LYS H 113 32.48 34.37 20.54
CA LYS H 113 31.96 34.78 21.84
C LYS H 113 32.26 33.71 22.89
N ALA H 114 32.11 32.45 22.51
CA ALA H 114 32.37 31.34 23.42
C ALA H 114 33.86 31.04 23.52
N GLN H 115 34.64 31.70 22.66
CA GLN H 115 36.09 31.50 22.60
C GLN H 115 36.42 30.04 22.37
N LEU H 116 35.79 29.48 21.34
CA LEU H 116 35.98 28.08 20.97
C LEU H 116 35.99 27.93 19.45
N PRO H 117 36.79 27.00 18.93
CA PRO H 117 36.81 26.81 17.47
C PRO H 117 35.39 26.31 17.16
N LEU H 118 34.86 26.67 16.00
CA LEU H 118 33.52 26.26 15.65
C LEU H 118 33.18 24.78 15.80
N TYR H 119 34.09 23.90 15.38
CA TYR H 119 33.80 22.47 15.48
C TYR H 119 33.42 22.02 16.89
N GLN H 120 33.94 22.70 17.92
CA GLN H 120 33.61 22.34 19.30
C GLN H 120 32.15 22.63 19.65
N LEU H 121 31.52 23.54 18.91
CA LEU H 121 30.12 23.87 19.17
C LEU H 121 29.18 23.03 18.31
N LEU H 122 29.74 22.31 17.36
CA LEU H 122 28.93 21.50 16.45
C LEU H 122 28.99 19.99 16.65
N GLY H 123 29.55 19.54 17.77
CA GLY H 123 29.61 18.10 18.00
C GLY H 123 30.94 17.63 18.56
N GLY H 124 32.00 18.36 18.19
CA GLY H 124 33.35 18.05 18.67
C GLY H 124 33.94 16.67 18.43
N TYR H 125 33.44 15.93 17.45
CA TYR H 125 33.96 14.59 17.17
C TYR H 125 35.42 14.57 16.75
N ASP H 126 35.84 15.56 15.98
CA ASP H 126 37.22 15.63 15.50
C ASP H 126 37.60 17.09 15.24
N ASN H 127 38.88 17.34 14.97
CA ASN H 127 39.35 18.70 14.71
C ASN H 127 40.03 18.79 13.35
N GLN H 128 39.76 17.80 12.50
CA GLN H 128 40.33 17.76 11.17
C GLN H 128 39.47 16.88 10.29
N VAL H 129 39.59 17.05 8.98
CA VAL H 129 38.82 16.25 8.06
C VAL H 129 39.62 15.99 6.79
N ILE H 130 39.43 14.82 6.20
CA ILE H 130 40.13 14.46 4.98
C ILE H 130 39.20 14.69 3.80
N THR H 131 39.70 15.39 2.78
CA THR H 131 38.90 15.68 1.60
C THR H 131 39.48 15.05 0.35
N ASP H 132 38.61 14.80 -0.63
CA ASP H 132 39.04 14.25 -1.90
C ASP H 132 39.43 15.48 -2.72
N ILE H 133 39.80 15.26 -3.97
CA ILE H 133 40.12 16.36 -4.86
C ILE H 133 39.47 16.00 -6.19
N THR H 134 38.83 16.98 -6.82
CA THR H 134 38.17 16.76 -8.09
C THR H 134 39.14 17.02 -9.23
N LEU H 135 39.17 16.10 -10.19
CA LEU H 135 40.04 16.26 -11.35
C LEU H 135 39.23 16.89 -12.48
N GLY H 136 39.74 17.95 -13.07
CA GLY H 136 39.03 18.61 -14.15
C GLY H 136 38.93 17.69 -15.36
N ILE H 137 37.80 17.71 -16.05
CA ILE H 137 37.64 16.85 -17.22
C ILE H 137 38.64 17.27 -18.29
N ASP H 138 39.18 16.28 -19.00
CA ASP H 138 40.16 16.52 -20.05
C ASP H 138 40.37 15.18 -20.76
N GLU H 139 41.42 15.09 -21.57
CA GLU H 139 41.72 13.85 -22.27
C GLU H 139 42.07 12.82 -21.20
N PRO H 140 41.74 11.54 -21.44
CA PRO H 140 42.05 10.48 -20.48
C PRO H 140 43.49 10.48 -20.00
N ASN H 141 44.43 10.65 -20.93
CA ASN H 141 45.85 10.67 -20.58
C ASN H 141 46.19 11.87 -19.71
N VAL H 142 45.59 13.01 -20.01
CA VAL H 142 45.84 14.22 -19.25
C VAL H 142 45.30 14.08 -17.83
N MET H 143 44.09 13.54 -17.71
CA MET H 143 43.47 13.33 -16.41
C MET H 143 44.28 12.32 -15.60
N ALA H 144 44.76 11.29 -16.27
CA ALA H 144 45.55 10.25 -15.61
C ALA H 144 46.83 10.88 -15.08
N GLN H 145 47.44 11.76 -15.88
CA GLN H 145 48.67 12.43 -15.50
C GLN H 145 48.44 13.32 -14.27
N LYS H 146 47.29 13.97 -14.20
CA LYS H 146 46.99 14.84 -13.07
C LYS H 146 46.62 13.99 -11.86
N ALA H 147 46.09 12.80 -12.11
CA ALA H 147 45.70 11.89 -11.04
C ALA H 147 46.95 11.49 -10.24
N VAL H 148 47.98 11.04 -10.93
CA VAL H 148 49.21 10.63 -10.26
C VAL H 148 49.79 11.83 -9.52
N GLU H 149 49.56 13.02 -10.06
CA GLU H 149 50.06 14.26 -9.46
C GLU H 149 49.39 14.48 -8.10
N LYS H 150 48.07 14.38 -8.08
CA LYS H 150 47.30 14.58 -6.86
C LYS H 150 47.62 13.50 -5.83
N VAL H 151 47.82 12.28 -6.31
CA VAL H 151 48.17 11.18 -5.43
C VAL H 151 49.53 11.47 -4.82
N LYS H 152 50.37 12.16 -5.59
CA LYS H 152 51.70 12.53 -5.13
C LYS H 152 51.58 13.54 -3.99
N LEU H 153 50.48 14.29 -4.00
CA LEU H 153 50.21 15.29 -2.97
C LEU H 153 49.63 14.67 -1.71
N GLY H 154 49.29 13.39 -1.78
CA GLY H 154 48.74 12.70 -0.62
C GLY H 154 47.26 12.38 -0.70
N PHE H 155 46.62 12.74 -1.81
CA PHE H 155 45.19 12.45 -1.98
C PHE H 155 44.94 10.97 -2.25
N ASP H 156 44.12 10.35 -1.42
CA ASP H 156 43.78 8.94 -1.56
C ASP H 156 42.42 8.73 -2.22
N THR H 157 41.70 9.83 -2.44
CA THR H 157 40.38 9.78 -3.08
C THR H 157 40.29 10.85 -4.16
N LEU H 158 39.87 10.45 -5.36
CA LEU H 158 39.75 11.39 -6.47
C LEU H 158 38.31 11.41 -6.95
N LYS H 159 37.83 12.59 -7.30
CA LYS H 159 36.46 12.73 -7.79
C LYS H 159 36.47 13.12 -9.26
N ILE H 160 35.60 12.47 -10.04
CA ILE H 160 35.53 12.71 -11.47
C ILE H 160 34.08 12.84 -11.94
N LYS H 161 33.85 13.78 -12.86
CA LYS H 161 32.52 13.97 -13.40
C LYS H 161 32.33 12.99 -14.56
N VAL H 162 31.14 12.40 -14.64
CA VAL H 162 30.83 11.47 -15.72
C VAL H 162 29.45 11.85 -16.28
N GLY H 163 28.94 11.03 -17.19
CA GLY H 163 27.64 11.33 -17.79
C GLY H 163 27.79 12.16 -19.03
N THR H 164 29.00 12.18 -19.59
CA THR H 164 29.29 12.95 -20.80
C THR H 164 29.31 12.02 -22.01
N GLY H 165 28.97 10.75 -21.77
CA GLY H 165 28.98 9.76 -22.83
C GLY H 165 29.77 8.57 -22.31
N ILE H 166 29.10 7.44 -22.13
CA ILE H 166 29.74 6.24 -21.60
C ILE H 166 31.14 5.99 -22.17
N GLU H 167 31.31 6.22 -23.47
CA GLU H 167 32.61 6.02 -24.11
C GLU H 167 33.69 6.87 -23.47
N ALA H 168 33.47 8.18 -23.45
CA ALA H 168 34.43 9.11 -22.86
C ALA H 168 34.62 8.83 -21.38
N ASP H 169 33.52 8.52 -20.69
CA ASP H 169 33.60 8.23 -19.26
C ASP H 169 34.52 7.06 -18.97
N ILE H 170 34.25 5.93 -19.60
CA ILE H 170 35.06 4.74 -19.41
C ILE H 170 36.52 4.96 -19.77
N ALA H 171 36.77 5.69 -20.86
CA ALA H 171 38.13 5.95 -21.30
C ALA H 171 38.90 6.70 -20.23
N ARG H 172 38.27 7.71 -19.62
CA ARG H 172 38.91 8.50 -18.58
C ARG H 172 39.16 7.67 -17.32
N VAL H 173 38.14 6.94 -16.87
CA VAL H 173 38.27 6.11 -15.68
C VAL H 173 39.35 5.04 -15.88
N LYS H 174 39.37 4.43 -17.06
CA LYS H 174 40.35 3.40 -17.36
C LYS H 174 41.77 3.95 -17.29
N ALA H 175 41.97 5.12 -17.92
CA ALA H 175 43.29 5.75 -17.94
C ALA H 175 43.76 6.07 -16.53
N ILE H 176 42.85 6.64 -15.73
CA ILE H 176 43.14 7.03 -14.37
C ILE H 176 43.41 5.82 -13.46
N ARG H 177 42.57 4.80 -13.55
CA ARG H 177 42.72 3.61 -12.73
C ARG H 177 44.05 2.87 -12.88
N GLU H 178 44.45 2.59 -14.11
CA GLU H 178 45.70 1.88 -14.34
C GLU H 178 46.93 2.75 -14.10
N ALA H 179 46.72 4.07 -14.03
CA ALA H 179 47.82 5.00 -13.80
C ALA H 179 48.14 5.19 -12.32
N VAL H 180 47.14 4.97 -11.46
CA VAL H 180 47.33 5.15 -10.02
C VAL H 180 47.08 3.86 -9.23
N GLY H 181 46.61 2.82 -9.89
CA GLY H 181 46.35 1.57 -9.20
C GLY H 181 44.99 1.53 -8.53
N PHE H 182 44.72 0.43 -7.83
CA PHE H 182 43.44 0.24 -7.16
C PHE H 182 43.38 0.67 -5.69
N ASP H 183 44.47 1.24 -5.18
CA ASP H 183 44.48 1.68 -3.79
C ASP H 183 43.77 3.02 -3.65
N ILE H 184 43.68 3.76 -4.75
CA ILE H 184 43.03 5.05 -4.77
C ILE H 184 41.52 4.93 -4.99
N LYS H 185 40.74 5.55 -4.11
CA LYS H 185 39.29 5.51 -4.23
C LYS H 185 38.82 6.51 -5.28
N LEU H 186 37.89 6.08 -6.12
CA LEU H 186 37.37 6.94 -7.17
C LEU H 186 35.89 7.21 -6.94
N ARG H 187 35.54 8.50 -6.88
CA ARG H 187 34.15 8.91 -6.70
C ARG H 187 33.72 9.56 -8.00
N LEU H 188 32.55 9.19 -8.48
CA LEU H 188 32.04 9.76 -9.73
C LEU H 188 30.78 10.58 -9.48
N ASP H 189 30.64 11.67 -10.21
CA ASP H 189 29.45 12.51 -10.08
C ASP H 189 28.81 12.52 -11.47
N ALA H 190 27.64 11.90 -11.58
CA ALA H 190 26.96 11.81 -12.87
C ALA H 190 26.11 13.04 -13.20
N ASN H 191 26.10 14.00 -12.28
CA ASN H 191 25.36 15.24 -12.45
C ASN H 191 24.04 15.14 -13.22
N GLN H 192 23.12 14.32 -12.70
CA GLN H 192 21.78 14.12 -13.28
C GLN H 192 21.75 13.80 -14.77
N ALA H 193 22.82 13.23 -15.30
CA ALA H 193 22.90 12.97 -16.74
C ALA H 193 22.10 11.82 -17.35
N TRP H 194 21.74 10.81 -16.56
CA TRP H 194 21.05 9.65 -17.13
C TRP H 194 19.60 9.36 -16.74
N THR H 195 18.93 8.58 -17.59
CA THR H 195 17.57 8.13 -17.30
C THR H 195 17.87 6.97 -16.35
N PRO H 196 16.87 6.51 -15.59
CA PRO H 196 17.13 5.41 -14.65
C PRO H 196 17.78 4.13 -15.22
N LYS H 197 17.21 3.60 -16.29
CA LYS H 197 17.78 2.37 -16.85
C LYS H 197 19.11 2.58 -17.55
N ASP H 198 19.33 3.78 -18.09
CA ASP H 198 20.61 4.08 -18.74
C ASP H 198 21.66 4.16 -17.63
N ALA H 199 21.26 4.72 -16.48
CA ALA H 199 22.16 4.85 -15.35
C ALA H 199 22.63 3.48 -14.85
N VAL H 200 21.73 2.52 -14.77
CA VAL H 200 22.10 1.19 -14.31
C VAL H 200 23.13 0.61 -15.26
N LYS H 201 22.88 0.74 -16.56
CA LYS H 201 23.81 0.23 -17.57
C LYS H 201 25.18 0.91 -17.50
N ALA H 202 25.20 2.24 -17.41
CA ALA H 202 26.44 3.00 -17.35
C ALA H 202 27.25 2.70 -16.09
N ILE H 203 26.56 2.66 -14.95
CA ILE H 203 27.23 2.40 -13.68
C ILE H 203 27.85 1.01 -13.62
N GLN H 204 27.11 0.00 -14.06
CA GLN H 204 27.65 -1.37 -14.02
C GLN H 204 28.86 -1.50 -14.93
N ALA H 205 28.91 -0.70 -15.98
CA ALA H 205 30.05 -0.72 -16.90
C ALA H 205 31.26 -0.07 -16.23
N LEU H 206 31.01 1.03 -15.51
CA LEU H 206 32.07 1.75 -14.82
C LEU H 206 32.55 1.00 -13.59
N ALA H 207 31.65 0.23 -12.98
CA ALA H 207 31.94 -0.54 -11.78
C ALA H 207 33.12 -1.51 -11.90
N ASP H 208 33.51 -1.84 -13.13
CA ASP H 208 34.63 -2.77 -13.34
C ASP H 208 35.96 -2.16 -12.93
N TYR H 209 35.98 -0.84 -12.78
CA TYR H 209 37.19 -0.13 -12.41
C TYR H 209 37.23 0.24 -10.92
N GLN H 210 36.41 -0.44 -10.13
CA GLN H 210 36.35 -0.21 -8.68
C GLN H 210 35.93 1.22 -8.37
N ILE H 211 34.62 1.44 -8.27
CA ILE H 211 34.08 2.76 -7.99
C ILE H 211 33.53 2.84 -6.57
N GLU H 212 33.97 3.84 -5.81
CA GLU H 212 33.51 4.00 -4.43
C GLU H 212 32.03 4.34 -4.40
N LEU H 213 31.63 5.32 -5.20
CA LEU H 213 30.23 5.72 -5.24
C LEU H 213 29.91 6.53 -6.50
N VAL H 214 28.61 6.67 -6.78
CA VAL H 214 28.16 7.45 -7.92
C VAL H 214 27.16 8.44 -7.38
N GLU H 215 27.40 9.71 -7.68
CA GLU H 215 26.56 10.79 -7.21
C GLU H 215 25.48 11.17 -8.22
N GLN H 216 24.26 11.36 -7.71
CA GLN H 216 23.10 11.81 -8.50
C GLN H 216 23.07 11.35 -9.96
N PRO H 217 22.82 10.06 -10.19
CA PRO H 217 22.79 9.55 -11.57
C PRO H 217 21.60 10.04 -12.41
N VAL H 218 20.52 10.45 -11.75
CA VAL H 218 19.33 10.91 -12.45
C VAL H 218 18.86 12.31 -12.01
N LYS H 219 17.86 12.85 -12.71
CA LYS H 219 17.32 14.17 -12.41
C LYS H 219 16.88 14.25 -10.95
N ARG H 220 17.12 15.41 -10.34
CA ARG H 220 16.80 15.61 -8.93
C ARG H 220 15.37 15.30 -8.48
N ARG H 221 14.37 15.56 -9.31
CA ARG H 221 13.00 15.28 -8.87
C ARG H 221 12.49 13.88 -9.19
N ASP H 222 13.33 13.07 -9.83
CA ASP H 222 12.96 11.69 -10.18
C ASP H 222 13.37 10.78 -9.03
N LEU H 223 12.68 10.89 -7.90
CA LEU H 223 13.00 10.07 -6.73
C LEU H 223 12.74 8.59 -6.95
N GLU H 224 11.72 8.26 -7.73
CA GLU H 224 11.42 6.86 -8.01
C GLU H 224 12.55 6.30 -8.87
N GLY H 225 12.98 7.10 -9.84
CA GLY H 225 14.04 6.68 -10.73
C GLY H 225 15.34 6.52 -9.95
N LEU H 226 15.59 7.44 -9.03
CA LEU H 226 16.80 7.38 -8.23
C LEU H 226 16.78 6.12 -7.36
N LYS H 227 15.62 5.81 -6.78
CA LYS H 227 15.50 4.62 -5.93
C LYS H 227 15.73 3.36 -6.76
N TYR H 228 15.28 3.37 -8.00
CA TYR H 228 15.44 2.23 -8.90
C TYR H 228 16.93 1.96 -9.08
N VAL H 229 17.68 3.00 -9.44
CA VAL H 229 19.12 2.85 -9.64
C VAL H 229 19.79 2.26 -8.41
N THR H 230 19.51 2.85 -7.25
CA THR H 230 20.09 2.39 -5.98
C THR H 230 19.82 0.90 -5.76
N SER H 231 18.60 0.47 -6.04
CA SER H 231 18.22 -0.93 -5.84
C SER H 231 18.70 -1.91 -6.91
N GLN H 232 19.20 -1.40 -8.02
CA GLN H 232 19.65 -2.27 -9.10
C GLN H 232 21.15 -2.45 -9.25
N VAL H 233 21.94 -1.57 -8.65
CA VAL H 233 23.39 -1.67 -8.76
C VAL H 233 24.03 -1.85 -7.39
N ASN H 234 25.19 -2.52 -7.35
CA ASN H 234 25.89 -2.74 -6.10
C ASN H 234 26.62 -1.47 -5.68
N THR H 235 27.00 -0.67 -6.67
CA THR H 235 27.70 0.57 -6.42
C THR H 235 26.90 1.50 -5.51
N THR H 236 27.58 2.10 -4.54
CA THR H 236 26.93 3.02 -3.62
C THR H 236 26.39 4.23 -4.37
N ILE H 237 25.12 4.55 -4.14
CA ILE H 237 24.48 5.69 -4.80
C ILE H 237 24.25 6.85 -3.82
N MET H 238 24.71 8.03 -4.19
CA MET H 238 24.57 9.19 -3.33
C MET H 238 23.69 10.27 -3.94
N ALA H 239 22.81 10.83 -3.12
CA ALA H 239 21.93 11.89 -3.58
C ALA H 239 22.66 13.21 -3.37
N ASP H 240 22.58 14.11 -4.35
CA ASP H 240 23.18 15.42 -4.21
C ASP H 240 22.04 16.40 -4.49
N GLU H 241 21.83 16.73 -5.76
CA GLU H 241 20.77 17.67 -6.12
C GLU H 241 19.38 17.28 -5.59
N SER H 242 19.16 15.98 -5.34
CA SER H 242 17.87 15.54 -4.83
C SER H 242 17.65 15.96 -3.38
N CYS H 243 18.72 16.41 -2.72
CA CYS H 243 18.60 16.83 -1.33
C CYS H 243 19.12 18.25 -1.11
N PHE H 244 18.20 19.19 -0.92
CA PHE H 244 18.58 20.56 -0.65
C PHE H 244 18.48 20.80 0.86
N ASP H 245 17.29 20.52 1.41
CA ASP H 245 17.03 20.75 2.82
C ASP H 245 16.61 19.52 3.62
N ALA H 246 16.31 19.74 4.90
CA ALA H 246 15.91 18.66 5.80
C ALA H 246 14.64 17.96 5.32
N GLN H 247 13.69 18.71 4.76
CA GLN H 247 12.47 18.08 4.29
C GLN H 247 12.80 17.11 3.16
N ASP H 248 13.75 17.49 2.31
CA ASP H 248 14.13 16.59 1.22
C ASP H 248 14.77 15.35 1.82
N ALA H 249 15.63 15.54 2.82
CA ALA H 249 16.30 14.43 3.46
C ALA H 249 15.30 13.45 4.08
N LEU H 250 14.28 13.98 4.75
CA LEU H 250 13.28 13.12 5.36
C LEU H 250 12.58 12.27 4.30
N GLU H 251 12.24 12.88 3.17
CA GLU H 251 11.57 12.16 2.10
C GLU H 251 12.46 11.06 1.54
N LEU H 252 13.74 11.36 1.36
CA LEU H 252 14.69 10.39 0.83
C LEU H 252 14.91 9.19 1.76
N VAL H 253 15.10 9.45 3.05
CA VAL H 253 15.33 8.34 3.98
C VAL H 253 14.04 7.54 4.18
N LYS H 254 12.91 8.22 4.05
CA LYS H 254 11.59 7.61 4.19
C LYS H 254 11.31 6.60 3.08
N LYS H 255 11.70 6.96 1.86
CA LYS H 255 11.49 6.09 0.70
C LYS H 255 12.66 5.14 0.48
N GLY H 256 13.75 5.35 1.20
CA GLY H 256 14.91 4.50 1.04
C GLY H 256 15.51 4.70 -0.35
N THR H 257 15.45 5.95 -0.80
CA THR H 257 15.92 6.34 -2.13
C THR H 257 17.41 6.17 -2.44
N VAL H 258 18.28 6.45 -1.48
CA VAL H 258 19.72 6.35 -1.71
C VAL H 258 20.50 5.73 -0.55
N ASP H 259 21.79 5.51 -0.79
CA ASP H 259 22.71 4.93 0.18
C ASP H 259 23.39 5.99 1.02
N VAL H 260 23.66 7.14 0.41
CA VAL H 260 24.33 8.24 1.07
C VAL H 260 23.72 9.57 0.61
N ILE H 261 23.83 10.60 1.46
CA ILE H 261 23.30 11.92 1.09
C ILE H 261 24.40 12.97 1.20
N ASN H 262 24.54 13.78 0.15
CA ASN H 262 25.56 14.82 0.10
C ASN H 262 24.95 16.15 0.51
N ILE H 263 25.50 16.70 1.60
CA ILE H 263 25.05 17.99 2.13
C ILE H 263 25.90 19.11 1.56
N LYS H 264 25.27 20.25 1.30
CA LYS H 264 25.99 21.43 0.84
C LYS H 264 25.35 22.64 1.52
N LEU H 265 26.14 23.37 2.29
CA LEU H 265 25.62 24.54 2.99
C LEU H 265 24.88 25.50 2.07
N MET H 266 25.37 25.63 0.83
CA MET H 266 24.73 26.54 -0.13
C MET H 266 23.41 25.98 -0.68
N LYS H 267 23.15 24.71 -0.43
CA LYS H 267 21.91 24.09 -0.87
C LYS H 267 20.87 24.16 0.26
N CYS H 268 21.34 23.99 1.49
CA CYS H 268 20.43 23.96 2.65
C CYS H 268 20.24 25.26 3.43
N GLY H 269 21.00 26.29 3.10
CA GLY H 269 20.84 27.54 3.81
C GLY H 269 21.63 27.65 5.10
N GLY H 270 22.74 26.93 5.20
CA GLY H 270 23.56 27.04 6.39
C GLY H 270 23.73 25.82 7.30
N ILE H 271 24.56 26.01 8.32
CA ILE H 271 24.88 24.96 9.28
C ILE H 271 23.65 24.49 10.07
N HIS H 272 22.77 25.42 10.40
CA HIS H 272 21.57 25.10 11.18
C HIS H 272 20.73 24.01 10.49
N GLU H 273 20.53 24.17 9.19
CA GLU H 273 19.76 23.21 8.42
C GLU H 273 20.58 21.95 8.14
N ALA H 274 21.87 22.11 7.91
CA ALA H 274 22.75 20.96 7.65
C ALA H 274 22.75 20.00 8.83
N LEU H 275 22.71 20.54 10.04
CA LEU H 275 22.69 19.69 11.22
C LEU H 275 21.45 18.81 11.21
N LYS H 276 20.32 19.40 10.82
CA LYS H 276 19.06 18.66 10.73
C LYS H 276 19.17 17.51 9.74
N ILE H 277 19.73 17.81 8.57
CA ILE H 277 19.89 16.79 7.54
C ILE H 277 20.73 15.64 8.08
N ASN H 278 21.88 15.95 8.68
CA ASN H 278 22.73 14.90 9.20
C ASN H 278 22.07 14.06 10.28
N GLN H 279 21.33 14.71 11.18
CA GLN H 279 20.65 13.97 12.26
C GLN H 279 19.59 13.06 11.69
N ILE H 280 18.84 13.55 10.70
CA ILE H 280 17.82 12.73 10.07
C ILE H 280 18.44 11.49 9.41
N CYS H 281 19.51 11.70 8.65
CA CYS H 281 20.19 10.60 7.98
C CYS H 281 20.79 9.60 8.96
N GLU H 282 21.49 10.13 9.96
CA GLU H 282 22.13 9.28 10.96
C GLU H 282 21.08 8.40 11.63
N THR H 283 19.92 8.98 11.95
CA THR H 283 18.86 8.23 12.60
C THR H 283 18.33 7.14 11.66
N ALA H 284 18.38 7.39 10.36
CA ALA H 284 17.90 6.42 9.37
C ALA H 284 19.00 5.44 8.98
N GLY H 285 20.19 5.62 9.55
CA GLY H 285 21.30 4.72 9.24
C GLY H 285 21.96 5.05 7.91
N ILE H 286 21.84 6.30 7.50
CA ILE H 286 22.40 6.79 6.24
C ILE H 286 23.53 7.77 6.53
N GLU H 287 24.71 7.52 5.99
CA GLU H 287 25.83 8.43 6.19
C GLU H 287 25.71 9.64 5.28
N CYS H 288 26.42 10.70 5.65
CA CYS H 288 26.40 11.92 4.84
C CYS H 288 27.79 12.33 4.40
N MET H 289 27.85 13.01 3.27
CA MET H 289 29.10 13.56 2.79
C MET H 289 28.79 15.05 2.73
N ILE H 290 29.82 15.89 2.79
CA ILE H 290 29.57 17.31 2.66
C ILE H 290 30.38 17.79 1.48
N GLY H 291 29.73 18.53 0.60
CA GLY H 291 30.42 19.01 -0.59
C GLY H 291 30.49 20.52 -0.64
N CYS H 292 30.71 21.06 -1.83
CA CYS H 292 30.81 22.50 -2.00
C CYS H 292 30.36 22.92 -3.38
N MET H 293 30.19 24.22 -3.56
CA MET H 293 29.77 24.79 -4.83
C MET H 293 31.02 25.29 -5.56
N ALA H 294 30.94 25.36 -6.88
CA ALA H 294 32.05 25.85 -7.68
C ALA H 294 32.23 27.35 -7.47
N GLU H 295 31.21 27.99 -6.90
CA GLU H 295 31.23 29.42 -6.67
C GLU H 295 31.71 29.87 -5.29
N GLU H 296 31.85 28.94 -4.35
CA GLU H 296 32.28 29.35 -3.02
C GLU H 296 33.78 29.29 -2.79
N THR H 297 34.23 29.91 -1.71
CA THR H 297 35.65 29.95 -1.42
C THR H 297 36.02 29.62 0.03
N THR H 298 37.04 30.30 0.54
CA THR H 298 37.55 30.08 1.88
C THR H 298 36.53 29.95 3.01
N ILE H 299 35.64 30.93 3.12
CA ILE H 299 34.64 30.94 4.18
C ILE H 299 33.68 29.74 4.13
N GLY H 300 33.09 29.51 2.96
CA GLY H 300 32.17 28.39 2.82
C GLY H 300 32.82 27.05 3.10
N ILE H 301 34.03 26.87 2.59
CA ILE H 301 34.76 25.63 2.80
C ILE H 301 35.15 25.45 4.27
N THR H 302 35.63 26.52 4.88
CA THR H 302 36.04 26.45 6.28
C THR H 302 34.85 26.08 7.17
N ALA H 303 33.72 26.74 6.96
CA ALA H 303 32.52 26.45 7.74
C ALA H 303 32.12 24.99 7.56
N ALA H 304 32.18 24.51 6.32
CA ALA H 304 31.82 23.12 6.03
C ALA H 304 32.80 22.15 6.68
N ALA H 305 34.09 22.50 6.68
CA ALA H 305 35.10 21.63 7.29
C ALA H 305 34.86 21.49 8.78
N HIS H 306 34.52 22.59 9.45
CA HIS H 306 34.26 22.54 10.88
C HIS H 306 33.07 21.63 11.16
N LEU H 307 32.03 21.73 10.34
CA LEU H 307 30.84 20.90 10.52
C LEU H 307 31.16 19.43 10.29
N ALA H 308 31.92 19.14 9.23
CA ALA H 308 32.28 17.77 8.90
C ALA H 308 33.14 17.15 10.00
N ALA H 309 34.09 17.90 10.54
CA ALA H 309 34.94 17.36 11.60
C ALA H 309 34.14 17.13 12.87
N ALA H 310 33.19 18.01 13.13
CA ALA H 310 32.36 17.93 14.33
C ALA H 310 31.37 16.78 14.41
N GLN H 311 30.78 16.40 13.26
CA GLN H 311 29.77 15.34 13.21
C GLN H 311 30.29 13.98 12.76
N LYS H 312 30.03 12.96 13.58
CA LYS H 312 30.47 11.61 13.26
C LYS H 312 29.85 11.05 11.99
N ASN H 313 28.56 11.33 11.77
CA ASN H 313 27.87 10.80 10.59
C ASN H 313 28.23 11.47 9.26
N ILE H 314 28.98 12.57 9.30
CA ILE H 314 29.42 13.18 8.05
C ILE H 314 30.76 12.48 7.88
N THR H 315 30.73 11.37 7.15
CA THR H 315 31.89 10.51 6.96
C THR H 315 32.77 10.75 5.73
N ARG H 316 32.30 11.57 4.82
CA ARG H 316 33.07 11.87 3.61
C ARG H 316 33.07 13.38 3.39
N ALA H 317 34.08 13.86 2.69
CA ALA H 317 34.18 15.29 2.40
C ALA H 317 34.74 15.54 1.02
N ASP H 318 34.11 16.48 0.31
CA ASP H 318 34.52 16.90 -1.02
C ASP H 318 34.58 18.43 -0.90
N LEU H 319 35.59 18.89 -0.17
CA LEU H 319 35.79 20.31 0.10
C LEU H 319 37.11 20.77 -0.51
N ASP H 320 37.15 20.84 -1.84
CA ASP H 320 38.36 21.20 -2.56
C ASP H 320 38.36 22.55 -3.27
N ALA H 321 37.34 23.38 -3.02
CA ALA H 321 37.25 24.67 -3.70
C ALA H 321 38.50 25.56 -3.56
N THR H 322 39.04 25.68 -2.35
CA THR H 322 40.21 26.55 -2.18
C THR H 322 41.43 26.13 -3.01
N PHE H 323 41.54 24.84 -3.32
CA PHE H 323 42.66 24.35 -4.12
C PHE H 323 42.60 24.85 -5.55
N GLY H 324 41.43 25.31 -5.98
CA GLY H 324 41.28 25.79 -7.33
C GLY H 324 41.29 27.30 -7.49
N LEU H 325 41.51 28.02 -6.39
CA LEU H 325 41.54 29.48 -6.43
C LEU H 325 42.94 30.03 -6.65
N GLU H 326 43.04 31.12 -7.42
CA GLU H 326 44.33 31.75 -7.68
C GLU H 326 44.77 32.53 -6.44
N THR H 327 43.78 32.96 -5.66
CA THR H 327 44.03 33.73 -4.45
C THR H 327 42.88 33.57 -3.45
N ALA H 328 43.13 33.93 -2.19
CA ALA H 328 42.11 33.83 -1.15
C ALA H 328 41.49 35.19 -0.90
N PRO H 329 40.15 35.26 -0.84
CA PRO H 329 39.44 36.52 -0.60
C PRO H 329 39.53 37.00 0.84
N VAL H 330 40.03 36.15 1.72
CA VAL H 330 40.15 36.50 3.13
C VAL H 330 41.37 35.83 3.75
N THR H 331 41.70 36.22 4.99
CA THR H 331 42.84 35.66 5.69
C THR H 331 42.42 34.56 6.67
N GLY H 332 43.22 33.52 6.78
CA GLY H 332 42.92 32.44 7.70
C GLY H 332 41.97 31.42 7.09
N GLY H 333 41.52 30.47 7.91
CA GLY H 333 40.61 29.43 7.43
C GLY H 333 41.35 28.38 6.63
N VAL H 334 40.61 27.56 5.90
CA VAL H 334 41.23 26.51 5.09
C VAL H 334 42.11 27.16 4.01
N SER H 335 43.35 26.69 3.96
CA SER H 335 44.36 27.20 3.02
C SER H 335 44.15 26.87 1.55
N LEU H 336 44.85 27.62 0.71
CA LEU H 336 44.78 27.43 -0.73
C LEU H 336 45.62 26.24 -1.15
N GLU H 337 46.54 25.82 -0.28
CA GLU H 337 47.42 24.68 -0.58
C GLU H 337 46.67 23.38 -0.78
N ALA H 338 46.94 22.70 -1.89
CA ALA H 338 46.29 21.43 -2.19
C ALA H 338 46.81 20.32 -1.29
N LYS H 339 45.99 19.94 -0.31
CA LYS H 339 46.34 18.87 0.62
C LYS H 339 45.07 18.17 1.08
N PRO H 340 45.14 16.84 1.26
CA PRO H 340 43.99 16.02 1.69
C PRO H 340 43.49 16.34 3.10
N LEU H 341 44.42 16.61 4.02
CA LEU H 341 44.04 16.88 5.39
C LEU H 341 43.79 18.36 5.71
N LEU H 342 42.59 18.64 6.19
CA LEU H 342 42.23 19.99 6.56
C LEU H 342 42.20 20.04 8.09
N GLU H 343 43.24 20.61 8.68
CA GLU H 343 43.33 20.72 10.13
C GLU H 343 42.80 22.08 10.55
N LEU H 344 41.79 22.07 11.42
CA LEU H 344 41.14 23.29 11.85
C LEU H 344 41.85 24.24 12.80
N GLY H 345 42.57 23.72 13.80
CA GLY H 345 43.26 24.62 14.71
C GLY H 345 42.39 25.09 15.86
N GLU H 346 42.97 25.86 16.78
CA GLU H 346 42.23 26.32 17.95
C GLU H 346 41.68 27.75 17.89
N ALA H 347 41.83 28.42 16.76
CA ALA H 347 41.32 29.78 16.64
C ALA H 347 39.80 29.75 16.87
N ALA H 348 39.29 30.77 17.56
CA ALA H 348 37.87 30.83 17.85
C ALA H 348 37.04 30.98 16.58
N GLY H 349 35.89 30.32 16.54
CA GLY H 349 35.03 30.41 15.38
C GLY H 349 35.68 29.83 14.13
N LEU H 350 35.68 30.60 13.05
CA LEU H 350 36.26 30.16 11.79
C LEU H 350 37.75 30.47 11.65
N GLY H 351 38.24 31.35 12.51
CA GLY H 351 39.64 31.73 12.45
C GLY H 351 39.93 32.54 11.19
N ILE H 352 38.89 33.21 10.69
CA ILE H 352 39.02 34.02 9.48
C ILE H 352 38.95 35.51 9.79
N SER H 353 39.66 36.32 9.00
CA SER H 353 39.65 37.77 9.18
C SER H 353 39.90 38.49 7.87
N HIS H 354 39.48 39.74 7.81
CA HIS H 354 39.67 40.57 6.62
C HIS H 354 39.80 42.04 7.03
C1 GOL I . -19.73 2.12 -33.87
O1 GOL I . -20.14 1.01 -33.07
C2 GOL I . -18.26 2.46 -33.65
O2 GOL I . -17.78 1.92 -32.41
C3 GOL I . -17.44 1.90 -34.81
O3 GOL I . -16.57 2.92 -35.31
MG MG J . 2.24 -1.22 -30.86
S SO4 K . 2.03 -0.48 -34.31
O1 SO4 K . 2.32 -0.38 -32.86
O2 SO4 K . 3.26 -0.87 -35.02
O3 SO4 K . 1.57 0.83 -34.80
O4 SO4 K . 0.99 -1.49 -34.55
C1 GOL L . -6.83 30.48 14.26
O1 GOL L . -5.82 31.35 14.77
C2 GOL L . -6.82 29.16 15.04
O2 GOL L . -7.06 29.42 16.43
C3 GOL L . -7.89 28.23 14.49
O3 GOL L . -7.81 26.97 15.16
C1 GOL M . -9.37 35.01 -36.68
O1 GOL M . -10.26 35.03 -37.80
C2 GOL M . -10.11 35.44 -35.42
O2 GOL M . -11.02 34.41 -35.03
C3 GOL M . -9.12 35.73 -34.30
O3 GOL M . -9.82 36.17 -33.13
C1 GOL N . -1.80 37.78 -4.56
O1 GOL N . -2.19 39.12 -4.82
C2 GOL N . -1.69 37.53 -3.05
O2 GOL N . -2.90 36.91 -2.59
C3 GOL N . -0.49 36.61 -2.77
O3 GOL N . 0.59 37.39 -2.26
MG MG O . -2.85 32.42 -2.48
MG MG P . 22.49 -13.59 17.20
S SO4 Q . 18.94 -2.22 34.72
O1 SO4 Q . 18.43 -1.36 35.81
O2 SO4 Q . 19.02 -3.63 35.18
O3 SO4 Q . 20.30 -1.77 34.33
O4 SO4 Q . 18.04 -2.13 33.56
S SO4 R . 25.21 -15.19 20.24
O1 SO4 R . 25.54 -16.04 19.08
O2 SO4 R . 25.01 -13.80 19.78
O3 SO4 R . 23.97 -15.68 20.86
O4 SO4 R . 26.31 -15.21 21.21
MG MG S . -21.75 -17.11 17.30
MG MG T . -26.84 4.03 -14.96
S SO4 U . -29.60 3.64 -17.05
O1 SO4 U . -28.52 3.39 -16.06
O2 SO4 U . -30.84 4.00 -16.33
O3 SO4 U . -29.82 2.42 -17.85
O4 SO4 U . -29.22 4.75 -17.94
C1 GOL V . -4.43 -37.94 -7.21
O1 GOL V . -4.97 -37.42 -8.42
C2 GOL V . -3.44 -36.96 -6.58
O2 GOL V . -2.84 -36.13 -7.59
C3 GOL V . -4.16 -36.07 -5.55
O3 GOL V . -3.57 -36.26 -4.27
MG MG W . -2.14 -31.91 -6.87
MG MG X . 2.55 10.69 29.41
S SO4 Y . 3.75 11.70 33.55
O1 SO4 Y . 3.91 11.77 35.02
O2 SO4 Y . 4.99 12.18 32.91
O3 SO4 Y . 3.49 10.30 33.16
O4 SO4 Y . 2.62 12.54 33.14
MG MG Z . 27.31 16.48 -6.98
#